data_8U66
#
_entry.id   8U66
#
_cell.length_a   1.00
_cell.length_b   1.00
_cell.length_c   1.00
_cell.angle_alpha   90.00
_cell.angle_beta   90.00
_cell.angle_gamma   90.00
#
_symmetry.space_group_name_H-M   'P 1'
#
loop_
_entity.id
_entity.type
_entity.pdbx_description
1 polymer Rubisco
2 non-polymer 'MAGNESIUM ION'
3 non-polymer 2-CARBOXYARABINITOL-1,5-DIPHOSPHATE
4 water water
#
_entity_poly.entity_id   1
_entity_poly.type   'polypeptide(L)'
_entity_poly.pdbx_seq_one_letter_code
;MARQQFVAGVQPYRKTYYEPGYEPKETDLLCAFRIEPSPGIPLEEAAAAVAAESSTGTWTEVWSQEMTDLHRYKGRCYAI
DGNTAYIAYPLDLFEEGSIVNVMSSIVGNVFGFKAVRALRLLDMRIPTAYLKTFPGPPTGIAQERDRLKVYHRPLLGGTI
KPKLGLGPKEFARVVYECLVGGLDTT(KCX)DDENLNSQPFCRWRDRYLYVMDAVHRAEEETGEAKGHWLNVTAGDTEEM
LRRAEFAKEVGSRYIMVDFLTAGFSAYATLRRRAEELGLMIHCHRAMHAVFTRPKDHGIHFRVVAKWLRMAGGDHVHTGT
VVGKLEGAREEVRGIADLLREEFVPANPQRGLLFDQPWAGLKPLFPVASGGIHVWHVPDLVSIYGNDAFFLFGGGTHGHP
RGSRAGARANRAAVEAVAAAYREGRDILAEGRQILQDAARTCPELREAMELWEGVTFGEE
;
_entity_poly.pdbx_strand_id   A,B,C,D,E,F,G,H
#
# COMPACT_ATOMS: atom_id res chain seq x y z
N PHE A 6 37.73 37.55 14.81
CA PHE A 6 36.34 37.96 14.69
C PHE A 6 36.13 39.20 15.55
N VAL A 7 35.64 40.27 14.92
CA VAL A 7 35.40 41.54 15.59
C VAL A 7 33.90 41.67 15.80
N ALA A 8 33.47 41.64 17.06
CA ALA A 8 32.06 41.77 17.38
C ALA A 8 31.61 43.21 17.22
N GLY A 9 30.38 43.39 16.73
CA GLY A 9 29.81 44.71 16.56
C GLY A 9 29.10 44.89 15.24
N VAL A 10 28.37 45.99 15.12
CA VAL A 10 27.61 46.30 13.91
C VAL A 10 28.53 46.99 12.92
N GLN A 11 28.54 46.49 11.68
CA GLN A 11 29.30 47.08 10.60
C GLN A 11 28.38 47.36 9.43
N PRO A 12 28.69 48.37 8.60
CA PRO A 12 27.85 48.62 7.43
C PRO A 12 27.81 47.43 6.50
N TYR A 13 26.64 47.19 5.91
CA TYR A 13 26.50 46.09 4.96
C TYR A 13 27.40 46.29 3.75
N ARG A 14 27.47 47.53 3.24
CA ARG A 14 28.23 47.79 2.03
C ARG A 14 29.70 47.42 2.17
N LYS A 15 30.21 47.35 3.40
CA LYS A 15 31.60 46.95 3.60
C LYS A 15 31.87 45.56 3.04
N THR A 16 30.87 44.68 3.06
CA THR A 16 31.02 43.30 2.65
C THR A 16 30.09 42.91 1.51
N TYR A 17 28.86 43.41 1.50
CA TYR A 17 27.84 42.96 0.57
C TYR A 17 27.61 43.96 -0.58
N TYR A 18 28.48 44.96 -0.73
CA TYR A 18 28.46 45.85 -1.88
C TYR A 18 29.79 45.68 -2.62
N GLU A 19 29.72 45.09 -3.81
CA GLU A 19 30.91 44.78 -4.62
C GLU A 19 30.69 45.32 -6.02
N PRO A 20 30.84 46.63 -6.23
CA PRO A 20 30.55 47.21 -7.55
C PRO A 20 31.38 46.59 -8.66
N GLY A 21 32.61 46.20 -8.39
CA GLY A 21 33.46 45.61 -9.40
C GLY A 21 33.20 44.15 -9.69
N TYR A 22 32.26 43.53 -8.98
CA TYR A 22 31.98 42.12 -9.20
C TYR A 22 31.34 41.90 -10.57
N GLU A 23 31.83 40.89 -11.27
CA GLU A 23 31.30 40.52 -12.57
C GLU A 23 30.42 39.30 -12.41
N PRO A 24 29.11 39.38 -12.64
CA PRO A 24 28.25 38.21 -12.43
C PRO A 24 28.68 37.02 -13.27
N LYS A 25 28.60 35.85 -12.68
CA LYS A 25 28.88 34.61 -13.38
C LYS A 25 27.63 34.11 -14.08
N GLU A 26 27.82 33.36 -15.16
CA GLU A 26 26.70 32.81 -15.89
C GLU A 26 25.82 31.91 -15.03
N THR A 27 26.39 31.35 -13.96
CA THR A 27 25.64 30.50 -13.05
C THR A 27 24.98 31.28 -11.92
N ASP A 28 25.28 32.57 -11.77
CA ASP A 28 24.71 33.34 -10.69
C ASP A 28 23.25 33.67 -10.96
N LEU A 29 22.49 33.86 -9.89
CA LEU A 29 21.10 34.30 -9.96
C LEU A 29 21.07 35.79 -9.68
N LEU A 30 20.58 36.57 -10.64
CA LEU A 30 20.63 38.02 -10.56
C LEU A 30 19.23 38.56 -10.27
N CYS A 31 19.16 39.52 -9.35
CA CYS A 31 17.92 40.17 -8.96
C CYS A 31 18.06 41.68 -9.11
N ALA A 32 17.06 42.30 -9.71
CA ALA A 32 16.97 43.75 -9.80
C ALA A 32 15.94 44.25 -8.80
N PHE A 33 16.35 45.18 -7.95
CA PHE A 33 15.50 45.72 -6.88
C PHE A 33 15.38 47.23 -7.05
N ARG A 34 14.16 47.71 -7.19
CA ARG A 34 13.89 49.13 -7.02
C ARG A 34 13.81 49.43 -5.54
N ILE A 35 14.72 50.26 -5.05
CA ILE A 35 14.90 50.51 -3.62
C ILE A 35 14.60 51.98 -3.35
N GLU A 36 13.75 52.23 -2.35
CA GLU A 36 13.55 53.55 -1.78
C GLU A 36 14.06 53.49 -0.34
N PRO A 37 15.29 53.92 -0.08
CA PRO A 37 15.84 53.79 1.27
C PRO A 37 15.19 54.77 2.24
N SER A 38 15.23 54.40 3.52
CA SER A 38 14.72 55.27 4.56
C SER A 38 15.68 56.45 4.75
N PRO A 39 15.19 57.56 5.30
CA PRO A 39 16.06 58.72 5.49
C PRO A 39 17.28 58.38 6.31
N GLY A 40 18.43 58.90 5.87
CA GLY A 40 19.70 58.63 6.52
C GLY A 40 20.38 57.36 6.09
N ILE A 41 19.76 56.56 5.24
CA ILE A 41 20.31 55.31 4.76
C ILE A 41 20.73 55.51 3.30
N PRO A 42 22.02 55.48 2.98
CA PRO A 42 22.42 55.61 1.58
C PRO A 42 21.91 54.46 0.74
N LEU A 43 21.71 54.73 -0.55
CA LEU A 43 21.20 53.70 -1.46
C LEU A 43 22.13 52.50 -1.51
N GLU A 44 23.43 52.74 -1.50
CA GLU A 44 24.39 51.63 -1.48
C GLU A 44 24.21 50.79 -0.22
N GLU A 45 24.04 51.44 0.92
CA GLU A 45 23.82 50.70 2.16
C GLU A 45 22.53 49.90 2.11
N ALA A 46 21.47 50.48 1.53
CA ALA A 46 20.21 49.75 1.42
C ALA A 46 20.35 48.53 0.53
N ALA A 47 21.01 48.68 -0.62
CA ALA A 47 21.20 47.54 -1.51
C ALA A 47 22.06 46.47 -0.85
N ALA A 48 23.11 46.87 -0.15
CA ALA A 48 23.94 45.91 0.56
C ALA A 48 23.15 45.19 1.64
N ALA A 49 22.29 45.91 2.36
CA ALA A 49 21.44 45.28 3.36
C ALA A 49 20.52 44.26 2.73
N VAL A 50 19.92 44.61 1.59
CA VAL A 50 19.03 43.68 0.90
C VAL A 50 19.81 42.41 0.53
N ALA A 51 20.98 42.57 -0.08
CA ALA A 51 21.77 41.40 -0.47
C ALA A 51 22.14 40.55 0.74
N ALA A 52 22.62 41.20 1.81
CA ALA A 52 23.08 40.48 2.99
C ALA A 52 21.94 39.70 3.62
N GLU A 53 20.80 40.35 3.85
CA GLU A 53 19.70 39.72 4.54
C GLU A 53 18.86 38.83 3.64
N SER A 54 19.15 38.81 2.34
CA SER A 54 18.58 37.81 1.45
C SER A 54 19.48 36.60 1.27
N SER A 55 20.79 36.74 1.50
CA SER A 55 21.71 35.64 1.21
C SER A 55 22.38 35.07 2.47
N THR A 56 23.18 35.87 3.18
CA THR A 56 23.95 35.32 4.30
C THR A 56 24.00 36.21 5.54
N GLY A 57 23.79 37.52 5.42
CA GLY A 57 24.13 38.41 6.50
C GLY A 57 22.99 38.67 7.47
N THR A 58 23.38 39.16 8.65
CA THR A 58 22.41 39.63 9.64
C THR A 58 22.82 41.02 10.12
N TRP A 59 22.15 41.52 11.15
CA TRP A 59 22.33 42.90 11.57
C TRP A 59 23.65 43.17 12.26
N THR A 60 24.41 42.12 12.62
CA THR A 60 25.68 42.31 13.30
C THR A 60 26.61 41.16 12.94
N GLU A 61 27.91 41.40 13.13
CA GLU A 61 28.91 40.39 12.85
C GLU A 61 28.75 39.21 13.81
N VAL A 62 29.01 38.01 13.28
CA VAL A 62 28.87 36.77 14.03
C VAL A 62 30.17 35.97 13.90
N TRP A 63 30.60 35.37 15.01
CA TRP A 63 31.81 34.56 15.00
C TRP A 63 31.69 33.41 14.01
N SER A 64 30.49 32.88 13.81
CA SER A 64 30.30 31.71 12.97
C SER A 64 30.73 31.96 11.53
N GLN A 65 30.85 33.23 11.12
CA GLN A 65 31.32 33.52 9.77
C GLN A 65 32.73 32.98 9.54
N GLU A 66 33.51 32.76 10.60
CA GLU A 66 34.84 32.19 10.45
C GLU A 66 34.79 30.71 10.07
N MET A 67 33.63 30.07 10.16
CA MET A 67 33.48 28.65 9.86
C MET A 67 33.04 28.40 8.42
N THR A 68 32.93 29.44 7.59
CA THR A 68 32.52 29.27 6.21
C THR A 68 33.14 30.36 5.37
N ASP A 69 33.18 30.12 4.06
CA ASP A 69 33.69 31.09 3.09
C ASP A 69 32.56 32.06 2.75
N LEU A 70 32.54 33.20 3.44
CA LEU A 70 31.47 34.17 3.23
C LEU A 70 31.50 34.73 1.81
N HIS A 71 32.69 35.07 1.32
CA HIS A 71 32.80 35.67 -0.01
C HIS A 71 32.38 34.71 -1.11
N ARG A 72 32.44 33.40 -0.88
CA ARG A 72 31.99 32.43 -1.87
C ARG A 72 30.47 32.33 -1.92
N TYR A 73 29.79 32.55 -0.79
CA TYR A 73 28.35 32.33 -0.69
C TYR A 73 27.55 33.61 -0.61
N LYS A 74 28.16 34.73 -0.20
CA LYS A 74 27.40 35.95 0.02
C LYS A 74 26.79 36.46 -1.28
N GLY A 75 25.60 37.04 -1.16
CA GLY A 75 25.03 37.83 -2.25
C GLY A 75 25.54 39.25 -2.15
N ARG A 76 25.79 39.85 -3.31
CA ARG A 76 26.41 41.17 -3.36
C ARG A 76 25.75 42.01 -4.44
N CYS A 77 25.63 43.31 -4.15
CA CYS A 77 25.14 44.29 -5.10
C CYS A 77 26.31 44.74 -5.97
N TYR A 78 26.26 44.38 -7.27
CA TYR A 78 27.34 44.65 -8.19
C TYR A 78 27.09 45.85 -9.08
N ALA A 79 25.98 46.55 -8.91
CA ALA A 79 25.67 47.70 -9.75
C ALA A 79 24.45 48.42 -9.18
N ILE A 80 24.43 49.73 -9.34
CA ILE A 80 23.30 50.56 -8.92
C ILE A 80 23.08 51.61 -10.01
N ASP A 81 22.01 51.45 -10.78
CA ASP A 81 21.62 52.41 -11.81
C ASP A 81 20.36 53.12 -11.31
N GLY A 82 20.48 54.41 -11.04
CA GLY A 82 19.36 55.12 -10.43
C GLY A 82 19.02 54.51 -9.10
N ASN A 83 17.74 54.17 -8.93
CA ASN A 83 17.26 53.50 -7.73
C ASN A 83 17.21 51.98 -7.89
N THR A 84 17.68 51.45 -9.01
CA THR A 84 17.64 50.01 -9.26
C THR A 84 19.01 49.40 -8.96
N ALA A 85 19.03 48.49 -7.99
CA ALA A 85 20.23 47.81 -7.56
C ALA A 85 20.21 46.38 -8.08
N TYR A 86 21.33 45.94 -8.65
CA TYR A 86 21.47 44.58 -9.16
C TYR A 86 22.31 43.78 -8.18
N ILE A 87 21.78 42.64 -7.75
CA ILE A 87 22.41 41.80 -6.74
C ILE A 87 22.59 40.40 -7.33
N ALA A 88 23.80 39.86 -7.16
CA ALA A 88 24.14 38.53 -7.64
C ALA A 88 24.19 37.55 -6.47
N TYR A 89 23.56 36.39 -6.65
CA TYR A 89 23.54 35.35 -5.65
C TYR A 89 24.19 34.10 -6.21
N PRO A 90 25.14 33.49 -5.50
CA PRO A 90 25.74 32.25 -5.99
C PRO A 90 24.71 31.15 -6.18
N LEU A 91 24.93 30.32 -7.20
CA LEU A 91 24.01 29.23 -7.50
C LEU A 91 23.85 28.29 -6.32
N ASP A 92 24.91 28.08 -5.53
CA ASP A 92 24.87 27.14 -4.43
C ASP A 92 23.95 27.57 -3.29
N LEU A 93 23.48 28.83 -3.31
CA LEU A 93 22.61 29.31 -2.25
C LEU A 93 21.21 28.75 -2.34
N PHE A 94 20.82 28.22 -3.49
CA PHE A 94 19.43 27.89 -3.77
C PHE A 94 19.24 26.38 -3.90
N GLU A 95 18.18 25.87 -3.27
CA GLU A 95 17.83 24.47 -3.38
C GLU A 95 17.37 24.17 -4.80
N GLU A 96 17.79 23.03 -5.33
CA GLU A 96 17.46 22.66 -6.70
C GLU A 96 15.97 22.40 -6.85
N GLY A 97 15.38 22.98 -7.90
CA GLY A 97 13.99 22.72 -8.21
C GLY A 97 13.02 23.16 -7.13
N SER A 98 13.25 24.32 -6.52
CA SER A 98 12.39 24.82 -5.44
C SER A 98 12.21 26.32 -5.63
N ILE A 99 11.05 26.71 -6.17
CA ILE A 99 10.67 28.11 -6.20
C ILE A 99 10.46 28.63 -4.78
N VAL A 100 10.04 27.75 -3.87
CA VAL A 100 9.81 28.16 -2.49
C VAL A 100 11.08 28.67 -1.86
N ASN A 101 12.20 27.97 -2.07
CA ASN A 101 13.47 28.41 -1.51
C ASN A 101 13.91 29.73 -2.13
N VAL A 102 13.71 29.90 -3.45
CA VAL A 102 14.07 31.15 -4.10
C VAL A 102 13.29 32.30 -3.49
N MET A 103 11.98 32.11 -3.28
CA MET A 103 11.18 33.16 -2.68
C MET A 103 11.62 33.45 -1.25
N SER A 104 11.87 32.39 -0.47
CA SER A 104 12.28 32.58 0.92
C SER A 104 13.61 33.30 1.02
N SER A 105 14.46 33.17 0.00
CA SER A 105 15.73 33.88 0.00
C SER A 105 15.56 35.32 -0.50
N ILE A 106 15.10 35.47 -1.74
CA ILE A 106 15.08 36.79 -2.38
C ILE A 106 14.04 37.69 -1.72
N VAL A 107 12.83 37.18 -1.51
CA VAL A 107 11.73 38.00 -1.04
C VAL A 107 11.29 37.55 0.35
N GLY A 108 12.20 36.95 1.11
CA GLY A 108 11.87 36.44 2.42
C GLY A 108 11.61 37.50 3.47
N ASN A 109 12.64 38.27 3.83
CA ASN A 109 12.52 39.25 4.90
C ASN A 109 12.99 40.65 4.51
N VAL A 110 13.65 40.81 3.36
CA VAL A 110 14.24 42.11 3.02
C VAL A 110 13.20 43.18 2.77
N PHE A 111 11.95 42.80 2.48
CA PHE A 111 10.92 43.77 2.17
C PHE A 111 10.34 44.44 3.40
N GLY A 112 10.59 43.88 4.59
CA GLY A 112 10.12 44.46 5.83
C GLY A 112 11.15 45.24 6.62
N PHE A 113 12.31 45.53 6.03
CA PHE A 113 13.37 46.21 6.76
C PHE A 113 13.09 47.70 6.86
N LYS A 114 13.31 48.25 8.05
CA LYS A 114 13.13 49.69 8.26
C LYS A 114 14.12 50.48 7.42
N ALA A 115 15.30 49.93 7.16
CA ALA A 115 16.32 50.65 6.39
C ALA A 115 15.82 51.01 5.01
N VAL A 116 14.94 50.19 4.42
CA VAL A 116 14.38 50.46 3.11
C VAL A 116 12.94 50.88 3.29
N ARG A 117 12.61 52.10 2.85
CA ARG A 117 11.22 52.54 2.89
C ARG A 117 10.35 51.71 1.96
N ALA A 118 10.87 51.40 0.77
CA ALA A 118 10.14 50.57 -0.17
C ALA A 118 11.11 49.69 -0.95
N LEU A 119 10.63 48.53 -1.37
CA LEU A 119 11.46 47.56 -2.09
C LEU A 119 10.58 46.79 -3.06
N ARG A 120 10.97 46.80 -4.34
CA ARG A 120 10.25 46.06 -5.37
C ARG A 120 11.21 45.19 -6.16
N LEU A 121 10.89 43.91 -6.30
CA LEU A 121 11.67 43.01 -7.13
C LEU A 121 11.16 43.09 -8.56
N LEU A 122 11.96 43.70 -9.43
CA LEU A 122 11.52 43.96 -10.80
C LEU A 122 11.75 42.75 -11.70
N ASP A 123 13.00 42.28 -11.79
CA ASP A 123 13.35 41.19 -12.69
C ASP A 123 14.34 40.27 -12.01
N MET A 124 14.38 39.03 -12.49
CA MET A 124 15.30 38.02 -11.99
C MET A 124 15.94 37.30 -13.17
N ARG A 125 17.24 37.05 -13.05
CA ARG A 125 17.99 36.28 -14.05
C ARG A 125 18.19 34.88 -13.49
N ILE A 126 17.35 33.94 -13.92
CA ILE A 126 17.49 32.54 -13.51
C ILE A 126 18.58 31.91 -14.38
N PRO A 127 19.67 31.41 -13.80
CA PRO A 127 20.71 30.80 -14.62
C PRO A 127 20.24 29.48 -15.23
N THR A 128 20.87 29.13 -16.35
CA THR A 128 20.54 27.88 -17.02
C THR A 128 20.76 26.68 -16.10
N ALA A 129 21.81 26.72 -15.29
CA ALA A 129 22.11 25.60 -14.40
C ALA A 129 20.97 25.38 -13.41
N TYR A 130 20.44 26.46 -12.83
CA TYR A 130 19.30 26.33 -11.93
C TYR A 130 18.03 25.98 -12.68
N LEU A 131 17.88 26.47 -13.90
CA LEU A 131 16.68 26.15 -14.69
C LEU A 131 16.60 24.66 -14.99
N LYS A 132 17.76 24.03 -15.26
CA LYS A 132 17.75 22.62 -15.60
C LYS A 132 17.24 21.76 -14.46
N THR A 133 17.19 22.28 -13.24
CA THR A 133 16.67 21.55 -12.10
C THR A 133 15.15 21.62 -12.00
N PHE A 134 14.48 22.33 -12.90
CA PHE A 134 13.04 22.46 -12.89
C PHE A 134 12.42 21.73 -14.07
N PRO A 135 11.18 21.25 -13.93
CA PRO A 135 10.59 20.42 -14.98
C PRO A 135 10.04 21.21 -16.15
N GLY A 136 9.52 22.41 -15.88
CA GLY A 136 8.88 23.20 -16.90
C GLY A 136 7.46 22.74 -17.15
N PRO A 137 6.75 23.42 -18.05
CA PRO A 137 5.36 23.03 -18.34
C PRO A 137 5.28 21.60 -18.83
N PRO A 138 4.25 20.86 -18.44
CA PRO A 138 4.16 19.45 -18.85
C PRO A 138 3.67 19.24 -20.26
N THR A 139 2.91 20.18 -20.83
CA THR A 139 2.30 19.99 -22.15
C THR A 139 2.93 20.89 -23.20
N GLY A 140 2.95 22.20 -22.99
CA GLY A 140 3.46 23.13 -23.98
C GLY A 140 2.39 23.62 -24.94
N ILE A 141 2.74 24.69 -25.65
CA ILE A 141 1.78 25.34 -26.54
C ILE A 141 1.43 24.42 -27.71
N ALA A 142 2.44 23.84 -28.35
CA ALA A 142 2.19 23.02 -29.54
C ALA A 142 1.39 21.78 -29.18
N GLN A 143 1.75 21.10 -28.08
CA GLN A 143 1.02 19.92 -27.67
C GLN A 143 -0.42 20.24 -27.31
N GLU A 144 -0.63 21.37 -26.63
CA GLU A 144 -1.99 21.78 -26.29
C GLU A 144 -2.81 22.07 -27.55
N ARG A 145 -2.22 22.76 -28.51
CA ARG A 145 -2.93 23.02 -29.77
C ARG A 145 -3.26 21.71 -30.48
N ASP A 146 -2.34 20.76 -30.48
CA ASP A 146 -2.62 19.46 -31.08
C ASP A 146 -3.76 18.75 -30.37
N ARG A 147 -3.77 18.82 -29.03
CA ARG A 147 -4.86 18.20 -28.28
C ARG A 147 -6.20 18.85 -28.61
N LEU A 148 -6.23 20.18 -28.71
CA LEU A 148 -7.44 20.90 -29.06
C LEU A 148 -7.65 21.02 -30.56
N LYS A 149 -6.64 20.72 -31.37
CA LYS A 149 -6.73 20.84 -32.83
C LYS A 149 -7.12 22.27 -33.23
N VAL A 150 -6.55 23.25 -32.55
CA VAL A 150 -6.76 24.67 -32.84
C VAL A 150 -5.42 25.27 -33.20
N TYR A 151 -5.32 25.84 -34.40
CA TYR A 151 -4.09 26.39 -34.92
C TYR A 151 -4.33 27.75 -35.55
N HIS A 152 -3.27 28.56 -35.58
CA HIS A 152 -3.30 29.86 -36.26
C HIS A 152 -4.45 30.72 -35.79
N ARG A 153 -4.69 30.71 -34.48
CA ARG A 153 -5.80 31.44 -33.90
C ARG A 153 -5.66 31.50 -32.38
N PRO A 154 -5.91 32.64 -31.75
CA PRO A 154 -5.98 32.65 -30.29
C PRO A 154 -7.09 31.73 -29.80
N LEU A 155 -6.83 31.05 -28.69
CA LEU A 155 -7.77 30.09 -28.15
C LEU A 155 -8.78 30.81 -27.26
N LEU A 156 -10.06 30.57 -27.52
CA LEU A 156 -11.13 31.25 -26.82
C LEU A 156 -11.50 30.51 -25.54
N GLY A 157 -11.96 31.28 -24.55
CA GLY A 157 -12.42 30.72 -23.30
C GLY A 157 -13.31 31.73 -22.59
N GLY A 158 -13.73 31.35 -21.39
CA GLY A 158 -14.59 32.23 -20.61
C GLY A 158 -14.91 31.68 -19.24
N THR A 159 -14.78 32.54 -18.23
CA THR A 159 -15.17 32.17 -16.87
C THR A 159 -16.68 32.16 -16.75
N ILE A 160 -17.20 31.08 -16.17
CA ILE A 160 -18.65 30.97 -15.98
C ILE A 160 -19.09 31.94 -14.90
N LYS A 161 -20.14 32.71 -15.19
CA LYS A 161 -20.67 33.70 -14.28
C LYS A 161 -22.14 33.41 -13.98
N PRO A 162 -22.64 33.85 -12.82
CA PRO A 162 -21.96 34.59 -11.75
C PRO A 162 -20.87 33.76 -11.08
N LYS A 163 -19.93 34.43 -10.40
CA LYS A 163 -18.78 33.71 -9.84
C LYS A 163 -19.25 32.60 -8.91
N LEU A 164 -20.26 32.87 -8.08
CA LEU A 164 -20.75 31.93 -7.11
C LEU A 164 -22.27 31.99 -7.08
N GLY A 165 -22.87 30.92 -6.57
CA GLY A 165 -24.30 30.82 -6.44
C GLY A 165 -24.98 29.92 -7.45
N LEU A 166 -24.30 29.54 -8.52
CA LEU A 166 -24.87 28.63 -9.50
C LEU A 166 -24.70 27.19 -9.03
N GLY A 167 -25.76 26.41 -9.16
CA GLY A 167 -25.68 24.99 -8.89
C GLY A 167 -25.01 24.23 -10.00
N PRO A 168 -24.66 22.98 -9.73
CA PRO A 168 -23.97 22.18 -10.75
C PRO A 168 -24.75 22.06 -12.06
N LYS A 169 -26.07 21.88 -11.99
CA LYS A 169 -26.85 21.72 -13.20
C LYS A 169 -26.86 23.02 -14.01
N GLU A 170 -27.15 24.14 -13.37
CA GLU A 170 -27.18 25.43 -14.06
C GLU A 170 -25.79 25.82 -14.54
N PHE A 171 -24.77 25.57 -13.71
CA PHE A 171 -23.40 25.83 -14.11
C PHE A 171 -23.03 25.07 -15.37
N ALA A 172 -23.37 23.77 -15.41
CA ALA A 172 -23.07 22.96 -16.58
C ALA A 172 -23.90 23.39 -17.78
N ARG A 173 -25.13 23.86 -17.55
CA ARG A 173 -25.93 24.38 -18.66
C ARG A 173 -25.26 25.59 -19.30
N VAL A 174 -24.76 26.51 -18.47
CA VAL A 174 -24.04 27.66 -18.99
C VAL A 174 -22.78 27.21 -19.71
N VAL A 175 -22.07 26.23 -19.15
CA VAL A 175 -20.86 25.71 -19.79
C VAL A 175 -21.18 25.15 -21.17
N TYR A 176 -22.25 24.36 -21.25
CA TYR A 176 -22.63 23.76 -22.53
C TYR A 176 -23.00 24.84 -23.54
N GLU A 177 -23.76 25.84 -23.12
CA GLU A 177 -24.13 26.92 -24.03
C GLU A 177 -22.89 27.63 -24.56
N CYS A 178 -21.95 27.94 -23.67
CA CYS A 178 -20.74 28.64 -24.09
C CYS A 178 -19.92 27.78 -25.05
N LEU A 179 -19.75 26.49 -24.73
CA LEU A 179 -18.92 25.63 -25.56
C LEU A 179 -19.54 25.41 -26.93
N VAL A 180 -20.85 25.16 -26.98
CA VAL A 180 -21.52 24.99 -28.26
C VAL A 180 -21.56 26.30 -29.04
N GLY A 181 -21.54 27.45 -28.35
CA GLY A 181 -21.57 28.72 -29.04
C GLY A 181 -20.29 29.06 -29.78
N GLY A 182 -19.16 28.48 -29.37
CA GLY A 182 -17.92 28.71 -30.08
C GLY A 182 -16.69 28.78 -29.20
N LEU A 183 -16.87 28.86 -27.89
CA LEU A 183 -15.72 28.88 -26.98
C LEU A 183 -15.01 27.54 -27.02
N ASP A 184 -13.68 27.58 -27.08
CA ASP A 184 -12.90 26.35 -27.07
C ASP A 184 -12.91 25.71 -25.69
N THR A 185 -12.87 26.52 -24.64
CA THR A 185 -12.81 26.02 -23.27
C THR A 185 -13.64 26.93 -22.37
N THR A 186 -13.88 26.45 -21.16
CA THR A 186 -14.49 27.23 -20.10
C THR A 186 -13.72 26.95 -18.82
N ASP A 188 -13.96 27.23 -14.27
CA ASP A 188 -14.51 27.65 -12.99
C ASP A 188 -13.79 28.90 -12.53
N ASP A 189 -14.51 29.75 -11.79
CA ASP A 189 -13.87 30.93 -11.24
C ASP A 189 -12.88 30.54 -10.16
N GLU A 190 -11.87 31.40 -9.96
CA GLU A 190 -10.80 31.10 -9.02
C GLU A 190 -11.33 30.83 -7.61
N ASN A 191 -12.45 31.46 -7.25
CA ASN A 191 -13.03 31.29 -5.92
C ASN A 191 -14.08 30.18 -5.87
N LEU A 192 -14.33 29.50 -6.98
CA LEU A 192 -15.28 28.38 -7.02
C LEU A 192 -14.50 27.09 -6.93
N ASN A 193 -14.42 26.53 -5.72
CA ASN A 193 -13.71 25.28 -5.47
C ASN A 193 -14.65 24.18 -5.00
N SER A 194 -15.24 24.36 -3.82
CA SER A 194 -16.27 23.44 -3.33
C SER A 194 -17.08 24.16 -2.26
N GLN A 195 -18.36 24.39 -2.53
CA GLN A 195 -19.21 25.18 -1.68
C GLN A 195 -20.55 24.49 -1.54
N PRO A 196 -21.33 24.84 -0.51
CA PRO A 196 -22.65 24.19 -0.35
C PRO A 196 -23.53 24.32 -1.58
N PHE A 197 -23.50 25.48 -2.26
CA PHE A 197 -24.34 25.65 -3.44
C PHE A 197 -23.85 24.82 -4.61
N CYS A 198 -22.54 24.55 -4.68
CA CYS A 198 -21.99 23.76 -5.78
C CYS A 198 -20.78 23.00 -5.25
N ARG A 199 -21.00 21.74 -4.89
CA ARG A 199 -19.90 20.89 -4.45
C ARG A 199 -19.07 20.44 -5.65
N TRP A 200 -17.79 20.19 -5.40
CA TRP A 200 -16.85 19.98 -6.50
C TRP A 200 -17.16 18.70 -7.28
N ARG A 201 -17.56 17.64 -6.59
CA ARG A 201 -17.86 16.39 -7.28
C ARG A 201 -19.03 16.56 -8.25
N ASP A 202 -20.13 17.13 -7.76
CA ASP A 202 -21.29 17.34 -8.61
C ASP A 202 -20.96 18.28 -9.77
N ARG A 203 -20.22 19.35 -9.49
CA ARG A 203 -19.85 20.27 -10.55
C ARG A 203 -19.00 19.57 -11.60
N TYR A 204 -18.03 18.75 -11.17
CA TYR A 204 -17.19 18.04 -12.13
C TYR A 204 -18.04 17.12 -13.00
N LEU A 205 -18.94 16.36 -12.39
CA LEU A 205 -19.75 15.42 -13.16
C LEU A 205 -20.63 16.16 -14.17
N TYR A 206 -21.39 17.15 -13.71
CA TYR A 206 -22.29 17.88 -14.60
C TYR A 206 -21.51 18.59 -15.70
N VAL A 207 -20.39 19.22 -15.34
CA VAL A 207 -19.62 19.98 -16.32
C VAL A 207 -19.01 19.08 -17.36
N MET A 208 -18.52 17.91 -16.96
CA MET A 208 -17.95 16.99 -17.95
C MET A 208 -19.04 16.40 -18.84
N ASP A 209 -20.24 16.16 -18.31
CA ASP A 209 -21.34 15.77 -19.16
C ASP A 209 -21.62 16.85 -20.21
N ALA A 210 -21.65 18.11 -19.77
CA ALA A 210 -21.87 19.22 -20.69
C ALA A 210 -20.76 19.31 -21.73
N VAL A 211 -19.51 19.12 -21.30
CA VAL A 211 -18.38 19.22 -22.21
C VAL A 211 -18.44 18.11 -23.25
N HIS A 212 -18.76 16.89 -22.83
CA HIS A 212 -18.89 15.79 -23.78
C HIS A 212 -20.01 16.03 -24.76
N ARG A 213 -21.15 16.54 -24.28
CA ARG A 213 -22.25 16.85 -25.18
C ARG A 213 -21.85 17.91 -26.20
N ALA A 214 -21.15 18.95 -25.76
CA ALA A 214 -20.71 19.99 -26.68
C ALA A 214 -19.71 19.44 -27.68
N GLU A 215 -18.78 18.58 -27.23
CA GLU A 215 -17.84 17.98 -28.15
C GLU A 215 -18.56 17.15 -29.21
N GLU A 216 -19.56 16.37 -28.80
CA GLU A 216 -20.31 15.56 -29.75
C GLU A 216 -21.07 16.43 -30.74
N GLU A 217 -21.72 17.49 -30.26
CA GLU A 217 -22.56 18.31 -31.12
C GLU A 217 -21.71 19.13 -32.10
N THR A 218 -20.69 19.81 -31.58
CA THR A 218 -19.86 20.66 -32.43
C THR A 218 -18.87 19.87 -33.26
N GLY A 219 -18.37 18.76 -32.73
CA GLY A 219 -17.34 18.01 -33.40
C GLY A 219 -15.93 18.51 -33.15
N GLU A 220 -15.77 19.56 -32.36
CA GLU A 220 -14.47 20.13 -32.03
C GLU A 220 -14.10 19.77 -30.60
N ALA A 221 -12.79 19.72 -30.34
CA ALA A 221 -12.33 19.45 -28.99
C ALA A 221 -12.76 20.57 -28.05
N LYS A 222 -13.32 20.19 -26.91
CA LYS A 222 -13.78 21.14 -25.91
C LYS A 222 -13.27 20.69 -24.55
N GLY A 223 -13.13 21.67 -23.65
CA GLY A 223 -12.69 21.37 -22.30
C GLY A 223 -13.19 22.41 -21.33
N HIS A 224 -13.14 22.05 -20.05
CA HIS A 224 -13.45 22.96 -18.97
C HIS A 224 -12.33 22.90 -17.94
N TRP A 225 -11.83 24.08 -17.55
CA TRP A 225 -10.73 24.16 -16.59
C TRP A 225 -11.30 23.99 -15.19
N LEU A 226 -11.54 22.73 -14.82
CA LEU A 226 -12.06 22.42 -13.50
C LEU A 226 -11.07 22.87 -12.43
N ASN A 227 -11.60 23.56 -11.42
CA ASN A 227 -10.77 24.13 -10.37
C ASN A 227 -10.56 23.09 -9.28
N VAL A 228 -9.32 22.64 -9.12
CA VAL A 228 -8.96 21.68 -8.09
C VAL A 228 -8.37 22.34 -6.86
N THR A 229 -8.34 23.67 -6.82
CA THR A 229 -7.81 24.37 -5.66
C THR A 229 -8.58 23.97 -4.41
N ALA A 230 -7.83 23.66 -3.35
CA ALA A 230 -8.43 23.19 -2.11
C ALA A 230 -7.53 23.60 -0.95
N GLY A 231 -8.03 23.40 0.26
CA GLY A 231 -7.31 23.80 1.45
C GLY A 231 -6.15 22.90 1.82
N ASP A 232 -6.02 21.75 1.18
CA ASP A 232 -4.90 20.84 1.44
C ASP A 232 -4.46 20.22 0.12
N THR A 233 -3.19 19.83 0.07
CA THR A 233 -2.63 19.26 -1.15
C THR A 233 -3.31 17.94 -1.50
N GLU A 234 -3.62 17.12 -0.49
CA GLU A 234 -4.25 15.83 -0.74
C GLU A 234 -5.62 16.01 -1.39
N GLU A 235 -6.40 16.99 -0.91
CA GLU A 235 -7.69 17.25 -1.52
C GLU A 235 -7.54 17.71 -2.97
N MET A 236 -6.54 18.55 -3.25
CA MET A 236 -6.30 18.99 -4.62
C MET A 236 -5.95 17.80 -5.51
N LEU A 237 -5.11 16.88 -5.01
CA LEU A 237 -4.74 15.70 -5.77
C LEU A 237 -5.96 14.82 -6.02
N ARG A 238 -6.80 14.65 -5.01
CA ARG A 238 -8.02 13.84 -5.16
C ARG A 238 -8.94 14.47 -6.21
N ARG A 239 -9.08 15.79 -6.19
CA ARG A 239 -9.93 16.46 -7.15
C ARG A 239 -9.36 16.36 -8.57
N ALA A 240 -8.04 16.47 -8.72
CA ALA A 240 -7.43 16.28 -10.03
C ALA A 240 -7.63 14.85 -10.53
N GLU A 241 -7.49 13.87 -9.64
CA GLU A 241 -7.71 12.48 -10.02
C GLU A 241 -9.15 12.26 -10.47
N PHE A 242 -10.12 12.85 -9.76
CA PHE A 242 -11.51 12.75 -10.17
C PHE A 242 -11.73 13.44 -11.52
N ALA A 243 -11.13 14.62 -11.71
CA ALA A 243 -11.26 15.32 -12.98
C ALA A 243 -10.76 14.44 -14.13
N LYS A 244 -9.65 13.75 -13.92
CA LYS A 244 -9.19 12.79 -14.92
C LYS A 244 -10.19 11.65 -15.09
N GLU A 245 -10.76 11.17 -13.97
CA GLU A 245 -11.72 10.08 -14.02
C GLU A 245 -12.95 10.46 -14.84
N VAL A 246 -13.47 11.68 -14.65
CA VAL A 246 -14.67 12.11 -15.37
C VAL A 246 -14.37 12.53 -16.80
N GLY A 247 -13.13 12.40 -17.26
CA GLY A 247 -12.79 12.64 -18.64
C GLY A 247 -12.26 14.01 -18.97
N SER A 248 -11.98 14.83 -17.96
CA SER A 248 -11.46 16.17 -18.23
C SER A 248 -10.01 16.11 -18.67
N ARG A 249 -9.69 16.89 -19.70
CA ARG A 249 -8.31 17.08 -20.13
C ARG A 249 -7.68 18.32 -19.53
N TYR A 250 -8.42 19.06 -18.69
CA TYR A 250 -7.95 20.30 -18.11
C TYR A 250 -8.24 20.34 -16.62
N ILE A 251 -7.34 20.97 -15.88
CA ILE A 251 -7.60 21.39 -14.51
C ILE A 251 -7.00 22.78 -14.33
N MET A 252 -7.49 23.49 -13.32
CA MET A 252 -6.96 24.80 -12.98
C MET A 252 -6.73 24.88 -11.47
N VAL A 253 -5.75 25.69 -11.10
CA VAL A 253 -5.35 25.84 -9.70
C VAL A 253 -4.91 27.27 -9.49
N ASP A 254 -5.21 27.81 -8.30
CA ASP A 254 -4.71 29.12 -7.89
C ASP A 254 -3.37 28.88 -7.21
N PHE A 255 -2.29 28.94 -8.01
CA PHE A 255 -0.99 28.50 -7.52
C PHE A 255 -0.47 29.41 -6.41
N LEU A 256 -0.74 30.71 -6.50
CA LEU A 256 -0.26 31.63 -5.46
C LEU A 256 -0.96 31.38 -4.13
N THR A 257 -2.30 31.31 -4.15
CA THR A 257 -3.04 31.07 -2.92
C THR A 257 -2.82 29.65 -2.42
N ALA A 258 -2.90 28.66 -3.32
CA ALA A 258 -2.63 27.28 -2.93
C ALA A 258 -1.18 27.12 -2.51
N GLY A 259 -0.25 27.72 -3.26
CA GLY A 259 1.15 27.63 -2.93
C GLY A 259 1.97 26.95 -4.01
N PHE A 260 3.28 27.27 -4.05
CA PHE A 260 4.15 26.69 -5.06
C PHE A 260 4.53 25.25 -4.74
N SER A 261 4.59 24.88 -3.45
CA SER A 261 4.86 23.48 -3.11
C SER A 261 3.68 22.58 -3.47
N ALA A 262 2.47 22.99 -3.06
CA ALA A 262 1.28 22.25 -3.45
C ALA A 262 1.12 22.27 -4.97
N TYR A 263 1.46 23.38 -5.60
CA TYR A 263 1.39 23.44 -7.06
C TYR A 263 2.36 22.48 -7.71
N ALA A 264 3.57 22.35 -7.16
CA ALA A 264 4.54 21.40 -7.72
C ALA A 264 4.03 19.98 -7.59
N THR A 265 3.48 19.65 -6.42
CA THR A 265 2.90 18.32 -6.24
C THR A 265 1.78 18.07 -7.24
N LEU A 266 0.89 19.05 -7.40
CA LEU A 266 -0.22 18.92 -8.33
C LEU A 266 0.27 18.80 -9.76
N ARG A 267 1.32 19.54 -10.12
CA ARG A 267 1.86 19.47 -11.48
C ARG A 267 2.44 18.10 -11.75
N ARG A 268 3.18 17.54 -10.79
CA ARG A 268 3.68 16.18 -10.97
C ARG A 268 2.52 15.20 -11.17
N ARG A 269 1.50 15.30 -10.32
CA ARG A 269 0.38 14.37 -10.42
C ARG A 269 -0.37 14.55 -11.74
N ALA A 270 -0.53 15.79 -12.21
CA ALA A 270 -1.26 16.05 -13.44
C ALA A 270 -0.48 15.56 -14.66
N GLU A 271 0.84 15.76 -14.66
CA GLU A 271 1.66 15.19 -15.73
C GLU A 271 1.53 13.68 -15.74
N GLU A 272 1.51 13.05 -14.55
CA GLU A 272 1.25 11.62 -14.49
C GLU A 272 -0.12 11.27 -15.08
N LEU A 273 -1.12 12.10 -14.78
CA LEU A 273 -2.49 11.86 -15.22
C LEU A 273 -2.76 12.35 -16.64
N GLY A 274 -1.82 13.08 -17.24
CA GLY A 274 -2.05 13.61 -18.57
C GLY A 274 -2.97 14.81 -18.61
N LEU A 275 -3.03 15.58 -17.54
CA LEU A 275 -3.91 16.73 -17.45
C LEU A 275 -3.14 18.02 -17.72
N MET A 276 -3.76 18.92 -18.47
CA MET A 276 -3.21 20.25 -18.65
C MET A 276 -3.67 21.15 -17.50
N ILE A 277 -2.73 21.94 -16.98
CA ILE A 277 -2.95 22.75 -15.79
C ILE A 277 -3.06 24.21 -16.21
N HIS A 278 -4.20 24.83 -15.90
CA HIS A 278 -4.35 26.28 -16.01
C HIS A 278 -3.96 26.91 -14.68
N CYS A 279 -3.14 27.96 -14.77
CA CYS A 279 -2.61 28.63 -13.58
C CYS A 279 -3.31 29.97 -13.43
N HIS A 280 -4.07 30.12 -12.35
CA HIS A 280 -4.71 31.38 -12.01
C HIS A 280 -3.85 32.12 -10.99
N ARG A 281 -3.63 33.40 -11.23
CA ARG A 281 -2.73 34.22 -10.41
C ARG A 281 -3.47 35.03 -9.37
N ALA A 282 -4.53 34.46 -8.80
CA ALA A 282 -5.26 35.14 -7.74
C ALA A 282 -4.33 35.50 -6.59
N MET A 283 -4.49 36.70 -6.06
CA MET A 283 -3.72 37.28 -4.96
C MET A 283 -2.40 37.89 -5.44
N HIS A 284 -2.10 37.84 -6.74
CA HIS A 284 -0.87 38.47 -7.22
C HIS A 284 -0.91 39.98 -7.05
N ALA A 285 -2.07 40.60 -7.30
CA ALA A 285 -2.14 42.06 -7.28
C ALA A 285 -1.89 42.65 -5.91
N VAL A 286 -1.94 41.85 -4.85
CA VAL A 286 -1.61 42.37 -3.52
C VAL A 286 -0.14 42.73 -3.43
N PHE A 287 0.71 42.18 -4.32
CA PHE A 287 2.13 42.51 -4.30
C PHE A 287 2.72 42.76 -5.68
N THR A 288 1.95 42.68 -6.76
CA THR A 288 2.45 43.00 -8.09
C THR A 288 1.96 44.35 -8.61
N ARG A 289 0.96 44.95 -7.99
CA ARG A 289 0.40 46.19 -8.51
C ARG A 289 1.25 47.40 -8.15
N PRO A 290 1.64 47.57 -6.88
CA PRO A 290 2.36 48.79 -6.51
C PRO A 290 3.65 48.95 -7.30
N LYS A 291 3.93 50.18 -7.73
CA LYS A 291 5.12 50.48 -8.50
C LYS A 291 6.36 50.66 -7.64
N ASP A 292 6.20 50.79 -6.32
CA ASP A 292 7.32 51.03 -5.42
C ASP A 292 7.61 49.86 -4.48
N HIS A 293 6.69 48.91 -4.33
CA HIS A 293 6.85 47.83 -3.39
C HIS A 293 6.23 46.56 -3.94
N GLY A 294 6.87 45.43 -3.67
CA GLY A 294 6.34 44.12 -4.00
C GLY A 294 7.21 43.38 -4.99
N ILE A 295 6.57 42.55 -5.82
CA ILE A 295 7.25 41.75 -6.83
C ILE A 295 6.53 41.99 -8.15
N HIS A 296 7.29 42.38 -9.17
CA HIS A 296 6.71 42.50 -10.50
C HIS A 296 6.27 41.14 -11.01
N PHE A 297 5.15 41.11 -11.73
CA PHE A 297 4.59 39.84 -12.15
C PHE A 297 5.45 39.11 -13.18
N ARG A 298 6.42 39.78 -13.82
CA ARG A 298 7.31 39.06 -14.71
C ARG A 298 8.12 38.01 -13.95
N VAL A 299 8.53 38.34 -12.73
CA VAL A 299 9.25 37.38 -11.90
C VAL A 299 8.35 36.20 -11.55
N VAL A 300 7.09 36.48 -11.21
CA VAL A 300 6.16 35.40 -10.89
C VAL A 300 5.91 34.54 -12.13
N ALA A 301 5.85 35.16 -13.30
CA ALA A 301 5.69 34.41 -14.54
C ALA A 301 6.88 33.49 -14.78
N LYS A 302 8.10 33.99 -14.54
CA LYS A 302 9.28 33.13 -14.65
C LYS A 302 9.19 31.96 -13.67
N TRP A 303 8.79 32.24 -12.43
CA TRP A 303 8.67 31.19 -11.43
C TRP A 303 7.64 30.15 -11.85
N LEU A 304 6.51 30.60 -12.39
CA LEU A 304 5.46 29.67 -12.82
C LEU A 304 5.92 28.83 -14.00
N ARG A 305 6.61 29.44 -14.96
CA ARG A 305 7.14 28.67 -16.07
C ARG A 305 8.12 27.62 -15.59
N MET A 306 8.97 27.98 -14.63
CA MET A 306 9.87 26.99 -14.04
C MET A 306 9.08 25.88 -13.35
N ALA A 307 8.03 26.25 -12.63
CA ALA A 307 7.25 25.27 -11.88
C ALA A 307 6.37 24.42 -12.78
N GLY A 308 6.13 24.83 -14.02
CA GLY A 308 5.46 24.00 -14.98
C GLY A 308 3.96 24.22 -15.15
N GLY A 309 3.57 25.45 -15.47
CA GLY A 309 2.20 25.74 -15.85
C GLY A 309 2.02 25.70 -17.36
N ASP A 310 0.86 25.22 -17.79
CA ASP A 310 0.52 25.17 -19.21
C ASP A 310 -0.07 26.48 -19.71
N HIS A 311 -0.82 27.18 -18.87
CA HIS A 311 -1.26 28.53 -19.14
C HIS A 311 -1.21 29.34 -17.87
N VAL A 312 -1.01 30.64 -18.01
CA VAL A 312 -1.00 31.56 -16.87
C VAL A 312 -1.57 32.89 -17.31
N HIS A 313 -2.33 33.51 -16.43
CA HIS A 313 -2.86 34.85 -16.71
C HIS A 313 -1.73 35.86 -16.73
N THR A 314 -1.80 36.79 -17.69
CA THR A 314 -0.76 37.78 -17.88
C THR A 314 -1.28 39.21 -17.93
N GLY A 315 -2.56 39.43 -18.19
CA GLY A 315 -3.11 40.77 -18.23
C GLY A 315 -3.87 41.07 -19.50
N THR A 316 -4.70 42.10 -19.45
CA THR A 316 -5.46 42.54 -20.62
C THR A 316 -5.07 43.93 -21.11
N VAL A 317 -4.48 44.76 -20.25
CA VAL A 317 -4.10 46.12 -20.60
C VAL A 317 -5.36 46.96 -20.79
N VAL A 318 -6.22 46.55 -21.73
CA VAL A 318 -7.44 47.29 -22.05
C VAL A 318 -8.64 46.83 -21.23
N GLY A 319 -8.46 45.88 -20.31
CA GLY A 319 -9.55 45.34 -19.53
C GLY A 319 -9.76 46.07 -18.21
N LYS A 320 -10.49 45.42 -17.32
CA LYS A 320 -10.86 46.01 -16.04
C LYS A 320 -9.75 45.92 -15.00
N LEU A 321 -8.70 45.16 -15.27
CA LEU A 321 -7.60 44.99 -14.33
C LEU A 321 -6.34 45.67 -14.85
N GLU A 322 -5.58 46.27 -13.95
CA GLU A 322 -4.42 47.06 -14.34
C GLU A 322 -3.38 46.19 -15.04
N GLY A 323 -2.76 46.76 -16.07
CA GLY A 323 -1.71 46.08 -16.81
C GLY A 323 -1.08 46.96 -17.86
N ALA A 324 0.25 46.98 -17.92
CA ALA A 324 0.97 47.80 -18.88
C ALA A 324 1.24 47.00 -20.15
N ARG A 325 1.09 47.67 -21.30
CA ARG A 325 1.20 46.99 -22.58
C ARG A 325 2.59 46.40 -22.79
N GLU A 326 3.63 47.22 -22.61
CA GLU A 326 4.99 46.73 -22.85
C GLU A 326 5.40 45.69 -21.84
N GLU A 327 5.02 45.86 -20.57
CA GLU A 327 5.30 44.85 -19.57
C GLU A 327 4.61 43.54 -19.90
N VAL A 328 3.36 43.61 -20.38
CA VAL A 328 2.64 42.40 -20.75
C VAL A 328 3.30 41.72 -21.95
N ARG A 329 3.78 42.52 -22.92
CA ARG A 329 4.51 41.94 -24.05
C ARG A 329 5.76 41.23 -23.57
N GLY A 330 6.51 41.85 -22.66
CA GLY A 330 7.69 41.20 -22.12
C GLY A 330 7.37 39.91 -21.39
N ILE A 331 6.28 39.92 -20.62
CA ILE A 331 5.88 38.71 -19.89
C ILE A 331 5.48 37.61 -20.88
N ALA A 332 4.77 37.98 -21.95
CA ALA A 332 4.39 37.00 -22.95
C ALA A 332 5.63 36.40 -23.62
N ASP A 333 6.62 37.24 -23.93
CA ASP A 333 7.86 36.72 -24.49
C ASP A 333 8.56 35.80 -23.51
N LEU A 334 8.58 36.16 -22.23
CA LEU A 334 9.17 35.30 -21.21
C LEU A 334 8.49 33.94 -21.18
N LEU A 335 7.17 33.93 -21.26
CA LEU A 335 6.41 32.69 -21.18
C LEU A 335 6.48 31.85 -22.45
N ARG A 336 6.72 32.48 -23.60
CA ARG A 336 6.59 31.80 -24.89
C ARG A 336 7.91 31.56 -25.61
N GLU A 337 8.96 32.30 -25.29
CA GLU A 337 10.20 32.24 -26.04
C GLU A 337 11.24 31.39 -25.31
N GLU A 338 12.16 30.81 -26.09
CA GLU A 338 13.25 30.04 -25.54
C GLU A 338 14.40 30.91 -25.06
N PHE A 339 14.44 32.18 -25.46
CA PHE A 339 15.45 33.11 -24.98
C PHE A 339 14.90 34.52 -25.13
N VAL A 340 14.89 35.27 -24.03
CA VAL A 340 14.34 36.62 -24.04
C VAL A 340 15.45 37.61 -23.75
N PRO A 341 15.92 38.38 -24.73
CA PRO A 341 16.94 39.39 -24.47
C PRO A 341 16.40 40.53 -23.62
N ALA A 342 17.31 41.20 -22.92
CA ALA A 342 16.94 42.33 -22.09
C ALA A 342 16.29 43.41 -22.95
N ASN A 343 15.23 44.02 -22.40
CA ASN A 343 14.47 45.07 -23.09
C ASN A 343 14.06 46.11 -22.06
N PRO A 344 14.83 47.20 -21.91
CA PRO A 344 14.46 48.21 -20.90
C PRO A 344 13.09 48.81 -21.12
N GLN A 345 12.64 48.93 -22.37
CA GLN A 345 11.31 49.48 -22.62
C GLN A 345 10.23 48.59 -22.02
N ARG A 346 10.40 47.28 -22.11
CA ARG A 346 9.44 46.33 -21.57
C ARG A 346 9.76 45.94 -20.13
N GLY A 347 10.78 46.52 -19.51
CA GLY A 347 11.12 46.23 -18.14
C GLY A 347 11.97 44.99 -17.94
N LEU A 348 12.43 44.36 -19.02
CA LEU A 348 13.28 43.18 -18.92
C LEU A 348 14.73 43.63 -18.81
N LEU A 349 15.29 43.50 -17.61
CA LEU A 349 16.63 43.98 -17.32
C LEU A 349 17.70 42.92 -17.46
N PHE A 350 17.32 41.69 -17.80
CA PHE A 350 18.28 40.60 -17.94
C PHE A 350 17.97 39.79 -19.19
N ASP A 351 19.02 39.24 -19.79
CA ASP A 351 18.84 38.22 -20.82
C ASP A 351 18.49 36.90 -20.13
N GLN A 352 17.34 36.35 -20.49
CA GLN A 352 16.79 35.19 -19.79
C GLN A 352 16.74 33.97 -20.69
N PRO A 353 17.68 33.05 -20.58
CA PRO A 353 17.53 31.76 -21.25
C PRO A 353 16.52 30.89 -20.52
N TRP A 354 16.02 29.87 -21.22
CA TRP A 354 15.03 28.97 -20.66
C TRP A 354 15.45 27.51 -20.70
N ALA A 355 16.64 27.21 -21.20
CA ALA A 355 17.25 25.88 -21.04
C ALA A 355 16.30 24.78 -21.53
N GLY A 356 15.58 25.06 -22.60
CA GLY A 356 14.69 24.09 -23.20
C GLY A 356 13.36 23.92 -22.49
N LEU A 357 13.11 24.67 -21.42
CA LEU A 357 11.82 24.57 -20.75
C LEU A 357 10.70 24.95 -21.71
N LYS A 358 9.61 24.19 -21.66
CA LYS A 358 8.53 24.38 -22.61
C LYS A 358 7.87 25.74 -22.43
N PRO A 359 7.37 26.34 -23.50
CA PRO A 359 6.57 27.56 -23.37
C PRO A 359 5.15 27.25 -22.92
N LEU A 360 4.51 28.27 -22.37
CA LEU A 360 3.14 28.15 -21.89
C LEU A 360 2.30 29.30 -22.45
N PHE A 361 0.99 29.16 -22.29
CA PHE A 361 0.03 30.06 -22.92
C PHE A 361 -0.24 31.28 -22.03
N PRO A 362 0.05 32.49 -22.49
CA PRO A 362 -0.50 33.66 -21.80
C PRO A 362 -2.01 33.67 -21.93
N VAL A 363 -2.68 34.13 -20.87
CA VAL A 363 -4.14 34.18 -20.82
C VAL A 363 -4.55 35.62 -20.56
N ALA A 364 -5.39 36.15 -21.43
CA ALA A 364 -5.95 37.49 -21.27
C ALA A 364 -7.38 37.36 -20.78
N SER A 365 -7.64 37.89 -19.59
CA SER A 365 -8.97 37.81 -18.99
C SER A 365 -9.25 39.06 -18.18
N GLY A 366 -10.52 39.42 -18.11
CA GLY A 366 -10.95 40.52 -17.26
C GLY A 366 -11.46 41.72 -18.01
N GLY A 367 -12.78 41.86 -18.08
CA GLY A 367 -13.38 43.02 -18.69
C GLY A 367 -13.00 43.24 -20.14
N ILE A 368 -12.95 42.18 -20.93
CA ILE A 368 -12.61 42.26 -22.35
C ILE A 368 -13.80 41.77 -23.15
N HIS A 369 -14.19 42.55 -24.16
CA HIS A 369 -15.26 42.17 -25.07
C HIS A 369 -14.74 42.23 -26.50
N VAL A 370 -15.64 42.13 -27.48
CA VAL A 370 -15.22 42.01 -28.87
C VAL A 370 -14.33 43.18 -29.28
N TRP A 371 -14.68 44.40 -28.86
CA TRP A 371 -13.94 45.57 -29.28
C TRP A 371 -12.47 45.51 -28.87
N HIS A 372 -12.15 44.77 -27.81
CA HIS A 372 -10.79 44.64 -27.32
C HIS A 372 -10.00 43.56 -28.06
N VAL A 373 -10.64 42.78 -28.93
CA VAL A 373 -9.94 41.68 -29.59
C VAL A 373 -8.76 42.16 -30.41
N PRO A 374 -8.87 43.22 -31.23
CA PRO A 374 -7.70 43.68 -31.98
C PRO A 374 -6.50 43.95 -31.09
N ASP A 375 -6.67 44.83 -30.11
CA ASP A 375 -5.57 45.18 -29.22
C ASP A 375 -4.94 43.92 -28.64
N LEU A 376 -5.77 43.01 -28.12
CA LEU A 376 -5.26 41.77 -27.56
C LEU A 376 -4.38 41.04 -28.57
N VAL A 377 -4.89 40.87 -29.79
CA VAL A 377 -4.12 40.17 -30.81
C VAL A 377 -2.84 40.93 -31.12
N SER A 378 -2.89 42.26 -31.07
CA SER A 378 -1.67 43.04 -31.21
C SER A 378 -0.70 42.75 -30.08
N ILE A 379 -1.21 42.67 -28.85
CA ILE A 379 -0.34 42.44 -27.70
C ILE A 379 0.22 41.02 -27.70
N TYR A 380 -0.65 40.04 -27.97
CA TYR A 380 -0.31 38.63 -27.80
C TYR A 380 -0.12 37.86 -29.09
N GLY A 381 -0.76 38.29 -30.17
CA GLY A 381 -0.73 37.51 -31.40
C GLY A 381 -1.69 36.35 -31.37
N ASN A 382 -1.24 35.18 -31.82
CA ASN A 382 -2.09 34.01 -31.88
C ASN A 382 -1.88 33.04 -30.72
N ASP A 383 -0.67 32.96 -30.17
CA ASP A 383 -0.36 32.01 -29.12
C ASP A 383 -0.76 32.60 -27.77
N ALA A 384 -2.08 32.61 -27.54
CA ALA A 384 -2.61 33.13 -26.29
C ALA A 384 -4.05 32.65 -26.12
N PHE A 385 -4.53 32.77 -24.89
CA PHE A 385 -5.91 32.46 -24.53
C PHE A 385 -6.63 33.76 -24.22
N PHE A 386 -7.77 33.96 -24.87
CA PHE A 386 -8.63 35.12 -24.62
C PHE A 386 -9.87 34.64 -23.87
N LEU A 387 -10.05 35.13 -22.64
CA LEU A 387 -11.13 34.70 -21.77
C LEU A 387 -12.19 35.79 -21.73
N PHE A 388 -13.42 35.43 -22.09
CA PHE A 388 -14.57 36.34 -22.08
C PHE A 388 -15.61 35.77 -21.12
N GLY A 389 -15.56 36.21 -19.86
CA GLY A 389 -16.58 35.80 -18.90
C GLY A 389 -17.85 36.61 -19.04
N GLY A 390 -17.78 37.91 -18.71
CA GLY A 390 -18.94 38.76 -18.86
C GLY A 390 -19.26 39.08 -20.30
N GLY A 391 -18.26 39.03 -21.18
CA GLY A 391 -18.49 39.26 -22.59
C GLY A 391 -19.25 38.14 -23.27
N THR A 392 -19.26 36.95 -22.68
CA THR A 392 -20.01 35.82 -23.21
C THR A 392 -21.43 35.77 -22.63
N HIS A 393 -21.54 35.73 -21.31
CA HIS A 393 -22.84 35.60 -20.66
C HIS A 393 -23.63 36.91 -20.66
N GLY A 394 -22.96 38.04 -20.81
CA GLY A 394 -23.62 39.33 -20.87
C GLY A 394 -24.21 39.67 -22.21
N HIS A 395 -24.07 38.79 -23.19
CA HIS A 395 -24.69 39.03 -24.49
C HIS A 395 -26.21 39.08 -24.32
N PRO A 396 -26.90 39.96 -25.06
CA PRO A 396 -28.36 40.04 -24.90
C PRO A 396 -29.08 38.71 -25.13
N ARG A 397 -28.62 37.92 -26.09
CA ARG A 397 -29.31 36.69 -26.46
C ARG A 397 -28.79 35.46 -25.72
N GLY A 398 -27.86 35.62 -24.80
CA GLY A 398 -27.40 34.54 -23.96
C GLY A 398 -25.94 34.19 -24.19
N SER A 399 -25.49 33.20 -23.43
CA SER A 399 -24.08 32.81 -23.45
C SER A 399 -23.70 32.21 -24.81
N ARG A 400 -24.59 31.45 -25.43
CA ARG A 400 -24.29 30.87 -26.73
C ARG A 400 -24.02 31.97 -27.77
N ALA A 401 -24.89 32.98 -27.81
CA ALA A 401 -24.70 34.07 -28.76
C ALA A 401 -23.43 34.84 -28.46
N GLY A 402 -23.13 35.08 -27.18
CA GLY A 402 -21.90 35.77 -26.84
C GLY A 402 -20.66 35.00 -27.24
N ALA A 403 -20.68 33.68 -27.01
CA ALA A 403 -19.57 32.84 -27.43
C ALA A 403 -19.41 32.86 -28.95
N ARG A 404 -20.52 32.80 -29.68
CA ARG A 404 -20.44 32.88 -31.14
C ARG A 404 -19.85 34.21 -31.57
N ALA A 405 -20.28 35.31 -30.95
CA ALA A 405 -19.76 36.63 -31.31
C ALA A 405 -18.27 36.73 -31.02
N ASN A 406 -17.84 36.24 -29.85
CA ASN A 406 -16.43 36.30 -29.51
C ASN A 406 -15.59 35.44 -30.45
N ARG A 407 -16.09 34.26 -30.79
CA ARG A 407 -15.39 33.41 -31.75
C ARG A 407 -15.26 34.09 -33.09
N ALA A 408 -16.34 34.72 -33.57
CA ALA A 408 -16.30 35.40 -34.85
C ALA A 408 -15.29 36.55 -34.83
N ALA A 409 -15.31 37.35 -33.77
CA ALA A 409 -14.39 38.47 -33.67
C ALA A 409 -12.94 37.99 -33.63
N VAL A 410 -12.68 36.96 -32.82
CA VAL A 410 -11.32 36.44 -32.71
C VAL A 410 -10.85 35.89 -34.06
N GLU A 411 -11.71 35.12 -34.73
CA GLU A 411 -11.32 34.56 -36.02
C GLU A 411 -11.05 35.66 -37.05
N ALA A 412 -11.91 36.67 -37.10
CA ALA A 412 -11.72 37.74 -38.07
C ALA A 412 -10.43 38.50 -37.80
N VAL A 413 -10.16 38.84 -36.54
CA VAL A 413 -8.97 39.60 -36.20
C VAL A 413 -7.72 38.75 -36.45
N ALA A 414 -7.77 37.46 -36.13
CA ALA A 414 -6.63 36.60 -36.39
C ALA A 414 -6.36 36.47 -37.88
N ALA A 415 -7.42 36.36 -38.68
CA ALA A 415 -7.25 36.31 -40.13
C ALA A 415 -6.61 37.59 -40.66
N ALA A 416 -7.07 38.75 -40.15
CA ALA A 416 -6.47 40.01 -40.57
C ALA A 416 -5.00 40.09 -40.16
N TYR A 417 -4.69 39.64 -38.93
CA TYR A 417 -3.31 39.67 -38.45
C TYR A 417 -2.42 38.78 -39.30
N ARG A 418 -2.90 37.58 -39.65
CA ARG A 418 -2.14 36.68 -40.51
C ARG A 418 -1.90 37.29 -41.89
N GLU A 419 -2.82 38.14 -42.34
CA GLU A 419 -2.70 38.80 -43.64
C GLU A 419 -1.77 40.01 -43.61
N GLY A 420 -1.26 40.39 -42.44
CA GLY A 420 -0.38 41.53 -42.33
C GLY A 420 -1.06 42.87 -42.15
N ARG A 421 -2.39 42.89 -42.03
CA ARG A 421 -3.11 44.14 -41.84
C ARG A 421 -2.78 44.76 -40.49
N ASP A 422 -2.82 46.08 -40.43
CA ASP A 422 -2.62 46.81 -39.18
C ASP A 422 -3.89 46.70 -38.36
N ILE A 423 -3.98 45.64 -37.56
CA ILE A 423 -5.20 45.37 -36.81
C ILE A 423 -5.50 46.48 -35.83
N LEU A 424 -4.46 47.15 -35.31
CA LEU A 424 -4.71 48.23 -34.35
C LEU A 424 -5.48 49.37 -35.00
N ALA A 425 -5.16 49.70 -36.25
CA ALA A 425 -5.84 50.79 -36.94
C ALA A 425 -7.13 50.36 -37.63
N GLU A 426 -7.19 49.12 -38.13
CA GLU A 426 -8.35 48.63 -38.86
C GLU A 426 -9.21 47.68 -38.04
N GLY A 427 -9.08 47.72 -36.71
CA GLY A 427 -9.81 46.78 -35.87
C GLY A 427 -11.31 47.00 -35.93
N ARG A 428 -11.74 48.25 -35.86
CA ARG A 428 -13.17 48.53 -35.91
C ARG A 428 -13.76 48.10 -37.25
N GLN A 429 -13.04 48.36 -38.35
CA GLN A 429 -13.52 47.94 -39.66
C GLN A 429 -13.57 46.41 -39.76
N ILE A 430 -12.56 45.73 -39.22
CA ILE A 430 -12.55 44.26 -39.25
C ILE A 430 -13.74 43.72 -38.47
N LEU A 431 -13.99 44.27 -37.29
CA LEU A 431 -15.11 43.82 -36.47
C LEU A 431 -16.44 44.10 -37.17
N GLN A 432 -16.58 45.26 -37.80
CA GLN A 432 -17.81 45.57 -38.52
C GLN A 432 -18.02 44.61 -39.68
N ASP A 433 -16.97 44.33 -40.44
CA ASP A 433 -17.08 43.39 -41.55
C ASP A 433 -17.46 42.00 -41.06
N ALA A 434 -16.88 41.57 -39.95
CA ALA A 434 -17.27 40.28 -39.37
C ALA A 434 -18.73 40.30 -38.93
N ALA A 435 -19.17 41.41 -38.33
CA ALA A 435 -20.54 41.52 -37.86
C ALA A 435 -21.55 41.58 -38.99
N ARG A 436 -21.12 41.98 -40.19
CA ARG A 436 -22.03 41.99 -41.33
C ARG A 436 -22.65 40.61 -41.55
N THR A 437 -21.93 39.55 -41.21
CA THR A 437 -22.42 38.18 -41.35
C THR A 437 -22.67 37.49 -40.02
N CYS A 438 -22.40 38.16 -38.89
CA CYS A 438 -22.57 37.59 -37.56
C CYS A 438 -23.45 38.54 -36.75
N PRO A 439 -24.77 38.32 -36.74
CA PRO A 439 -25.64 39.19 -35.95
C PRO A 439 -25.29 39.22 -34.47
N GLU A 440 -24.82 38.09 -33.93
CA GLU A 440 -24.39 38.07 -32.53
C GLU A 440 -23.24 39.04 -32.31
N LEU A 441 -22.28 39.07 -33.23
CA LEU A 441 -21.17 40.01 -33.12
C LEU A 441 -21.66 41.45 -33.20
N ARG A 442 -22.63 41.71 -34.08
CA ARG A 442 -23.19 43.06 -34.17
C ARG A 442 -23.84 43.48 -32.86
N GLU A 443 -24.62 42.58 -32.26
CA GLU A 443 -25.27 42.89 -31.00
C GLU A 443 -24.24 43.12 -29.89
N ALA A 444 -23.21 42.28 -29.83
CA ALA A 444 -22.18 42.45 -28.82
C ALA A 444 -21.45 43.78 -29.00
N MET A 445 -21.13 44.14 -30.25
CA MET A 445 -20.47 45.41 -30.51
C MET A 445 -21.35 46.58 -30.11
N GLU A 446 -22.64 46.52 -30.42
CA GLU A 446 -23.55 47.59 -30.05
C GLU A 446 -23.65 47.72 -28.54
N LEU A 447 -23.74 46.60 -27.82
CA LEU A 447 -23.93 46.66 -26.38
C LEU A 447 -22.74 47.29 -25.68
N TRP A 448 -21.52 46.94 -26.08
CA TRP A 448 -20.30 47.35 -25.41
C TRP A 448 -19.46 48.30 -26.26
N GLU A 449 -20.11 49.18 -27.02
CA GLU A 449 -19.38 50.07 -27.91
C GLU A 449 -18.49 51.03 -27.13
N GLY A 450 -19.07 51.71 -26.14
CA GLY A 450 -18.34 52.73 -25.41
C GLY A 450 -17.87 52.28 -24.04
N VAL A 451 -17.88 50.98 -23.78
CA VAL A 451 -17.47 50.44 -22.50
C VAL A 451 -15.95 50.37 -22.47
N THR A 452 -15.32 51.21 -21.66
CA THR A 452 -13.88 51.28 -21.55
C THR A 452 -13.48 51.33 -20.08
N PHE A 453 -12.25 50.91 -19.81
CA PHE A 453 -11.70 50.87 -18.46
C PHE A 453 -10.46 51.74 -18.40
N PHE B 6 -33.92 39.73 -17.99
CA PHE B 6 -32.49 40.01 -17.88
C PHE B 6 -32.17 41.15 -18.83
N VAL B 7 -31.58 42.22 -18.30
CA VAL B 7 -31.22 43.40 -19.07
C VAL B 7 -29.71 43.36 -19.29
N ALA B 8 -29.29 43.19 -20.53
CA ALA B 8 -27.87 43.15 -20.87
C ALA B 8 -27.28 44.55 -20.81
N GLY B 9 -26.04 44.64 -20.34
CA GLY B 9 -25.35 45.91 -20.27
C GLY B 9 -24.61 46.13 -18.98
N VAL B 10 -23.78 47.16 -18.94
CA VAL B 10 -22.99 47.49 -17.76
C VAL B 10 -23.83 48.35 -16.82
N GLN B 11 -23.88 47.96 -15.56
CA GLN B 11 -24.58 48.71 -14.52
C GLN B 11 -23.63 48.99 -13.38
N PRO B 12 -23.83 50.08 -12.65
CA PRO B 12 -22.97 50.36 -11.49
C PRO B 12 -23.04 49.24 -10.46
N TYR B 13 -21.90 48.94 -9.85
CA TYR B 13 -21.86 47.91 -8.82
C TYR B 13 -22.73 48.30 -7.63
N ARG B 14 -22.68 49.57 -7.22
CA ARG B 14 -23.40 50.00 -6.04
C ARG B 14 -24.91 49.78 -6.15
N LYS B 15 -25.42 49.65 -7.38
CA LYS B 15 -26.84 49.37 -7.55
C LYS B 15 -27.25 48.06 -6.88
N THR B 16 -26.34 47.09 -6.83
CA THR B 16 -26.62 45.77 -6.29
C THR B 16 -25.73 45.39 -5.12
N TYR B 17 -24.46 45.77 -5.16
CA TYR B 17 -23.48 45.31 -4.18
C TYR B 17 -23.16 46.36 -3.12
N TYR B 18 -23.92 47.44 -3.06
CA TYR B 18 -23.82 48.43 -1.98
C TYR B 18 -25.14 48.45 -1.24
N GLU B 19 -25.13 47.96 0.00
CA GLU B 19 -26.34 47.84 0.82
C GLU B 19 -26.06 48.46 2.18
N PRO B 20 -26.08 49.79 2.27
CA PRO B 20 -25.74 50.44 3.55
C PRO B 20 -26.62 50.01 4.70
N GLY B 21 -27.88 49.71 4.46
CA GLY B 21 -28.78 49.29 5.51
C GLY B 21 -28.67 47.84 5.92
N TYR B 22 -27.79 47.08 5.27
CA TYR B 22 -27.65 45.67 5.60
C TYR B 22 -27.03 45.50 6.98
N GLU B 23 -27.62 44.60 7.77
CA GLU B 23 -27.11 44.29 9.10
C GLU B 23 -26.35 42.98 9.04
N PRO B 24 -25.04 42.96 9.27
CA PRO B 24 -24.30 41.70 9.15
C PRO B 24 -24.85 40.64 10.09
N LYS B 25 -24.89 39.40 9.60
CA LYS B 25 -25.29 38.26 10.40
C LYS B 25 -24.08 37.70 11.13
N GLU B 26 -24.35 37.06 12.27
CA GLU B 26 -23.27 36.47 13.06
C GLU B 26 -22.50 35.42 12.27
N THR B 27 -23.12 34.82 11.26
CA THR B 27 -22.46 33.83 10.41
C THR B 27 -21.73 34.45 9.23
N ASP B 28 -21.90 35.75 8.98
CA ASP B 28 -21.27 36.37 7.83
C ASP B 28 -19.78 36.58 8.09
N LEU B 29 -19.01 36.60 7.00
CA LEU B 29 -17.59 36.91 7.04
C LEU B 29 -17.40 38.36 6.63
N LEU B 30 -16.84 39.17 7.54
CA LEU B 30 -16.74 40.60 7.34
C LEU B 30 -15.30 40.99 7.01
N CYS B 31 -15.14 41.84 6.01
CA CYS B 31 -13.84 42.34 5.58
C CYS B 31 -13.84 43.85 5.61
N ALA B 32 -12.77 44.43 6.15
CA ALA B 32 -12.55 45.87 6.12
C ALA B 32 -11.48 46.18 5.09
N PHE B 33 -11.79 47.07 4.16
CA PHE B 33 -10.91 47.43 3.07
C PHE B 33 -10.64 48.93 3.11
N ARG B 34 -9.38 49.30 3.21
CA ARG B 34 -8.96 50.67 2.93
C ARG B 34 -8.86 50.83 1.42
N ILE B 35 -9.70 51.71 0.86
CA ILE B 35 -9.85 51.86 -0.57
C ILE B 35 -9.41 53.26 -0.97
N GLU B 36 -8.54 53.34 -1.98
CA GLU B 36 -8.22 54.59 -2.66
C GLU B 36 -8.73 54.46 -4.09
N PRO B 37 -9.92 54.99 -4.39
CA PRO B 37 -10.48 54.80 -5.72
C PRO B 37 -9.75 55.62 -6.77
N SER B 38 -9.83 55.16 -8.01
CA SER B 38 -9.24 55.89 -9.11
C SER B 38 -10.08 57.13 -9.41
N PRO B 39 -9.49 58.14 -10.05
CA PRO B 39 -10.23 59.37 -10.33
C PRO B 39 -11.49 59.08 -11.13
N GLY B 40 -12.58 59.74 -10.74
CA GLY B 40 -13.87 59.56 -11.38
C GLY B 40 -14.68 58.40 -10.84
N ILE B 41 -14.13 57.60 -9.92
CA ILE B 41 -14.81 56.46 -9.35
C ILE B 41 -15.19 56.82 -7.92
N PRO B 42 -16.48 56.94 -7.59
CA PRO B 42 -16.85 57.23 -6.21
C PRO B 42 -16.46 56.10 -5.27
N LEU B 43 -16.23 56.46 -4.01
CA LEU B 43 -15.81 55.47 -3.02
C LEU B 43 -16.85 54.37 -2.88
N GLU B 44 -18.13 54.74 -2.91
CA GLU B 44 -19.19 53.73 -2.84
C GLU B 44 -19.10 52.77 -4.02
N GLU B 45 -18.87 53.31 -5.22
CA GLU B 45 -18.73 52.46 -6.39
C GLU B 45 -17.53 51.53 -6.26
N ALA B 46 -16.42 52.05 -5.74
CA ALA B 46 -15.22 51.22 -5.56
C ALA B 46 -15.48 50.08 -4.57
N ALA B 47 -16.13 50.39 -3.44
CA ALA B 47 -16.42 49.36 -2.46
C ALA B 47 -17.38 48.32 -3.03
N ALA B 48 -18.39 48.77 -3.77
CA ALA B 48 -19.32 47.83 -4.40
C ALA B 48 -18.60 46.96 -5.42
N ALA B 49 -17.68 47.54 -6.20
CA ALA B 49 -16.90 46.75 -7.14
C ALA B 49 -16.08 45.69 -6.42
N VAL B 50 -15.45 46.07 -5.31
CA VAL B 50 -14.66 45.11 -4.53
C VAL B 50 -15.54 43.97 -4.08
N ALA B 51 -16.69 44.29 -3.49
CA ALA B 51 -17.60 43.24 -3.01
C ALA B 51 -18.06 42.34 -4.14
N ALA B 52 -18.47 42.94 -5.26
CA ALA B 52 -19.00 42.18 -6.37
C ALA B 52 -17.94 41.23 -6.94
N GLU B 53 -16.75 41.75 -7.21
CA GLU B 53 -15.71 40.96 -7.86
C GLU B 53 -14.98 40.06 -6.87
N SER B 54 -15.25 40.19 -5.57
CA SER B 54 -14.78 39.21 -4.62
C SER B 54 -15.79 38.12 -4.33
N SER B 55 -17.09 38.36 -4.57
CA SER B 55 -18.11 37.39 -4.20
C SER B 55 -18.83 36.79 -5.41
N THR B 56 -19.55 37.58 -6.19
CA THR B 56 -20.39 37.04 -7.26
C THR B 56 -20.36 37.82 -8.56
N GLY B 57 -20.02 39.10 -8.55
CA GLY B 57 -20.27 39.93 -9.71
C GLY B 57 -19.12 40.00 -10.69
N THR B 58 -19.45 40.42 -11.91
CA THR B 58 -18.45 40.72 -12.93
C THR B 58 -18.72 42.09 -13.53
N TRP B 59 -18.01 42.44 -14.59
CA TRP B 59 -18.05 43.80 -15.12
C TRP B 59 -19.35 44.13 -15.84
N THR B 60 -20.21 43.15 -16.11
CA THR B 60 -21.46 43.40 -16.81
C THR B 60 -22.49 42.38 -16.37
N GLU B 61 -23.76 42.73 -16.58
CA GLU B 61 -24.85 41.84 -16.22
C GLU B 61 -24.82 40.58 -17.07
N VAL B 62 -25.19 39.46 -16.45
CA VAL B 62 -25.18 38.16 -17.09
C VAL B 62 -26.53 37.50 -16.91
N TRP B 63 -27.03 36.86 -17.98
CA TRP B 63 -28.31 36.17 -17.89
C TRP B 63 -28.32 35.10 -16.81
N SER B 64 -27.16 34.48 -16.57
CA SER B 64 -27.10 33.36 -15.63
C SER B 64 -27.49 33.77 -14.22
N GLN B 65 -27.48 35.07 -13.91
CA GLN B 65 -27.93 35.52 -12.59
C GLN B 65 -29.38 35.14 -12.33
N GLU B 66 -30.17 34.92 -13.37
CA GLU B 66 -31.54 34.48 -13.18
C GLU B 66 -31.65 33.05 -12.67
N MET B 67 -30.55 32.29 -12.70
CA MET B 67 -30.54 30.90 -12.29
C MET B 67 -30.12 30.72 -10.84
N THR B 68 -29.91 31.81 -10.10
CA THR B 68 -29.51 31.71 -8.71
C THR B 68 -30.02 32.94 -7.96
N ASP B 69 -30.08 32.81 -6.64
CA ASP B 69 -30.48 33.89 -5.75
C ASP B 69 -29.26 34.77 -5.48
N LEU B 70 -29.12 35.84 -6.26
CA LEU B 70 -27.97 36.71 -6.13
C LEU B 70 -27.94 37.39 -4.77
N HIS B 71 -29.10 37.89 -4.31
CA HIS B 71 -29.14 38.60 -3.02
C HIS B 71 -28.80 37.70 -1.85
N ARG B 72 -28.99 36.39 -1.99
CA ARG B 72 -28.63 35.47 -0.91
C ARG B 72 -27.14 35.22 -0.84
N TYR B 73 -26.45 35.26 -1.99
CA TYR B 73 -25.04 34.91 -2.06
C TYR B 73 -24.10 36.09 -2.25
N LYS B 74 -24.61 37.22 -2.74
CA LYS B 74 -23.72 38.34 -3.07
C LYS B 74 -23.07 38.91 -1.81
N GLY B 75 -21.83 39.35 -1.96
CA GLY B 75 -21.19 40.17 -0.96
C GLY B 75 -21.55 41.62 -1.17
N ARG B 76 -21.74 42.34 -0.06
CA ARG B 76 -22.22 43.70 -0.11
C ARG B 76 -21.48 44.56 0.89
N CYS B 77 -21.23 45.81 0.49
CA CYS B 77 -20.64 46.82 1.37
C CYS B 77 -21.77 47.44 2.20
N TYR B 78 -21.74 47.19 3.51
CA TYR B 78 -22.79 47.64 4.40
C TYR B 78 -22.42 48.88 5.20
N ALA B 79 -21.24 49.45 4.97
CA ALA B 79 -20.83 50.64 5.71
C ALA B 79 -19.54 51.17 5.09
N ILE B 80 -19.39 52.49 5.15
CA ILE B 80 -18.19 53.17 4.68
C ILE B 80 -17.86 54.27 5.67
N ASP B 81 -16.81 54.08 6.46
CA ASP B 81 -16.31 55.07 7.40
C ASP B 81 -15.00 55.61 6.85
N GLY B 82 -14.99 56.88 6.47
CA GLY B 82 -13.82 57.43 5.82
C GLY B 82 -13.52 56.68 4.54
N ASN B 83 -12.30 56.20 4.41
CA ASN B 83 -11.89 55.39 3.26
C ASN B 83 -11.99 53.90 3.54
N THR B 84 -12.51 53.50 4.70
CA THR B 84 -12.61 52.10 5.08
C THR B 84 -14.02 51.60 4.82
N ALA B 85 -14.14 50.62 3.93
CA ALA B 85 -15.41 50.02 3.54
C ALA B 85 -15.52 48.65 4.19
N TYR B 86 -16.67 48.38 4.78
CA TYR B 86 -16.95 47.08 5.40
C TYR B 86 -17.86 46.28 4.48
N ILE B 87 -17.45 45.07 4.16
CA ILE B 87 -18.16 44.20 3.22
C ILE B 87 -18.49 42.90 3.92
N ALA B 88 -19.73 42.46 3.79
CA ALA B 88 -20.21 41.21 4.38
C ALA B 88 -20.36 40.16 3.30
N TYR B 89 -19.85 38.96 3.56
CA TYR B 89 -19.93 37.84 2.65
C TYR B 89 -20.69 36.70 3.31
N PRO B 90 -21.70 36.14 2.65
CA PRO B 90 -22.42 35.01 3.25
C PRO B 90 -21.50 33.83 3.52
N LEU B 91 -21.80 33.11 4.60
CA LEU B 91 -20.99 31.96 5.00
C LEU B 91 -20.92 30.92 3.89
N ASP B 92 -22.00 30.75 3.13
CA ASP B 92 -22.06 29.72 2.10
C ASP B 92 -21.11 29.97 0.94
N LEU B 93 -20.52 31.17 0.85
CA LEU B 93 -19.62 31.48 -0.24
C LEU B 93 -18.27 30.79 -0.09
N PHE B 94 -17.92 30.32 1.09
CA PHE B 94 -16.57 29.87 1.41
C PHE B 94 -16.53 28.37 1.66
N GLU B 95 -15.54 27.71 1.08
CA GLU B 95 -15.33 26.30 1.31
C GLU B 95 -14.88 26.07 2.76
N GLU B 96 -15.42 25.02 3.37
CA GLU B 96 -15.12 24.74 4.76
C GLU B 96 -13.66 24.35 4.94
N GLY B 97 -13.01 24.94 5.94
CA GLY B 97 -11.65 24.59 6.28
C GLY B 97 -10.64 24.84 5.17
N SER B 98 -10.77 25.96 4.47
CA SER B 98 -9.87 26.28 3.36
C SER B 98 -9.53 27.77 3.42
N ILE B 99 -8.34 28.08 3.93
CA ILE B 99 -7.83 29.45 3.84
C ILE B 99 -7.57 29.81 2.39
N VAL B 100 -7.24 28.84 1.55
CA VAL B 100 -6.97 29.10 0.14
C VAL B 100 -8.21 29.69 -0.53
N ASN B 101 -9.38 29.11 -0.26
CA ASN B 101 -10.61 29.63 -0.86
C ASN B 101 -10.90 31.04 -0.36
N VAL B 102 -10.70 31.28 0.94
CA VAL B 102 -10.92 32.61 1.49
C VAL B 102 -10.03 33.63 0.80
N MET B 103 -8.75 33.29 0.61
CA MET B 103 -7.85 34.21 -0.09
C MET B 103 -8.27 34.42 -1.53
N SER B 104 -8.62 33.33 -2.22
CA SER B 104 -9.02 33.45 -3.63
C SER B 104 -10.28 34.29 -3.78
N SER B 105 -11.13 34.32 -2.76
CA SER B 105 -12.32 35.15 -2.82
C SER B 105 -12.01 36.60 -2.45
N ILE B 106 -11.54 36.82 -1.22
CA ILE B 106 -11.38 38.17 -0.69
C ILE B 106 -10.27 38.90 -1.42
N VAL B 107 -9.11 38.26 -1.57
CA VAL B 107 -7.92 38.93 -2.11
C VAL B 107 -7.54 38.33 -3.46
N GLY B 108 -8.52 37.76 -4.16
CA GLY B 108 -8.25 37.11 -5.44
C GLY B 108 -7.88 38.05 -6.56
N ASN B 109 -8.83 38.88 -6.99
CA ASN B 109 -8.62 39.77 -8.13
C ASN B 109 -8.95 41.23 -7.86
N VAL B 110 -9.59 41.55 -6.73
CA VAL B 110 -10.05 42.92 -6.51
C VAL B 110 -8.90 43.89 -6.33
N PHE B 111 -7.69 43.42 -6.01
CA PHE B 111 -6.57 44.30 -5.78
C PHE B 111 -5.95 44.82 -7.06
N GLY B 112 -6.25 44.20 -8.19
CA GLY B 112 -5.72 44.62 -9.48
C GLY B 112 -6.68 45.42 -10.34
N PHE B 113 -7.80 45.87 -9.78
CA PHE B 113 -8.79 46.59 -10.57
C PHE B 113 -8.37 48.04 -10.79
N LYS B 114 -8.54 48.51 -12.03
CA LYS B 114 -8.22 49.89 -12.33
C LYS B 114 -9.13 50.85 -11.57
N ALA B 115 -10.36 50.43 -11.28
CA ALA B 115 -11.30 51.31 -10.57
C ALA B 115 -10.75 51.74 -9.23
N VAL B 116 -9.96 50.90 -8.57
CA VAL B 116 -9.36 51.21 -7.27
C VAL B 116 -7.88 51.46 -7.49
N ARG B 117 -7.44 52.67 -7.15
CA ARG B 117 -6.02 52.98 -7.22
C ARG B 117 -5.24 52.15 -6.22
N ALA B 118 -5.77 51.98 -5.01
CA ALA B 118 -5.11 51.16 -4.00
C ALA B 118 -6.18 50.46 -3.16
N LEU B 119 -5.81 49.28 -2.65
CA LEU B 119 -6.72 48.48 -1.86
C LEU B 119 -5.92 47.71 -0.82
N ARG B 120 -6.29 47.85 0.45
CA ARG B 120 -5.64 47.13 1.54
C ARG B 120 -6.69 46.44 2.40
N LEU B 121 -6.49 45.14 2.65
CA LEU B 121 -7.36 44.39 3.54
C LEU B 121 -6.84 44.54 4.96
N LEU B 122 -7.57 45.29 5.78
CA LEU B 122 -7.10 45.62 7.13
C LEU B 122 -7.45 44.52 8.12
N ASP B 123 -8.72 44.18 8.24
CA ASP B 123 -9.18 43.21 9.23
C ASP B 123 -10.27 42.34 8.62
N MET B 124 -10.42 41.15 9.20
CA MET B 124 -11.43 40.19 8.78
C MET B 124 -12.14 39.65 10.02
N ARG B 125 -13.46 39.51 9.92
CA ARG B 125 -14.27 38.90 10.96
C ARG B 125 -14.61 37.49 10.52
N ILE B 126 -13.88 36.51 11.03
CA ILE B 126 -14.15 35.11 10.74
C ILE B 126 -15.29 34.66 11.66
N PRO B 127 -16.42 34.22 11.12
CA PRO B 127 -17.52 33.78 11.97
C PRO B 127 -17.18 32.48 12.69
N THR B 128 -17.84 32.28 13.84
CA THR B 128 -17.62 31.06 14.60
C THR B 128 -17.97 29.82 13.79
N ALA B 129 -19.02 29.89 12.98
CA ALA B 129 -19.42 28.74 12.18
C ALA B 129 -18.31 28.33 11.21
N TYR B 130 -17.68 29.31 10.55
CA TYR B 130 -16.57 28.98 9.67
C TYR B 130 -15.33 28.57 10.44
N LEU B 131 -15.13 29.16 11.63
CA LEU B 131 -13.97 28.78 12.44
C LEU B 131 -14.04 27.32 12.87
N LYS B 132 -15.24 26.84 13.18
CA LYS B 132 -15.38 25.46 13.64
C LYS B 132 -14.95 24.46 12.58
N THR B 133 -14.86 24.88 11.32
CA THR B 133 -14.42 24.01 10.24
C THR B 133 -12.90 23.91 10.13
N PHE B 134 -12.16 24.63 10.98
CA PHE B 134 -10.71 24.61 10.96
C PHE B 134 -10.16 23.92 12.20
N PRO B 135 -8.97 23.32 12.11
CA PRO B 135 -8.45 22.53 13.22
C PRO B 135 -7.84 23.36 14.33
N GLY B 136 -7.19 24.47 13.97
CA GLY B 136 -6.48 25.28 14.91
C GLY B 136 -5.11 24.70 15.21
N PRO B 137 -4.33 25.37 16.05
CA PRO B 137 -3.00 24.88 16.38
C PRO B 137 -3.06 23.49 16.98
N PRO B 138 -2.09 22.61 16.66
CA PRO B 138 -2.14 21.24 17.19
C PRO B 138 -1.66 21.10 18.62
N THR B 139 -0.82 22.01 19.11
CA THR B 139 -0.23 21.88 20.43
C THR B 139 -0.76 22.91 21.42
N GLY B 140 -0.65 24.19 21.10
CA GLY B 140 -1.06 25.25 21.99
C GLY B 140 0.05 25.71 22.91
N ILE B 141 -0.19 26.87 23.53
CA ILE B 141 0.83 27.48 24.38
C ILE B 141 1.09 26.63 25.62
N ALA B 142 0.04 26.22 26.31
CA ALA B 142 0.21 25.47 27.55
C ALA B 142 0.88 24.13 27.30
N GLN B 143 0.46 23.41 26.26
CA GLN B 143 1.06 22.12 25.96
C GLN B 143 2.53 22.28 25.57
N GLU B 144 2.85 23.32 24.80
CA GLU B 144 4.24 23.57 24.43
C GLU B 144 5.08 23.87 25.66
N ARG B 145 4.56 24.69 26.58
CA ARG B 145 5.30 24.99 27.80
C ARG B 145 5.52 23.72 28.61
N ASP B 146 4.50 22.86 28.69
CA ASP B 146 4.65 21.60 29.41
C ASP B 146 5.71 20.72 28.75
N ARG B 147 5.73 20.67 27.42
CA ARG B 147 6.75 19.89 26.72
C ARG B 147 8.14 20.43 27.00
N LEU B 148 8.30 21.76 26.99
CA LEU B 148 9.58 22.39 27.29
C LEU B 148 9.81 22.61 28.78
N LYS B 149 8.77 22.48 29.61
CA LYS B 149 8.88 22.71 31.04
C LYS B 149 9.42 24.11 31.34
N VAL B 150 8.94 25.09 30.57
CA VAL B 150 9.30 26.49 30.74
C VAL B 150 8.01 27.26 31.06
N TYR B 151 7.99 27.93 32.19
CA TYR B 151 6.81 28.64 32.66
C TYR B 151 7.19 30.01 33.19
N HIS B 152 6.21 30.92 33.13
CA HIS B 152 6.37 32.27 33.73
C HIS B 152 7.61 32.97 33.18
N ARG B 153 7.84 32.83 31.88
CA ARG B 153 9.01 33.40 31.24
C ARG B 153 8.86 33.35 29.72
N PRO B 154 9.22 34.40 29.00
CA PRO B 154 9.30 34.28 27.54
C PRO B 154 10.30 33.22 27.14
N LEU B 155 9.97 32.48 26.09
CA LEU B 155 10.81 31.39 25.62
C LEU B 155 11.89 31.93 24.69
N LEU B 156 13.13 31.59 24.97
CA LEU B 156 14.26 32.11 24.22
C LEU B 156 14.56 31.24 23.00
N GLY B 157 15.08 31.87 21.97
CA GLY B 157 15.48 31.17 20.77
C GLY B 157 16.45 32.03 19.98
N GLY B 158 16.84 31.51 18.82
CA GLY B 158 17.78 32.23 17.97
C GLY B 158 18.04 31.54 16.65
N THR B 159 17.99 32.32 15.56
CA THR B 159 18.32 31.80 14.25
C THR B 159 19.83 31.63 14.13
N ILE B 160 20.25 30.47 13.64
CA ILE B 160 21.67 30.20 13.47
C ILE B 160 22.21 31.03 12.31
N LYS B 161 23.31 31.72 12.56
CA LYS B 161 23.94 32.57 11.56
C LYS B 161 25.37 32.12 11.30
N PRO B 162 25.92 32.41 10.10
CA PRO B 162 25.31 33.12 8.97
C PRO B 162 24.13 32.36 8.36
N LYS B 163 23.26 33.04 7.63
CA LYS B 163 22.05 32.41 7.13
C LYS B 163 22.40 31.18 6.29
N LEU B 164 23.43 31.29 5.45
CA LEU B 164 23.82 30.23 4.56
C LEU B 164 25.33 30.13 4.53
N GLY B 165 25.83 28.96 4.12
CA GLY B 165 27.25 28.71 3.99
C GLY B 165 27.84 27.84 5.08
N LEU B 166 27.12 27.61 6.18
CA LEU B 166 27.61 26.74 7.23
C LEU B 166 27.29 25.29 6.88
N GLY B 167 28.27 24.41 7.08
CA GLY B 167 28.06 23.00 6.92
C GLY B 167 27.31 22.41 8.09
N PRO B 168 26.84 21.17 7.92
CA PRO B 168 26.08 20.53 9.01
C PRO B 168 26.86 20.45 10.31
N LYS B 169 28.14 20.13 10.26
CA LYS B 169 28.92 20.00 11.49
C LYS B 169 29.06 21.34 12.20
N GLU B 170 29.45 22.38 11.45
CA GLU B 170 29.61 23.70 12.05
C GLU B 170 28.26 24.28 12.49
N PHE B 171 27.23 24.05 11.68
CA PHE B 171 25.88 24.49 12.05
C PHE B 171 25.45 23.86 13.36
N ALA B 172 25.66 22.55 13.51
CA ALA B 172 25.29 21.88 14.74
C ALA B 172 26.17 22.31 15.91
N ARG B 173 27.42 22.65 15.65
CA ARG B 173 28.28 23.17 16.71
C ARG B 173 27.73 24.48 17.24
N VAL B 174 27.33 25.38 16.34
CA VAL B 174 26.72 26.64 16.77
C VAL B 174 25.43 26.37 17.52
N VAL B 175 24.63 25.42 17.03
CA VAL B 175 23.37 25.08 17.70
C VAL B 175 23.64 24.61 19.12
N TYR B 176 24.63 23.73 19.28
CA TYR B 176 24.95 23.21 20.61
C TYR B 176 25.43 24.32 21.53
N GLU B 177 26.28 25.20 21.02
CA GLU B 177 26.77 26.31 21.85
C GLU B 177 25.61 27.18 22.32
N CYS B 178 24.69 27.50 21.40
CA CYS B 178 23.55 28.34 21.75
C CYS B 178 22.67 27.65 22.78
N LEU B 179 22.37 26.37 22.57
CA LEU B 179 21.46 25.66 23.46
C LEU B 179 22.06 25.50 24.85
N VAL B 180 23.34 25.13 24.92
CA VAL B 180 23.99 25.00 26.21
C VAL B 180 24.17 26.36 26.89
N GLY B 181 24.26 27.44 26.11
CA GLY B 181 24.41 28.75 26.68
C GLY B 181 23.18 29.27 27.39
N GLY B 182 22.00 28.79 27.03
CA GLY B 182 20.78 29.19 27.71
C GLY B 182 19.55 29.30 26.82
N LEU B 183 19.74 29.25 25.50
CA LEU B 183 18.60 29.31 24.60
C LEU B 183 17.75 28.05 24.74
N ASP B 184 16.44 28.23 24.79
CA ASP B 184 15.54 27.09 24.88
C ASP B 184 15.47 26.35 23.55
N THR B 185 15.52 27.06 22.44
CA THR B 185 15.41 26.46 21.13
C THR B 185 16.32 27.21 20.16
N THR B 186 16.50 26.61 18.99
CA THR B 186 17.19 27.23 17.87
C THR B 186 16.38 26.93 16.61
N ASP B 188 16.64 26.81 12.05
CA ASP B 188 17.22 27.07 10.75
C ASP B 188 16.62 28.35 10.17
N ASP B 189 17.41 29.05 9.39
CA ASP B 189 16.90 30.25 8.73
C ASP B 189 15.86 29.87 7.68
N GLU B 190 14.95 30.80 7.41
CA GLU B 190 13.85 30.53 6.49
C GLU B 190 14.34 30.10 5.12
N ASN B 191 15.51 30.58 4.70
CA ASN B 191 16.07 30.25 3.41
C ASN B 191 17.00 29.04 3.44
N LEU B 192 17.19 28.42 4.61
CA LEU B 192 18.03 27.23 4.75
C LEU B 192 17.13 26.01 4.76
N ASN B 193 16.98 25.37 3.60
CA ASN B 193 16.15 24.19 3.45
C ASN B 193 16.97 22.96 3.07
N SER B 194 17.58 22.98 1.88
CA SER B 194 18.51 21.93 1.47
C SER B 194 19.38 22.47 0.36
N GLN B 195 20.68 22.60 0.61
CA GLN B 195 21.61 23.23 -0.31
C GLN B 195 22.87 22.40 -0.38
N PRO B 196 23.68 22.58 -1.43
CA PRO B 196 24.92 21.81 -1.53
C PRO B 196 25.82 21.95 -0.31
N PHE B 197 25.90 23.15 0.27
CA PHE B 197 26.77 23.35 1.43
C PHE B 197 26.19 22.66 2.67
N CYS B 198 24.87 22.52 2.75
CA CYS B 198 24.24 21.89 3.91
C CYS B 198 22.96 21.21 3.43
N ARG B 199 23.05 19.90 3.18
CA ARG B 199 21.88 19.13 2.81
C ARG B 199 21.02 18.88 4.04
N TRP B 200 19.71 18.73 3.81
CA TRP B 200 18.77 18.71 4.92
C TRP B 200 18.95 17.47 5.80
N ARG B 201 19.25 16.31 5.20
CA ARG B 201 19.42 15.10 5.99
C ARG B 201 20.59 15.23 6.94
N ASP B 202 21.75 15.66 6.42
CA ASP B 202 22.93 15.82 7.26
C ASP B 202 22.70 16.88 8.32
N ARG B 203 22.07 17.99 7.96
CA ARG B 203 21.78 19.03 8.94
C ARG B 203 20.88 18.50 10.04
N TYR B 204 19.84 17.75 9.68
CA TYR B 204 18.94 17.20 10.68
C TYR B 204 19.70 16.28 11.64
N LEU B 205 20.51 15.39 11.09
CA LEU B 205 21.24 14.44 11.94
C LEU B 205 22.19 15.17 12.89
N TYR B 206 23.03 16.04 12.35
CA TYR B 206 24.00 16.75 13.18
C TYR B 206 23.30 17.62 14.22
N VAL B 207 22.25 18.32 13.81
CA VAL B 207 21.56 19.24 14.70
C VAL B 207 20.87 18.48 15.83
N MET B 208 20.27 17.34 15.52
CA MET B 208 19.62 16.57 16.58
C MET B 208 20.64 15.95 17.51
N ASP B 209 21.81 15.55 17.00
CA ASP B 209 22.87 15.12 17.91
C ASP B 209 23.27 16.25 18.85
N ALA B 210 23.41 17.46 18.31
CA ALA B 210 23.74 18.62 19.15
C ALA B 210 22.65 18.90 20.17
N VAL B 211 21.38 18.80 19.75
CA VAL B 211 20.27 19.08 20.64
C VAL B 211 20.23 18.07 21.78
N HIS B 212 20.43 16.78 21.46
CA HIS B 212 20.44 15.76 22.49
C HIS B 212 21.61 15.97 23.45
N ARG B 213 22.78 16.33 22.93
CA ARG B 213 23.92 16.59 23.81
C ARG B 213 23.62 17.76 24.74
N ALA B 214 23.02 18.83 24.21
CA ALA B 214 22.68 19.98 25.04
C ALA B 214 21.64 19.63 26.08
N GLU B 215 20.64 18.83 25.71
CA GLU B 215 19.64 18.39 26.67
C GLU B 215 20.29 17.59 27.80
N GLU B 216 21.20 16.68 27.45
CA GLU B 216 21.87 15.89 28.46
C GLU B 216 22.72 16.75 29.38
N GLU B 217 23.46 17.70 28.81
CA GLU B 217 24.38 18.50 29.62
C GLU B 217 23.62 19.47 30.51
N THR B 218 22.67 20.21 29.95
CA THR B 218 21.94 21.21 30.72
C THR B 218 20.88 20.59 31.61
N GLY B 219 20.27 19.49 31.17
CA GLY B 219 19.16 18.90 31.89
C GLY B 219 17.82 19.52 31.59
N GLU B 220 17.76 20.52 30.72
CA GLU B 220 16.52 21.17 30.34
C GLU B 220 16.11 20.75 28.94
N ALA B 221 14.80 20.79 28.68
CA ALA B 221 14.30 20.46 27.36
C ALA B 221 14.83 21.45 26.33
N LYS B 222 15.35 20.93 25.23
CA LYS B 222 15.90 21.74 24.15
C LYS B 222 15.35 21.24 22.82
N GLY B 223 15.30 22.14 21.85
CA GLY B 223 14.82 21.79 20.53
C GLY B 223 15.42 22.68 19.48
N HIS B 224 15.32 22.22 18.24
CA HIS B 224 15.73 23.01 17.08
C HIS B 224 14.60 22.98 16.06
N TRP B 225 14.21 24.16 15.57
CA TRP B 225 13.12 24.27 14.61
C TRP B 225 13.67 23.93 13.23
N LEU B 226 13.78 22.63 12.96
CA LEU B 226 14.26 22.17 11.68
C LEU B 226 13.32 22.62 10.58
N ASN B 227 13.90 23.17 9.50
CA ASN B 227 13.13 23.73 8.41
C ASN B 227 12.82 22.62 7.41
N VAL B 228 11.53 22.29 7.28
CA VAL B 228 11.09 21.29 6.33
C VAL B 228 10.56 21.90 5.05
N THR B 229 10.66 23.22 4.91
CA THR B 229 10.19 23.88 3.69
C THR B 229 10.90 23.30 2.48
N ALA B 230 10.13 22.97 1.44
CA ALA B 230 10.68 22.35 0.25
C ALA B 230 9.82 22.74 -0.94
N GLY B 231 10.30 22.41 -2.14
CA GLY B 231 9.61 22.76 -3.36
C GLY B 231 8.36 21.97 -3.66
N ASP B 232 8.13 20.88 -2.93
CA ASP B 232 6.93 20.08 -3.10
C ASP B 232 6.43 19.61 -1.75
N THR B 233 5.12 19.36 -1.67
CA THR B 233 4.52 18.93 -0.42
C THR B 233 5.07 17.59 0.04
N GLU B 234 5.29 16.66 -0.90
CA GLU B 234 5.79 15.35 -0.53
C GLU B 234 7.18 15.44 0.10
N GLU B 235 8.04 16.30 -0.45
CA GLU B 235 9.37 16.49 0.14
C GLU B 235 9.26 17.08 1.54
N MET B 236 8.35 18.03 1.75
CA MET B 236 8.16 18.59 3.09
C MET B 236 7.69 17.52 4.07
N LEU B 237 6.77 16.66 3.63
CA LEU B 237 6.30 15.59 4.50
C LEU B 237 7.42 14.61 4.82
N ARG B 238 8.24 14.27 3.83
CA ARG B 238 9.36 13.38 4.05
C ARG B 238 10.35 13.98 5.04
N ARG B 239 10.61 15.29 4.93
CA ARG B 239 11.53 15.95 5.84
C ARG B 239 10.97 16.01 7.24
N ALA B 240 9.66 16.26 7.37
CA ALA B 240 9.04 16.24 8.70
C ALA B 240 9.10 14.85 9.32
N GLU B 241 8.87 13.82 8.51
CA GLU B 241 8.96 12.45 9.01
C GLU B 241 10.37 12.12 9.48
N PHE B 242 11.37 12.56 8.72
CA PHE B 242 12.75 12.36 9.15
C PHE B 242 13.05 13.13 10.44
N ALA B 243 12.58 14.37 10.52
CA ALA B 243 12.76 15.16 11.74
C ALA B 243 12.20 14.43 12.95
N LYS B 244 11.01 13.84 12.80
CA LYS B 244 10.48 13.01 13.87
C LYS B 244 11.36 11.80 14.13
N GLU B 245 11.87 11.18 13.06
CA GLU B 245 12.72 10.01 13.20
C GLU B 245 13.99 10.33 13.99
N VAL B 246 14.62 11.48 13.71
CA VAL B 246 15.86 11.84 14.40
C VAL B 246 15.60 12.40 15.79
N GLY B 247 14.36 12.43 16.25
CA GLY B 247 14.05 12.81 17.61
C GLY B 247 13.67 14.26 17.82
N SER B 248 13.45 15.02 16.75
CA SER B 248 13.07 16.42 16.89
C SER B 248 11.62 16.53 17.33
N ARG B 249 11.39 17.42 18.29
CA ARG B 249 10.04 17.78 18.71
C ARG B 249 9.53 19.02 18.00
N TYR B 250 10.34 19.61 17.12
CA TYR B 250 9.98 20.84 16.43
C TYR B 250 10.28 20.73 14.95
N ILE B 251 9.44 21.39 14.15
CA ILE B 251 9.73 21.66 12.74
C ILE B 251 9.26 23.08 12.46
N MET B 252 9.82 23.65 11.39
CA MET B 252 9.42 24.98 10.94
C MET B 252 9.19 24.96 9.43
N VAL B 253 8.29 25.83 8.99
CA VAL B 253 7.91 25.90 7.58
C VAL B 253 7.60 27.36 7.25
N ASP B 254 7.95 27.76 6.04
CA ASP B 254 7.59 29.07 5.51
C ASP B 254 6.22 28.92 4.84
N PHE B 255 5.16 29.14 5.62
CA PHE B 255 3.82 28.79 5.17
C PHE B 255 3.38 29.65 3.99
N LEU B 256 3.79 30.92 3.97
CA LEU B 256 3.39 31.79 2.86
C LEU B 256 4.06 31.37 1.57
N THR B 257 5.38 31.18 1.60
CA THR B 257 6.09 30.76 0.40
C THR B 257 5.73 29.33 0.00
N ALA B 258 5.73 28.43 0.98
CA ALA B 258 5.32 27.05 0.70
C ALA B 258 3.85 26.99 0.30
N GLY B 259 3.00 27.73 0.99
CA GLY B 259 1.58 27.75 0.67
C GLY B 259 0.70 27.25 1.80
N PHE B 260 -0.55 27.70 1.80
CA PHE B 260 -1.49 27.30 2.85
C PHE B 260 -2.00 25.88 2.65
N SER B 261 -2.10 25.41 1.40
CA SER B 261 -2.51 24.02 1.16
C SER B 261 -1.42 23.05 1.61
N ALA B 262 -0.19 23.30 1.17
CA ALA B 262 0.93 22.48 1.62
C ALA B 262 1.10 22.61 3.13
N TYR B 263 0.87 23.79 3.67
CA TYR B 263 0.95 23.97 5.12
C TYR B 263 -0.11 23.16 5.84
N ALA B 264 -1.33 23.11 5.30
CA ALA B 264 -2.37 22.32 5.93
C ALA B 264 -2.02 20.83 5.92
N THR B 265 -1.50 20.36 4.79
CA THR B 265 -1.06 18.97 4.72
C THR B 265 0.04 18.69 5.74
N LEU B 266 1.01 19.60 5.82
CA LEU B 266 2.12 19.43 6.77
C LEU B 266 1.63 19.48 8.21
N ARG B 267 0.66 20.35 8.50
CA ARG B 267 0.11 20.44 9.84
C ARG B 267 -0.60 19.15 10.24
N ARG B 268 -1.39 18.59 9.33
CA ARG B 268 -2.02 17.31 9.61
C ARG B 268 -0.96 16.25 9.89
N ARG B 269 0.06 16.17 9.04
CA ARG B 269 1.09 15.15 9.22
C ARG B 269 1.85 15.36 10.52
N ALA B 270 2.13 16.61 10.88
CA ALA B 270 2.89 16.90 12.09
C ALA B 270 2.07 16.60 13.35
N GLU B 271 0.78 16.92 13.32
CA GLU B 271 -0.08 16.52 14.43
C GLU B 271 -0.11 15.01 14.57
N GLU B 272 -0.15 14.30 13.44
CA GLU B 272 -0.03 12.84 13.50
C GLU B 272 1.29 12.42 14.12
N LEU B 273 2.37 13.11 13.75
CA LEU B 273 3.71 12.78 14.22
C LEU B 273 4.03 13.35 15.59
N GLY B 274 3.18 14.22 16.13
CA GLY B 274 3.46 14.82 17.42
C GLY B 274 4.49 15.93 17.36
N LEU B 275 4.63 16.60 16.22
CA LEU B 275 5.62 17.65 16.04
C LEU B 275 4.98 19.01 16.21
N MET B 276 5.68 19.91 16.89
CA MET B 276 5.28 21.31 16.95
C MET B 276 5.80 22.06 15.74
N ILE B 277 4.95 22.90 15.15
CA ILE B 277 5.25 23.58 13.89
C ILE B 277 5.50 25.05 14.19
N HIS B 278 6.69 25.52 13.84
CA HIS B 278 6.98 26.95 13.83
C HIS B 278 6.65 27.52 12.46
N CYS B 279 5.94 28.63 12.44
CA CYS B 279 5.47 29.25 11.20
C CYS B 279 6.29 30.51 10.95
N HIS B 280 7.06 30.50 9.87
CA HIS B 280 7.82 31.66 9.43
C HIS B 280 7.04 32.38 8.35
N ARG B 281 6.95 33.70 8.48
CA ARG B 281 6.12 34.54 7.60
C ARG B 281 6.94 35.17 6.49
N ALA B 282 7.93 34.46 5.97
CA ALA B 282 8.73 34.97 4.87
C ALA B 282 7.82 35.32 3.69
N MET B 283 8.11 36.46 3.06
CA MET B 283 7.39 37.02 1.92
C MET B 283 6.14 37.79 2.34
N HIS B 284 5.84 37.89 3.64
CA HIS B 284 4.68 38.66 4.05
C HIS B 284 4.86 40.15 3.77
N ALA B 285 6.07 40.67 3.96
CA ALA B 285 6.30 42.10 3.84
C ALA B 285 6.09 42.61 2.42
N VAL B 286 6.07 41.72 1.42
CA VAL B 286 5.78 42.15 0.06
C VAL B 286 4.35 42.65 -0.07
N PHE B 287 3.45 42.26 0.85
CA PHE B 287 2.07 42.73 0.80
C PHE B 287 1.51 43.16 2.15
N THR B 288 2.28 43.08 3.24
CA THR B 288 1.82 43.55 4.54
C THR B 288 2.44 44.88 4.95
N ARG B 289 3.49 45.34 4.29
CA ARG B 289 4.17 46.55 4.71
C ARG B 289 3.45 47.81 4.24
N PRO B 290 3.07 47.91 2.97
CA PRO B 290 2.47 49.16 2.49
C PRO B 290 1.20 49.51 3.26
N LYS B 291 1.05 50.79 3.58
CA LYS B 291 -0.10 51.27 4.32
C LYS B 291 -1.32 51.50 3.45
N ASP B 292 -1.16 51.51 2.12
CA ASP B 292 -2.24 51.77 1.20
C ASP B 292 -2.65 50.58 0.36
N HIS B 293 -1.83 49.53 0.29
CA HIS B 293 -2.11 48.39 -0.56
C HIS B 293 -1.61 47.12 0.10
N GLY B 294 -2.36 46.03 -0.08
CA GLY B 294 -1.96 44.72 0.36
C GLY B 294 -2.89 44.15 1.40
N ILE B 295 -2.33 43.33 2.29
CA ILE B 295 -3.08 42.68 3.36
C ILE B 295 -2.34 42.96 4.67
N HIS B 296 -3.05 43.50 5.65
CA HIS B 296 -2.45 43.68 6.96
C HIS B 296 -2.16 42.33 7.58
N PHE B 297 -1.04 42.25 8.30
CA PHE B 297 -0.60 40.96 8.84
C PHE B 297 -1.52 40.41 9.91
N ARG B 298 -2.42 41.22 10.49
CA ARG B 298 -3.37 40.66 11.45
C ARG B 298 -4.28 39.64 10.77
N VAL B 299 -4.67 39.91 9.52
CA VAL B 299 -5.48 38.96 8.78
C VAL B 299 -4.70 37.67 8.53
N VAL B 300 -3.42 37.80 8.17
CA VAL B 300 -2.60 36.61 7.94
C VAL B 300 -2.43 35.83 9.24
N ALA B 301 -2.31 36.55 10.37
CA ALA B 301 -2.23 35.88 11.66
C ALA B 301 -3.50 35.10 11.97
N LYS B 302 -4.66 35.70 11.69
CA LYS B 302 -5.92 34.97 11.86
C LYS B 302 -5.94 33.73 10.97
N TRP B 303 -5.52 33.87 9.72
CA TRP B 303 -5.52 32.72 8.81
C TRP B 303 -4.59 31.63 9.32
N LEU B 304 -3.42 32.00 9.82
CA LEU B 304 -2.46 31.02 10.32
C LEU B 304 -2.99 30.33 11.57
N ARG B 305 -3.62 31.08 12.48
CA ARG B 305 -4.22 30.46 13.66
C ARG B 305 -5.30 29.47 13.26
N MET B 306 -6.12 29.83 12.27
CA MET B 306 -7.11 28.89 11.76
C MET B 306 -6.43 27.66 11.16
N ALA B 307 -5.35 27.86 10.42
CA ALA B 307 -4.68 26.75 9.75
C ALA B 307 -3.89 25.89 10.72
N GLY B 308 -3.60 26.39 11.91
CA GLY B 308 -3.00 25.58 12.95
C GLY B 308 -1.49 25.66 13.10
N GLY B 309 -0.98 26.87 13.32
CA GLY B 309 0.41 27.05 13.69
C GLY B 309 0.59 27.11 15.20
N ASP B 310 1.71 26.56 15.68
CA ASP B 310 2.03 26.59 17.09
C ASP B 310 2.75 27.88 17.48
N HIS B 311 3.57 28.42 16.59
CA HIS B 311 4.14 29.75 16.76
C HIS B 311 4.16 30.44 15.41
N VAL B 312 4.09 31.77 15.46
CA VAL B 312 4.17 32.59 14.25
C VAL B 312 4.87 33.90 14.58
N HIS B 313 5.69 34.37 13.64
CA HIS B 313 6.34 35.66 13.82
C HIS B 313 5.32 36.77 13.75
N THR B 314 5.48 37.77 14.63
CA THR B 314 4.55 38.87 14.73
C THR B 314 5.20 40.24 14.67
N GLY B 315 6.50 40.35 14.91
CA GLY B 315 7.17 41.63 14.85
C GLY B 315 7.96 41.95 16.10
N THR B 316 8.90 42.89 15.98
CA THR B 316 9.70 43.35 17.10
C THR B 316 9.45 44.81 17.47
N VAL B 317 8.94 45.62 16.54
CA VAL B 317 8.70 47.04 16.77
C VAL B 317 10.04 47.76 16.91
N VAL B 318 10.85 47.34 17.88
CA VAL B 318 12.14 47.98 18.13
C VAL B 318 13.29 47.35 17.36
N GLY B 319 13.01 46.36 16.53
CA GLY B 319 14.03 45.64 15.79
C GLY B 319 14.32 46.23 14.43
N LYS B 320 14.98 45.44 13.59
CA LYS B 320 15.40 45.88 12.27
C LYS B 320 14.28 45.82 11.24
N LEU B 321 13.15 45.19 11.56
CA LEU B 321 12.04 45.06 10.63
C LEU B 321 10.86 45.89 11.10
N GLU B 322 10.15 46.49 10.14
CA GLU B 322 9.08 47.42 10.46
C GLU B 322 7.96 46.72 11.22
N GLY B 323 7.40 47.43 12.20
CA GLY B 323 6.29 46.92 12.99
C GLY B 323 5.76 47.94 13.96
N ALA B 324 4.44 48.09 14.01
CA ALA B 324 3.80 49.06 14.90
C ALA B 324 3.48 48.39 16.23
N ARG B 325 3.69 49.13 17.32
CA ARG B 325 3.52 48.58 18.66
C ARG B 325 2.08 48.15 18.91
N GLU B 326 1.12 49.04 18.66
CA GLU B 326 -0.28 48.72 18.94
C GLU B 326 -0.79 47.63 18.01
N GLU B 327 -0.40 47.67 16.74
CA GLU B 327 -0.79 46.61 15.82
C GLU B 327 -0.22 45.27 16.26
N VAL B 328 1.02 45.26 16.74
CA VAL B 328 1.62 44.02 17.21
C VAL B 328 0.90 43.51 18.46
N ARG B 329 0.51 44.43 19.35
CA ARG B 329 -0.27 44.02 20.53
C ARG B 329 -1.58 43.39 20.11
N GLY B 330 -2.28 44.00 19.14
CA GLY B 330 -3.51 43.43 18.65
C GLY B 330 -3.32 42.07 18.03
N ILE B 331 -2.25 41.90 17.26
CA ILE B 331 -1.96 40.61 16.65
C ILE B 331 -1.67 39.56 17.71
N ALA B 332 -0.92 39.94 18.74
CA ALA B 332 -0.64 39.01 19.83
C ALA B 332 -1.92 38.59 20.54
N ASP B 333 -2.83 39.55 20.78
CA ASP B 333 -4.12 39.20 21.37
C ASP B 333 -4.90 38.28 20.47
N LEU B 334 -4.89 38.53 19.17
CA LEU B 334 -5.57 37.65 18.22
C LEU B 334 -5.03 36.23 18.30
N LEU B 335 -3.70 36.10 18.39
CA LEU B 335 -3.07 34.79 18.41
C LEU B 335 -3.22 34.08 19.75
N ARG B 336 -3.39 34.81 20.85
CA ARG B 336 -3.33 34.23 22.18
C ARG B 336 -4.66 34.18 22.92
N GLU B 337 -5.63 35.00 22.54
CA GLU B 337 -6.88 35.12 23.28
C GLU B 337 -7.99 34.32 22.63
N GLU B 338 -8.95 33.89 23.45
CA GLU B 338 -10.13 33.19 22.94
C GLU B 338 -11.18 34.13 22.39
N PHE B 339 -11.10 35.42 22.69
CA PHE B 339 -12.02 36.41 22.13
C PHE B 339 -11.34 37.77 22.17
N VAL B 340 -11.24 38.42 21.01
CA VAL B 340 -10.56 39.70 20.91
C VAL B 340 -11.59 40.78 20.53
N PRO B 341 -11.97 41.66 21.46
CA PRO B 341 -12.89 42.74 21.10
C PRO B 341 -12.23 43.74 20.17
N ALA B 342 -13.08 44.44 19.42
CA ALA B 342 -12.60 45.46 18.49
C ALA B 342 -11.84 46.54 19.25
N ASN B 343 -10.74 46.99 18.66
CA ASN B 343 -9.88 48.01 19.27
C ASN B 343 -9.37 48.93 18.15
N PRO B 344 -10.02 50.07 17.92
CA PRO B 344 -9.57 50.94 16.83
C PRO B 344 -8.13 51.43 17.01
N GLN B 345 -7.68 51.60 18.24
CA GLN B 345 -6.31 52.04 18.47
C GLN B 345 -5.31 51.01 17.94
N ARG B 346 -5.62 49.72 18.13
CA ARG B 346 -4.76 48.64 17.67
C ARG B 346 -5.11 48.16 16.27
N GLY B 347 -6.07 48.81 15.61
CA GLY B 347 -6.45 48.42 14.26
C GLY B 347 -7.43 47.28 14.16
N LEU B 348 -7.93 46.78 15.28
CA LEU B 348 -8.89 45.68 15.28
C LEU B 348 -10.29 46.26 15.12
N LEU B 349 -10.87 46.09 13.94
CA LEU B 349 -12.15 46.68 13.60
C LEU B 349 -13.33 45.74 13.83
N PHE B 350 -13.07 44.51 14.28
CA PHE B 350 -14.13 43.54 14.49
C PHE B 350 -13.89 42.81 15.80
N ASP B 351 -14.98 42.40 16.44
CA ASP B 351 -14.91 41.47 17.55
C ASP B 351 -14.68 40.07 16.97
N GLN B 352 -13.59 39.44 17.38
CA GLN B 352 -13.16 38.18 16.78
C GLN B 352 -13.23 37.04 17.78
N PRO B 353 -14.27 36.21 17.74
CA PRO B 353 -14.24 34.96 18.52
C PRO B 353 -13.32 33.94 17.86
N TRP B 354 -12.91 32.95 18.65
CA TRP B 354 -12.02 31.90 18.16
C TRP B 354 -12.57 30.50 18.32
N ALA B 355 -13.80 30.35 18.84
CA ALA B 355 -14.52 29.09 18.80
C ALA B 355 -13.70 27.94 19.38
N GLY B 356 -12.94 28.24 20.43
CA GLY B 356 -12.15 27.24 21.10
C GLY B 356 -10.86 26.87 20.42
N LEU B 357 -10.52 27.51 19.30
CA LEU B 357 -9.26 27.23 18.63
C LEU B 357 -8.11 27.59 19.57
N LYS B 358 -7.10 26.72 19.58
CA LYS B 358 -6.00 26.88 20.52
C LYS B 358 -5.21 28.15 20.22
N PRO B 359 -4.65 28.78 21.25
CA PRO B 359 -3.74 29.90 21.01
C PRO B 359 -2.36 29.42 20.60
N LEU B 360 -1.61 30.31 19.97
CA LEU B 360 -0.26 30.03 19.51
C LEU B 360 0.69 31.13 19.98
N PHE B 361 1.98 30.85 19.82
CA PHE B 361 3.02 31.70 20.38
C PHE B 361 3.40 32.81 19.40
N PRO B 362 3.23 34.08 19.76
CA PRO B 362 3.89 35.13 18.98
C PRO B 362 5.41 35.00 19.11
N VAL B 363 6.11 35.30 18.03
CA VAL B 363 7.56 35.21 17.98
C VAL B 363 8.11 36.57 17.59
N ALA B 364 9.01 37.09 18.42
CA ALA B 364 9.69 38.35 18.15
C ALA B 364 11.11 38.04 17.68
N SER B 365 11.42 38.45 16.46
CA SER B 365 12.72 38.17 15.88
C SER B 365 13.12 39.33 14.97
N GLY B 366 14.42 39.56 14.86
CA GLY B 366 14.95 40.53 13.93
C GLY B 366 15.59 41.74 14.58
N GLY B 367 16.91 41.75 14.65
CA GLY B 367 17.63 42.90 15.17
C GLY B 367 17.27 43.27 16.59
N ILE B 368 17.12 42.28 17.47
CA ILE B 368 16.80 42.51 18.87
C ILE B 368 17.94 41.98 19.71
N HIS B 369 18.41 42.79 20.65
CA HIS B 369 19.44 42.38 21.60
C HIS B 369 18.93 42.62 23.01
N VAL B 370 19.81 42.51 24.00
CA VAL B 370 19.39 42.54 25.40
C VAL B 370 18.63 43.83 25.71
N TRP B 371 19.09 44.96 25.19
CA TRP B 371 18.47 46.23 25.52
C TRP B 371 17.01 46.29 25.10
N HIS B 372 16.61 45.49 24.10
CA HIS B 372 15.23 45.46 23.63
C HIS B 372 14.35 44.52 24.44
N VAL B 373 14.92 43.77 25.38
CA VAL B 373 14.12 42.79 26.12
C VAL B 373 13.00 43.46 26.89
N PRO B 374 13.20 44.56 27.63
CA PRO B 374 12.09 45.20 28.34
C PRO B 374 10.92 45.51 27.42
N ASP B 375 11.16 46.29 26.38
CA ASP B 375 10.11 46.66 25.44
C ASP B 375 9.35 45.42 24.97
N LEU B 376 10.09 44.40 24.53
CA LEU B 376 9.45 43.17 24.07
C LEU B 376 8.51 42.61 25.14
N VAL B 377 9.01 42.50 26.37
CA VAL B 377 8.18 41.97 27.44
C VAL B 377 6.98 42.86 27.67
N SER B 378 7.16 44.18 27.52
CA SER B 378 6.02 45.09 27.60
C SER B 378 5.02 44.80 26.48
N ILE B 379 5.51 44.56 25.27
CA ILE B 379 4.62 44.33 24.14
C ILE B 379 3.94 42.98 24.26
N TYR B 380 4.69 41.95 24.61
CA TYR B 380 4.22 40.57 24.54
C TYR B 380 3.96 39.94 25.90
N GLY B 381 4.65 40.38 26.95
CA GLY B 381 4.54 39.72 28.24
C GLY B 381 5.39 38.46 28.30
N ASN B 382 4.83 37.39 28.85
CA ASN B 382 5.56 36.14 29.01
C ASN B 382 5.25 35.12 27.92
N ASP B 383 4.03 35.11 27.38
CA ASP B 383 3.62 34.09 26.41
C ASP B 383 4.08 34.54 25.02
N ALA B 384 5.39 34.39 24.79
CA ALA B 384 5.97 34.76 23.51
C ALA B 384 7.35 34.13 23.38
N PHE B 385 7.83 34.09 22.15
CA PHE B 385 9.17 33.63 21.83
C PHE B 385 10.02 34.83 21.41
N PHE B 386 11.18 34.97 22.04
CA PHE B 386 12.15 36.01 21.70
C PHE B 386 13.33 35.35 21.00
N LEU B 387 13.54 35.71 19.74
CA LEU B 387 14.58 35.12 18.91
C LEU B 387 15.74 36.09 18.77
N PHE B 388 16.93 35.64 19.18
CA PHE B 388 18.17 36.43 19.09
C PHE B 388 19.14 35.68 18.19
N GLY B 389 19.13 36.01 16.90
CA GLY B 389 20.09 35.44 15.98
C GLY B 389 21.44 36.13 16.06
N GLY B 390 21.50 37.39 15.63
CA GLY B 390 22.74 38.13 15.70
C GLY B 390 23.10 38.53 17.12
N GLY B 391 22.09 38.67 17.99
CA GLY B 391 22.34 38.98 19.38
C GLY B 391 23.01 37.85 20.15
N THR B 392 22.90 36.63 19.65
CA THR B 392 23.53 35.47 20.28
C THR B 392 24.93 35.24 19.72
N HIS B 393 25.05 35.07 18.40
CA HIS B 393 26.32 34.77 17.78
C HIS B 393 27.22 35.98 17.67
N GLY B 394 26.67 37.19 17.72
CA GLY B 394 27.46 38.39 17.67
C GLY B 394 28.09 38.80 18.98
N HIS B 395 27.87 38.02 20.03
CA HIS B 395 28.50 38.30 21.31
C HIS B 395 30.03 38.19 21.16
N PRO B 396 30.80 39.04 21.82
CA PRO B 396 32.26 38.97 21.66
C PRO B 396 32.85 37.62 22.01
N ARG B 397 32.32 36.95 23.02
CA ARG B 397 32.88 35.69 23.50
C ARG B 397 32.24 34.46 22.86
N GLY B 398 31.32 34.64 21.93
CA GLY B 398 30.77 33.54 21.17
C GLY B 398 29.28 33.36 21.42
N SER B 399 28.73 32.36 20.73
CA SER B 399 27.29 32.11 20.79
C SER B 399 26.85 31.66 22.19
N ARG B 400 27.67 30.87 22.87
CA ARG B 400 27.32 30.44 24.22
C ARG B 400 27.16 31.62 25.16
N ALA B 401 28.13 32.55 25.12
CA ALA B 401 28.05 33.73 25.97
C ALA B 401 26.86 34.60 25.61
N GLY B 402 26.58 34.76 24.32
CA GLY B 402 25.42 35.53 23.91
C GLY B 402 24.12 34.92 24.37
N ALA B 403 24.00 33.59 24.26
CA ALA B 403 22.81 32.90 24.74
C ALA B 403 22.66 33.07 26.24
N ARG B 404 23.77 32.96 26.99
CA ARG B 404 23.70 33.17 28.43
C ARG B 404 23.24 34.58 28.76
N ALA B 405 23.79 35.58 28.04
CA ALA B 405 23.39 36.96 28.28
C ALA B 405 21.92 37.18 27.99
N ASN B 406 21.44 36.64 26.86
CA ASN B 406 20.04 36.82 26.50
C ASN B 406 19.13 36.13 27.51
N ARG B 407 19.51 34.93 27.96
CA ARG B 407 18.73 34.24 28.97
C ARG B 407 18.67 35.04 30.26
N ALA B 408 19.82 35.59 30.69
CA ALA B 408 19.84 36.38 31.91
C ALA B 408 18.96 37.61 31.79
N ALA B 409 19.05 38.32 30.66
CA ALA B 409 18.24 39.51 30.47
C ALA B 409 16.76 39.17 30.46
N VAL B 410 16.38 38.10 29.75
CA VAL B 410 14.98 37.72 29.68
C VAL B 410 14.47 37.32 31.05
N GLU B 411 15.25 36.54 31.79
CA GLU B 411 14.82 36.12 33.12
C GLU B 411 14.65 37.32 34.05
N ALA B 412 15.61 38.25 34.03
CA ALA B 412 15.53 39.41 34.90
C ALA B 412 14.32 40.27 34.56
N VAL B 413 14.08 40.52 33.27
CA VAL B 413 12.96 41.36 32.88
C VAL B 413 11.64 40.68 33.18
N ALA B 414 11.57 39.36 32.98
CA ALA B 414 10.35 38.63 33.30
C ALA B 414 10.07 38.66 34.80
N ALA B 415 11.12 38.51 35.61
CA ALA B 415 10.95 38.59 37.07
C ALA B 415 10.44 39.97 37.47
N ALA B 416 11.01 41.03 36.88
CA ALA B 416 10.53 42.38 37.19
C ALA B 416 9.08 42.56 36.77
N TYR B 417 8.73 42.06 35.58
CA TYR B 417 7.35 42.18 35.10
C TYR B 417 6.38 41.44 36.01
N ARG B 418 6.75 40.24 36.46
CA ARG B 418 5.90 39.49 37.39
C ARG B 418 5.73 40.24 38.70
N GLU B 419 6.73 41.03 39.09
CA GLU B 419 6.68 41.80 40.33
C GLU B 419 5.88 43.09 40.20
N GLY B 420 5.41 43.42 39.01
CA GLY B 420 4.63 44.63 38.79
C GLY B 420 5.45 45.88 38.52
N ARG B 421 6.77 45.76 38.40
CA ARG B 421 7.60 46.91 38.11
C ARG B 421 7.34 47.44 36.70
N ASP B 422 7.51 48.75 36.54
CA ASP B 422 7.37 49.39 35.23
C ASP B 422 8.63 49.09 34.43
N ILE B 423 8.60 47.96 33.72
CA ILE B 423 9.79 47.51 33.00
C ILE B 423 10.18 48.50 31.92
N LEU B 424 9.22 49.22 31.36
CA LEU B 424 9.56 50.19 30.31
C LEU B 424 10.45 51.30 30.86
N ALA B 425 10.18 51.76 32.08
CA ALA B 425 10.95 52.84 32.68
C ALA B 425 12.20 52.33 33.41
N GLU B 426 12.14 51.15 34.00
CA GLU B 426 13.25 50.60 34.78
C GLU B 426 14.01 49.51 34.04
N GLY B 427 13.87 49.45 32.71
CA GLY B 427 14.51 48.38 31.97
C GLY B 427 16.02 48.45 32.00
N ARG B 428 16.58 49.65 31.83
CA ARG B 428 18.03 49.79 31.88
C ARG B 428 18.57 49.41 33.25
N GLN B 429 17.88 49.84 34.32
CA GLN B 429 18.32 49.47 35.66
C GLN B 429 18.24 47.97 35.88
N ILE B 430 17.16 47.34 35.40
CA ILE B 430 17.00 45.90 35.55
C ILE B 430 18.13 45.18 34.82
N LEU B 431 18.43 45.60 33.60
CA LEU B 431 19.50 44.97 32.83
C LEU B 431 20.85 45.17 33.50
N GLN B 432 21.10 46.36 34.03
CA GLN B 432 22.36 46.61 34.73
C GLN B 432 22.49 45.73 35.97
N ASP B 433 21.41 45.62 36.75
CA ASP B 433 21.45 44.77 37.93
C ASP B 433 21.68 43.32 37.57
N ALA B 434 21.05 42.84 36.48
CA ALA B 434 21.31 41.49 36.02
C ALA B 434 22.77 41.33 35.59
N ALA B 435 23.31 42.33 34.88
CA ALA B 435 24.68 42.27 34.41
C ALA B 435 25.69 42.32 35.55
N ARG B 436 25.31 42.86 36.71
CA ARG B 436 26.22 42.88 37.85
C ARG B 436 26.71 41.47 38.19
N THR B 437 25.89 40.45 37.92
CA THR B 437 26.24 39.06 38.18
C THR B 437 26.40 38.25 36.91
N CYS B 438 26.21 38.85 35.74
CA CYS B 438 26.33 38.15 34.45
C CYS B 438 27.28 38.93 33.56
N PRO B 439 28.58 38.58 33.58
CA PRO B 439 29.53 39.31 32.72
C PRO B 439 29.17 39.24 31.25
N GLU B 440 28.59 38.13 30.79
CA GLU B 440 28.15 38.04 29.41
C GLU B 440 27.10 39.09 29.10
N LEU B 441 26.15 39.30 30.02
CA LEU B 441 25.14 40.32 29.82
C LEU B 441 25.77 41.71 29.78
N ARG B 442 26.76 41.95 30.64
CA ARG B 442 27.45 43.24 30.63
C ARG B 442 28.13 43.48 29.29
N GLU B 443 28.82 42.46 28.77
CA GLU B 443 29.50 42.60 27.48
C GLU B 443 28.49 42.84 26.36
N ALA B 444 27.38 42.10 26.37
CA ALA B 444 26.36 42.29 25.34
C ALA B 444 25.77 43.70 25.41
N MET B 445 25.50 44.19 26.62
CA MET B 445 24.96 45.54 26.76
C MET B 445 25.95 46.58 26.28
N GLU B 446 27.23 46.41 26.61
CA GLU B 446 28.23 47.36 26.15
C GLU B 446 28.35 47.36 24.63
N LEU B 447 28.31 46.18 24.02
CA LEU B 447 28.50 46.09 22.57
C LEU B 447 27.38 46.78 21.81
N TRP B 448 26.14 46.58 22.25
CA TRP B 448 24.95 47.06 21.53
C TRP B 448 24.21 48.15 22.30
N GLU B 449 24.96 49.02 22.99
CA GLU B 449 24.32 50.04 23.80
C GLU B 449 23.53 51.03 22.94
N GLY B 450 24.16 51.56 21.90
CA GLY B 450 23.53 52.58 21.08
C GLY B 450 23.01 52.08 19.76
N VAL B 451 22.90 50.76 19.61
CA VAL B 451 22.43 50.17 18.37
C VAL B 451 20.91 50.24 18.34
N THR B 452 20.37 51.07 17.46
CA THR B 452 18.94 51.27 17.34
C THR B 452 18.55 51.23 15.87
N PHE B 453 17.28 50.92 15.63
CA PHE B 453 16.72 50.83 14.28
C PHE B 453 15.57 51.80 14.15
N PHE C 6 15.87 18.70 -49.56
CA PHE C 6 16.57 17.55 -48.99
C PHE C 6 17.20 16.75 -50.12
N VAL C 7 18.51 16.56 -50.03
CA VAL C 7 19.27 15.83 -51.05
C VAL C 7 19.59 14.45 -50.48
N ALA C 8 19.00 13.42 -51.08
CA ALA C 8 19.23 12.05 -50.65
C ALA C 8 20.61 11.58 -51.08
N GLY C 9 21.26 10.81 -50.22
CA GLY C 9 22.56 10.26 -50.53
C GLY C 9 23.54 10.35 -49.38
N VAL C 10 24.67 9.67 -49.52
CA VAL C 10 25.70 9.65 -48.49
C VAL C 10 26.60 10.87 -48.67
N GLN C 11 26.83 11.60 -47.58
CA GLN C 11 27.71 12.74 -47.57
C GLN C 11 28.74 12.57 -46.46
N PRO C 12 29.93 13.14 -46.62
CA PRO C 12 30.92 13.05 -45.55
C PRO C 12 30.42 13.67 -44.26
N TYR C 13 30.77 13.03 -43.13
CA TYR C 13 30.37 13.56 -41.84
C TYR C 13 30.98 14.94 -41.60
N ARG C 14 32.25 15.11 -41.96
CA ARG C 14 32.93 16.37 -41.69
C ARG C 14 32.25 17.57 -42.34
N LYS C 15 31.45 17.34 -43.38
CA LYS C 15 30.72 18.44 -44.01
C LYS C 15 29.81 19.13 -43.02
N THR C 16 29.26 18.40 -42.06
CA THR C 16 28.30 18.94 -41.10
C THR C 16 28.75 18.83 -39.66
N TYR C 17 29.43 17.74 -39.30
CA TYR C 17 29.76 17.45 -37.91
C TYR C 17 31.21 17.75 -37.56
N TYR C 18 31.94 18.43 -38.45
CA TYR C 18 33.28 18.92 -38.16
C TYR C 18 33.25 20.44 -38.25
N GLU C 19 33.39 21.10 -37.11
CA GLU C 19 33.30 22.56 -37.01
C GLU C 19 34.51 23.07 -36.24
N PRO C 20 35.68 23.14 -36.89
CA PRO C 20 36.89 23.54 -36.17
C PRO C 20 36.80 24.92 -35.52
N GLY C 21 36.06 25.84 -36.13
CA GLY C 21 35.92 27.17 -35.58
C GLY C 21 34.91 27.30 -34.46
N TYR C 22 34.22 26.21 -34.11
CA TYR C 22 33.21 26.26 -33.07
C TYR C 22 33.86 26.50 -31.71
N GLU C 23 33.29 27.42 -30.94
CA GLU C 23 33.76 27.71 -29.59
C GLU C 23 32.83 27.05 -28.59
N PRO C 24 33.30 26.07 -27.81
CA PRO C 24 32.40 25.39 -26.88
C PRO C 24 31.76 26.36 -25.91
N LYS C 25 30.48 26.11 -25.62
CA LYS C 25 29.75 26.89 -24.63
C LYS C 25 29.96 26.28 -23.25
N GLU C 26 29.85 27.12 -22.23
CA GLU C 26 30.01 26.65 -20.85
C GLU C 26 28.99 25.57 -20.50
N THR C 27 27.86 25.54 -21.20
CA THR C 27 26.83 24.53 -20.97
C THR C 27 27.04 23.27 -21.80
N ASP C 28 27.97 23.28 -22.74
CA ASP C 28 28.17 22.12 -23.60
C ASP C 28 28.90 21.01 -22.84
N LEU C 29 28.65 19.77 -23.27
CA LEU C 29 29.34 18.60 -22.75
C LEU C 29 30.44 18.23 -23.72
N LEU C 30 31.69 18.24 -23.25
CA LEU C 30 32.85 18.06 -24.11
C LEU C 30 33.44 16.68 -23.88
N CYS C 31 33.77 15.99 -24.97
CA CYS C 31 34.37 14.67 -24.94
C CYS C 31 35.68 14.68 -25.73
N ALA C 32 36.71 14.08 -25.15
CA ALA C 32 37.98 13.89 -25.84
C ALA C 32 38.10 12.42 -26.24
N PHE C 33 38.35 12.18 -27.52
CA PHE C 33 38.42 10.83 -28.09
C PHE C 33 39.78 10.63 -28.73
N ARG C 34 40.52 9.63 -28.27
CA ARG C 34 41.66 9.14 -29.01
C ARG C 34 41.16 8.23 -30.12
N ILE C 35 41.42 8.62 -31.37
CA ILE C 35 40.86 7.96 -32.54
C ILE C 35 41.99 7.39 -33.37
N GLU C 36 41.87 6.11 -33.72
CA GLU C 36 42.72 5.47 -34.72
C GLU C 36 41.83 5.13 -35.90
N PRO C 37 41.79 5.96 -36.94
CA PRO C 37 40.87 5.71 -38.06
C PRO C 37 41.32 4.52 -38.90
N SER C 38 40.35 3.91 -39.56
CA SER C 38 40.65 2.82 -40.48
C SER C 38 41.33 3.35 -41.73
N PRO C 39 42.07 2.51 -42.44
CA PRO C 39 42.77 2.99 -43.64
C PRO C 39 41.80 3.61 -44.64
N GLY C 40 42.22 4.73 -45.22
CA GLY C 40 41.41 5.47 -46.15
C GLY C 40 40.42 6.44 -45.53
N ILE C 41 40.33 6.47 -44.21
CA ILE C 41 39.41 7.36 -43.49
C ILE C 41 40.25 8.46 -42.85
N PRO C 42 40.13 9.72 -43.29
CA PRO C 42 40.87 10.79 -42.63
C PRO C 42 40.44 10.96 -41.18
N LEU C 43 41.38 11.45 -40.36
CA LEU C 43 41.10 11.65 -38.94
C LEU C 43 39.93 12.59 -38.73
N GLU C 44 39.86 13.65 -39.54
CA GLU C 44 38.73 14.58 -39.44
C GLU C 44 37.41 13.86 -39.74
N GLU C 45 37.40 13.02 -40.76
CA GLU C 45 36.21 12.26 -41.08
C GLU C 45 35.83 11.32 -39.95
N ALA C 46 36.82 10.67 -39.34
CA ALA C 46 36.53 9.77 -38.22
C ALA C 46 35.94 10.53 -37.03
N ALA C 47 36.52 11.67 -36.68
CA ALA C 47 36.00 12.46 -35.58
C ALA C 47 34.59 12.95 -35.88
N ALA C 48 34.34 13.39 -37.11
CA ALA C 48 33.01 13.83 -37.49
C ALA C 48 32.01 12.68 -37.42
N ALA C 49 32.42 11.48 -37.84
CA ALA C 49 31.55 10.32 -37.74
C ALA C 49 31.22 10.02 -36.29
N VAL C 50 32.22 10.09 -35.41
CA VAL C 50 31.99 9.85 -33.99
C VAL C 50 30.96 10.84 -33.46
N ALA C 51 31.17 12.13 -33.74
CA ALA C 51 30.24 13.15 -33.26
C ALA C 51 28.83 12.92 -33.80
N ALA C 52 28.72 12.66 -35.10
CA ALA C 52 27.42 12.49 -35.73
C ALA C 52 26.67 11.30 -35.16
N GLU C 53 27.34 10.15 -35.08
CA GLU C 53 26.69 8.93 -34.63
C GLU C 53 26.58 8.84 -33.12
N SER C 54 27.18 9.78 -32.38
CA SER C 54 26.91 9.91 -30.97
C SER C 54 25.82 10.92 -30.65
N SER C 55 25.54 11.87 -31.55
CA SER C 55 24.58 12.93 -31.24
C SER C 55 23.33 12.88 -32.11
N THR C 56 23.46 13.06 -33.43
CA THR C 56 22.27 13.17 -34.27
C THR C 56 22.36 12.43 -35.61
N GLY C 57 23.55 12.15 -36.13
CA GLY C 57 23.67 11.74 -37.51
C GLY C 57 23.63 10.24 -37.70
N THR C 58 23.33 9.85 -38.95
CA THR C 58 23.42 8.47 -39.37
C THR C 58 24.25 8.37 -40.64
N TRP C 59 24.27 7.19 -41.27
CA TRP C 59 25.17 6.93 -42.38
C TRP C 59 24.76 7.64 -43.67
N THR C 60 23.56 8.21 -43.73
CA THR C 60 23.10 8.88 -44.94
C THR C 60 22.13 9.99 -44.57
N GLU C 61 21.97 10.93 -45.48
CA GLU C 61 21.06 12.05 -45.26
C GLU C 61 19.62 11.56 -45.18
N VAL C 62 18.84 12.20 -44.32
CA VAL C 62 17.45 11.84 -44.07
C VAL C 62 16.59 13.08 -44.22
N TRP C 63 15.42 12.92 -44.86
CA TRP C 63 14.51 14.03 -45.03
C TRP C 63 14.08 14.63 -43.70
N SER C 64 14.00 13.79 -42.65
CA SER C 64 13.49 14.24 -41.37
C SER C 64 14.35 15.34 -40.76
N GLN C 65 15.59 15.50 -41.23
CA GLN C 65 16.43 16.59 -40.74
C GLN C 65 15.81 17.95 -41.01
N GLU C 66 14.92 18.05 -42.00
CA GLU C 66 14.24 19.32 -42.28
C GLU C 66 13.23 19.67 -41.20
N MET C 67 12.89 18.73 -40.31
CA MET C 67 11.89 18.95 -39.27
C MET C 67 12.51 19.40 -37.95
N THR C 68 13.82 19.62 -37.90
CA THR C 68 14.48 20.04 -36.68
C THR C 68 15.70 20.88 -37.03
N ASP C 69 16.16 21.64 -36.05
CA ASP C 69 17.37 22.46 -36.18
C ASP C 69 18.58 21.59 -35.89
N LEU C 70 19.17 21.05 -36.96
CA LEU C 70 20.31 20.15 -36.80
C LEU C 70 21.50 20.87 -36.17
N HIS C 71 21.80 22.08 -36.64
CA HIS C 71 22.95 22.81 -36.13
C HIS C 71 22.81 23.18 -34.66
N ARG C 72 21.59 23.27 -34.14
CA ARG C 72 21.38 23.55 -32.73
C ARG C 72 21.64 22.33 -31.85
N TYR C 73 21.36 21.13 -32.38
CA TYR C 73 21.44 19.90 -31.59
C TYR C 73 22.62 19.02 -31.93
N LYS C 74 23.22 19.17 -33.11
CA LYS C 74 24.28 18.26 -33.53
C LYS C 74 25.50 18.39 -32.62
N GLY C 75 26.17 17.26 -32.40
CA GLY C 75 27.50 17.27 -31.82
C GLY C 75 28.54 17.46 -32.92
N ARG C 76 29.58 18.23 -32.59
CA ARG C 76 30.57 18.61 -33.58
C ARG C 76 31.97 18.53 -32.98
N CYS C 77 32.92 18.11 -33.81
CA CYS C 77 34.33 18.09 -33.45
C CYS C 77 34.90 19.47 -33.71
N TYR C 78 35.28 20.17 -32.64
CA TYR C 78 35.75 21.54 -32.73
C TYR C 78 37.27 21.66 -32.64
N ALA C 79 38.00 20.55 -32.56
CA ALA C 79 39.45 20.59 -32.48
C ALA C 79 40.00 19.19 -32.61
N ILE C 80 41.19 19.10 -33.20
CA ILE C 80 41.89 17.82 -33.34
C ILE C 80 43.37 18.09 -33.07
N ASP C 81 43.86 17.63 -31.92
CA ASP C 81 45.26 17.73 -31.55
C ASP C 81 45.85 16.34 -31.62
N GLY C 82 46.76 16.12 -32.57
CA GLY C 82 47.27 14.78 -32.78
C GLY C 82 46.15 13.84 -33.16
N ASN C 83 46.05 12.73 -32.43
CA ASN C 83 44.97 11.78 -32.62
C ASN C 83 43.80 12.01 -31.68
N THR C 84 43.83 13.07 -30.88
CA THR C 84 42.78 13.36 -29.91
C THR C 84 41.83 14.41 -30.49
N ALA C 85 40.57 14.01 -30.66
CA ALA C 85 39.52 14.88 -31.19
C ALA C 85 38.61 15.32 -30.06
N TYR C 86 38.31 16.61 -30.02
CA TYR C 86 37.41 17.18 -29.02
C TYR C 86 36.07 17.45 -29.67
N ILE C 87 35.00 16.92 -29.07
CA ILE C 87 33.65 17.01 -29.61
C ILE C 87 32.77 17.65 -28.56
N ALA C 88 31.97 18.64 -29.00
CA ALA C 88 31.04 19.35 -28.13
C ALA C 88 29.63 18.89 -28.42
N TYR C 89 28.88 18.60 -27.35
CA TYR C 89 27.50 18.17 -27.44
C TYR C 89 26.60 19.18 -26.72
N PRO C 90 25.54 19.67 -27.36
CA PRO C 90 24.64 20.59 -26.67
C PRO C 90 24.04 19.96 -25.42
N LEU C 91 23.83 20.81 -24.41
CA LEU C 91 23.26 20.34 -23.15
C LEU C 91 21.90 19.69 -23.34
N ASP C 92 21.10 20.18 -24.30
CA ASP C 92 19.76 19.66 -24.50
C ASP C 92 19.74 18.24 -25.03
N LEU C 93 20.87 17.70 -25.46
CA LEU C 93 20.91 16.33 -25.98
C LEU C 93 20.78 15.29 -24.89
N PHE C 94 21.02 15.65 -23.63
CA PHE C 94 21.17 14.68 -22.56
C PHE C 94 20.02 14.79 -21.56
N GLU C 95 19.49 13.63 -21.16
CA GLU C 95 18.45 13.58 -20.15
C GLU C 95 19.03 13.99 -18.80
N GLU C 96 18.26 14.78 -18.05
CA GLU C 96 18.73 15.29 -16.77
C GLU C 96 18.90 14.16 -15.76
N GLY C 97 20.04 14.17 -15.07
CA GLY C 97 20.28 13.20 -14.01
C GLY C 97 20.29 11.75 -14.47
N SER C 98 20.88 11.47 -15.63
CA SER C 98 20.93 10.12 -16.16
C SER C 98 22.31 9.87 -16.76
N ILE C 99 23.15 9.15 -16.01
CA ILE C 99 24.41 8.68 -16.56
C ILE C 99 24.16 7.66 -17.67
N VAL C 100 23.04 6.93 -17.59
CA VAL C 100 22.72 5.95 -18.61
C VAL C 100 22.56 6.61 -19.97
N ASN C 101 21.86 7.74 -20.02
CA ASN C 101 21.68 8.45 -21.28
C ASN C 101 23.01 8.97 -21.82
N VAL C 102 23.85 9.49 -20.92
CA VAL C 102 25.16 9.99 -21.35
C VAL C 102 25.97 8.86 -21.97
N MET C 103 25.97 7.69 -21.33
CA MET C 103 26.69 6.56 -21.89
C MET C 103 26.10 6.11 -23.22
N SER C 104 24.78 6.03 -23.31
CA SER C 104 24.14 5.61 -24.55
C SER C 104 24.42 6.58 -25.69
N SER C 105 24.65 7.84 -25.37
CA SER C 105 24.98 8.82 -26.40
C SER C 105 26.46 8.77 -26.76
N ILE C 106 27.34 9.03 -25.78
CA ILE C 106 28.75 9.19 -26.06
C ILE C 106 29.38 7.85 -26.45
N VAL C 107 29.10 6.79 -25.69
CA VAL C 107 29.77 5.52 -25.88
C VAL C 107 28.77 4.46 -26.34
N GLY C 108 27.70 4.90 -27.00
CA GLY C 108 26.66 3.99 -27.43
C GLY C 108 27.06 3.06 -28.55
N ASN C 109 27.30 3.62 -29.75
CA ASN C 109 27.60 2.82 -30.92
C ASN C 109 28.85 3.25 -31.66
N VAL C 110 29.45 4.39 -31.32
CA VAL C 110 30.58 4.91 -32.10
C VAL C 110 31.82 4.04 -31.97
N PHE C 111 31.90 3.21 -30.93
CA PHE C 111 33.09 2.39 -30.72
C PHE C 111 33.13 1.16 -31.62
N GLY C 112 32.01 0.79 -32.23
CA GLY C 112 31.94 -0.34 -33.13
C GLY C 112 31.97 0.00 -34.60
N PHE C 113 32.27 1.24 -34.97
CA PHE C 113 32.24 1.65 -36.35
C PHE C 113 33.50 1.17 -37.09
N LYS C 114 33.30 0.64 -38.30
CA LYS C 114 34.43 0.21 -39.11
C LYS C 114 35.32 1.38 -39.49
N ALA C 115 34.73 2.58 -39.63
CA ALA C 115 35.52 3.74 -40.02
C ALA C 115 36.64 4.03 -39.05
N VAL C 116 36.44 3.72 -37.76
CA VAL C 116 37.46 3.92 -36.73
C VAL C 116 38.01 2.56 -36.35
N ARG C 117 39.32 2.37 -36.54
CA ARG C 117 39.95 1.14 -36.09
C ARG C 117 39.92 1.03 -34.58
N ALA C 118 40.17 2.13 -33.88
CA ALA C 118 40.11 2.14 -32.42
C ALA C 118 39.58 3.48 -31.94
N LEU C 119 38.93 3.45 -30.78
CA LEU C 119 38.32 4.65 -30.20
C LEU C 119 38.36 4.53 -28.70
N ARG C 120 38.94 5.55 -28.04
CA ARG C 120 39.00 5.59 -26.59
C ARG C 120 38.49 6.94 -26.09
N LEU C 121 37.58 6.91 -25.14
CA LEU C 121 37.07 8.12 -24.50
C LEU C 121 38.00 8.45 -23.33
N LEU C 122 38.78 9.52 -23.48
CA LEU C 122 39.79 9.86 -22.48
C LEU C 122 39.20 10.69 -21.35
N ASP C 123 38.60 11.82 -21.68
CA ASP C 123 38.09 12.74 -20.67
C ASP C 123 36.76 13.32 -21.13
N MET C 124 35.97 13.76 -20.17
CA MET C 124 34.69 14.39 -20.42
C MET C 124 34.57 15.65 -19.58
N ARG C 125 34.03 16.70 -20.18
CA ARG C 125 33.73 17.96 -19.48
C ARG C 125 32.24 18.00 -19.21
N ILE C 126 31.86 17.66 -17.99
CA ILE C 126 30.45 17.73 -17.58
C ILE C 126 30.15 19.17 -17.21
N PRO C 127 29.22 19.84 -17.90
CA PRO C 127 28.91 21.23 -17.54
C PRO C 127 28.22 21.34 -16.19
N THR C 128 28.37 22.50 -15.57
CA THR C 128 27.75 22.74 -14.28
C THR C 128 26.23 22.58 -14.36
N ALA C 129 25.63 23.03 -15.47
CA ALA C 129 24.18 22.92 -15.60
C ALA C 129 23.72 21.47 -15.56
N TYR C 130 24.44 20.59 -16.26
CA TYR C 130 24.09 19.18 -16.22
C TYR C 130 24.45 18.55 -14.86
N LEU C 131 25.53 19.03 -14.24
CA LEU C 131 25.90 18.50 -12.93
C LEU C 131 24.85 18.79 -11.88
N LYS C 132 24.22 19.97 -11.95
CA LYS C 132 23.22 20.33 -10.96
C LYS C 132 22.02 19.39 -10.99
N THR C 133 21.84 18.63 -12.07
CA THR C 133 20.75 17.68 -12.17
C THR C 133 21.06 16.34 -11.49
N PHE C 134 22.27 16.19 -10.93
CA PHE C 134 22.66 14.96 -10.26
C PHE C 134 22.79 15.17 -8.76
N PRO C 135 22.58 14.12 -7.97
CA PRO C 135 22.55 14.30 -6.51
C PRO C 135 23.93 14.38 -5.87
N GLY C 136 24.89 13.65 -6.43
CA GLY C 136 26.21 13.56 -5.85
C GLY C 136 26.24 12.57 -4.71
N PRO C 137 27.41 12.38 -4.11
CA PRO C 137 27.53 11.44 -3.00
C PRO C 137 26.61 11.81 -1.85
N PRO C 138 25.99 10.83 -1.18
CA PRO C 138 25.05 11.15 -0.10
C PRO C 138 25.71 11.54 1.22
N THR C 139 26.94 11.10 1.47
CA THR C 139 27.59 11.32 2.76
C THR C 139 28.75 12.30 2.66
N GLY C 140 29.72 12.03 1.80
CA GLY C 140 30.90 12.87 1.69
C GLY C 140 32.02 12.43 2.61
N ILE C 141 33.21 12.97 2.33
CA ILE C 141 34.40 12.58 3.08
C ILE C 141 34.31 13.03 4.52
N ALA C 142 33.96 14.29 4.75
CA ALA C 142 33.94 14.82 6.11
C ALA C 142 32.88 14.12 6.96
N GLN C 143 31.68 13.91 6.40
CA GLN C 143 30.63 13.24 7.14
C GLN C 143 31.02 11.80 7.47
N GLU C 144 31.65 11.11 6.52
CA GLU C 144 32.09 9.75 6.76
C GLU C 144 33.14 9.70 7.87
N ARG C 145 34.09 10.64 7.84
CA ARG C 145 35.10 10.69 8.89
C ARG C 145 34.46 10.95 10.24
N ASP C 146 33.47 11.84 10.29
CA ASP C 146 32.77 12.10 11.54
C ASP C 146 32.04 10.86 12.02
N ARG C 147 31.42 10.11 11.11
CA ARG C 147 30.73 8.89 11.49
C ARG C 147 31.72 7.86 12.05
N LEU C 148 32.88 7.73 11.41
CA LEU C 148 33.91 6.82 11.88
C LEU C 148 34.83 7.44 12.93
N LYS C 149 34.79 8.75 13.11
CA LYS C 149 35.65 9.44 14.06
C LYS C 149 37.13 9.15 13.76
N VAL C 150 37.48 9.13 12.48
CA VAL C 150 38.85 8.94 12.02
C VAL C 150 39.25 10.18 11.25
N TYR C 151 40.34 10.82 11.69
CA TYR C 151 40.80 12.06 11.10
C TYR C 151 42.31 12.04 10.92
N HIS C 152 42.79 12.82 9.95
CA HIS C 152 44.21 13.01 9.73
C HIS C 152 44.93 11.68 9.54
N ARG C 153 44.30 10.78 8.79
CA ARG C 153 44.83 9.44 8.58
C ARG C 153 44.07 8.75 7.46
N PRO C 154 44.74 8.05 6.55
CA PRO C 154 44.02 7.19 5.61
C PRO C 154 43.23 6.13 6.35
N LEU C 155 42.04 5.84 5.84
CA LEU C 155 41.15 4.89 6.48
C LEU C 155 41.51 3.47 6.02
N LEU C 156 41.70 2.58 6.98
CA LEU C 156 42.13 1.22 6.69
C LEU C 156 40.94 0.31 6.43
N GLY C 157 41.16 -0.69 5.60
CA GLY C 157 40.15 -1.67 5.29
C GLY C 157 40.81 -2.92 4.73
N GLY C 158 39.97 -3.88 4.36
CA GLY C 158 40.47 -5.13 3.81
C GLY C 158 39.38 -6.06 3.34
N THR C 159 39.54 -6.61 2.14
CA THR C 159 38.61 -7.61 1.64
C THR C 159 38.85 -8.94 2.34
N ILE C 160 37.77 -9.57 2.80
CA ILE C 160 37.86 -10.85 3.48
C ILE C 160 38.22 -11.92 2.46
N LYS C 161 39.22 -12.73 2.78
CA LYS C 161 39.69 -13.79 1.90
C LYS C 161 39.60 -15.13 2.61
N PRO C 162 39.47 -16.24 1.87
CA PRO C 162 39.39 -16.34 0.40
C PRO C 162 38.14 -15.68 -0.17
N LYS C 163 38.15 -15.35 -1.46
CA LYS C 163 37.02 -14.61 -2.03
C LYS C 163 35.71 -15.36 -1.81
N LEU C 164 35.73 -16.67 -1.99
CA LEU C 164 34.54 -17.49 -1.89
C LEU C 164 34.88 -18.79 -1.16
N GLY C 165 33.86 -19.42 -0.60
CA GLY C 165 34.01 -20.68 0.10
C GLY C 165 33.92 -20.58 1.60
N LEU C 166 34.01 -19.38 2.17
CA LEU C 166 33.87 -19.22 3.61
C LEU C 166 32.40 -19.14 3.99
N GLY C 167 32.03 -19.86 5.05
CA GLY C 167 30.70 -19.77 5.59
C GLY C 167 30.50 -18.51 6.39
N PRO C 168 29.24 -18.21 6.70
CA PRO C 168 28.97 -16.97 7.47
C PRO C 168 29.70 -16.91 8.80
N LYS C 169 29.78 -18.02 9.53
CA LYS C 169 30.45 -18.00 10.82
C LYS C 169 31.94 -17.74 10.68
N GLU C 170 32.60 -18.47 9.79
CA GLU C 170 34.03 -18.28 9.56
C GLU C 170 34.31 -16.91 8.96
N PHE C 171 33.46 -16.48 8.03
CA PHE C 171 33.62 -15.16 7.44
C PHE C 171 33.54 -14.08 8.51
N ALA C 172 32.57 -14.17 9.40
CA ALA C 172 32.43 -13.18 10.47
C ALA C 172 33.58 -13.29 11.47
N ARG C 173 34.11 -14.49 11.69
CA ARG C 173 35.27 -14.63 12.57
C ARG C 173 36.47 -13.88 11.99
N VAL C 174 36.70 -14.03 10.68
CA VAL C 174 37.78 -13.30 10.04
C VAL C 174 37.52 -11.80 10.12
N VAL C 175 36.27 -11.39 9.90
CA VAL C 175 35.91 -9.97 9.99
C VAL C 175 36.22 -9.42 11.37
N TYR C 176 35.83 -10.16 12.41
CA TYR C 176 36.07 -9.72 13.77
C TYR C 176 37.56 -9.62 14.07
N GLU C 177 38.34 -10.61 13.63
CA GLU C 177 39.78 -10.56 13.84
C GLU C 177 40.39 -9.34 13.19
N CYS C 178 40.00 -9.07 11.94
CA CYS C 178 40.54 -7.91 11.22
C CYS C 178 40.14 -6.61 11.90
N LEU C 179 38.88 -6.48 12.29
CA LEU C 179 38.41 -5.23 12.89
C LEU C 179 39.06 -4.98 14.24
N VAL C 180 39.15 -6.02 15.08
CA VAL C 180 39.81 -5.86 16.37
C VAL C 180 41.31 -5.63 16.20
N GLY C 181 41.90 -6.14 15.12
CA GLY C 181 43.33 -5.96 14.91
C GLY C 181 43.72 -4.53 14.56
N GLY C 182 42.81 -3.74 14.02
CA GLY C 182 43.10 -2.36 13.73
C GLY C 182 42.45 -1.81 12.47
N LEU C 183 41.87 -2.68 11.64
CA LEU C 183 41.19 -2.22 10.45
C LEU C 183 39.94 -1.42 10.83
N ASP C 184 39.74 -0.29 10.16
CA ASP C 184 38.55 0.51 10.41
C ASP C 184 37.30 -0.16 9.84
N THR C 185 37.43 -0.80 8.68
CA THR C 185 36.31 -1.43 8.02
C THR C 185 36.76 -2.71 7.35
N THR C 186 35.79 -3.50 6.92
CA THR C 186 36.02 -4.69 6.11
C THR C 186 34.97 -4.70 5.01
N ASP C 188 32.91 -7.39 1.95
CA ASP C 188 32.72 -8.59 1.16
C ASP C 188 33.38 -8.39 -0.21
N ASP C 189 33.85 -9.49 -0.78
CA ASP C 189 34.42 -9.42 -2.12
C ASP C 189 33.33 -9.12 -3.15
N GLU C 190 33.73 -8.50 -4.25
CA GLU C 190 32.78 -8.07 -5.26
C GLU C 190 31.96 -9.24 -5.79
N ASN C 191 32.51 -10.45 -5.79
CA ASN C 191 31.81 -11.62 -6.29
C ASN C 191 31.07 -12.38 -5.19
N LEU C 192 31.13 -11.91 -3.95
CA LEU C 192 30.42 -12.54 -2.83
C LEU C 192 29.12 -11.77 -2.59
N ASN C 193 28.03 -12.29 -3.15
CA ASN C 193 26.71 -11.67 -3.00
C ASN C 193 25.75 -12.57 -2.24
N SER C 194 25.41 -13.72 -2.81
CA SER C 194 24.61 -14.73 -2.12
C SER C 194 24.81 -16.07 -2.80
N GLN C 195 25.42 -17.00 -2.09
CA GLN C 195 25.81 -18.29 -2.65
C GLN C 195 25.44 -19.39 -1.68
N PRO C 196 25.36 -20.64 -2.15
CA PRO C 196 25.02 -21.74 -1.23
C PRO C 196 25.94 -21.83 -0.03
N PHE C 197 27.24 -21.58 -0.22
CA PHE C 197 28.17 -21.67 0.90
C PHE C 197 27.98 -20.52 1.88
N CYS C 198 27.52 -19.36 1.41
CA CYS C 198 27.32 -18.20 2.27
C CYS C 198 26.16 -17.39 1.71
N ARG C 199 24.97 -17.60 2.26
CA ARG C 199 23.80 -16.81 1.87
C ARG C 199 23.89 -15.42 2.48
N TRP C 200 23.29 -14.46 1.80
CA TRP C 200 23.48 -13.06 2.16
C TRP C 200 22.88 -12.73 3.52
N ARG C 201 21.72 -13.31 3.85
CA ARG C 201 21.09 -13.03 5.14
C ARG C 201 21.97 -13.50 6.29
N ASP C 202 22.44 -14.75 6.22
CA ASP C 202 23.28 -15.29 7.27
C ASP C 202 24.59 -14.51 7.37
N ARG C 203 25.18 -14.18 6.22
CA ARG C 203 26.42 -13.41 6.24
C ARG C 203 26.21 -12.05 6.89
N TYR C 204 25.10 -11.38 6.55
CA TYR C 204 24.83 -10.07 7.14
C TYR C 204 24.70 -10.19 8.65
N LEU C 205 23.93 -11.17 9.11
CA LEU C 205 23.72 -11.32 10.55
C LEU C 205 25.03 -11.60 11.29
N TYR C 206 25.77 -12.60 10.82
CA TYR C 206 27.02 -12.97 11.48
C TYR C 206 28.02 -11.81 11.44
N VAL C 207 28.12 -11.14 10.29
CA VAL C 207 29.10 -10.08 10.13
C VAL C 207 28.76 -8.90 11.00
N MET C 208 27.48 -8.56 11.12
CA MET C 208 27.11 -7.44 11.97
C MET C 208 27.30 -7.78 13.44
N ASP C 209 27.08 -9.04 13.83
CA ASP C 209 27.41 -9.45 15.19
C ASP C 209 28.91 -9.25 15.44
N ALA C 210 29.74 -9.68 14.49
CA ALA C 210 31.18 -9.50 14.62
C ALA C 210 31.56 -8.03 14.70
N VAL C 211 30.92 -7.20 13.86
CA VAL C 211 31.24 -5.77 13.84
C VAL C 211 30.87 -5.12 15.16
N HIS C 212 29.70 -5.47 15.71
CA HIS C 212 29.30 -4.92 16.99
C HIS C 212 30.24 -5.36 18.10
N ARG C 213 30.65 -6.63 18.09
CA ARG C 213 31.60 -7.11 19.09
C ARG C 213 32.92 -6.36 18.99
N ALA C 214 33.41 -6.14 17.77
CA ALA C 214 34.67 -5.41 17.60
C ALA C 214 34.53 -3.96 18.04
N GLU C 215 33.39 -3.33 17.74
CA GLU C 215 33.16 -1.96 18.20
C GLU C 215 33.16 -1.89 19.72
N GLU C 216 32.50 -2.86 20.37
CA GLU C 216 32.48 -2.85 21.84
C GLU C 216 33.87 -3.07 22.41
N GLU C 217 34.63 -4.01 21.86
CA GLU C 217 35.94 -4.34 22.42
C GLU C 217 36.94 -3.21 22.20
N THR C 218 37.04 -2.72 20.96
CA THR C 218 38.02 -1.69 20.63
C THR C 218 37.58 -0.31 21.11
N GLY C 219 36.28 -0.04 21.11
CA GLY C 219 35.77 1.28 21.42
C GLY C 219 35.78 2.25 20.26
N GLU C 220 36.22 1.82 19.08
CA GLU C 220 36.25 2.66 17.89
C GLU C 220 35.14 2.24 16.93
N ALA C 221 34.70 3.19 16.13
CA ALA C 221 33.68 2.89 15.13
C ALA C 221 34.22 1.89 14.12
N LYS C 222 33.43 0.85 13.85
CA LYS C 222 33.79 -0.19 12.91
C LYS C 222 32.62 -0.45 11.97
N GLY C 223 32.93 -0.94 10.78
CA GLY C 223 31.90 -1.26 9.81
C GLY C 223 32.37 -2.33 8.86
N HIS C 224 31.40 -2.93 8.18
CA HIS C 224 31.67 -3.89 7.12
C HIS C 224 30.86 -3.50 5.89
N TRP C 225 31.53 -3.45 4.74
CA TRP C 225 30.88 -3.06 3.49
C TRP C 225 30.14 -4.27 2.94
N LEU C 226 28.95 -4.50 3.50
CA LEU C 226 28.12 -5.60 3.06
C LEU C 226 27.74 -5.43 1.59
N ASN C 227 27.90 -6.49 0.81
CA ASN C 227 27.66 -6.43 -0.63
C ASN C 227 26.19 -6.72 -0.89
N VAL C 228 25.48 -5.71 -1.39
CA VAL C 228 24.08 -5.84 -1.75
C VAL C 228 23.88 -6.11 -3.22
N THR C 229 24.96 -6.27 -3.98
CA THR C 229 24.84 -6.53 -5.41
C THR C 229 24.01 -7.80 -5.64
N ALA C 230 23.05 -7.72 -6.55
CA ALA C 230 22.15 -8.82 -6.83
C ALA C 230 21.71 -8.74 -8.28
N GLY C 231 21.03 -9.79 -8.73
CA GLY C 231 20.60 -9.89 -10.10
C GLY C 231 19.42 -9.01 -10.46
N ASP C 232 18.76 -8.40 -9.48
CA ASP C 232 17.65 -7.50 -9.73
C ASP C 232 17.71 -6.34 -8.75
N THR C 233 17.16 -5.21 -9.15
CA THR C 233 17.18 -4.01 -8.31
C THR C 233 16.40 -4.22 -7.02
N GLU C 234 15.27 -4.92 -7.11
CA GLU C 234 14.46 -5.14 -5.91
C GLU C 234 15.22 -5.96 -4.87
N GLU C 235 15.95 -6.98 -5.32
CA GLU C 235 16.76 -7.77 -4.39
C GLU C 235 17.85 -6.92 -3.75
N MET C 236 18.49 -6.04 -4.54
CA MET C 236 19.51 -5.16 -3.97
C MET C 236 18.90 -4.24 -2.92
N LEU C 237 17.72 -3.69 -3.20
CA LEU C 237 17.04 -2.83 -2.23
C LEU C 237 16.69 -3.59 -0.96
N ARG C 238 16.20 -4.83 -1.12
CA ARG C 238 15.86 -5.65 0.05
C ARG C 238 17.11 -5.93 0.88
N ARG C 239 18.23 -6.22 0.22
CA ARG C 239 19.47 -6.50 0.94
C ARG C 239 19.99 -5.25 1.64
N ALA C 240 19.88 -4.08 1.01
CA ALA C 240 20.27 -2.85 1.68
C ALA C 240 19.39 -2.56 2.88
N GLU C 241 18.07 -2.80 2.75
CA GLU C 241 17.16 -2.61 3.87
C GLU C 241 17.51 -3.54 5.03
N PHE C 242 17.83 -4.79 4.71
CA PHE C 242 18.25 -5.72 5.77
C PHE C 242 19.56 -5.27 6.41
N ALA C 243 20.52 -4.81 5.59
CA ALA C 243 21.78 -4.32 6.13
C ALA C 243 21.54 -3.19 7.11
N LYS C 244 20.63 -2.28 6.78
CA LYS C 244 20.25 -1.23 7.73
C LYS C 244 19.59 -1.85 8.96
N GLU C 245 18.74 -2.85 8.77
CA GLU C 245 18.05 -3.48 9.89
C GLU C 245 19.04 -4.11 10.86
N VAL C 246 20.06 -4.80 10.34
CA VAL C 246 21.05 -5.47 11.20
C VAL C 246 22.07 -4.50 11.78
N GLY C 247 21.94 -3.21 11.52
CA GLY C 247 22.78 -2.21 12.14
C GLY C 247 23.98 -1.77 11.34
N SER C 248 24.09 -2.18 10.08
CA SER C 248 25.23 -1.78 9.27
C SER C 248 25.11 -0.32 8.85
N ARG C 249 26.22 0.41 8.96
CA ARG C 249 26.32 1.76 8.44
C ARG C 249 26.91 1.80 7.03
N TYR C 250 27.25 0.65 6.47
CA TYR C 250 27.89 0.56 5.17
C TYR C 250 27.21 -0.49 4.31
N ILE C 251 27.17 -0.22 3.00
CA ILE C 251 26.85 -1.21 1.99
C ILE C 251 27.81 -1.00 0.82
N MET C 252 27.97 -2.04 0.01
CA MET C 252 28.78 -1.94 -1.19
C MET C 252 28.03 -2.57 -2.36
N VAL C 253 28.31 -2.06 -3.55
CA VAL C 253 27.64 -2.51 -4.77
C VAL C 253 28.62 -2.42 -5.92
N ASP C 254 28.52 -3.37 -6.83
CA ASP C 254 29.30 -3.36 -8.07
C ASP C 254 28.47 -2.58 -9.10
N PHE C 255 28.71 -1.26 -9.14
CA PHE C 255 27.82 -0.39 -9.90
C PHE C 255 27.90 -0.65 -11.40
N LEU C 256 29.08 -1.01 -11.91
CA LEU C 256 29.21 -1.27 -13.33
C LEU C 256 28.48 -2.55 -13.73
N THR C 257 28.71 -3.63 -12.99
CA THR C 257 28.02 -4.89 -13.30
C THR C 257 26.53 -4.79 -12.99
N ALA C 258 26.20 -4.26 -11.81
CA ALA C 258 24.79 -4.07 -11.47
C ALA C 258 24.13 -3.06 -12.39
N GLY C 259 24.83 -1.96 -12.70
CA GLY C 259 24.29 -0.96 -13.59
C GLY C 259 24.12 0.40 -12.93
N PHE C 260 24.13 1.46 -13.74
CA PHE C 260 23.98 2.81 -13.21
C PHE C 260 22.54 3.13 -12.84
N SER C 261 21.56 2.53 -13.52
CA SER C 261 20.17 2.75 -13.14
C SER C 261 19.85 2.07 -11.81
N ALA C 262 20.23 0.80 -11.68
CA ALA C 262 20.06 0.11 -10.41
C ALA C 262 20.88 0.80 -9.33
N TYR C 263 22.06 1.28 -9.68
CA TYR C 263 22.88 1.99 -8.70
C TYR C 263 22.21 3.28 -8.24
N ALA C 264 21.58 4.01 -9.17
CA ALA C 264 20.88 5.23 -8.78
C ALA C 264 19.72 4.92 -7.84
N THR C 265 18.96 3.87 -8.15
CA THR C 265 17.88 3.47 -7.26
C THR C 265 18.43 3.10 -5.89
N LEU C 266 19.51 2.33 -5.85
CA LEU C 266 20.10 1.91 -4.58
C LEU C 266 20.65 3.11 -3.82
N ARG C 267 21.23 4.08 -4.52
CA ARG C 267 21.75 5.26 -3.85
C ARG C 267 20.64 6.07 -3.22
N ARG C 268 19.53 6.24 -3.93
CA ARG C 268 18.38 6.92 -3.34
C ARG C 268 17.91 6.20 -2.09
N ARG C 269 17.77 4.87 -2.18
CA ARG C 269 17.28 4.10 -1.04
C ARG C 269 18.25 4.17 0.13
N ALA C 270 19.56 4.13 -0.15
CA ALA C 270 20.56 4.16 0.91
C ALA C 270 20.63 5.53 1.58
N GLU C 271 20.51 6.61 0.80
CA GLU C 271 20.42 7.92 1.39
C GLU C 271 19.19 8.03 2.28
N GLU C 272 18.08 7.44 1.85
CA GLU C 272 16.89 7.38 2.71
C GLU C 272 17.19 6.59 3.99
N LEU C 273 17.93 5.50 3.86
CA LEU C 273 18.24 4.63 4.99
C LEU C 273 19.44 5.11 5.81
N GLY C 274 20.16 6.11 5.33
CA GLY C 274 21.34 6.57 6.05
C GLY C 274 22.54 5.68 5.90
N LEU C 275 22.64 4.95 4.80
CA LEU C 275 23.74 4.02 4.57
C LEU C 275 24.79 4.65 3.66
N MET C 276 26.05 4.43 4.00
CA MET C 276 27.15 4.80 3.12
C MET C 276 27.39 3.70 2.10
N ILE C 277 27.60 4.10 0.85
CA ILE C 277 27.70 3.17 -0.28
C ILE C 277 29.15 3.12 -0.73
N HIS C 278 29.74 1.92 -0.68
CA HIS C 278 31.03 1.68 -1.31
C HIS C 278 30.80 1.21 -2.74
N CYS C 279 31.54 1.80 -3.67
CA CYS C 279 31.37 1.51 -5.09
C CYS C 279 32.57 0.68 -5.57
N HIS C 280 32.30 -0.55 -5.97
CA HIS C 280 33.30 -1.42 -6.55
C HIS C 280 33.21 -1.35 -8.07
N ARG C 281 34.36 -1.20 -8.72
CA ARG C 281 34.44 -0.99 -10.16
C ARG C 281 34.71 -2.28 -10.92
N ALA C 282 34.17 -3.39 -10.45
CA ALA C 282 34.35 -4.66 -11.15
C ALA C 282 33.85 -4.54 -12.58
N MET C 283 34.62 -5.12 -13.51
CA MET C 283 34.38 -5.14 -14.94
C MET C 283 34.86 -3.86 -15.63
N HIS C 284 35.43 -2.91 -14.90
CA HIS C 284 35.94 -1.70 -15.54
C HIS C 284 37.12 -2.01 -16.46
N ALA C 285 38.00 -2.93 -16.03
CA ALA C 285 39.22 -3.18 -16.79
C ALA C 285 38.96 -3.78 -18.15
N VAL C 286 37.75 -4.30 -18.40
CA VAL C 286 37.44 -4.80 -19.73
C VAL C 286 37.39 -3.67 -20.75
N PHE C 287 37.20 -2.42 -20.29
CA PHE C 287 37.18 -1.29 -21.21
C PHE C 287 37.98 -0.08 -20.73
N THR C 288 38.63 -0.13 -19.58
CA THR C 288 39.47 0.96 -19.11
C THR C 288 40.96 0.66 -19.25
N ARG C 289 41.35 -0.58 -19.47
CA ARG C 289 42.77 -0.92 -19.50
C ARG C 289 43.41 -0.56 -20.84
N PRO C 290 42.82 -0.95 -21.98
CA PRO C 290 43.50 -0.69 -23.26
C PRO C 290 43.76 0.79 -23.47
N LYS C 291 44.95 1.08 -24.00
CA LYS C 291 45.36 2.46 -24.25
C LYS C 291 44.81 3.00 -25.56
N ASP C 292 44.27 2.14 -26.42
CA ASP C 292 43.78 2.55 -27.73
C ASP C 292 42.26 2.45 -27.87
N HIS C 293 41.59 1.71 -26.99
CA HIS C 293 40.16 1.48 -27.12
C HIS C 293 39.52 1.43 -25.74
N GLY C 294 38.30 1.95 -25.64
CA GLY C 294 37.50 1.84 -24.44
C GLY C 294 37.21 3.21 -23.83
N ILE C 295 37.09 3.22 -22.50
CA ILE C 295 36.79 4.43 -21.74
C ILE C 295 37.81 4.53 -20.62
N HIS C 296 38.51 5.65 -20.54
CA HIS C 296 39.42 5.86 -19.43
C HIS C 296 38.63 5.95 -18.13
N PHE C 297 39.21 5.41 -17.06
CA PHE C 297 38.49 5.33 -15.79
C PHE C 297 38.23 6.68 -15.16
N ARG C 298 38.91 7.75 -15.59
CA ARG C 298 38.60 9.07 -15.06
C ARG C 298 37.17 9.46 -15.42
N VAL C 299 36.73 9.12 -16.63
CA VAL C 299 35.36 9.39 -17.03
C VAL C 299 34.38 8.60 -16.16
N VAL C 300 34.69 7.33 -15.90
CA VAL C 300 33.83 6.52 -15.04
C VAL C 300 33.79 7.08 -13.63
N ALA C 301 34.93 7.60 -13.15
CA ALA C 301 34.97 8.23 -11.84
C ALA C 301 34.08 9.46 -11.79
N LYS C 302 34.12 10.28 -12.85
CA LYS C 302 33.22 11.42 -12.92
C LYS C 302 31.77 10.98 -12.89
N TRP C 303 31.44 9.94 -13.67
CA TRP C 303 30.08 9.44 -13.71
C TRP C 303 29.64 8.93 -12.33
N LEU C 304 30.52 8.22 -11.63
CA LEU C 304 30.20 7.70 -10.32
C LEU C 304 30.00 8.83 -9.30
N ARG C 305 30.86 9.84 -9.35
CA ARG C 305 30.69 10.98 -8.46
C ARG C 305 29.36 11.67 -8.72
N MET C 306 29.00 11.82 -9.99
CA MET C 306 27.68 12.37 -10.31
C MET C 306 26.58 11.49 -9.77
N ALA C 307 26.72 10.16 -9.91
CA ALA C 307 25.69 9.23 -9.48
C ALA C 307 25.61 9.10 -7.97
N GLY C 308 26.65 9.52 -7.25
CA GLY C 308 26.59 9.57 -5.80
C GLY C 308 27.16 8.40 -5.05
N GLY C 309 28.43 8.08 -5.29
CA GLY C 309 29.15 7.11 -4.49
C GLY C 309 29.93 7.78 -3.37
N ASP C 310 29.99 7.11 -2.23
CA ASP C 310 30.75 7.60 -1.08
C ASP C 310 32.22 7.21 -1.16
N HIS C 311 32.52 6.04 -1.70
CA HIS C 311 33.89 5.66 -2.03
C HIS C 311 33.89 4.90 -3.35
N VAL C 312 35.01 4.99 -4.04
CA VAL C 312 35.19 4.27 -5.31
C VAL C 312 36.64 3.86 -5.44
N HIS C 313 36.87 2.66 -5.98
CA HIS C 313 38.21 2.20 -6.24
C HIS C 313 38.84 3.03 -7.35
N THR C 314 40.12 3.37 -7.17
CA THR C 314 40.83 4.22 -8.12
C THR C 314 42.15 3.64 -8.59
N GLY C 315 42.73 2.68 -7.89
CA GLY C 315 43.97 2.07 -8.30
C GLY C 315 45.03 2.09 -7.22
N THR C 316 46.05 1.24 -7.38
CA THR C 316 47.17 1.18 -6.45
C THR C 316 48.50 1.59 -7.07
N VAL C 317 48.62 1.51 -8.39
CA VAL C 317 49.86 1.84 -9.09
C VAL C 317 50.93 0.80 -8.77
N VAL C 318 51.23 0.64 -7.48
CA VAL C 318 52.26 -0.30 -7.05
C VAL C 318 51.71 -1.69 -6.73
N GLY C 319 50.42 -1.91 -6.92
CA GLY C 319 49.78 -3.17 -6.59
C GLY C 319 49.76 -4.14 -7.75
N LYS C 320 48.91 -5.16 -7.61
CA LYS C 320 48.81 -6.23 -8.60
C LYS C 320 47.98 -5.85 -9.81
N LEU C 321 47.26 -4.73 -9.78
CA LEU C 321 46.41 -4.30 -10.88
C LEU C 321 46.99 -3.06 -11.52
N GLU C 322 46.86 -2.99 -12.85
CA GLU C 322 47.49 -1.91 -13.62
C GLU C 322 46.91 -0.56 -13.21
N GLY C 323 47.79 0.44 -13.15
CA GLY C 323 47.38 1.80 -12.83
C GLY C 323 48.53 2.78 -12.92
N ALA C 324 48.30 3.91 -13.58
CA ALA C 324 49.32 4.94 -13.75
C ALA C 324 49.26 5.93 -12.60
N ARG C 325 50.43 6.35 -12.13
CA ARG C 325 50.51 7.22 -10.96
C ARG C 325 49.83 8.56 -11.21
N GLU C 326 50.21 9.23 -12.31
CA GLU C 326 49.66 10.55 -12.59
C GLU C 326 48.16 10.48 -12.90
N GLU C 327 47.75 9.46 -13.65
CA GLU C 327 46.33 9.29 -13.92
C GLU C 327 45.55 9.05 -12.63
N VAL C 328 46.12 8.26 -11.71
CA VAL C 328 45.45 8.02 -10.44
C VAL C 328 45.38 9.30 -9.62
N ARG C 329 46.43 10.12 -9.65
CA ARG C 329 46.38 11.40 -8.96
C ARG C 329 45.28 12.29 -9.52
N GLY C 330 45.18 12.34 -10.86
CA GLY C 330 44.11 13.11 -11.47
C GLY C 330 42.73 12.61 -11.10
N ILE C 331 42.56 11.29 -11.06
CA ILE C 331 41.28 10.71 -10.69
C ILE C 331 40.95 11.06 -9.24
N ALA C 332 41.95 10.99 -8.35
CA ALA C 332 41.73 11.35 -6.96
C ALA C 332 41.32 12.80 -6.83
N ASP C 333 41.96 13.69 -7.58
CA ASP C 333 41.57 15.10 -7.57
C ASP C 333 40.14 15.27 -8.08
N LEU C 334 39.79 14.54 -9.14
CA LEU C 334 38.42 14.60 -9.66
C LEU C 334 37.42 14.18 -8.60
N LEU C 335 37.73 13.12 -7.85
CA LEU C 335 36.81 12.61 -6.85
C LEU C 335 36.75 13.45 -5.59
N ARG C 336 37.83 14.20 -5.27
CA ARG C 336 37.94 14.87 -3.99
C ARG C 336 37.84 16.39 -4.06
N GLU C 337 38.08 17.00 -5.21
CA GLU C 337 38.15 18.45 -5.32
C GLU C 337 36.86 19.03 -5.88
N GLU C 338 36.59 20.28 -5.51
CA GLU C 338 35.43 21.00 -6.02
C GLU C 338 35.68 21.58 -7.41
N PHE C 339 36.93 21.67 -7.84
CA PHE C 339 37.25 22.14 -9.19
C PHE C 339 38.60 21.58 -9.56
N VAL C 340 38.67 20.88 -10.69
CA VAL C 340 39.92 20.25 -11.14
C VAL C 340 40.37 20.90 -12.44
N PRO C 341 41.42 21.73 -12.43
CA PRO C 341 41.90 22.31 -13.68
C PRO C 341 42.53 21.26 -14.58
N ALA C 342 42.54 21.56 -15.88
CA ALA C 342 43.13 20.65 -16.84
C ALA C 342 44.61 20.43 -16.54
N ASN C 343 45.05 19.18 -16.69
CA ASN C 343 46.43 18.79 -16.41
C ASN C 343 46.85 17.76 -17.44
N PRO C 344 47.52 18.18 -18.52
CA PRO C 344 47.92 17.20 -19.55
C PRO C 344 48.81 16.10 -19.02
N GLN C 345 49.65 16.39 -18.02
CA GLN C 345 50.51 15.35 -17.47
C GLN C 345 49.69 14.24 -16.83
N ARG C 346 48.60 14.59 -16.15
CA ARG C 346 47.73 13.63 -15.51
C ARG C 346 46.60 13.16 -16.43
N GLY C 347 46.57 13.61 -17.67
CA GLY C 347 45.55 13.19 -18.60
C GLY C 347 44.24 13.95 -18.51
N LEU C 348 44.16 14.98 -17.69
CA LEU C 348 42.96 15.78 -17.54
C LEU C 348 42.98 16.87 -18.61
N LEU C 349 42.14 16.72 -19.62
CA LEU C 349 42.12 17.61 -20.77
C LEU C 349 41.08 18.73 -20.65
N PHE C 350 40.31 18.75 -19.57
CA PHE C 350 39.28 19.75 -19.38
C PHE C 350 39.31 20.26 -17.95
N ASP C 351 38.94 21.54 -17.78
CA ASP C 351 38.66 22.08 -16.46
C ASP C 351 37.29 21.58 -16.02
N GLN C 352 37.25 20.88 -14.90
CA GLN C 352 36.03 20.19 -14.46
C GLN C 352 35.49 20.79 -13.17
N PRO C 353 34.47 21.64 -13.23
CA PRO C 353 33.77 22.03 -12.01
C PRO C 353 32.88 20.91 -11.51
N TRP C 354 32.50 21.00 -10.24
CA TRP C 354 31.67 19.98 -9.62
C TRP C 354 30.39 20.53 -9.02
N ALA C 355 30.14 21.84 -9.13
CA ALA C 355 28.83 22.42 -8.82
C ALA C 355 28.37 22.05 -7.43
N GLY C 356 29.31 21.98 -6.49
CA GLY C 356 28.99 21.68 -5.11
C GLY C 356 28.74 20.23 -4.80
N LEU C 357 28.88 19.33 -5.79
CA LEU C 357 28.72 17.92 -5.53
C LEU C 357 29.76 17.45 -4.51
N LYS C 358 29.33 16.62 -3.59
CA LYS C 358 30.19 16.20 -2.50
C LYS C 358 31.37 15.38 -3.02
N PRO C 359 32.52 15.47 -2.37
CA PRO C 359 33.64 14.58 -2.70
C PRO C 359 33.44 13.19 -2.10
N LEU C 360 34.14 12.23 -2.69
CA LEU C 360 34.07 10.85 -2.24
C LEU C 360 35.49 10.30 -2.06
N PHE C 361 35.56 9.13 -1.43
CA PHE C 361 36.83 8.57 -1.00
C PHE C 361 37.44 7.72 -2.11
N PRO C 362 38.63 8.05 -2.61
CA PRO C 362 39.37 7.07 -3.41
C PRO C 362 39.75 5.87 -2.56
N VAL C 363 39.73 4.69 -3.16
CA VAL C 363 40.04 3.45 -2.47
C VAL C 363 41.18 2.78 -3.22
N ALA C 364 42.27 2.48 -2.50
CA ALA C 364 43.40 1.76 -3.04
C ALA C 364 43.34 0.31 -2.56
N SER C 365 43.23 -0.61 -3.50
CA SER C 365 43.12 -2.02 -3.17
C SER C 365 43.80 -2.85 -4.25
N GLY C 366 44.33 -4.00 -3.84
CA GLY C 366 44.89 -4.96 -4.78
C GLY C 366 46.39 -5.13 -4.67
N GLY C 367 46.81 -6.20 -4.01
CA GLY C 367 48.22 -6.52 -3.92
C GLY C 367 49.06 -5.45 -3.28
N ILE C 368 48.57 -4.84 -2.20
CA ILE C 368 49.30 -3.81 -1.47
C ILE C 368 49.55 -4.31 -0.06
N HIS C 369 50.80 -4.19 0.39
CA HIS C 369 51.17 -4.54 1.75
C HIS C 369 51.85 -3.35 2.41
N VAL C 370 52.46 -3.55 3.58
CA VAL C 370 52.99 -2.44 4.35
C VAL C 370 53.99 -1.63 3.54
N TRP C 371 54.85 -2.30 2.78
CA TRP C 371 55.89 -1.59 2.05
C TRP C 371 55.33 -0.60 1.05
N HIS C 372 54.10 -0.81 0.59
CA HIS C 372 53.47 0.08 -0.37
C HIS C 372 52.78 1.27 0.29
N VAL C 373 52.72 1.30 1.62
CA VAL C 373 52.00 2.39 2.31
C VAL C 373 52.58 3.75 1.99
N PRO C 374 53.90 3.97 2.02
CA PRO C 374 54.42 5.29 1.67
C PRO C 374 53.94 5.77 0.31
N ASP C 375 54.21 4.99 -0.73
CA ASP C 375 53.81 5.38 -2.08
C ASP C 375 52.33 5.75 -2.11
N LEU C 376 51.49 4.90 -1.54
CA LEU C 376 50.05 5.18 -1.50
C LEU C 376 49.79 6.55 -0.88
N VAL C 377 50.38 6.80 0.29
CA VAL C 377 50.17 8.08 0.95
C VAL C 377 50.68 9.22 0.07
N SER C 378 51.78 8.99 -0.65
CA SER C 378 52.26 9.97 -1.59
C SER C 378 51.23 10.22 -2.70
N ILE C 379 50.63 9.14 -3.20
CA ILE C 379 49.67 9.27 -4.30
C ILE C 379 48.38 9.92 -3.81
N TYR C 380 47.87 9.47 -2.67
CA TYR C 380 46.54 9.83 -2.20
C TYR C 380 46.54 10.78 -1.02
N GLY C 381 47.58 10.77 -0.19
CA GLY C 381 47.56 11.56 1.03
C GLY C 381 46.77 10.88 2.13
N ASN C 382 45.94 11.66 2.83
CA ASN C 382 45.16 11.14 3.94
C ASN C 382 43.72 10.80 3.57
N ASP C 383 43.12 11.53 2.63
CA ASP C 383 41.71 11.34 2.29
C ASP C 383 41.61 10.20 1.28
N ALA C 384 41.76 8.98 1.79
CA ALA C 384 41.67 7.80 0.96
C ALA C 384 41.49 6.57 1.83
N PHE C 385 41.03 5.49 1.20
CA PHE C 385 40.89 4.19 1.84
C PHE C 385 41.96 3.25 1.30
N PHE C 386 42.70 2.62 2.21
CA PHE C 386 43.71 1.62 1.86
C PHE C 386 43.17 0.26 2.25
N LEU C 387 42.99 -0.62 1.26
CA LEU C 387 42.41 -1.94 1.47
C LEU C 387 43.51 -2.98 1.39
N PHE C 388 43.65 -3.76 2.46
CA PHE C 388 44.64 -4.84 2.54
C PHE C 388 43.88 -6.15 2.75
N GLY C 389 43.59 -6.85 1.66
CA GLY C 389 42.97 -8.15 1.75
C GLY C 389 43.98 -9.24 2.06
N GLY C 390 44.87 -9.53 1.11
CA GLY C 390 45.90 -10.52 1.34
C GLY C 390 46.97 -10.04 2.30
N GLY C 391 47.18 -8.73 2.39
CA GLY C 391 48.14 -8.19 3.33
C GLY C 391 47.72 -8.33 4.77
N THR C 392 46.42 -8.50 5.02
CA THR C 392 45.92 -8.70 6.38
C THR C 392 45.87 -10.18 6.74
N HIS C 393 45.17 -10.99 5.95
CA HIS C 393 45.00 -12.40 6.26
C HIS C 393 46.25 -13.22 5.95
N GLY C 394 47.13 -12.72 5.09
CA GLY C 394 48.36 -13.40 4.78
C GLY C 394 49.47 -13.23 5.79
N HIS C 395 49.21 -12.47 6.85
CA HIS C 395 50.21 -12.31 7.90
C HIS C 395 50.48 -13.67 8.55
N PRO C 396 51.73 -13.96 8.92
CA PRO C 396 52.01 -15.27 9.52
C PRO C 396 51.18 -15.57 10.76
N ARG C 397 50.92 -14.58 11.59
CA ARG C 397 50.23 -14.79 12.85
C ARG C 397 48.72 -14.61 12.76
N GLY C 398 48.19 -14.34 11.58
CA GLY C 398 46.76 -14.28 11.36
C GLY C 398 46.29 -12.91 10.95
N SER C 399 44.97 -12.81 10.75
CA SER C 399 44.38 -11.57 10.26
C SER C 399 44.49 -10.45 11.28
N ARG C 400 44.37 -10.77 12.58
CA ARG C 400 44.48 -9.73 13.60
C ARG C 400 45.87 -9.10 13.56
N ALA C 401 46.91 -9.92 13.48
CA ALA C 401 48.28 -9.39 13.44
C ALA C 401 48.51 -8.58 12.16
N GLY C 402 47.98 -9.06 11.03
CA GLY C 402 48.13 -8.31 9.79
C GLY C 402 47.44 -6.97 9.84
N ALA C 403 46.23 -6.93 10.41
CA ALA C 403 45.51 -5.68 10.58
C ALA C 403 46.28 -4.72 11.49
N ARG C 404 46.84 -5.24 12.59
CA ARG C 404 47.64 -4.42 13.48
C ARG C 404 48.85 -3.84 12.74
N ALA C 405 49.53 -4.69 11.95
CA ALA C 405 50.69 -4.23 11.21
C ALA C 405 50.32 -3.15 10.21
N ASN C 406 49.24 -3.36 9.47
CA ASN C 406 48.82 -2.38 8.48
C ASN C 406 48.42 -1.07 9.14
N ARG C 407 47.70 -1.14 10.27
CA ARG C 407 47.35 0.06 11.00
C ARG C 407 48.59 0.81 11.47
N ALA C 408 49.57 0.08 12.00
CA ALA C 408 50.79 0.72 12.46
C ALA C 408 51.52 1.40 11.32
N ALA C 409 51.65 0.71 10.18
CA ALA C 409 52.35 1.28 9.04
C ALA C 409 51.62 2.53 8.53
N VAL C 410 50.30 2.45 8.41
CA VAL C 410 49.52 3.59 7.92
C VAL C 410 49.66 4.77 8.87
N GLU C 411 49.55 4.51 10.18
CA GLU C 411 49.66 5.60 11.14
C GLU C 411 51.05 6.24 11.09
N ALA C 412 52.09 5.43 11.03
CA ALA C 412 53.45 5.98 11.00
C ALA C 412 53.67 6.81 9.75
N VAL C 413 53.25 6.30 8.58
CA VAL C 413 53.46 7.02 7.34
C VAL C 413 52.63 8.30 7.31
N ALA C 414 51.40 8.25 7.82
CA ALA C 414 50.57 9.46 7.88
C ALA C 414 51.18 10.50 8.81
N ALA C 415 51.73 10.06 9.95
CA ALA C 415 52.40 11.00 10.85
C ALA C 415 53.61 11.64 10.18
N ALA C 416 54.40 10.84 9.46
CA ALA C 416 55.54 11.41 8.75
C ALA C 416 55.09 12.40 7.67
N TYR C 417 54.02 12.05 6.93
CA TYR C 417 53.51 12.94 5.90
C TYR C 417 53.02 14.25 6.48
N ARG C 418 52.31 14.18 7.62
CA ARG C 418 51.84 15.40 8.27
C ARG C 418 53.01 16.25 8.74
N GLU C 419 54.14 15.63 9.05
CA GLU C 419 55.33 16.34 9.51
C GLU C 419 56.13 16.95 8.37
N GLY C 420 55.75 16.69 7.12
CA GLY C 420 56.45 17.24 5.97
C GLY C 420 57.62 16.40 5.49
N ARG C 421 57.84 15.23 6.07
CA ARG C 421 58.94 14.37 5.64
C ARG C 421 58.68 13.84 4.23
N ASP C 422 59.76 13.60 3.51
CA ASP C 422 59.69 13.01 2.17
C ASP C 422 59.44 11.51 2.35
N ILE C 423 58.16 11.14 2.42
CA ILE C 423 57.80 9.76 2.70
C ILE C 423 58.28 8.83 1.59
N LEU C 424 58.36 9.34 0.35
CA LEU C 424 58.81 8.49 -0.75
C LEU C 424 60.25 8.05 -0.54
N ALA C 425 61.11 8.93 -0.04
CA ALA C 425 62.51 8.61 0.18
C ALA C 425 62.78 7.96 1.54
N GLU C 426 62.02 8.33 2.57
CA GLU C 426 62.22 7.82 3.91
C GLU C 426 61.18 6.78 4.31
N GLY C 427 60.50 6.17 3.35
CA GLY C 427 59.44 5.23 3.67
C GLY C 427 59.96 3.98 4.36
N ARG C 428 61.06 3.42 3.86
CA ARG C 428 61.63 2.24 4.48
C ARG C 428 62.07 2.52 5.91
N GLN C 429 62.70 3.68 6.13
CA GLN C 429 63.12 4.04 7.48
C GLN C 429 61.92 4.25 8.39
N ILE C 430 60.86 4.88 7.89
CA ILE C 430 59.66 5.09 8.69
C ILE C 430 59.05 3.74 9.08
N LEU C 431 58.95 2.83 8.12
CA LEU C 431 58.38 1.52 8.40
C LEU C 431 59.25 0.75 9.39
N GLN C 432 60.57 0.83 9.25
CA GLN C 432 61.45 0.15 10.20
C GLN C 432 61.29 0.72 11.60
N ASP C 433 61.23 2.04 11.72
CA ASP C 433 61.05 2.66 13.03
C ASP C 433 59.72 2.25 13.65
N ALA C 434 58.66 2.20 12.84
CA ALA C 434 57.37 1.73 13.35
C ALA C 434 57.47 0.27 13.79
N ALA C 435 58.16 -0.56 13.02
CA ALA C 435 58.30 -1.98 13.34
C ALA C 435 59.14 -2.20 14.59
N ARG C 436 60.00 -1.25 14.96
CA ARG C 436 60.79 -1.40 16.18
C ARG C 436 59.88 -1.62 17.39
N THR C 437 58.67 -1.07 17.36
CA THR C 437 57.72 -1.23 18.45
C THR C 437 56.49 -2.06 18.05
N CYS C 438 56.43 -2.53 16.80
CA CYS C 438 55.30 -3.33 16.32
C CYS C 438 55.84 -4.61 15.71
N PRO C 439 55.93 -5.69 16.51
CA PRO C 439 56.44 -6.96 15.95
C PRO C 439 55.61 -7.46 14.77
N GLU C 440 54.30 -7.23 14.77
CA GLU C 440 53.49 -7.61 13.64
C GLU C 440 53.94 -6.89 12.37
N LEU C 441 54.24 -5.60 12.48
CA LEU C 441 54.74 -4.85 11.33
C LEU C 441 56.07 -5.40 10.85
N ARG C 442 56.95 -5.77 11.78
CA ARG C 442 58.23 -6.35 11.41
C ARG C 442 58.03 -7.66 10.65
N GLU C 443 57.14 -8.51 11.14
CA GLU C 443 56.89 -9.78 10.46
C GLU C 443 56.30 -9.55 9.07
N ALA C 444 55.36 -8.61 8.96
CA ALA C 444 54.77 -8.32 7.65
C ALA C 444 55.82 -7.79 6.69
N MET C 445 56.69 -6.90 7.16
CA MET C 445 57.74 -6.36 6.30
C MET C 445 58.69 -7.46 5.86
N GLU C 446 59.07 -8.36 6.77
CA GLU C 446 59.96 -9.45 6.41
C GLU C 446 59.32 -10.37 5.38
N LEU C 447 58.02 -10.68 5.55
CA LEU C 447 57.36 -11.62 4.67
C LEU C 447 57.29 -11.09 3.24
N TRP C 448 56.95 -9.81 3.07
CA TRP C 448 56.70 -9.21 1.77
C TRP C 448 57.75 -8.17 1.40
N GLU C 449 59.01 -8.42 1.77
CA GLU C 449 60.06 -7.44 1.51
C GLU C 449 60.28 -7.25 0.01
N GLY C 450 60.45 -8.35 -0.73
CA GLY C 450 60.77 -8.26 -2.14
C GLY C 450 59.60 -8.54 -3.06
N VAL C 451 58.39 -8.53 -2.51
CA VAL C 451 57.19 -8.81 -3.29
C VAL C 451 56.81 -7.55 -4.05
N THR C 452 56.96 -7.58 -5.37
CA THR C 452 56.66 -6.43 -6.22
C THR C 452 55.86 -6.91 -7.43
N PHE C 453 55.12 -5.98 -8.02
CA PHE C 453 54.28 -6.25 -9.18
C PHE C 453 54.72 -5.34 -10.33
N PHE D 6 49.44 -23.63 7.88
CA PHE D 6 49.33 -22.53 6.94
C PHE D 6 50.70 -21.88 6.78
N VAL D 7 51.18 -21.82 5.54
CA VAL D 7 52.49 -21.25 5.23
C VAL D 7 52.26 -19.88 4.61
N ALA D 8 52.67 -18.83 5.33
CA ALA D 8 52.51 -17.48 4.83
C ALA D 8 53.53 -17.19 3.74
N GLY D 9 53.10 -16.43 2.74
CA GLY D 9 53.98 -16.04 1.65
C GLY D 9 53.33 -16.16 0.29
N VAL D 10 54.01 -15.62 -0.72
CA VAL D 10 53.50 -15.63 -2.09
C VAL D 10 53.91 -16.95 -2.74
N GLN D 11 52.93 -17.63 -3.35
CA GLN D 11 53.16 -18.86 -4.08
C GLN D 11 52.61 -18.72 -5.49
N PRO D 12 53.17 -19.43 -6.46
CA PRO D 12 52.63 -19.37 -7.82
C PRO D 12 51.19 -19.84 -7.86
N TYR D 13 50.39 -19.17 -8.69
CA TYR D 13 48.99 -19.57 -8.84
C TYR D 13 48.88 -20.98 -9.39
N ARG D 14 49.71 -21.32 -10.38
CA ARG D 14 49.61 -22.62 -11.04
C ARG D 14 49.79 -23.77 -10.05
N LYS D 15 50.43 -23.53 -8.90
CA LYS D 15 50.58 -24.59 -7.91
C LYS D 15 49.23 -25.11 -7.46
N THR D 16 48.22 -24.26 -7.42
CA THR D 16 46.89 -24.62 -6.91
C THR D 16 45.79 -24.46 -7.93
N TYR D 17 45.86 -23.43 -8.78
CA TYR D 17 44.77 -23.08 -9.68
C TYR D 17 45.03 -23.51 -11.12
N TYR D 18 46.06 -24.32 -11.36
CA TYR D 18 46.29 -24.94 -12.66
C TYR D 18 46.20 -26.45 -12.49
N GLU D 19 45.15 -27.04 -13.05
CA GLU D 19 44.86 -28.47 -12.91
C GLU D 19 44.63 -29.05 -14.29
N PRO D 20 45.69 -29.29 -15.07
CA PRO D 20 45.50 -29.78 -16.45
C PRO D 20 44.72 -31.08 -16.53
N GLY D 21 44.86 -31.96 -15.55
CA GLY D 21 44.16 -33.23 -15.56
C GLY D 21 42.73 -33.17 -15.11
N TYR D 22 42.24 -31.99 -14.71
CA TYR D 22 40.87 -31.86 -14.24
C TYR D 22 39.89 -32.07 -15.38
N GLU D 23 38.86 -32.88 -15.12
CA GLU D 23 37.80 -33.12 -16.09
C GLU D 23 36.59 -32.30 -15.73
N PRO D 24 36.18 -31.33 -16.55
CA PRO D 24 35.04 -30.49 -16.17
C PRO D 24 33.78 -31.31 -15.93
N LYS D 25 33.03 -30.92 -14.91
CA LYS D 25 31.75 -31.53 -14.62
C LYS D 25 30.65 -30.86 -15.43
N GLU D 26 29.59 -31.61 -15.71
CA GLU D 26 28.47 -31.06 -16.46
C GLU D 26 27.85 -29.86 -15.76
N THR D 27 28.00 -29.76 -14.45
CA THR D 27 27.48 -28.63 -13.69
C THR D 27 28.45 -27.46 -13.61
N ASP D 28 29.69 -27.63 -14.06
CA ASP D 28 30.68 -26.57 -13.96
C ASP D 28 30.41 -25.49 -15.01
N LEU D 29 30.83 -24.28 -14.69
CA LEU D 29 30.77 -23.14 -15.61
C LEU D 29 32.14 -22.96 -16.23
N LEU D 30 32.23 -23.08 -17.55
CA LEU D 30 33.51 -23.07 -18.26
C LEU D 30 33.69 -21.74 -18.98
N CYS D 31 34.90 -21.18 -18.86
CA CYS D 31 35.25 -19.94 -19.51
C CYS D 31 36.50 -20.14 -20.35
N ALA D 32 36.47 -19.62 -21.57
CA ALA D 32 37.64 -19.59 -22.45
C ALA D 32 38.21 -18.19 -22.48
N PHE D 33 39.50 -18.07 -22.19
CA PHE D 33 40.18 -16.78 -22.10
C PHE D 33 41.35 -16.77 -23.08
N ARG D 34 41.34 -15.82 -24.01
CA ARG D 34 42.53 -15.51 -24.77
C ARG D 34 43.43 -14.63 -23.90
N ILE D 35 44.62 -15.13 -23.59
CA ILE D 35 45.52 -14.51 -22.63
C ILE D 35 46.81 -14.11 -23.35
N GLU D 36 47.21 -12.85 -23.18
CA GLU D 36 48.53 -12.38 -23.56
C GLU D 36 49.27 -12.02 -22.28
N PRO D 37 50.10 -12.91 -21.75
CA PRO D 37 50.76 -12.63 -20.48
C PRO D 37 51.84 -11.57 -20.61
N SER D 38 52.10 -10.90 -19.49
CA SER D 38 53.16 -9.92 -19.45
C SER D 38 54.52 -10.61 -19.49
N PRO D 39 55.56 -9.90 -19.93
CA PRO D 39 56.89 -10.53 -20.02
C PRO D 39 57.32 -11.11 -18.68
N GLY D 40 57.89 -12.31 -18.74
CA GLY D 40 58.33 -13.02 -17.56
C GLY D 40 57.25 -13.83 -16.87
N ILE D 41 56.01 -13.76 -17.33
CA ILE D 41 54.90 -14.49 -16.74
C ILE D 41 54.55 -15.64 -17.70
N PRO D 42 54.75 -16.90 -17.31
CA PRO D 42 54.34 -18.00 -18.20
C PRO D 42 52.84 -18.02 -18.41
N LEU D 43 52.44 -18.55 -19.56
CA LEU D 43 51.02 -18.62 -19.90
C LEU D 43 50.24 -19.41 -18.86
N GLU D 44 50.83 -20.51 -18.39
CA GLU D 44 50.17 -21.30 -17.34
C GLU D 44 49.97 -20.48 -16.08
N GLU D 45 50.99 -19.70 -15.70
CA GLU D 45 50.87 -18.84 -14.52
C GLU D 45 49.78 -17.80 -14.73
N ALA D 46 49.71 -17.21 -15.93
CA ALA D 46 48.67 -16.22 -16.20
C ALA D 46 47.28 -16.82 -16.11
N ALA D 47 47.08 -17.99 -16.70
CA ALA D 47 45.78 -18.65 -16.64
C ALA D 47 45.41 -19.00 -15.21
N ALA D 48 46.38 -19.50 -14.43
CA ALA D 48 46.12 -19.82 -13.04
C ALA D 48 45.77 -18.56 -12.25
N ALA D 49 46.46 -17.45 -12.53
CA ALA D 49 46.13 -16.20 -11.87
C ALA D 49 44.71 -15.76 -12.20
N VAL D 50 44.32 -15.88 -13.47
CA VAL D 50 42.96 -15.52 -13.87
C VAL D 50 41.95 -16.35 -13.10
N ALA D 51 42.16 -17.67 -13.07
CA ALA D 51 41.22 -18.55 -12.37
C ALA D 51 41.16 -18.21 -10.88
N ALA D 52 42.32 -18.02 -10.25
CA ALA D 52 42.37 -17.76 -8.82
C ALA D 52 41.66 -16.46 -8.48
N GLU D 53 41.99 -15.39 -9.19
CA GLU D 53 41.45 -14.08 -8.88
C GLU D 53 40.04 -13.87 -9.41
N SER D 54 39.53 -14.82 -10.21
CA SER D 54 38.12 -14.82 -10.55
C SER D 54 37.28 -15.68 -9.62
N SER D 55 37.88 -16.66 -8.94
CA SER D 55 37.09 -17.59 -8.12
C SER D 55 37.36 -17.45 -6.64
N THR D 56 38.58 -17.74 -6.18
CA THR D 56 38.85 -17.78 -4.74
C THR D 56 40.16 -17.16 -4.31
N GLY D 57 41.16 -17.05 -5.19
CA GLY D 57 42.50 -16.73 -4.74
C GLY D 57 42.82 -15.26 -4.71
N THR D 58 43.87 -14.93 -3.96
CA THR D 58 44.44 -13.59 -3.95
C THR D 58 45.94 -13.68 -4.17
N TRP D 59 46.64 -12.55 -4.01
CA TRP D 59 48.05 -12.47 -4.37
C TRP D 59 48.97 -13.21 -3.41
N THR D 60 48.47 -13.65 -2.26
CA THR D 60 49.30 -14.35 -1.28
C THR D 60 48.44 -15.32 -0.50
N GLU D 61 49.10 -16.30 0.10
CA GLU D 61 48.41 -17.29 0.91
C GLU D 61 47.78 -16.64 2.15
N VAL D 62 46.61 -17.15 2.53
CA VAL D 62 45.86 -16.62 3.65
C VAL D 62 45.51 -17.78 4.59
N TRP D 63 45.62 -17.53 5.89
CA TRP D 63 45.28 -18.55 6.88
C TRP D 63 43.83 -18.99 6.74
N SER D 64 42.94 -18.09 6.33
CA SER D 64 41.52 -18.39 6.26
C SER D 64 41.21 -19.53 5.31
N GLN D 65 42.12 -19.86 4.40
CA GLN D 65 41.91 -20.99 3.51
C GLN D 65 41.76 -22.30 4.27
N GLU D 66 42.28 -22.37 5.51
CA GLU D 66 42.11 -23.57 6.31
C GLU D 66 40.67 -23.74 6.81
N MET D 67 39.83 -22.72 6.67
CA MET D 67 38.46 -22.75 7.15
C MET D 67 37.48 -23.16 6.07
N THR D 68 37.95 -23.52 4.88
CA THR D 68 37.06 -23.93 3.80
C THR D 68 37.79 -24.91 2.90
N ASP D 69 37.02 -25.65 2.11
CA ASP D 69 37.55 -26.60 1.15
C ASP D 69 37.89 -25.85 -0.13
N LEU D 70 39.15 -25.45 -0.26
CA LEU D 70 39.57 -24.67 -1.42
C LEU D 70 39.42 -25.47 -2.70
N HIS D 71 39.83 -26.73 -2.69
CA HIS D 71 39.78 -27.55 -3.90
C HIS D 71 38.35 -27.80 -4.37
N ARG D 72 37.36 -27.71 -3.47
CA ARG D 72 35.98 -27.88 -3.87
C ARG D 72 35.42 -26.63 -4.55
N TYR D 73 35.90 -25.45 -4.17
CA TYR D 73 35.36 -24.19 -4.65
C TYR D 73 36.25 -23.47 -5.64
N LYS D 74 37.54 -23.75 -5.67
CA LYS D 74 38.46 -23.00 -6.51
C LYS D 74 38.14 -23.20 -7.99
N GLY D 75 38.32 -22.13 -8.77
CA GLY D 75 38.35 -22.25 -10.22
C GLY D 75 39.75 -22.63 -10.68
N ARG D 76 39.80 -23.47 -11.70
CA ARG D 76 41.07 -24.01 -12.16
C ARG D 76 41.11 -24.05 -13.68
N CYS D 77 42.30 -23.79 -14.22
CA CYS D 77 42.56 -23.90 -15.65
C CYS D 77 42.87 -25.36 -15.96
N TYR D 78 41.99 -26.01 -16.71
CA TYR D 78 42.13 -27.43 -17.01
C TYR D 78 42.66 -27.71 -18.40
N ALA D 79 43.00 -26.68 -19.17
CA ALA D 79 43.52 -26.87 -20.52
C ALA D 79 44.02 -25.54 -21.05
N ILE D 80 45.07 -25.61 -21.88
CA ILE D 80 45.62 -24.45 -22.55
C ILE D 80 45.96 -24.85 -23.98
N ASP D 81 45.16 -24.37 -24.93
CA ASP D 81 45.40 -24.59 -26.35
C ASP D 81 45.86 -23.27 -26.96
N GLY D 82 47.11 -23.23 -27.40
CA GLY D 82 47.66 -21.96 -27.87
C GLY D 82 47.64 -20.94 -26.75
N ASN D 83 47.06 -19.77 -27.04
CA ASN D 83 46.88 -18.73 -26.05
C ASN D 83 45.52 -18.77 -25.37
N THR D 84 44.70 -19.77 -25.67
CA THR D 84 43.36 -19.88 -25.10
C THR D 84 43.38 -20.85 -23.93
N ALA D 85 43.06 -20.34 -22.75
CA ALA D 85 43.01 -21.12 -21.52
C ALA D 85 41.56 -21.38 -21.14
N TYR D 86 41.26 -22.63 -20.80
CA TYR D 86 39.93 -23.03 -20.37
C TYR D 86 39.93 -23.20 -18.86
N ILE D 87 39.00 -22.51 -18.19
CA ILE D 87 38.92 -22.49 -16.74
C ILE D 87 37.54 -22.97 -16.32
N ALA D 88 37.50 -23.88 -15.35
CA ALA D 88 36.26 -24.44 -14.83
C ALA D 88 35.97 -23.84 -13.46
N TYR D 89 34.73 -23.41 -13.24
CA TYR D 89 34.29 -22.84 -12.01
C TYR D 89 33.17 -23.70 -11.42
N PRO D 90 33.24 -24.11 -10.16
CA PRO D 90 32.15 -24.88 -9.57
C PRO D 90 30.84 -24.10 -9.60
N LEU D 91 29.75 -24.85 -9.77
CA LEU D 91 28.42 -24.24 -9.83
C LEU D 91 28.11 -23.45 -8.56
N ASP D 92 28.60 -23.92 -7.41
CA ASP D 92 28.27 -23.28 -6.13
C ASP D 92 28.90 -21.90 -5.99
N LEU D 93 29.81 -21.52 -6.88
CA LEU D 93 30.45 -20.21 -6.78
C LEU D 93 29.52 -19.08 -7.20
N PHE D 94 28.44 -19.38 -7.92
CA PHE D 94 27.63 -18.36 -8.57
C PHE D 94 26.24 -18.28 -7.94
N GLU D 95 25.80 -17.05 -7.71
CA GLU D 95 24.45 -16.82 -7.22
C GLU D 95 23.43 -17.19 -8.28
N GLU D 96 22.35 -17.83 -7.84
CA GLU D 96 21.33 -18.31 -8.77
C GLU D 96 20.61 -17.14 -9.42
N GLY D 97 20.45 -17.22 -10.75
CA GLY D 97 19.70 -16.21 -11.48
C GLY D 97 20.28 -14.81 -11.39
N SER D 98 21.59 -14.67 -11.46
CA SER D 98 22.25 -13.38 -11.36
C SER D 98 23.39 -13.32 -12.38
N ILE D 99 23.13 -12.64 -13.51
CA ILE D 99 24.20 -12.35 -14.45
C ILE D 99 25.21 -11.39 -13.82
N VAL D 100 24.76 -10.54 -12.89
CA VAL D 100 25.65 -9.59 -12.24
C VAL D 100 26.74 -10.33 -11.48
N ASN D 101 26.37 -11.37 -10.74
CA ASN D 101 27.37 -12.14 -10.00
C ASN D 101 28.33 -12.85 -10.95
N VAL D 102 27.82 -13.40 -12.04
CA VAL D 102 28.69 -14.05 -13.01
C VAL D 102 29.72 -13.07 -13.56
N MET D 103 29.27 -11.86 -13.90
CA MET D 103 30.20 -10.85 -14.41
C MET D 103 31.20 -10.44 -13.34
N SER D 104 30.74 -10.23 -12.11
CA SER D 104 31.64 -9.82 -11.04
C SER D 104 32.68 -10.89 -10.75
N SER D 105 32.35 -12.16 -11.00
CA SER D 105 33.32 -13.23 -10.81
C SER D 105 34.26 -13.35 -12.00
N ILE D 106 33.71 -13.64 -13.18
CA ILE D 106 34.53 -13.97 -14.34
C ILE D 106 35.28 -12.74 -14.83
N VAL D 107 34.59 -11.61 -14.97
CA VAL D 107 35.18 -10.42 -15.58
C VAL D 107 35.29 -9.30 -14.56
N GLY D 108 35.40 -9.66 -13.28
CA GLY D 108 35.45 -8.67 -12.22
C GLY D 108 36.74 -7.87 -12.17
N ASN D 109 37.85 -8.54 -11.85
CA ASN D 109 39.13 -7.86 -11.67
C ASN D 109 40.27 -8.48 -12.48
N VAL D 110 40.09 -9.65 -13.08
CA VAL D 110 41.20 -10.34 -13.74
C VAL D 110 41.69 -9.60 -14.97
N PHE D 111 40.88 -8.71 -15.54
CA PHE D 111 41.26 -8.01 -16.76
C PHE D 111 42.22 -6.86 -16.50
N GLY D 112 42.35 -6.41 -15.25
CA GLY D 112 43.25 -5.35 -14.89
C GLY D 112 44.56 -5.79 -14.27
N PHE D 113 44.88 -7.07 -14.30
CA PHE D 113 46.09 -7.57 -13.67
C PHE D 113 47.32 -7.29 -14.52
N LYS D 114 48.38 -6.81 -13.87
CA LYS D 114 49.63 -6.56 -14.58
C LYS D 114 50.23 -7.85 -15.14
N ALA D 115 49.98 -8.99 -14.48
CA ALA D 115 50.53 -10.25 -14.94
C ALA D 115 50.08 -10.58 -16.35
N VAL D 116 48.88 -10.17 -16.73
CA VAL D 116 48.34 -10.42 -18.06
C VAL D 116 48.36 -9.09 -18.82
N ARG D 117 49.10 -9.06 -19.94
CA ARG D 117 49.09 -7.88 -20.78
C ARG D 117 47.72 -7.66 -21.41
N ALA D 118 47.07 -8.74 -21.85
CA ALA D 118 45.73 -8.64 -22.40
C ALA D 118 44.93 -9.87 -22.04
N LEU D 119 43.62 -9.69 -21.94
CA LEU D 119 42.72 -10.78 -21.55
C LEU D 119 41.38 -10.57 -22.24
N ARG D 120 40.92 -11.59 -22.96
CA ARG D 120 39.63 -11.54 -23.63
C ARG D 120 38.82 -12.78 -23.28
N LEU D 121 37.58 -12.59 -22.85
CA LEU D 121 36.67 -13.69 -22.59
C LEU D 121 35.96 -14.04 -23.89
N LEU D 122 36.30 -15.20 -24.47
CA LEU D 122 35.78 -15.57 -25.77
C LEU D 122 34.42 -16.25 -25.67
N ASP D 123 34.34 -17.34 -24.91
CA ASP D 123 33.13 -18.12 -24.80
C ASP D 123 32.94 -18.60 -23.37
N MET D 124 31.69 -18.88 -23.03
CA MET D 124 31.33 -19.38 -21.71
C MET D 124 30.38 -20.56 -21.87
N ARG D 125 30.58 -21.59 -21.05
CA ARG D 125 29.70 -22.75 -21.00
C ARG D 125 28.83 -22.62 -19.77
N ILE D 126 27.61 -22.15 -19.96
CA ILE D 126 26.65 -22.04 -18.87
C ILE D 126 26.03 -23.42 -18.64
N PRO D 127 26.19 -24.02 -17.46
CA PRO D 127 25.60 -25.35 -17.24
C PRO D 127 24.08 -25.28 -17.17
N THR D 128 23.46 -26.42 -17.50
CA THR D 128 22.00 -26.50 -17.46
C THR D 128 21.47 -26.18 -16.06
N ALA D 129 22.17 -26.64 -15.02
CA ALA D 129 21.71 -26.39 -13.66
C ALA D 129 21.64 -24.90 -13.36
N TYR D 130 22.66 -24.15 -13.78
CA TYR D 130 22.63 -22.69 -13.58
C TYR D 130 21.62 -22.03 -14.51
N LEU D 131 21.44 -22.57 -15.72
CA LEU D 131 20.48 -22.00 -16.66
C LEU D 131 19.06 -22.10 -16.12
N LYS D 132 18.74 -23.20 -15.44
CA LYS D 132 17.39 -23.39 -14.93
C LYS D 132 17.02 -22.33 -13.89
N THR D 133 18.00 -21.64 -13.33
CA THR D 133 17.74 -20.58 -12.36
C THR D 133 17.41 -19.25 -13.03
N PHE D 134 17.42 -19.18 -14.37
CA PHE D 134 17.11 -17.95 -15.08
C PHE D 134 15.78 -18.08 -15.82
N PRO D 135 15.08 -16.96 -16.04
CA PRO D 135 13.74 -17.03 -16.61
C PRO D 135 13.73 -17.21 -18.13
N GLY D 136 14.71 -16.63 -18.80
CA GLY D 136 14.73 -16.65 -20.24
C GLY D 136 13.82 -15.58 -20.82
N PRO D 137 13.78 -15.49 -22.15
CA PRO D 137 12.92 -14.49 -22.80
C PRO D 137 11.46 -14.68 -22.41
N PRO D 138 10.71 -13.59 -22.21
CA PRO D 138 9.31 -13.74 -21.79
C PRO D 138 8.36 -14.10 -22.91
N THR D 139 8.68 -13.78 -24.17
CA THR D 139 7.76 -13.97 -25.28
C THR D 139 8.22 -15.08 -26.22
N GLY D 140 9.43 -14.98 -26.76
CA GLY D 140 9.92 -15.95 -27.72
C GLY D 140 9.60 -15.57 -29.15
N ILE D 141 10.29 -16.25 -30.07
CA ILE D 141 10.16 -15.94 -31.49
C ILE D 141 8.75 -16.28 -31.99
N ALA D 142 8.28 -17.48 -31.68
CA ALA D 142 6.97 -17.91 -32.19
C ALA D 142 5.85 -17.04 -31.65
N GLN D 143 5.88 -16.74 -30.34
CA GLN D 143 4.84 -15.91 -29.75
C GLN D 143 4.87 -14.50 -30.33
N GLU D 144 6.06 -13.95 -30.55
CA GLU D 144 6.17 -12.63 -31.15
C GLU D 144 5.61 -12.63 -32.57
N ARG D 145 5.93 -13.66 -33.35
CA ARG D 145 5.39 -13.74 -34.70
C ARG D 145 3.87 -13.84 -34.67
N ASP D 146 3.32 -14.62 -33.73
CA ASP D 146 1.87 -14.71 -33.61
C ASP D 146 1.27 -13.36 -33.23
N ARG D 147 1.91 -12.62 -32.34
CA ARG D 147 1.41 -11.30 -31.97
C ARG D 147 1.44 -10.35 -33.17
N LEU D 148 2.51 -10.39 -33.96
CA LEU D 148 2.61 -9.57 -35.16
C LEU D 148 1.97 -10.20 -36.38
N LYS D 149 1.65 -11.50 -36.33
CA LYS D 149 1.08 -12.22 -37.47
C LYS D 149 1.99 -12.10 -38.69
N VAL D 150 3.29 -12.20 -38.47
CA VAL D 150 4.29 -12.19 -39.53
C VAL D 150 5.02 -13.52 -39.49
N TYR D 151 5.00 -14.24 -40.61
CA TYR D 151 5.59 -15.58 -40.69
C TYR D 151 6.39 -15.71 -41.98
N HIS D 152 7.37 -16.61 -41.95
CA HIS D 152 8.15 -16.97 -43.14
C HIS D 152 8.75 -15.74 -43.79
N ARG D 153 9.27 -14.83 -42.97
CA ARG D 153 9.82 -13.58 -43.46
C ARG D 153 10.60 -12.88 -42.35
N PRO D 154 11.77 -12.32 -42.62
CA PRO D 154 12.42 -11.46 -41.63
C PRO D 154 11.53 -10.26 -41.30
N LEU D 155 11.53 -9.89 -40.02
CA LEU D 155 10.69 -8.80 -39.56
C LEU D 155 11.40 -7.47 -39.78
N LEU D 156 10.71 -6.54 -40.43
CA LEU D 156 11.30 -5.25 -40.79
C LEU D 156 11.13 -4.25 -39.66
N GLY D 157 12.09 -3.33 -39.58
CA GLY D 157 12.05 -2.26 -38.60
C GLY D 157 12.97 -1.14 -39.04
N GLY D 158 13.06 -0.13 -38.19
CA GLY D 158 13.90 1.02 -38.50
C GLY D 158 13.97 2.03 -37.37
N THR D 159 15.18 2.48 -37.06
CA THR D 159 15.37 3.53 -36.07
C THR D 159 14.97 4.87 -36.67
N ILE D 160 14.17 5.63 -35.93
CA ILE D 160 13.74 6.95 -36.41
C ILE D 160 14.92 7.90 -36.36
N LYS D 161 15.13 8.61 -37.47
CA LYS D 161 16.23 9.57 -37.58
C LYS D 161 15.70 10.96 -37.90
N PRO D 162 16.43 12.02 -37.54
CA PRO D 162 17.74 12.02 -36.86
C PRO D 162 17.66 11.47 -35.44
N LYS D 163 18.80 11.05 -34.88
CA LYS D 163 18.77 10.40 -33.57
C LYS D 163 18.11 11.29 -32.53
N LEU D 164 18.42 12.59 -32.57
CA LEU D 164 17.92 13.53 -31.59
C LEU D 164 17.54 14.82 -32.30
N GLY D 165 16.68 15.60 -31.65
CA GLY D 165 16.25 16.88 -32.16
C GLY D 165 14.84 16.90 -32.71
N LEU D 166 14.24 15.74 -32.95
CA LEU D 166 12.86 15.69 -33.42
C LEU D 166 11.90 15.81 -32.25
N GLY D 167 10.87 16.62 -32.41
CA GLY D 167 9.83 16.71 -31.42
C GLY D 167 8.88 15.54 -31.50
N PRO D 168 8.05 15.39 -30.47
CA PRO D 168 7.10 14.26 -30.46
C PRO D 168 6.20 14.21 -31.68
N LYS D 169 5.69 15.35 -32.13
CA LYS D 169 4.79 15.35 -33.28
C LYS D 169 5.51 14.92 -34.55
N GLU D 170 6.67 15.51 -34.82
CA GLU D 170 7.44 15.15 -36.01
C GLU D 170 7.96 13.72 -35.92
N PHE D 171 8.41 13.32 -34.73
CA PHE D 171 8.86 11.96 -34.52
C PHE D 171 7.74 10.96 -34.84
N ALA D 172 6.54 11.23 -34.34
CA ALA D 172 5.42 10.33 -34.60
C ALA D 172 4.99 10.39 -36.06
N ARG D 173 5.15 11.53 -36.72
CA ARG D 173 4.85 11.60 -38.14
C ARG D 173 5.79 10.70 -38.93
N VAL D 174 7.08 10.72 -38.60
CA VAL D 174 8.03 9.83 -39.26
C VAL D 174 7.69 8.38 -38.95
N VAL D 175 7.32 8.10 -37.70
CA VAL D 175 6.95 6.74 -37.32
C VAL D 175 5.76 6.25 -38.15
N TYR D 176 4.74 7.10 -38.27
CA TYR D 176 3.55 6.73 -39.04
C TYR D 176 3.91 6.49 -40.50
N GLU D 177 4.73 7.36 -41.08
CA GLU D 177 5.12 7.17 -42.48
C GLU D 177 5.84 5.85 -42.67
N CYS D 178 6.77 5.54 -41.77
CA CYS D 178 7.52 4.28 -41.88
C CYS D 178 6.61 3.08 -41.73
N LEU D 179 5.71 3.12 -40.73
CA LEU D 179 4.85 1.97 -40.48
C LEU D 179 3.87 1.75 -41.62
N VAL D 180 3.25 2.81 -42.13
CA VAL D 180 2.35 2.68 -43.26
C VAL D 180 3.09 2.28 -44.52
N GLY D 181 4.37 2.64 -44.64
CA GLY D 181 5.13 2.29 -45.82
C GLY D 181 5.46 0.82 -45.94
N GLY D 182 5.48 0.09 -44.82
CA GLY D 182 5.72 -1.33 -44.87
C GLY D 182 6.53 -1.89 -43.72
N LEU D 183 7.13 -1.02 -42.90
CA LEU D 183 7.88 -1.49 -41.75
C LEU D 183 6.94 -2.11 -40.73
N ASP D 184 7.34 -3.26 -40.19
CA ASP D 184 6.53 -3.91 -39.16
C ASP D 184 6.60 -3.15 -37.84
N THR D 185 7.77 -2.61 -37.51
CA THR D 185 7.98 -1.92 -36.26
C THR D 185 8.91 -0.74 -36.48
N THR D 186 8.97 0.13 -35.47
CA THR D 186 9.93 1.22 -35.41
C THR D 186 10.49 1.27 -34.00
N ASP D 188 12.70 3.95 -31.04
CA ASP D 188 13.47 5.10 -30.61
C ASP D 188 14.94 4.75 -30.62
N ASP D 189 15.79 5.75 -30.88
CA ASP D 189 17.21 5.52 -30.83
C ASP D 189 17.66 5.27 -29.39
N GLU D 190 18.76 4.53 -29.24
CA GLU D 190 19.25 4.14 -27.93
C GLU D 190 19.50 5.36 -27.03
N ASN D 191 19.87 6.49 -27.62
CA ASN D 191 20.14 7.70 -26.86
C ASN D 191 18.93 8.60 -26.71
N LEU D 192 17.78 8.22 -27.25
CA LEU D 192 16.55 8.99 -27.12
C LEU D 192 15.71 8.39 -26.00
N ASN D 193 15.81 8.98 -24.81
CA ASN D 193 15.07 8.51 -23.65
C ASN D 193 14.08 9.56 -23.16
N SER D 194 14.58 10.71 -22.69
CA SER D 194 13.74 11.83 -22.32
C SER D 194 14.58 13.10 -22.32
N GLN D 195 14.29 14.02 -23.22
CA GLN D 195 15.10 15.20 -23.44
C GLN D 195 14.18 16.40 -23.59
N PRO D 196 14.70 17.61 -23.40
CA PRO D 196 13.86 18.81 -23.55
C PRO D 196 13.16 18.87 -24.89
N PHE D 197 13.83 18.49 -25.97
CA PHE D 197 13.22 18.55 -27.29
C PHE D 197 12.13 17.50 -27.46
N CYS D 198 12.25 16.36 -26.76
CA CYS D 198 11.25 15.30 -26.86
C CYS D 198 11.20 14.57 -25.52
N ARG D 199 10.22 14.95 -24.69
CA ARG D 199 10.02 14.27 -23.42
C ARG D 199 9.34 12.92 -23.66
N TRP D 200 9.61 11.98 -22.75
CA TRP D 200 9.22 10.60 -23.00
C TRP D 200 7.70 10.43 -23.00
N ARG D 201 6.99 11.16 -22.13
CA ARG D 201 5.54 11.03 -22.08
C ARG D 201 4.91 11.48 -23.40
N ASP D 202 5.29 12.67 -23.88
CA ASP D 202 4.75 13.18 -25.13
C ASP D 202 5.12 12.28 -26.29
N ARG D 203 6.37 11.81 -26.33
CA ARG D 203 6.78 10.91 -27.40
C ARG D 203 5.96 9.63 -27.37
N TYR D 204 5.73 9.06 -26.19
CA TYR D 204 4.95 7.83 -26.10
C TYR D 204 3.54 8.06 -26.62
N LEU D 205 2.91 9.15 -26.20
CA LEU D 205 1.54 9.42 -26.62
C LEU D 205 1.45 9.61 -28.13
N TYR D 206 2.28 10.49 -28.68
CA TYR D 206 2.24 10.76 -30.12
C TYR D 206 2.57 9.51 -30.92
N VAL D 207 3.58 8.76 -30.49
CA VAL D 207 4.02 7.59 -31.22
C VAL D 207 2.96 6.51 -31.21
N MET D 208 2.29 6.31 -30.07
CA MET D 208 1.24 5.30 -30.03
C MET D 208 0.03 5.72 -30.83
N ASP D 209 -0.29 7.02 -30.88
CA ASP D 209 -1.33 7.48 -31.80
C ASP D 209 -0.95 7.15 -33.24
N ALA D 210 0.29 7.42 -33.61
CA ALA D 210 0.75 7.10 -34.96
C ALA D 210 0.69 5.59 -35.23
N VAL D 211 1.08 4.79 -34.25
CA VAL D 211 1.09 3.34 -34.42
C VAL D 211 -0.33 2.82 -34.60
N HIS D 212 -1.27 3.33 -33.80
CA HIS D 212 -2.66 2.92 -33.94
C HIS D 212 -3.23 3.33 -35.29
N ARG D 213 -2.91 4.55 -35.75
CA ARG D 213 -3.37 4.99 -37.06
C ARG D 213 -2.82 4.09 -38.16
N ALA D 214 -1.54 3.73 -38.08
CA ALA D 214 -0.93 2.87 -39.08
C ALA D 214 -1.56 1.48 -39.04
N GLU D 215 -1.82 0.95 -37.85
CA GLU D 215 -2.48 -0.34 -37.73
C GLU D 215 -3.86 -0.31 -38.37
N GLU D 216 -4.62 0.75 -38.13
CA GLU D 216 -5.95 0.86 -38.72
C GLU D 216 -5.87 0.96 -40.23
N GLU D 217 -4.96 1.78 -40.75
CA GLU D 217 -4.89 2.00 -42.20
C GLU D 217 -4.40 0.76 -42.93
N THR D 218 -3.28 0.18 -42.46
CA THR D 218 -2.70 -0.97 -43.14
C THR D 218 -3.46 -2.26 -42.85
N GLY D 219 -4.02 -2.39 -41.65
CA GLY D 219 -4.66 -3.62 -41.24
C GLY D 219 -3.71 -4.66 -40.68
N GLU D 220 -2.41 -4.37 -40.61
CA GLU D 220 -1.42 -5.28 -40.09
C GLU D 220 -0.96 -4.81 -38.71
N ALA D 221 -0.52 -5.76 -37.89
CA ALA D 221 -0.01 -5.42 -36.57
C ALA D 221 1.23 -4.55 -36.71
N LYS D 222 1.27 -3.46 -35.96
CA LYS D 222 2.39 -2.54 -35.96
C LYS D 222 2.77 -2.22 -34.52
N GLY D 223 4.03 -1.85 -34.33
CA GLY D 223 4.51 -1.49 -33.02
C GLY D 223 5.69 -0.54 -33.12
N HIS D 224 5.97 0.12 -31.99
CA HIS D 224 7.13 0.97 -31.85
C HIS D 224 7.87 0.58 -30.58
N TRP D 225 9.18 0.38 -30.70
CA TRP D 225 10.00 -0.03 -29.56
C TRP D 225 10.31 1.22 -28.74
N LEU D 226 9.34 1.62 -27.91
CA LEU D 226 9.52 2.77 -27.05
C LEU D 226 10.67 2.52 -26.09
N ASN D 227 11.56 3.51 -25.98
CA ASN D 227 12.76 3.39 -25.15
C ASN D 227 12.41 3.81 -23.72
N VAL D 228 12.47 2.85 -22.80
CA VAL D 228 12.22 3.11 -21.38
C VAL D 228 13.50 3.30 -20.60
N THR D 229 14.65 3.28 -21.27
CA THR D 229 15.93 3.47 -20.57
C THR D 229 15.92 4.79 -19.82
N ALA D 230 16.34 4.74 -18.56
CA ALA D 230 16.33 5.92 -17.71
C ALA D 230 17.46 5.79 -16.69
N GLY D 231 17.69 6.88 -15.97
CA GLY D 231 18.77 6.92 -14.99
C GLY D 231 18.51 6.15 -13.72
N ASP D 232 17.29 5.69 -13.49
CA ASP D 232 16.96 4.89 -12.32
C ASP D 232 15.97 3.81 -12.71
N THR D 233 15.99 2.71 -11.96
CA THR D 233 15.13 1.58 -12.26
C THR D 233 13.65 1.97 -12.11
N GLU D 234 13.32 2.77 -11.10
CA GLU D 234 11.94 3.17 -10.89
C GLU D 234 11.41 3.97 -12.07
N GLU D 235 12.22 4.87 -12.62
CA GLU D 235 11.80 5.62 -13.79
C GLU D 235 11.57 4.71 -14.99
N MET D 236 12.45 3.72 -15.17
CA MET D 236 12.27 2.78 -16.27
C MET D 236 10.97 2.00 -16.10
N LEU D 237 10.67 1.56 -14.87
CA LEU D 237 9.43 0.84 -14.62
C LEU D 237 8.22 1.73 -14.88
N ARG D 238 8.28 2.99 -14.45
CA ARG D 238 7.19 3.92 -14.71
C ARG D 238 6.98 4.12 -16.20
N ARG D 239 8.07 4.25 -16.96
CA ARG D 239 7.95 4.44 -18.39
C ARG D 239 7.39 3.20 -19.08
N ALA D 240 7.80 2.00 -18.63
CA ALA D 240 7.23 0.78 -19.18
C ALA D 240 5.74 0.68 -18.87
N GLU D 241 5.35 1.04 -17.64
CA GLU D 241 3.94 1.02 -17.28
C GLU D 241 3.14 1.99 -18.14
N PHE D 242 3.68 3.19 -18.39
CA PHE D 242 3.01 4.12 -19.28
C PHE D 242 2.92 3.58 -20.70
N ALA D 243 4.01 2.98 -21.19
CA ALA D 243 3.98 2.39 -22.52
C ALA D 243 2.88 1.35 -22.65
N LYS D 244 2.70 0.52 -21.61
CA LYS D 244 1.58 -0.40 -21.60
C LYS D 244 0.25 0.36 -21.57
N GLU D 245 0.19 1.43 -20.78
CA GLU D 245 -1.04 2.21 -20.68
C GLU D 245 -1.44 2.80 -22.04
N VAL D 246 -0.48 3.34 -22.79
CA VAL D 246 -0.77 3.95 -24.07
C VAL D 246 -0.98 2.92 -25.18
N GLY D 247 -0.94 1.63 -24.86
CA GLY D 247 -1.26 0.60 -25.81
C GLY D 247 -0.09 -0.02 -26.54
N SER D 248 1.14 0.29 -26.13
CA SER D 248 2.30 -0.29 -26.80
C SER D 248 2.47 -1.76 -26.41
N ARG D 249 2.76 -2.59 -27.40
CA ARG D 249 3.12 -3.98 -27.18
C ARG D 249 4.63 -4.18 -27.12
N TYR D 250 5.41 -3.11 -27.27
CA TYR D 250 6.87 -3.18 -27.30
C TYR D 250 7.47 -2.13 -26.40
N ILE D 251 8.60 -2.48 -25.79
CA ILE D 251 9.50 -1.52 -25.16
C ILE D 251 10.92 -1.93 -25.51
N MET D 252 11.84 -0.97 -25.39
CA MET D 252 13.25 -1.23 -25.60
C MET D 252 14.06 -0.60 -24.47
N VAL D 253 15.20 -1.22 -24.19
CA VAL D 253 16.06 -0.79 -23.10
C VAL D 253 17.51 -1.06 -23.50
N ASP D 254 18.39 -0.17 -23.09
CA ASP D 254 19.84 -0.35 -23.27
C ASP D 254 20.33 -1.11 -22.04
N PHE D 255 20.33 -2.44 -22.14
CA PHE D 255 20.55 -3.27 -20.96
C PHE D 255 21.97 -3.12 -20.41
N LEU D 256 22.96 -2.93 -21.30
CA LEU D 256 24.33 -2.78 -20.82
C LEU D 256 24.52 -1.45 -20.09
N THR D 257 24.07 -0.35 -20.68
CA THR D 257 24.20 0.94 -20.01
C THR D 257 23.29 1.03 -18.80
N ALA D 258 22.03 0.62 -18.95
CA ALA D 258 21.11 0.61 -17.81
C ALA D 258 21.57 -0.38 -16.75
N GLY D 259 22.02 -1.57 -17.18
CA GLY D 259 22.50 -2.58 -16.26
C GLY D 259 21.68 -3.86 -16.28
N PHE D 260 22.31 -4.96 -15.88
CA PHE D 260 21.62 -6.25 -15.88
C PHE D 260 20.65 -6.38 -14.71
N SER D 261 20.93 -5.74 -13.58
CA SER D 261 19.98 -5.78 -12.46
C SER D 261 18.72 -4.98 -12.79
N ALA D 262 18.90 -3.74 -13.26
CA ALA D 262 17.76 -2.95 -13.70
C ALA D 262 17.04 -3.65 -14.85
N TYR D 263 17.80 -4.29 -15.73
CA TYR D 263 17.18 -5.01 -16.84
C TYR D 263 16.35 -6.18 -16.33
N ALA D 264 16.84 -6.91 -15.33
CA ALA D 264 16.07 -8.01 -14.77
C ALA D 264 14.77 -7.52 -14.15
N THR D 265 14.86 -6.42 -13.39
CA THR D 265 13.64 -5.83 -12.82
C THR D 265 12.66 -5.44 -13.92
N LEU D 266 13.17 -4.78 -14.96
CA LEU D 266 12.31 -4.35 -16.07
C LEU D 266 11.71 -5.54 -16.80
N ARG D 267 12.48 -6.61 -16.97
CA ARG D 267 11.97 -7.80 -17.63
C ARG D 267 10.86 -8.44 -16.83
N ARG D 268 11.02 -8.54 -15.51
CA ARG D 268 9.94 -9.05 -14.69
C ARG D 268 8.69 -8.18 -14.83
N ARG D 269 8.86 -6.87 -14.75
CA ARG D 269 7.70 -5.98 -14.85
C ARG D 269 7.05 -6.07 -16.22
N ALA D 270 7.84 -6.19 -17.29
CA ALA D 270 7.29 -6.25 -18.63
C ALA D 270 6.57 -7.56 -18.89
N GLU D 271 7.11 -8.68 -18.38
CA GLU D 271 6.40 -9.95 -18.46
C GLU D 271 5.07 -9.84 -17.71
N GLU D 272 5.07 -9.17 -16.56
CA GLU D 272 3.81 -8.93 -15.86
C GLU D 272 2.87 -8.10 -16.73
N LEU D 273 3.39 -7.09 -17.42
CA LEU D 273 2.60 -6.19 -18.23
C LEU D 273 2.30 -6.73 -19.62
N GLY D 274 2.92 -7.84 -20.01
CA GLY D 274 2.70 -8.38 -21.34
C GLY D 274 3.43 -7.63 -22.43
N LEU D 275 4.55 -6.99 -22.11
CA LEU D 275 5.31 -6.20 -23.07
C LEU D 275 6.49 -7.01 -23.59
N MET D 276 6.74 -6.90 -24.89
CA MET D 276 7.95 -7.45 -25.48
C MET D 276 9.09 -6.45 -25.35
N ILE D 277 10.27 -6.95 -24.98
CA ILE D 277 11.42 -6.12 -24.66
C ILE D 277 12.43 -6.25 -25.79
N HIS D 278 12.77 -5.13 -26.42
CA HIS D 278 13.89 -5.08 -27.34
C HIS D 278 15.15 -4.67 -26.57
N CYS D 279 16.23 -5.40 -26.80
CA CYS D 279 17.48 -5.20 -26.07
C CYS D 279 18.49 -4.54 -27.01
N HIS D 280 18.88 -3.31 -26.67
CA HIS D 280 19.91 -2.59 -27.40
C HIS D 280 21.23 -2.76 -26.67
N ARG D 281 22.28 -3.07 -27.43
CA ARG D 281 23.59 -3.40 -26.87
C ARG D 281 24.54 -2.20 -26.89
N ALA D 282 24.00 -1.01 -26.67
CA ALA D 282 24.84 0.19 -26.62
C ALA D 282 25.92 0.03 -25.57
N MET D 283 27.14 0.45 -25.91
CA MET D 283 28.35 0.40 -25.09
C MET D 283 29.01 -0.97 -25.15
N HIS D 284 28.49 -1.92 -25.91
CA HIS D 284 29.16 -3.21 -26.01
C HIS D 284 30.50 -3.10 -26.71
N ALA D 285 30.58 -2.26 -27.75
CA ALA D 285 31.79 -2.19 -28.57
C ALA D 285 32.99 -1.66 -27.78
N VAL D 286 32.77 -1.03 -26.63
CA VAL D 286 33.89 -0.59 -25.81
C VAL D 286 34.67 -1.78 -25.26
N PHE D 287 34.06 -2.96 -25.20
CA PHE D 287 34.75 -4.15 -24.72
C PHE D 287 34.52 -5.40 -25.56
N THR D 288 33.74 -5.34 -26.64
CA THR D 288 33.56 -6.48 -27.52
C THR D 288 34.33 -6.37 -28.83
N ARG D 289 34.83 -5.18 -29.17
CA ARG D 289 35.48 -5.00 -30.47
C ARG D 289 36.92 -5.52 -30.46
N PRO D 290 37.74 -5.15 -29.48
CA PRO D 290 39.14 -5.55 -29.53
C PRO D 290 39.29 -7.07 -29.58
N LYS D 291 40.23 -7.53 -30.41
CA LYS D 291 40.47 -8.95 -30.58
C LYS D 291 41.37 -9.52 -29.48
N ASP D 292 42.03 -8.67 -28.70
CA ASP D 292 42.96 -9.12 -27.67
C ASP D 292 42.47 -8.86 -26.25
N HIS D 293 41.48 -7.99 -26.06
CA HIS D 293 41.03 -7.63 -24.74
C HIS D 293 39.53 -7.40 -24.74
N GLY D 294 38.87 -7.79 -23.64
CA GLY D 294 37.46 -7.52 -23.43
C GLY D 294 36.65 -8.79 -23.34
N ILE D 295 35.40 -8.70 -23.77
CA ILE D 295 34.46 -9.82 -23.75
C ILE D 295 33.85 -9.94 -25.13
N HIS D 296 33.96 -11.13 -25.72
CA HIS D 296 33.29 -11.37 -27.01
C HIS D 296 31.78 -11.28 -26.84
N PHE D 297 31.11 -10.73 -27.85
CA PHE D 297 29.68 -10.48 -27.73
C PHE D 297 28.86 -11.76 -27.67
N ARG D 298 29.42 -12.92 -28.03
CA ARG D 298 28.66 -14.16 -27.88
C ARG D 298 28.35 -14.42 -26.41
N VAL D 299 29.30 -14.11 -25.52
CA VAL D 299 29.08 -14.26 -24.10
C VAL D 299 27.96 -13.32 -23.63
N VAL D 300 27.99 -12.07 -24.11
CA VAL D 300 26.95 -11.11 -23.75
C VAL D 300 25.60 -11.57 -24.27
N ALA D 301 25.58 -12.16 -25.46
CA ALA D 301 24.34 -12.70 -26.02
C ALA D 301 23.81 -13.83 -25.15
N LYS D 302 24.68 -14.72 -24.68
CA LYS D 302 24.24 -15.77 -23.76
C LYS D 302 23.67 -15.16 -22.49
N TRP D 303 24.35 -14.15 -21.93
CA TRP D 303 23.87 -13.51 -20.72
C TRP D 303 22.52 -12.87 -20.94
N LEU D 304 22.32 -12.22 -22.09
CA LEU D 304 21.04 -11.57 -22.37
C LEU D 304 19.93 -12.59 -22.55
N ARG D 305 20.21 -13.70 -23.24
CA ARG D 305 19.22 -14.74 -23.38
C ARG D 305 18.83 -15.31 -22.03
N MET D 306 19.82 -15.50 -21.15
CA MET D 306 19.50 -15.94 -19.79
C MET D 306 18.65 -14.90 -19.06
N ALA D 307 18.98 -13.61 -19.24
CA ALA D 307 18.27 -12.55 -18.54
C ALA D 307 16.88 -12.30 -19.12
N GLY D 308 16.61 -12.78 -20.33
CA GLY D 308 15.27 -12.73 -20.89
C GLY D 308 14.95 -11.58 -21.81
N GLY D 309 15.73 -11.42 -22.87
CA GLY D 309 15.41 -10.47 -23.93
C GLY D 309 14.65 -11.15 -25.06
N ASP D 310 13.72 -10.40 -25.65
CA ASP D 310 12.94 -10.90 -26.77
C ASP D 310 13.66 -10.68 -28.10
N HIS D 311 14.39 -9.58 -28.22
CA HIS D 311 15.30 -9.37 -29.35
C HIS D 311 16.57 -8.71 -28.85
N VAL D 312 17.66 -8.97 -29.56
CA VAL D 312 18.94 -8.35 -29.23
C VAL D 312 19.72 -8.12 -30.53
N HIS D 313 20.42 -6.99 -30.58
CA HIS D 313 21.26 -6.70 -31.73
C HIS D 313 22.44 -7.66 -31.76
N THR D 314 22.77 -8.13 -32.96
CA THR D 314 23.83 -9.11 -33.16
C THR D 314 24.87 -8.71 -34.19
N GLY D 315 24.57 -7.76 -35.08
CA GLY D 315 25.52 -7.33 -36.07
C GLY D 315 24.98 -7.39 -37.49
N THR D 316 25.63 -6.66 -38.39
CA THR D 316 25.27 -6.66 -39.81
C THR D 316 26.34 -7.25 -40.71
N VAL D 317 27.59 -7.28 -40.28
CA VAL D 317 28.70 -7.78 -41.08
C VAL D 317 28.95 -6.83 -42.24
N VAL D 318 27.94 -6.63 -43.08
CA VAL D 318 28.07 -5.77 -44.26
C VAL D 318 27.71 -4.32 -43.99
N GLY D 319 27.36 -3.97 -42.75
CA GLY D 319 26.94 -2.64 -42.41
C GLY D 319 28.09 -1.75 -41.96
N LYS D 320 27.72 -0.63 -41.32
CA LYS D 320 28.68 0.36 -40.89
C LYS D 320 29.39 0.00 -39.60
N LEU D 321 28.95 -1.03 -38.89
CA LEU D 321 29.54 -1.44 -37.63
C LEU D 321 30.24 -2.78 -37.79
N GLU D 322 31.38 -2.93 -37.11
CA GLU D 322 32.20 -4.12 -37.28
C GLU D 322 31.46 -5.37 -36.84
N GLY D 323 31.65 -6.45 -37.59
CA GLY D 323 31.07 -7.73 -37.26
C GLY D 323 31.52 -8.84 -38.19
N ALA D 324 31.89 -9.99 -37.63
CA ALA D 324 32.35 -11.11 -38.41
C ALA D 324 31.18 -12.02 -38.77
N ARG D 325 31.20 -12.52 -40.01
CA ARG D 325 30.08 -13.31 -40.51
C ARG D 325 29.88 -14.59 -39.70
N GLU D 326 30.96 -15.37 -39.53
CA GLU D 326 30.84 -16.64 -38.83
C GLU D 326 30.52 -16.43 -37.34
N GLU D 327 31.13 -15.43 -36.72
CA GLU D 327 30.81 -15.12 -35.33
C GLU D 327 29.34 -14.71 -35.19
N VAL D 328 28.83 -13.93 -36.14
CA VAL D 328 27.44 -13.53 -36.10
C VAL D 328 26.52 -14.74 -36.28
N ARG D 329 26.89 -15.66 -37.17
CA ARG D 329 26.11 -16.89 -37.33
C ARG D 329 26.07 -17.68 -36.03
N GLY D 330 27.23 -17.82 -35.37
CA GLY D 330 27.26 -18.51 -34.10
C GLY D 330 26.41 -17.84 -33.04
N ILE D 331 26.45 -16.50 -33.00
CA ILE D 331 25.64 -15.77 -32.03
C ILE D 331 24.16 -15.97 -32.32
N ALA D 332 23.78 -15.96 -33.60
CA ALA D 332 22.39 -16.19 -33.96
C ALA D 332 21.94 -17.58 -33.55
N ASP D 333 22.79 -18.59 -33.76
CA ASP D 333 22.47 -19.94 -33.31
C ASP D 333 22.32 -20.00 -31.80
N LEU D 334 23.21 -19.31 -31.08
CA LEU D 334 23.11 -19.25 -29.62
C LEU D 334 21.78 -18.66 -29.19
N LEU D 335 21.35 -17.59 -29.85
CA LEU D 335 20.12 -16.92 -29.48
C LEU D 335 18.86 -17.66 -29.90
N ARG D 336 18.94 -18.49 -30.94
CA ARG D 336 17.75 -19.08 -31.55
C ARG D 336 17.61 -20.58 -31.33
N GLU D 337 18.69 -21.29 -31.02
CA GLU D 337 18.66 -22.74 -30.94
C GLU D 337 18.57 -23.22 -29.50
N GLU D 338 17.99 -24.41 -29.32
CA GLU D 338 17.91 -25.02 -28.00
C GLU D 338 19.20 -25.73 -27.60
N PHE D 339 20.09 -25.97 -28.55
CA PHE D 339 21.39 -26.56 -28.23
C PHE D 339 22.36 -26.19 -29.34
N VAL D 340 23.48 -25.58 -28.98
CA VAL D 340 24.47 -25.12 -29.95
C VAL D 340 25.76 -25.91 -29.77
N PRO D 341 26.08 -26.83 -30.66
CA PRO D 341 27.36 -27.55 -30.54
C PRO D 341 28.55 -26.63 -30.80
N ALA D 342 29.69 -27.02 -30.24
CA ALA D 342 30.91 -26.25 -30.43
C ALA D 342 31.26 -26.17 -31.91
N ASN D 343 31.71 -24.99 -32.33
CA ASN D 343 32.07 -24.73 -33.73
C ASN D 343 33.29 -23.83 -33.74
N PRO D 344 34.50 -24.39 -33.87
CA PRO D 344 35.70 -23.53 -33.86
C PRO D 344 35.71 -22.50 -34.96
N GLN D 345 35.12 -22.80 -36.12
CA GLN D 345 35.09 -21.83 -37.21
C GLN D 345 34.29 -20.59 -36.81
N ARG D 346 33.19 -20.78 -36.09
CA ARG D 346 32.36 -19.69 -35.63
C ARG D 346 32.76 -19.16 -34.25
N GLY D 347 33.83 -19.69 -33.67
CA GLY D 347 34.29 -19.22 -32.38
C GLY D 347 33.59 -19.83 -31.19
N LEU D 348 32.70 -20.79 -31.40
CA LEU D 348 31.99 -21.46 -30.31
C LEU D 348 32.84 -22.60 -29.81
N LEU D 349 33.43 -22.44 -28.63
CA LEU D 349 34.36 -23.40 -28.07
C LEU D 349 33.71 -24.38 -27.11
N PHE D 350 32.41 -24.25 -26.87
CA PHE D 350 31.70 -25.12 -25.94
C PHE D 350 30.37 -25.54 -26.54
N ASP D 351 29.92 -26.74 -26.19
CA ASP D 351 28.56 -27.16 -26.45
C ASP D 351 27.66 -26.48 -25.43
N GLN D 352 26.69 -25.71 -25.91
CA GLN D 352 25.87 -24.86 -25.05
C GLN D 352 24.41 -25.32 -25.06
N PRO D 353 23.96 -26.05 -24.05
CA PRO D 353 22.52 -26.28 -23.91
C PRO D 353 21.82 -25.03 -23.38
N TRP D 354 20.51 -25.01 -23.58
CA TRP D 354 19.70 -23.86 -23.16
C TRP D 354 18.57 -24.22 -22.21
N ALA D 355 18.43 -25.51 -21.86
CA ALA D 355 17.56 -25.92 -20.76
C ALA D 355 16.13 -25.40 -20.95
N GLY D 356 15.69 -25.38 -22.20
CA GLY D 356 14.34 -24.95 -22.51
C GLY D 356 14.12 -23.46 -22.53
N LEU D 357 15.16 -22.66 -22.30
CA LEU D 357 15.01 -21.22 -22.35
C LEU D 357 14.58 -20.80 -23.76
N LYS D 358 13.65 -19.86 -23.82
CA LYS D 358 13.07 -19.47 -25.09
C LYS D 358 14.11 -18.82 -25.99
N PRO D 359 13.98 -18.98 -27.29
CA PRO D 359 14.84 -18.24 -28.22
C PRO D 359 14.38 -16.81 -28.38
N LEU D 360 15.29 -15.96 -28.84
CA LEU D 360 15.01 -14.56 -29.07
C LEU D 360 15.49 -14.15 -30.46
N PHE D 361 15.08 -12.96 -30.87
CA PHE D 361 15.27 -12.51 -32.25
C PHE D 361 16.62 -11.80 -32.38
N PRO D 362 17.53 -12.28 -33.23
CA PRO D 362 18.67 -11.45 -33.62
C PRO D 362 18.18 -10.25 -34.41
N VAL D 363 18.84 -9.12 -34.22
CA VAL D 363 18.48 -7.87 -34.88
C VAL D 363 19.70 -7.37 -35.65
N ALA D 364 19.53 -7.15 -36.94
CA ALA D 364 20.57 -6.60 -37.80
C ALA D 364 20.26 -5.13 -38.05
N SER D 365 21.16 -4.25 -37.60
CA SER D 365 20.98 -2.82 -37.74
C SER D 365 22.32 -2.15 -37.96
N GLY D 366 22.29 -1.04 -38.69
CA GLY D 366 23.47 -0.22 -38.86
C GLY D 366 24.01 -0.20 -40.28
N GLY D 367 23.70 0.87 -41.01
CA GLY D 367 24.25 1.04 -42.35
C GLY D 367 23.90 -0.07 -43.31
N ILE D 368 22.65 -0.54 -43.28
CA ILE D 368 22.18 -1.59 -44.17
C ILE D 368 21.06 -1.03 -45.02
N HIS D 369 21.16 -1.25 -46.33
CA HIS D 369 20.12 -0.85 -47.28
C HIS D 369 19.69 -2.06 -48.08
N VAL D 370 18.90 -1.85 -49.13
CA VAL D 370 18.29 -2.95 -49.86
C VAL D 370 19.35 -3.92 -50.37
N TRP D 371 20.47 -3.39 -50.88
CA TRP D 371 21.49 -4.26 -51.47
C TRP D 371 22.05 -5.26 -50.46
N HIS D 372 21.99 -4.95 -49.17
CA HIS D 372 22.49 -5.84 -48.13
C HIS D 372 21.48 -6.89 -47.71
N VAL D 373 20.25 -6.83 -48.22
CA VAL D 373 19.21 -7.77 -47.77
C VAL D 373 19.60 -9.21 -48.07
N PRO D 374 20.09 -9.56 -49.26
CA PRO D 374 20.48 -10.95 -49.50
C PRO D 374 21.46 -11.48 -48.46
N ASP D 375 22.60 -10.81 -48.32
CA ASP D 375 23.61 -11.24 -47.36
C ASP D 375 22.99 -11.45 -45.98
N LEU D 376 22.22 -10.47 -45.51
CA LEU D 376 21.56 -10.60 -44.21
C LEU D 376 20.74 -11.88 -44.14
N VAL D 377 19.90 -12.12 -45.16
CA VAL D 377 19.07 -13.32 -45.15
C VAL D 377 19.96 -14.56 -45.18
N SER D 378 21.08 -14.49 -45.88
CA SER D 378 22.03 -15.60 -45.84
C SER D 378 22.58 -15.80 -44.43
N ILE D 379 22.91 -14.70 -43.75
CA ILE D 379 23.49 -14.81 -42.42
C ILE D 379 22.45 -15.27 -41.41
N TYR D 380 21.25 -14.70 -41.47
CA TYR D 380 20.24 -14.88 -40.44
C TYR D 380 19.06 -15.75 -40.86
N GLY D 381 18.75 -15.79 -42.16
CA GLY D 381 17.56 -16.49 -42.60
C GLY D 381 16.31 -15.65 -42.39
N ASN D 382 15.24 -16.28 -41.88
CA ASN D 382 13.97 -15.61 -41.68
C ASN D 382 13.75 -15.14 -40.25
N ASP D 383 14.28 -15.87 -39.26
CA ASP D 383 14.03 -15.55 -37.86
C ASP D 383 15.02 -14.48 -37.41
N ALA D 384 14.74 -13.25 -37.85
CA ALA D 384 15.59 -12.12 -37.50
C ALA D 384 14.85 -10.82 -37.78
N PHE D 385 15.35 -9.75 -37.18
CA PHE D 385 14.86 -8.40 -37.41
C PHE D 385 15.89 -7.62 -38.22
N PHE D 386 15.44 -7.02 -39.31
CA PHE D 386 16.27 -6.16 -40.14
C PHE D 386 15.85 -4.72 -39.92
N LEU D 387 16.76 -3.90 -39.39
CA LEU D 387 16.48 -2.51 -39.04
C LEU D 387 17.11 -1.60 -40.08
N PHE D 388 16.29 -0.77 -40.72
CA PHE D 388 16.73 0.20 -41.73
C PHE D 388 16.38 1.60 -41.21
N GLY D 389 17.32 2.24 -40.54
CA GLY D 389 17.11 3.60 -40.11
C GLY D 389 17.36 4.60 -41.22
N GLY D 390 18.63 4.72 -41.65
CA GLY D 390 18.95 5.62 -42.74
C GLY D 390 18.48 5.10 -44.09
N GLY D 391 18.34 3.78 -44.22
CA GLY D 391 17.84 3.20 -45.45
C GLY D 391 16.36 3.48 -45.68
N THR D 392 15.62 3.81 -44.63
CA THR D 392 14.21 4.15 -44.75
C THR D 392 14.01 5.66 -44.97
N HIS D 393 14.54 6.48 -44.06
CA HIS D 393 14.34 7.92 -44.14
C HIS D 393 15.22 8.57 -45.19
N GLY D 394 16.31 7.93 -45.60
CA GLY D 394 17.18 8.45 -46.62
C GLY D 394 16.69 8.22 -48.03
N HIS D 395 15.55 7.57 -48.20
CA HIS D 395 15.00 7.39 -49.52
C HIS D 395 14.67 8.74 -50.13
N PRO D 396 14.88 8.92 -51.45
CA PRO D 396 14.60 10.24 -52.04
C PRO D 396 13.16 10.71 -51.84
N ARG D 397 12.19 9.81 -51.88
CA ARG D 397 10.79 10.18 -51.81
C ARG D 397 10.23 10.15 -50.39
N GLY D 398 11.05 9.87 -49.38
CA GLY D 398 10.65 9.94 -48.00
C GLY D 398 10.68 8.60 -47.31
N SER D 399 10.30 8.63 -46.02
CA SER D 399 10.37 7.43 -45.20
C SER D 399 9.38 6.38 -45.66
N ARG D 400 8.19 6.80 -46.10
CA ARG D 400 7.20 5.83 -46.58
C ARG D 400 7.74 5.05 -47.77
N ALA D 401 8.33 5.75 -48.74
CA ALA D 401 8.88 5.07 -49.91
C ALA D 401 10.04 4.16 -49.53
N GLY D 402 10.89 4.61 -48.62
CA GLY D 402 11.99 3.76 -48.17
C GLY D 402 11.52 2.51 -47.47
N ALA D 403 10.49 2.65 -46.62
CA ALA D 403 9.92 1.49 -45.95
C ALA D 403 9.31 0.52 -46.96
N ARG D 404 8.60 1.06 -47.96
CA ARG D 404 8.05 0.20 -49.00
C ARG D 404 9.14 -0.53 -49.76
N ALA D 405 10.22 0.17 -50.10
CA ALA D 405 11.33 -0.46 -50.81
C ALA D 405 11.98 -1.55 -49.98
N ASN D 406 12.21 -1.29 -48.70
CA ASN D 406 12.83 -2.28 -47.83
C ASN D 406 11.93 -3.49 -47.65
N ARG D 407 10.62 -3.26 -47.49
CA ARG D 407 9.68 -4.37 -47.39
C ARG D 407 9.69 -5.21 -48.66
N ALA D 408 9.70 -4.56 -49.83
CA ALA D 408 9.71 -5.30 -51.08
C ALA D 408 10.98 -6.13 -51.21
N ALA D 409 12.13 -5.53 -50.89
CA ALA D 409 13.39 -6.26 -51.00
C ALA D 409 13.41 -7.44 -50.05
N VAL D 410 12.99 -7.24 -48.81
CA VAL D 410 12.99 -8.32 -47.83
C VAL D 410 12.06 -9.44 -48.26
N GLU D 411 10.86 -9.09 -48.73
CA GLU D 411 9.91 -10.11 -49.17
C GLU D 411 10.46 -10.89 -50.35
N ALA D 412 11.05 -10.21 -51.34
CA ALA D 412 11.57 -10.90 -52.50
C ALA D 412 12.71 -11.84 -52.12
N VAL D 413 13.63 -11.36 -51.28
CA VAL D 413 14.77 -12.19 -50.90
C VAL D 413 14.32 -13.36 -50.05
N ALA D 414 13.35 -13.14 -49.16
CA ALA D 414 12.83 -14.24 -48.36
C ALA D 414 12.12 -15.28 -49.22
N ALA D 415 11.37 -14.83 -50.23
CA ALA D 415 10.73 -15.77 -51.14
C ALA D 415 11.77 -16.58 -51.91
N ALA D 416 12.83 -15.93 -52.38
CA ALA D 416 13.89 -16.66 -53.07
C ALA D 416 14.57 -17.66 -52.14
N TYR D 417 14.84 -17.26 -50.89
CA TYR D 417 15.47 -18.16 -49.94
C TYR D 417 14.59 -19.36 -49.65
N ARG D 418 13.28 -19.15 -49.48
CA ARG D 418 12.36 -20.26 -49.26
C ARG D 418 12.33 -21.20 -50.45
N GLU D 419 12.58 -20.68 -51.65
CA GLU D 419 12.58 -21.48 -52.87
C GLU D 419 13.88 -22.25 -53.06
N GLY D 420 14.88 -22.05 -52.21
CA GLY D 420 16.15 -22.72 -52.33
C GLY D 420 17.16 -22.05 -53.24
N ARG D 421 16.85 -20.88 -53.77
CA ARG D 421 17.78 -20.18 -54.64
C ARG D 421 19.01 -19.71 -53.85
N ASP D 422 20.14 -19.65 -54.54
CA ASP D 422 21.38 -19.14 -53.94
C ASP D 422 21.28 -17.62 -53.89
N ILE D 423 20.72 -17.12 -52.79
CA ILE D 423 20.47 -15.68 -52.68
C ILE D 423 21.77 -14.89 -52.71
N LEU D 424 22.86 -15.48 -52.23
CA LEU D 424 24.13 -14.78 -52.23
C LEU D 424 24.59 -14.47 -53.65
N ALA D 425 24.40 -15.40 -54.58
CA ALA D 425 24.81 -15.22 -55.96
C ALA D 425 23.78 -14.51 -56.81
N GLU D 426 22.49 -14.73 -56.53
CA GLU D 426 21.40 -14.15 -57.33
C GLU D 426 20.72 -12.99 -56.63
N GLY D 427 21.38 -12.37 -55.64
CA GLY D 427 20.75 -11.30 -54.89
C GLY D 427 20.47 -10.07 -55.73
N ARG D 428 21.44 -9.67 -56.55
CA ARG D 428 21.25 -8.51 -57.41
C ARG D 428 20.11 -8.74 -58.39
N GLN D 429 20.04 -9.94 -58.98
CA GLN D 429 18.96 -10.25 -59.90
C GLN D 429 17.62 -10.26 -59.18
N ILE D 430 17.57 -10.82 -57.97
CA ILE D 430 16.33 -10.84 -57.21
C ILE D 430 15.86 -9.42 -56.91
N LEU D 431 16.79 -8.56 -56.48
CA LEU D 431 16.44 -7.17 -56.18
C LEU D 431 15.98 -6.43 -57.42
N GLN D 432 16.65 -6.66 -58.56
CA GLN D 432 16.22 -6.03 -59.80
C GLN D 432 14.83 -6.48 -60.21
N ASP D 433 14.55 -7.78 -60.11
CA ASP D 433 13.23 -8.28 -60.45
C ASP D 433 12.17 -7.69 -59.54
N ALA D 434 12.46 -7.58 -58.25
CA ALA D 434 11.52 -6.94 -57.33
C ALA D 434 11.32 -5.48 -57.71
N ALA D 435 12.39 -4.77 -58.07
CA ALA D 435 12.30 -3.37 -58.43
C ALA D 435 11.55 -3.15 -59.73
N ARG D 436 11.48 -4.16 -60.59
CA ARG D 436 10.72 -4.01 -61.83
C ARG D 436 9.27 -3.61 -61.55
N THR D 437 8.74 -4.03 -60.40
CA THR D 437 7.37 -3.69 -59.99
C THR D 437 7.31 -2.77 -58.79
N CYS D 438 8.46 -2.38 -58.23
CA CYS D 438 8.52 -1.50 -57.05
C CYS D 438 9.43 -0.32 -57.39
N PRO D 439 8.87 0.79 -57.87
CA PRO D 439 9.72 1.96 -58.18
C PRO D 439 10.50 2.46 -56.98
N GLU D 440 9.93 2.36 -55.78
CA GLU D 440 10.66 2.76 -54.58
C GLU D 440 11.91 1.91 -54.41
N LEU D 441 11.81 0.60 -54.64
CA LEU D 441 12.96 -0.27 -54.55
C LEU D 441 14.01 0.10 -55.60
N ARG D 442 13.56 0.43 -56.82
CA ARG D 442 14.49 0.85 -57.85
C ARG D 442 15.25 2.11 -57.44
N GLU D 443 14.53 3.09 -56.90
CA GLU D 443 15.17 4.33 -56.47
C GLU D 443 16.15 4.07 -55.34
N ALA D 444 15.77 3.23 -54.37
CA ALA D 444 16.67 2.91 -53.27
C ALA D 444 17.93 2.21 -53.77
N MET D 445 17.76 1.26 -54.70
CA MET D 445 18.92 0.56 -55.25
C MET D 445 19.84 1.52 -56.01
N GLU D 446 19.26 2.43 -56.80
CA GLU D 446 20.07 3.39 -57.51
C GLU D 446 20.83 4.30 -56.56
N LEU D 447 20.18 4.76 -55.50
CA LEU D 447 20.81 5.71 -54.59
C LEU D 447 22.01 5.09 -53.88
N TRP D 448 21.88 3.85 -53.43
CA TRP D 448 22.89 3.18 -52.60
C TRP D 448 23.55 2.02 -53.32
N GLU D 449 23.76 2.15 -54.63
CA GLU D 449 24.33 1.06 -55.41
C GLU D 449 25.75 0.74 -54.96
N GLY D 450 26.60 1.76 -54.87
CA GLY D 450 28.00 1.54 -54.57
C GLY D 450 28.38 1.88 -53.14
N VAL D 451 27.38 2.04 -52.27
CA VAL D 451 27.62 2.40 -50.88
C VAL D 451 28.01 1.13 -50.12
N THR D 452 29.27 1.05 -49.71
CA THR D 452 29.80 -0.11 -49.01
C THR D 452 30.61 0.36 -47.81
N PHE D 453 30.73 -0.53 -46.82
CA PHE D 453 31.47 -0.24 -45.60
C PHE D 453 32.59 -1.26 -45.44
N PHE E 6 -2.07 -37.03 40.96
CA PHE E 6 -1.60 -37.45 39.65
C PHE E 6 -0.73 -38.68 39.83
N VAL E 7 -1.07 -39.77 39.15
CA VAL E 7 -0.36 -41.02 39.22
C VAL E 7 0.46 -41.17 37.95
N ALA E 8 1.79 -41.12 38.09
CA ALA E 8 2.67 -41.26 36.95
C ALA E 8 2.73 -42.71 36.48
N GLY E 9 2.80 -42.90 35.17
CA GLY E 9 2.90 -44.23 34.60
C GLY E 9 2.00 -44.43 33.40
N VAL E 10 2.20 -45.54 32.70
CA VAL E 10 1.43 -45.88 31.51
C VAL E 10 0.15 -46.57 31.94
N GLN E 11 -0.97 -46.09 31.42
CA GLN E 11 -2.28 -46.69 31.66
C GLN E 11 -2.96 -46.99 30.34
N PRO E 12 -3.82 -48.00 30.29
CA PRO E 12 -4.53 -48.29 29.04
C PRO E 12 -5.37 -47.10 28.60
N TYR E 13 -5.41 -46.89 27.28
CA TYR E 13 -6.22 -45.80 26.74
C TYR E 13 -7.71 -46.01 27.05
N ARG E 14 -8.18 -47.25 26.93
CA ARG E 14 -9.61 -47.52 27.11
C ARG E 14 -10.09 -47.14 28.49
N LYS E 15 -9.19 -47.05 29.47
CA LYS E 15 -9.60 -46.63 30.81
C LYS E 15 -10.23 -45.25 30.80
N THR E 16 -9.78 -44.37 29.90
CA THR E 16 -10.26 -43.00 29.85
C THR E 16 -10.90 -42.62 28.52
N TYR E 17 -10.38 -43.14 27.40
CA TYR E 17 -10.81 -42.73 26.08
C TYR E 17 -11.74 -43.73 25.40
N TYR E 18 -12.22 -44.73 26.14
CA TYR E 18 -13.26 -45.64 25.65
C TYR E 18 -14.50 -45.47 26.55
N GLU E 19 -15.55 -44.90 25.98
CA GLU E 19 -16.78 -44.58 26.71
C GLU E 19 -17.96 -45.15 25.92
N PRO E 20 -18.20 -46.45 26.00
CA PRO E 20 -19.27 -47.05 25.19
C PRO E 20 -20.64 -46.45 25.46
N GLY E 21 -20.91 -46.04 26.70
CA GLY E 21 -22.19 -45.46 27.04
C GLY E 21 -22.36 -44.00 26.66
N TYR E 22 -21.33 -43.38 26.09
CA TYR E 22 -21.42 -41.98 25.73
C TYR E 22 -22.39 -41.78 24.58
N GLU E 23 -23.25 -40.77 24.71
CA GLU E 23 -24.20 -40.43 23.67
C GLU E 23 -23.70 -39.21 22.93
N PRO E 24 -23.36 -39.31 21.64
CA PRO E 24 -22.82 -38.15 20.93
C PRO E 24 -23.78 -36.97 20.96
N LYS E 25 -23.21 -35.78 21.12
CA LYS E 25 -23.98 -34.55 21.07
C LYS E 25 -24.08 -34.07 19.62
N GLU E 26 -25.16 -33.33 19.34
CA GLU E 26 -25.37 -32.81 18.00
C GLU E 26 -24.22 -31.90 17.56
N THR E 27 -23.49 -31.31 18.52
CA THR E 27 -22.35 -30.47 18.21
C THR E 27 -21.04 -31.23 18.09
N ASP E 28 -21.03 -32.51 18.44
CA ASP E 28 -19.79 -33.28 18.39
C ASP E 28 -19.43 -33.63 16.95
N LEU E 29 -18.13 -33.80 16.72
CA LEU E 29 -17.61 -34.25 15.44
C LEU E 29 -17.33 -35.74 15.53
N LEU E 30 -17.99 -36.54 14.70
CA LEU E 30 -17.93 -37.99 14.80
C LEU E 30 -17.08 -38.54 13.67
N CYS E 31 -16.19 -39.48 14.00
CA CYS E 31 -15.32 -40.14 13.04
C CYS E 31 -15.50 -41.65 13.13
N ALA E 32 -15.62 -42.29 11.97
CA ALA E 32 -15.65 -43.74 11.87
C ALA E 32 -14.30 -44.23 11.36
N PHE E 33 -13.69 -45.15 12.11
CA PHE E 33 -12.37 -45.68 11.79
C PHE E 33 -12.45 -47.19 11.64
N ARG E 34 -12.06 -47.69 10.47
CA ARG E 34 -11.79 -49.11 10.31
C ARG E 34 -10.40 -49.38 10.87
N ILE E 35 -10.33 -50.20 11.92
CA ILE E 35 -9.11 -50.43 12.67
C ILE E 35 -8.72 -51.89 12.54
N GLU E 36 -7.46 -52.14 12.18
CA GLU E 36 -6.85 -53.45 12.26
C GLU E 36 -5.77 -53.37 13.32
N PRO E 37 -6.04 -53.78 14.57
CA PRO E 37 -5.04 -53.64 15.62
C PRO E 37 -3.88 -54.60 15.46
N SER E 38 -2.74 -54.21 16.01
CA SER E 38 -1.58 -55.07 16.01
C SER E 38 -1.79 -56.24 16.98
N PRO E 39 -1.07 -57.35 16.76
CA PRO E 39 -1.26 -58.51 17.66
C PRO E 39 -1.03 -58.14 19.11
N GLY E 40 -1.90 -58.66 19.97
CA GLY E 40 -1.84 -58.37 21.39
C GLY E 40 -2.53 -57.10 21.82
N ILE E 41 -3.04 -56.31 20.88
CA ILE E 41 -3.73 -55.06 21.17
C ILE E 41 -5.23 -55.29 20.94
N PRO E 42 -6.06 -55.25 21.98
CA PRO E 42 -7.50 -55.40 21.75
C PRO E 42 -8.06 -54.26 20.92
N LEU E 43 -9.14 -54.55 20.20
CA LEU E 43 -9.76 -53.54 19.34
C LEU E 43 -10.20 -52.33 20.15
N GLU E 44 -10.75 -52.56 21.34
CA GLU E 44 -11.14 -51.44 22.20
C GLU E 44 -9.94 -50.58 22.55
N GLU E 45 -8.82 -51.22 22.89
CA GLU E 45 -7.61 -50.47 23.20
C GLU E 45 -7.12 -49.68 21.99
N ALA E 46 -7.19 -50.27 20.81
CA ALA E 46 -6.76 -49.56 19.60
C ALA E 46 -7.65 -48.34 19.33
N ALA E 47 -8.97 -48.50 19.46
CA ALA E 47 -9.87 -47.38 19.24
C ALA E 47 -9.64 -46.28 20.28
N ALA E 48 -9.43 -46.68 21.54
CA ALA E 48 -9.15 -45.70 22.57
C ALA E 48 -7.84 -44.97 22.30
N ALA E 49 -6.82 -45.69 21.83
CA ALA E 49 -5.56 -45.05 21.47
C ALA E 49 -5.76 -44.05 20.35
N VAL E 50 -6.54 -44.41 19.34
CA VAL E 50 -6.81 -43.49 18.23
C VAL E 50 -7.47 -42.24 18.76
N ALA E 51 -8.52 -42.38 19.57
CA ALA E 51 -9.22 -41.23 20.12
C ALA E 51 -8.28 -40.36 20.95
N ALA E 52 -7.51 -40.99 21.84
CA ALA E 52 -6.63 -40.24 22.73
C ALA E 52 -5.59 -39.46 21.96
N GLU E 53 -4.90 -40.13 21.03
CA GLU E 53 -3.81 -39.50 20.31
C GLU E 53 -4.30 -38.62 19.17
N SER E 54 -5.59 -38.62 18.88
CA SER E 54 -6.16 -37.63 17.98
C SER E 54 -6.73 -36.42 18.71
N SER E 55 -7.07 -36.54 19.99
CA SER E 55 -7.71 -35.45 20.70
C SER E 55 -6.87 -34.85 21.81
N THR E 56 -6.55 -35.62 22.85
CA THR E 56 -5.86 -35.06 24.02
C THR E 56 -4.75 -35.93 24.59
N GLY E 57 -4.75 -37.24 24.37
CA GLY E 57 -3.90 -38.11 25.14
C GLY E 57 -2.55 -38.37 24.52
N THR E 58 -1.64 -38.84 25.36
CA THR E 58 -0.33 -39.31 24.91
C THR E 58 -0.05 -40.68 25.51
N TRP E 59 1.18 -41.18 25.33
CA TRP E 59 1.49 -42.55 25.69
C TRP E 59 1.57 -42.79 27.18
N THR E 60 1.56 -41.75 28.01
CA THR E 60 1.64 -41.92 29.45
C THR E 60 0.93 -40.76 30.13
N GLU E 61 0.55 -40.98 31.39
CA GLU E 61 -0.12 -39.96 32.17
C GLU E 61 0.78 -38.77 32.41
N VAL E 62 0.19 -37.59 32.41
CA VAL E 62 0.93 -36.33 32.58
C VAL E 62 0.26 -35.53 33.69
N TRP E 63 1.08 -34.91 34.53
CA TRP E 63 0.56 -34.09 35.62
C TRP E 63 -0.31 -32.95 35.09
N SER E 64 0.01 -32.44 33.90
CA SER E 64 -0.69 -31.28 33.37
C SER E 64 -2.17 -31.55 33.15
N GLN E 65 -2.58 -32.82 33.11
CA GLN E 65 -4.00 -33.12 32.98
C GLN E 65 -4.81 -32.58 34.15
N GLU E 66 -4.17 -32.34 35.30
CA GLU E 66 -4.87 -31.75 36.43
C GLU E 66 -5.21 -30.28 36.21
N MET E 67 -4.65 -29.65 35.18
CA MET E 67 -4.87 -28.24 34.91
C MET E 67 -5.99 -28.00 33.90
N THR E 68 -6.69 -29.05 33.47
CA THR E 68 -7.77 -28.91 32.52
C THR E 68 -8.79 -30.01 32.74
N ASP E 69 -10.00 -29.79 32.22
CA ASP E 69 -11.08 -30.78 32.29
C ASP E 69 -10.91 -31.75 31.13
N LEU E 70 -10.26 -32.87 31.41
CA LEU E 70 -9.99 -33.86 30.38
C LEU E 70 -11.29 -34.44 29.82
N HIS E 71 -12.24 -34.77 30.69
CA HIS E 71 -13.48 -35.39 30.24
C HIS E 71 -14.32 -34.46 29.38
N ARG E 72 -14.13 -33.14 29.52
CA ARG E 72 -14.85 -32.20 28.68
C ARG E 72 -14.27 -32.11 27.28
N TYR E 73 -12.95 -32.30 27.14
CA TYR E 73 -12.26 -32.10 25.88
C TYR E 73 -11.83 -33.39 25.20
N LYS E 74 -11.70 -34.49 25.93
CA LYS E 74 -11.18 -35.72 25.35
C LYS E 74 -12.10 -36.26 24.26
N GLY E 75 -11.49 -36.84 23.24
CA GLY E 75 -12.22 -37.65 22.28
C GLY E 75 -12.34 -39.07 22.80
N ARG E 76 -13.50 -39.68 22.56
CA ARG E 76 -13.79 -40.99 23.11
C ARG E 76 -14.48 -41.86 22.07
N CYS E 77 -14.16 -43.15 22.10
CA CYS E 77 -14.82 -44.14 21.27
C CYS E 77 -16.09 -44.58 21.97
N TYR E 78 -17.24 -44.26 21.38
CA TYR E 78 -18.53 -44.53 21.98
C TYR E 78 -19.23 -45.75 21.39
N ALA E 79 -18.60 -46.45 20.46
CA ALA E 79 -19.21 -47.62 19.85
C ALA E 79 -18.19 -48.33 18.99
N ILE E 80 -18.31 -49.65 18.92
CA ILE E 80 -17.45 -50.48 18.09
C ILE E 80 -18.33 -51.54 17.44
N ASP E 81 -18.59 -51.41 16.14
CA ASP E 81 -19.34 -52.39 15.36
C ASP E 81 -18.36 -53.10 14.44
N GLY E 82 -18.15 -54.38 14.68
CA GLY E 82 -17.13 -55.10 13.93
C GLY E 82 -15.77 -54.47 14.16
N ASN E 83 -15.09 -54.13 13.07
CA ASN E 83 -13.81 -53.45 13.12
C ASN E 83 -13.95 -51.94 13.01
N THR E 84 -15.16 -51.42 12.96
CA THR E 84 -15.39 -49.99 12.79
C THR E 84 -15.69 -49.36 14.15
N ALA E 85 -14.83 -48.44 14.57
CA ALA E 85 -14.95 -47.73 15.83
C ALA E 85 -15.43 -46.31 15.56
N TYR E 86 -16.42 -45.87 16.34
CA TYR E 86 -16.95 -44.53 16.24
C TYR E 86 -16.42 -43.70 17.40
N ILE E 87 -15.81 -42.56 17.08
CA ILE E 87 -15.17 -41.70 18.07
C ILE E 87 -15.80 -40.31 17.97
N ALA E 88 -16.15 -39.76 19.13
CA ALA E 88 -16.75 -38.43 19.21
C ALA E 88 -15.71 -37.44 19.74
N TYR E 89 -15.62 -36.29 19.09
CA TYR E 89 -14.72 -35.23 19.46
C TYR E 89 -15.51 -33.97 19.80
N PRO E 90 -15.27 -33.35 20.96
CA PRO E 90 -15.98 -32.11 21.28
C PRO E 90 -15.73 -31.02 20.25
N LEU E 91 -16.75 -30.21 20.01
CA LEU E 91 -16.64 -29.13 19.04
C LEU E 91 -15.51 -28.17 19.37
N ASP E 92 -15.25 -27.94 20.66
CA ASP E 92 -14.24 -26.98 21.07
C ASP E 92 -12.82 -27.43 20.73
N LEU E 93 -12.62 -28.67 20.32
CA LEU E 93 -11.29 -29.16 19.97
C LEU E 93 -10.79 -28.61 18.65
N PHE E 94 -11.67 -28.09 17.81
CA PHE E 94 -11.35 -27.77 16.42
C PHE E 94 -11.40 -26.27 16.18
N GLU E 95 -10.39 -25.76 15.48
CA GLU E 95 -10.37 -24.36 15.09
C GLU E 95 -11.46 -24.08 14.06
N GLU E 96 -12.13 -22.95 14.22
CA GLU E 96 -13.24 -22.61 13.34
C GLU E 96 -12.75 -22.36 11.92
N GLY E 97 -13.44 -22.95 10.95
CA GLY E 97 -13.15 -22.72 9.55
C GLY E 97 -11.76 -23.14 9.13
N SER E 98 -11.29 -24.29 9.62
CA SER E 98 -9.95 -24.79 9.29
C SER E 98 -10.02 -26.29 9.06
N ILE E 99 -10.03 -26.69 7.79
CA ILE E 99 -9.88 -28.11 7.46
C ILE E 99 -8.50 -28.60 7.87
N VAL E 100 -7.50 -27.71 7.85
CA VAL E 100 -6.15 -28.11 8.23
C VAL E 100 -6.11 -28.60 9.66
N ASN E 101 -6.77 -27.89 10.58
CA ASN E 101 -6.80 -28.32 11.97
C ASN E 101 -7.53 -29.65 12.12
N VAL E 102 -8.64 -29.82 11.40
CA VAL E 102 -9.38 -31.08 11.46
C VAL E 102 -8.49 -32.23 11.02
N MET E 103 -7.75 -32.05 9.93
CA MET E 103 -6.85 -33.10 9.47
C MET E 103 -5.73 -33.36 10.46
N SER E 104 -5.14 -32.30 11.01
CA SER E 104 -4.05 -32.46 11.96
C SER E 104 -4.52 -33.18 13.22
N SER E 105 -5.79 -33.04 13.57
CA SER E 105 -6.33 -33.75 14.73
C SER E 105 -6.70 -35.19 14.38
N ILE E 106 -7.63 -35.37 13.45
CA ILE E 106 -8.18 -36.69 13.18
C ILE E 106 -7.14 -37.60 12.53
N VAL E 107 -6.45 -37.08 11.50
CA VAL E 107 -5.55 -37.91 10.70
C VAL E 107 -4.11 -37.44 10.88
N GLY E 108 -3.82 -36.83 12.03
CA GLY E 108 -2.49 -36.31 12.28
C GLY E 108 -1.42 -37.36 12.48
N ASN E 109 -1.50 -38.11 13.58
CA ASN E 109 -0.49 -39.08 13.94
C ASN E 109 -1.02 -40.47 14.22
N VAL E 110 -2.34 -40.66 14.34
CA VAL E 110 -2.89 -41.94 14.75
C VAL E 110 -2.66 -43.03 13.71
N PHE E 111 -2.41 -42.65 12.45
CA PHE E 111 -2.25 -43.64 11.40
C PHE E 111 -0.88 -44.31 11.41
N GLY E 112 0.09 -43.74 12.12
CA GLY E 112 1.42 -44.29 12.22
C GLY E 112 1.71 -45.04 13.50
N PHE E 113 0.69 -45.34 14.31
CA PHE E 113 0.91 -46.00 15.59
C PHE E 113 1.14 -47.50 15.39
N LYS E 114 2.13 -48.03 16.09
CA LYS E 114 2.40 -49.46 16.04
C LYS E 114 1.23 -50.26 16.61
N ALA E 115 0.50 -49.69 17.56
CA ALA E 115 -0.61 -50.41 18.17
C ALA E 115 -1.66 -50.81 17.13
N VAL E 116 -1.83 -50.01 16.08
CA VAL E 116 -2.80 -50.29 15.03
C VAL E 116 -2.01 -50.72 13.79
N ARG E 117 -2.27 -51.95 13.33
CA ARG E 117 -1.64 -52.40 12.10
C ARG E 117 -2.13 -51.59 10.90
N ALA E 118 -3.43 -51.29 10.86
CA ALA E 118 -3.99 -50.48 9.80
C ALA E 118 -5.10 -49.60 10.35
N LEU E 119 -5.29 -48.45 9.72
CA LEU E 119 -6.30 -47.49 10.16
C LEU E 119 -6.83 -46.74 8.94
N ARG E 120 -8.14 -46.76 8.75
CA ARG E 120 -8.78 -46.04 7.66
C ARG E 120 -9.92 -45.18 8.20
N LEU E 121 -9.92 -43.91 7.82
CA LEU E 121 -11.00 -43.00 8.18
C LEU E 121 -12.09 -43.11 7.11
N LEU E 122 -13.22 -43.73 7.48
CA LEU E 122 -14.27 -44.01 6.51
C LEU E 122 -15.19 -42.81 6.33
N ASP E 123 -15.80 -42.33 7.41
CA ASP E 123 -16.77 -41.26 7.33
C ASP E 123 -16.59 -40.32 8.52
N MET E 124 -17.04 -39.08 8.33
CA MET E 124 -16.99 -38.05 9.36
C MET E 124 -18.33 -37.35 9.45
N ARG E 125 -18.78 -37.08 10.67
CA ARG E 125 -19.99 -36.32 10.92
C ARG E 125 -19.59 -34.91 11.32
N ILE E 126 -19.64 -33.98 10.36
CA ILE E 126 -19.34 -32.58 10.64
C ILE E 126 -20.58 -31.94 11.25
N PRO E 127 -20.52 -31.44 12.48
CA PRO E 127 -21.71 -30.82 13.07
C PRO E 127 -22.07 -29.52 12.39
N THR E 128 -23.36 -29.18 12.47
CA THR E 128 -23.84 -27.93 11.87
C THR E 128 -23.11 -26.72 12.44
N ALA E 129 -22.82 -26.74 13.74
CA ALA E 129 -22.14 -25.61 14.37
C ALA E 129 -20.77 -25.38 13.74
N TYR E 130 -20.01 -26.47 13.52
CA TYR E 130 -18.72 -26.33 12.87
C TYR E 130 -18.86 -25.99 11.39
N LEU E 131 -19.91 -26.51 10.75
CA LEU E 131 -20.12 -26.21 9.33
C LEU E 131 -20.38 -24.73 9.11
N LYS E 132 -21.11 -24.09 10.04
CA LYS E 132 -21.43 -22.68 9.87
C LYS E 132 -20.19 -21.80 9.88
N THR E 133 -19.06 -22.32 10.34
CA THR E 133 -17.81 -21.57 10.35
C THR E 133 -17.07 -21.66 9.01
N PHE E 134 -17.61 -22.39 8.03
CA PHE E 134 -16.99 -22.53 6.73
C PHE E 134 -17.81 -21.81 5.66
N PRO E 135 -17.17 -21.35 4.58
CA PRO E 135 -17.88 -20.54 3.59
C PRO E 135 -18.72 -21.36 2.62
N GLY E 136 -18.24 -22.55 2.28
CA GLY E 136 -18.88 -23.36 1.28
C GLY E 136 -18.51 -22.91 -0.12
N PRO E 137 -19.03 -23.60 -1.14
CA PRO E 137 -18.72 -23.24 -2.51
C PRO E 137 -19.15 -21.80 -2.81
N PRO E 138 -18.35 -21.07 -3.60
CA PRO E 138 -18.70 -19.67 -3.88
C PRO E 138 -19.78 -19.48 -4.92
N THR E 139 -19.97 -20.43 -5.83
CA THR E 139 -20.91 -20.28 -6.93
C THR E 139 -22.13 -21.18 -6.80
N GLY E 140 -21.93 -22.49 -6.67
CA GLY E 140 -23.03 -23.42 -6.61
C GLY E 140 -23.45 -23.93 -7.97
N ILE E 141 -24.24 -25.01 -7.94
CA ILE E 141 -24.64 -25.68 -9.18
C ILE E 141 -25.56 -24.78 -10.00
N ALA E 142 -26.58 -24.20 -9.36
CA ALA E 142 -27.55 -23.40 -10.09
C ALA E 142 -26.90 -22.16 -10.69
N GLN E 143 -26.05 -21.47 -9.91
CA GLN E 143 -25.39 -20.28 -10.42
C GLN E 143 -24.46 -20.61 -11.57
N GLU E 144 -23.73 -21.74 -11.47
CA GLU E 144 -22.86 -22.15 -12.54
C GLU E 144 -23.65 -22.47 -13.81
N ARG E 145 -24.78 -23.16 -13.67
CA ARG E 145 -25.62 -23.45 -14.83
C ARG E 145 -26.13 -22.16 -15.46
N ASP E 146 -26.52 -21.19 -14.64
CA ASP E 146 -26.97 -19.91 -15.16
C ASP E 146 -25.84 -19.20 -15.90
N ARG E 147 -24.62 -19.25 -15.36
CA ARG E 147 -23.49 -18.62 -16.03
C ARG E 147 -23.21 -19.29 -17.38
N LEU E 148 -23.29 -20.62 -17.42
CA LEU E 148 -23.10 -21.36 -18.66
C LEU E 148 -24.37 -21.50 -19.49
N LYS E 149 -25.53 -21.20 -18.90
CA LYS E 149 -26.82 -21.35 -19.60
C LYS E 149 -27.00 -22.77 -20.11
N VAL E 150 -26.60 -23.75 -19.29
CA VAL E 150 -26.78 -25.16 -19.59
C VAL E 150 -27.67 -25.76 -18.50
N TYR E 151 -28.78 -26.35 -18.93
CA TYR E 151 -29.77 -26.90 -18.00
C TYR E 151 -30.23 -28.26 -18.47
N HIS E 152 -30.69 -29.07 -17.52
CA HIS E 152 -31.30 -30.37 -17.80
C HIS E 152 -30.37 -31.24 -18.65
N ARG E 153 -29.08 -31.21 -18.31
CA ARG E 153 -28.07 -31.94 -19.07
C ARG E 153 -26.76 -31.98 -18.30
N PRO E 154 -26.07 -33.12 -18.25
CA PRO E 154 -24.71 -33.11 -17.70
C PRO E 154 -23.81 -32.20 -18.51
N LEU E 155 -22.93 -31.49 -17.82
CA LEU E 155 -22.05 -30.53 -18.46
C LEU E 155 -20.81 -31.25 -18.99
N LEU E 156 -20.51 -31.02 -20.26
CA LEU E 156 -19.42 -31.70 -20.93
C LEU E 156 -18.10 -30.95 -20.75
N GLY E 157 -17.02 -31.71 -20.74
CA GLY E 157 -15.69 -31.14 -20.64
C GLY E 157 -14.67 -32.15 -21.13
N GLY E 158 -13.40 -31.76 -21.02
CA GLY E 158 -12.32 -32.62 -21.46
C GLY E 158 -10.95 -32.07 -21.18
N THR E 159 -10.08 -32.91 -20.64
CA THR E 159 -8.70 -32.52 -20.41
C THR E 159 -7.94 -32.52 -21.74
N ILE E 160 -7.20 -31.44 -21.98
CA ILE E 160 -6.43 -31.33 -23.21
C ILE E 160 -5.25 -32.30 -23.16
N LYS E 161 -5.08 -33.08 -24.21
CA LYS E 161 -4.01 -34.07 -24.30
C LYS E 161 -3.13 -33.79 -25.51
N PRO E 162 -1.85 -34.21 -25.48
CA PRO E 162 -1.17 -34.93 -24.40
C PRO E 162 -1.03 -34.09 -23.14
N LYS E 163 -0.80 -34.73 -21.99
CA LYS E 163 -0.77 -34.00 -20.73
C LYS E 163 0.25 -32.88 -20.78
N LEU E 164 1.43 -33.15 -21.35
CA LEU E 164 2.52 -32.19 -21.39
C LEU E 164 3.19 -32.26 -22.75
N GLY E 165 3.88 -31.19 -23.11
CA GLY E 165 4.61 -31.10 -24.36
C GLY E 165 3.96 -30.22 -25.40
N LEU E 166 2.70 -29.85 -25.24
CA LEU E 166 2.04 -28.96 -26.18
C LEU E 166 2.38 -27.51 -25.85
N GLY E 167 2.70 -26.74 -26.87
CA GLY E 167 2.91 -25.32 -26.71
C GLY E 167 1.61 -24.57 -26.57
N PRO E 168 1.70 -23.31 -26.15
CA PRO E 168 0.47 -22.52 -25.97
C PRO E 168 -0.39 -22.43 -27.22
N LYS E 169 0.23 -22.26 -28.40
CA LYS E 169 -0.54 -22.13 -29.63
C LYS E 169 -1.26 -23.43 -29.96
N GLU E 170 -0.55 -24.55 -29.93
CA GLU E 170 -1.16 -25.83 -30.23
C GLU E 170 -2.17 -26.23 -29.16
N PHE E 171 -1.85 -25.95 -27.90
CA PHE E 171 -2.78 -26.22 -26.81
C PHE E 171 -4.09 -25.46 -27.02
N ALA E 172 -3.99 -24.17 -27.36
CA ALA E 172 -5.19 -23.38 -27.59
C ALA E 172 -5.93 -23.82 -28.85
N ARG E 173 -5.20 -24.31 -29.85
CA ARG E 173 -5.86 -24.85 -31.04
C ARG E 173 -6.72 -26.06 -30.68
N VAL E 174 -6.16 -26.96 -29.87
CA VAL E 174 -6.93 -28.12 -29.42
C VAL E 174 -8.13 -27.66 -28.58
N VAL E 175 -7.91 -26.66 -27.72
CA VAL E 175 -8.99 -26.15 -26.89
C VAL E 175 -10.12 -25.61 -27.76
N TYR E 176 -9.76 -24.83 -28.78
CA TYR E 176 -10.77 -24.26 -29.68
C TYR E 176 -11.52 -25.35 -30.42
N GLU E 177 -10.81 -26.35 -30.92
CA GLU E 177 -11.48 -27.44 -31.63
C GLU E 177 -12.47 -28.15 -30.72
N CYS E 178 -12.05 -28.44 -29.49
CA CYS E 178 -12.94 -29.13 -28.54
C CYS E 178 -14.16 -28.28 -28.22
N LEU E 179 -13.95 -26.99 -27.95
CA LEU E 179 -15.06 -26.13 -27.55
C LEU E 179 -16.05 -25.93 -28.70
N VAL E 180 -15.54 -25.69 -29.91
CA VAL E 180 -16.43 -25.55 -31.06
C VAL E 180 -17.11 -26.87 -31.39
N GLY E 181 -16.48 -28.01 -31.08
CA GLY E 181 -17.08 -29.28 -31.38
C GLY E 181 -18.28 -29.62 -30.52
N GLY E 182 -18.39 -29.04 -29.34
CA GLY E 182 -19.55 -29.26 -28.50
C GLY E 182 -19.27 -29.31 -27.01
N LEU E 183 -18.00 -29.37 -26.62
CA LEU E 183 -17.66 -29.37 -25.21
C LEU E 183 -18.01 -28.03 -24.59
N ASP E 184 -18.62 -28.06 -23.41
CA ASP E 184 -18.95 -26.82 -22.71
C ASP E 184 -17.70 -26.16 -22.14
N THR E 185 -16.75 -26.96 -21.66
CA THR E 185 -15.55 -26.45 -21.05
C THR E 185 -14.37 -27.35 -21.40
N THR E 186 -13.17 -26.85 -21.12
CA THR E 186 -11.94 -27.62 -21.22
C THR E 186 -11.11 -27.31 -19.98
N ASP E 188 -6.87 -27.54 -18.30
CA ASP E 188 -5.48 -27.94 -18.26
C ASP E 188 -5.35 -29.18 -17.39
N ASP E 189 -4.37 -30.02 -17.71
CA ASP E 189 -4.13 -31.20 -16.90
C ASP E 189 -3.57 -30.78 -15.54
N GLU E 190 -3.80 -31.63 -14.54
CA GLU E 190 -3.40 -31.30 -13.17
C GLU E 190 -1.91 -31.03 -13.07
N ASN E 191 -1.10 -31.66 -13.93
CA ASN E 191 0.34 -31.48 -13.90
C ASN E 191 0.82 -30.38 -14.83
N LEU E 192 -0.08 -29.70 -15.55
CA LEU E 192 0.26 -28.60 -16.44
C LEU E 192 0.01 -27.29 -15.71
N ASN E 193 1.06 -26.72 -15.13
CA ASN E 193 0.98 -25.47 -14.40
C ASN E 193 1.79 -24.37 -15.07
N SER E 194 3.12 -24.53 -15.11
CA SER E 194 3.98 -23.62 -15.85
C SER E 194 5.31 -24.33 -16.13
N GLN E 195 5.60 -24.57 -17.40
CA GLN E 195 6.74 -25.36 -17.81
C GLN E 195 7.42 -24.67 -18.98
N PRO E 196 8.69 -25.02 -19.25
CA PRO E 196 9.37 -24.39 -20.39
C PRO E 196 8.63 -24.54 -21.70
N PHE E 197 8.01 -25.69 -21.95
CA PHE E 197 7.30 -25.89 -23.20
C PHE E 197 6.02 -25.08 -23.25
N CYS E 198 5.41 -24.79 -22.10
CA CYS E 198 4.16 -24.02 -22.06
C CYS E 198 4.13 -23.24 -20.76
N ARG E 199 4.54 -21.98 -20.82
CA ARG E 199 4.46 -21.11 -19.66
C ARG E 199 3.03 -20.67 -19.41
N TRP E 200 2.71 -20.41 -18.14
CA TRP E 200 1.31 -20.20 -17.76
C TRP E 200 0.73 -18.94 -18.37
N ARG E 201 1.52 -17.87 -18.47
CA ARG E 201 1.01 -16.63 -19.04
C ARG E 201 0.62 -16.82 -20.51
N ASP E 202 1.52 -17.41 -21.29
CA ASP E 202 1.24 -17.64 -22.71
C ASP E 202 0.07 -18.58 -22.88
N ARG E 203 0.02 -19.64 -22.08
CA ARG E 203 -1.09 -20.58 -22.17
C ARG E 203 -2.41 -19.88 -21.85
N TYR E 204 -2.43 -19.05 -20.81
CA TYR E 204 -3.65 -18.34 -20.45
C TYR E 204 -4.11 -17.45 -21.59
N LEU E 205 -3.18 -16.68 -22.17
CA LEU E 205 -3.55 -15.76 -23.25
C LEU E 205 -4.09 -16.52 -24.45
N TYR E 206 -3.33 -17.52 -24.94
CA TYR E 206 -3.76 -18.26 -26.12
C TYR E 206 -5.08 -18.98 -25.86
N VAL E 207 -5.23 -19.59 -24.68
CA VAL E 207 -6.42 -20.37 -24.39
C VAL E 207 -7.64 -19.47 -24.28
N MET E 208 -7.49 -18.29 -23.68
CA MET E 208 -8.63 -17.39 -23.59
C MET E 208 -8.99 -16.81 -24.96
N ASP E 209 -8.01 -16.58 -25.83
CA ASP E 209 -8.34 -16.21 -27.20
C ASP E 209 -9.14 -17.31 -27.87
N ALA E 210 -8.72 -18.56 -27.70
CA ALA E 210 -9.46 -19.68 -28.28
C ALA E 210 -10.87 -19.77 -27.69
N VAL E 211 -11.00 -19.57 -26.39
CA VAL E 211 -12.30 -19.66 -25.74
C VAL E 211 -13.23 -18.57 -26.24
N HIS E 212 -12.73 -17.36 -26.39
CA HIS E 212 -13.54 -16.27 -26.91
C HIS E 212 -13.96 -16.53 -28.35
N ARG E 213 -13.03 -17.04 -29.16
CA ARG E 213 -13.39 -17.37 -30.54
C ARG E 213 -14.48 -18.44 -30.59
N ALA E 214 -14.36 -19.47 -29.75
CA ALA E 214 -15.37 -20.52 -29.73
C ALA E 214 -16.72 -19.98 -29.24
N GLU E 215 -16.69 -19.11 -28.23
CA GLU E 215 -17.93 -18.50 -27.76
C GLU E 215 -18.60 -17.70 -28.87
N GLU E 216 -17.81 -16.92 -29.61
CA GLU E 216 -18.37 -16.13 -30.71
C GLU E 216 -18.94 -17.02 -31.79
N GLU E 217 -18.21 -18.07 -32.18
CA GLU E 217 -18.65 -18.92 -33.28
C GLU E 217 -19.88 -19.74 -32.91
N THR E 218 -19.84 -20.41 -31.76
CA THR E 218 -20.94 -21.28 -31.36
C THR E 218 -22.12 -20.48 -30.81
N GLY E 219 -21.86 -19.35 -30.16
CA GLY E 219 -22.91 -18.60 -29.50
C GLY E 219 -23.27 -19.09 -28.12
N GLU E 220 -22.61 -20.14 -27.63
CA GLU E 220 -22.85 -20.68 -26.31
C GLU E 220 -21.71 -20.31 -25.37
N ALA E 221 -22.02 -20.23 -24.08
CA ALA E 221 -20.99 -19.95 -23.09
C ALA E 221 -19.96 -21.06 -23.07
N LYS E 222 -18.68 -20.66 -23.11
CA LYS E 222 -17.57 -21.60 -23.09
C LYS E 222 -16.55 -21.14 -22.07
N GLY E 223 -15.79 -22.09 -21.55
CA GLY E 223 -14.75 -21.77 -20.58
C GLY E 223 -13.65 -22.81 -20.61
N HIS E 224 -12.51 -22.42 -20.03
CA HIS E 224 -11.39 -23.33 -19.85
C HIS E 224 -10.93 -23.25 -18.41
N TRP E 225 -10.78 -24.40 -17.78
CA TRP E 225 -10.37 -24.46 -16.38
C TRP E 225 -8.86 -24.28 -16.31
N LEU E 226 -8.43 -23.02 -16.39
CA LEU E 226 -7.02 -22.70 -16.31
C LEU E 226 -6.46 -23.13 -14.96
N ASN E 227 -5.31 -23.81 -15.00
CA ASN E 227 -4.70 -24.36 -13.80
C ASN E 227 -3.81 -23.30 -13.17
N VAL E 228 -4.20 -22.83 -11.98
CA VAL E 228 -3.42 -21.86 -11.24
C VAL E 228 -2.54 -22.50 -10.18
N THR E 229 -2.50 -23.83 -10.11
CA THR E 229 -1.68 -24.51 -9.14
C THR E 229 -0.22 -24.10 -9.31
N ALA E 230 0.43 -23.76 -8.20
CA ALA E 230 1.80 -23.28 -8.23
C ALA E 230 2.48 -23.67 -6.93
N GLY E 231 3.79 -23.46 -6.88
CA GLY E 231 4.57 -23.83 -5.71
C GLY E 231 4.42 -22.93 -4.51
N ASP E 232 3.77 -21.78 -4.68
CA ASP E 232 3.53 -20.86 -3.57
C ASP E 232 2.14 -20.25 -3.74
N THR E 233 1.55 -19.86 -2.60
CA THR E 233 0.21 -19.29 -2.62
C THR E 233 0.17 -17.98 -3.40
N GLU E 234 1.20 -17.15 -3.26
CA GLU E 234 1.23 -15.87 -3.96
C GLU E 234 1.22 -16.07 -5.47
N GLU E 235 1.98 -17.05 -5.96
CA GLU E 235 1.97 -17.34 -7.39
C GLU E 235 0.60 -17.82 -7.85
N MET E 236 -0.07 -18.65 -7.05
CA MET E 236 -1.40 -19.09 -7.40
C MET E 236 -2.37 -17.92 -7.47
N LEU E 237 -2.28 -16.99 -6.51
CA LEU E 237 -3.13 -15.81 -6.52
C LEU E 237 -2.85 -14.94 -7.74
N ARG E 238 -1.58 -14.76 -8.08
CA ARG E 238 -1.23 -13.98 -9.26
C ARG E 238 -1.78 -14.62 -10.53
N ARG E 239 -1.70 -15.94 -10.62
CA ARG E 239 -2.21 -16.64 -11.80
C ARG E 239 -3.73 -16.55 -11.87
N ALA E 240 -4.41 -16.65 -10.74
CA ALA E 240 -5.87 -16.47 -10.73
C ALA E 240 -6.25 -15.05 -11.15
N GLU E 241 -5.50 -14.06 -10.66
CA GLU E 241 -5.77 -12.68 -11.04
C GLU E 241 -5.58 -12.48 -12.54
N PHE E 242 -4.52 -13.06 -13.10
CA PHE E 242 -4.32 -12.98 -14.55
C PHE E 242 -5.44 -13.70 -15.29
N ALA E 243 -5.85 -14.87 -14.82
CA ALA E 243 -6.95 -15.59 -15.45
C ALA E 243 -8.20 -14.72 -15.50
N LYS E 244 -8.50 -14.02 -14.42
CA LYS E 244 -9.60 -13.06 -14.43
C LYS E 244 -9.33 -11.94 -15.42
N GLU E 245 -8.09 -11.45 -15.47
CA GLU E 245 -7.75 -10.37 -16.39
C GLU E 245 -7.97 -10.77 -17.84
N VAL E 246 -7.57 -11.99 -18.21
CA VAL E 246 -7.72 -12.44 -19.59
C VAL E 246 -9.13 -12.87 -19.93
N GLY E 247 -10.08 -12.74 -18.99
CA GLY E 247 -11.47 -13.00 -19.25
C GLY E 247 -11.97 -14.38 -18.90
N SER E 248 -11.17 -15.18 -18.21
CA SER E 248 -11.62 -16.52 -17.83
C SER E 248 -12.63 -16.44 -16.70
N ARG E 249 -13.70 -17.23 -16.83
CA ARG E 249 -14.66 -17.42 -15.76
C ARG E 249 -14.37 -18.65 -14.92
N TYR E 250 -13.29 -19.38 -15.23
CA TYR E 250 -12.95 -20.62 -14.55
C TYR E 250 -11.47 -20.63 -14.19
N ILE E 251 -11.17 -21.25 -13.04
CA ILE E 251 -9.82 -21.64 -12.70
C ILE E 251 -9.90 -23.02 -12.06
N MET E 252 -8.76 -23.73 -12.07
CA MET E 252 -8.67 -25.03 -11.43
C MET E 252 -7.40 -25.08 -10.59
N VAL E 253 -7.46 -25.88 -9.53
CA VAL E 253 -6.36 -26.02 -8.59
C VAL E 253 -6.34 -27.44 -8.07
N ASP E 254 -5.14 -27.96 -7.84
CA ASP E 254 -4.95 -29.25 -7.20
C ASP E 254 -4.90 -29.01 -5.70
N PHE E 255 -6.06 -29.06 -5.06
CA PHE E 255 -6.17 -28.60 -3.68
C PHE E 255 -5.39 -29.50 -2.72
N LEU E 256 -5.33 -30.80 -2.99
CA LEU E 256 -4.60 -31.69 -2.10
C LEU E 256 -3.09 -31.45 -2.20
N THR E 257 -2.56 -31.39 -3.41
CA THR E 257 -1.12 -31.13 -3.58
C THR E 257 -0.77 -29.70 -3.18
N ALA E 258 -1.57 -28.72 -3.65
CA ALA E 258 -1.33 -27.35 -3.26
C ALA E 258 -1.57 -27.15 -1.77
N GLY E 259 -2.63 -27.76 -1.23
CA GLY E 259 -2.93 -27.66 0.18
C GLY E 259 -4.26 -26.98 0.47
N PHE E 260 -4.84 -27.29 1.63
CA PHE E 260 -6.11 -26.72 2.00
C PHE E 260 -6.00 -25.27 2.46
N SER E 261 -4.86 -24.88 3.04
CA SER E 261 -4.68 -23.48 3.42
C SER E 261 -4.51 -22.60 2.18
N ALA E 262 -3.64 -23.00 1.26
CA ALA E 262 -3.50 -22.29 0.01
C ALA E 262 -4.80 -22.32 -0.77
N TYR E 263 -5.52 -23.44 -0.71
CA TYR E 263 -6.80 -23.52 -1.39
C TYR E 263 -7.82 -22.56 -0.79
N ALA E 264 -7.83 -22.42 0.54
CA ALA E 264 -8.75 -21.48 1.16
C ALA E 264 -8.42 -20.04 0.75
N THR E 265 -7.14 -19.70 0.73
CA THR E 265 -6.74 -18.37 0.26
C THR E 265 -7.18 -18.15 -1.18
N LEU E 266 -6.95 -19.15 -2.04
CA LEU E 266 -7.33 -19.04 -3.44
C LEU E 266 -8.83 -18.92 -3.60
N ARG E 267 -9.59 -19.67 -2.79
CA ARG E 267 -11.04 -19.61 -2.86
C ARG E 267 -11.56 -18.23 -2.47
N ARG E 268 -11.00 -17.65 -1.41
CA ARG E 268 -11.38 -16.29 -1.05
C ARG E 268 -11.09 -15.33 -2.20
N ARG E 269 -9.88 -15.42 -2.76
CA ARG E 269 -9.51 -14.51 -3.84
C ARG E 269 -10.40 -14.70 -5.06
N ALA E 270 -10.74 -15.96 -5.39
CA ALA E 270 -11.56 -16.24 -6.57
C ALA E 270 -12.99 -15.77 -6.38
N GLU E 271 -13.54 -15.96 -5.18
CA GLU E 271 -14.85 -15.39 -4.89
C GLU E 271 -14.83 -13.87 -5.03
N GLU E 272 -13.75 -13.24 -4.56
CA GLU E 272 -13.61 -11.81 -4.78
C GLU E 272 -13.56 -11.49 -6.28
N LEU E 273 -12.86 -12.30 -7.05
CA LEU E 273 -12.70 -12.09 -8.49
C LEU E 273 -13.86 -12.60 -9.32
N GLY E 274 -14.79 -13.33 -8.71
CA GLY E 274 -15.90 -13.88 -9.47
C GLY E 274 -15.55 -15.08 -10.30
N LEU E 275 -14.53 -15.85 -9.90
CA LEU E 275 -14.07 -17.00 -10.65
C LEU E 275 -14.63 -18.28 -10.04
N MET E 276 -15.05 -19.20 -10.91
CA MET E 276 -15.43 -20.54 -10.47
C MET E 276 -14.18 -21.41 -10.38
N ILE E 277 -14.10 -22.20 -9.31
CA ILE E 277 -12.92 -22.99 -9.00
C ILE E 277 -13.24 -24.46 -9.25
N HIS E 278 -12.47 -25.08 -10.15
CA HIS E 278 -12.50 -26.53 -10.31
C HIS E 278 -11.45 -27.14 -9.40
N CYS E 279 -11.86 -28.19 -8.67
CA CYS E 279 -11.00 -28.83 -7.69
C CYS E 279 -10.56 -30.18 -8.24
N HIS E 280 -9.26 -30.33 -8.48
CA HIS E 280 -8.67 -31.58 -8.90
C HIS E 280 -8.09 -32.29 -7.68
N ARG E 281 -8.39 -33.58 -7.56
CA ARG E 281 -8.03 -34.38 -6.39
C ARG E 281 -6.76 -35.18 -6.61
N ALA E 282 -5.81 -34.61 -7.34
CA ALA E 282 -4.53 -35.28 -7.56
C ALA E 282 -3.87 -35.61 -6.22
N MET E 283 -3.31 -36.82 -6.13
CA MET E 283 -2.64 -37.37 -4.96
C MET E 283 -3.62 -37.98 -3.96
N HIS E 284 -4.92 -37.95 -4.23
CA HIS E 284 -5.87 -38.57 -3.31
C HIS E 284 -5.69 -40.08 -3.25
N ALA E 285 -5.42 -40.71 -4.39
CA ALA E 285 -5.36 -42.17 -4.45
C ALA E 285 -4.21 -42.74 -3.62
N VAL E 286 -3.24 -41.93 -3.25
CA VAL E 286 -2.18 -42.42 -2.38
C VAL E 286 -2.70 -42.77 -0.99
N PHE E 287 -3.86 -42.23 -0.60
CA PHE E 287 -4.44 -42.54 0.69
C PHE E 287 -5.94 -42.81 0.66
N THR E 288 -6.59 -42.75 -0.50
CA THR E 288 -8.01 -43.08 -0.60
C THR E 288 -8.27 -44.44 -1.24
N ARG E 289 -7.28 -45.05 -1.88
CA ARG E 289 -7.51 -46.30 -2.59
C ARG E 289 -7.52 -47.49 -1.64
N PRO E 290 -6.54 -47.65 -0.77
CA PRO E 290 -6.49 -48.86 0.06
C PRO E 290 -7.75 -49.01 0.90
N LYS E 291 -8.23 -50.24 0.99
CA LYS E 291 -9.43 -50.55 1.75
C LYS E 291 -9.18 -50.71 3.24
N ASP E 292 -7.91 -50.82 3.65
CA ASP E 292 -7.55 -51.03 5.04
C ASP E 292 -6.85 -49.86 5.68
N HIS E 293 -6.32 -48.92 4.90
CA HIS E 293 -5.54 -47.81 5.44
C HIS E 293 -5.80 -46.56 4.62
N GLY E 294 -5.83 -45.41 5.31
CA GLY E 294 -5.92 -44.11 4.66
C GLY E 294 -7.20 -43.39 5.02
N ILE E 295 -7.68 -42.58 4.09
CA ILE E 295 -8.89 -41.78 4.27
C ILE E 295 -9.80 -42.03 3.07
N HIS E 296 -11.03 -42.43 3.33
CA HIS E 296 -11.99 -42.59 2.25
C HIS E 296 -12.28 -41.24 1.63
N PHE E 297 -12.46 -41.22 0.31
CA PHE E 297 -12.63 -39.96 -0.41
C PHE E 297 -13.92 -39.25 -0.06
N ARG E 298 -14.90 -39.90 0.56
CA ARG E 298 -16.10 -39.20 0.98
C ARG E 298 -15.76 -38.14 2.02
N VAL E 299 -14.82 -38.44 2.92
CA VAL E 299 -14.37 -37.46 3.90
C VAL E 299 -13.70 -36.28 3.21
N VAL E 300 -12.85 -36.57 2.22
CA VAL E 300 -12.18 -35.50 1.49
C VAL E 300 -13.20 -34.65 0.73
N ALA E 301 -14.24 -35.29 0.20
CA ALA E 301 -15.31 -34.55 -0.48
C ALA E 301 -16.03 -33.63 0.50
N LYS E 302 -16.31 -34.11 1.70
CA LYS E 302 -16.91 -33.25 2.71
C LYS E 302 -16.00 -32.07 3.03
N TRP E 303 -14.71 -32.34 3.19
CA TRP E 303 -13.76 -31.27 3.49
C TRP E 303 -13.73 -30.24 2.37
N LEU E 304 -13.73 -30.71 1.12
CA LEU E 304 -13.68 -29.80 -0.03
C LEU E 304 -14.95 -28.97 -0.12
N ARG E 305 -16.12 -29.59 0.12
CA ARG E 305 -17.36 -28.83 0.11
C ARG E 305 -17.34 -27.77 1.20
N MET E 306 -16.83 -28.10 2.38
CA MET E 306 -16.67 -27.10 3.43
C MET E 306 -15.72 -25.99 2.99
N ALA E 307 -14.62 -26.35 2.34
CA ALA E 307 -13.62 -25.38 1.93
C ALA E 307 -14.08 -24.54 0.75
N GLY E 308 -15.10 -24.97 0.02
CA GLY E 308 -15.70 -24.16 -1.02
C GLY E 308 -15.22 -24.39 -2.44
N GLY E 309 -15.34 -25.63 -2.91
CA GLY E 309 -15.11 -25.93 -4.31
C GLY E 309 -16.40 -25.92 -5.10
N ASP E 310 -16.31 -25.45 -6.35
CA ASP E 310 -17.46 -25.43 -7.24
C ASP E 310 -17.65 -26.75 -7.97
N HIS E 311 -16.57 -27.43 -8.31
CA HIS E 311 -16.62 -28.80 -8.79
C HIS E 311 -15.47 -29.59 -8.20
N VAL E 312 -15.68 -30.90 -8.07
CA VAL E 312 -14.64 -31.79 -7.56
C VAL E 312 -14.79 -33.15 -8.25
N HIS E 313 -13.65 -33.76 -8.57
CA HIS E 313 -13.68 -35.09 -9.14
C HIS E 313 -14.16 -36.10 -8.11
N THR E 314 -15.00 -37.04 -8.57
CA THR E 314 -15.59 -38.03 -7.69
C THR E 314 -15.41 -39.46 -8.16
N GLY E 315 -15.10 -39.69 -9.42
CA GLY E 315 -14.90 -41.04 -9.92
C GLY E 315 -15.74 -41.36 -11.14
N THR E 316 -15.34 -42.40 -11.87
CA THR E 316 -16.07 -42.86 -13.04
C THR E 316 -16.67 -44.25 -12.87
N VAL E 317 -16.12 -45.07 -11.96
CA VAL E 317 -16.59 -46.44 -11.75
C VAL E 317 -16.23 -47.28 -12.97
N VAL E 318 -16.72 -46.89 -14.14
CA VAL E 318 -16.49 -47.65 -15.38
C VAL E 318 -15.25 -47.19 -16.12
N GLY E 319 -14.50 -46.23 -15.59
CA GLY E 319 -13.34 -45.68 -16.25
C GLY E 319 -12.05 -46.40 -15.88
N LYS E 320 -10.94 -45.74 -16.20
CA LYS E 320 -9.62 -46.31 -15.98
C LYS E 320 -9.13 -46.20 -14.54
N LEU E 321 -9.83 -45.43 -13.69
CA LEU E 321 -9.44 -45.25 -12.30
C LEU E 321 -10.45 -45.92 -11.38
N GLU E 322 -9.93 -46.51 -10.30
CA GLU E 322 -10.77 -47.29 -9.40
C GLU E 322 -11.85 -46.42 -8.75
N GLY E 323 -13.04 -47.00 -8.62
CA GLY E 323 -14.15 -46.32 -7.98
C GLY E 323 -15.36 -47.22 -7.84
N ALA E 324 -15.97 -47.22 -6.67
CA ALA E 324 -17.15 -48.04 -6.39
C ALA E 324 -18.41 -47.26 -6.71
N ARG E 325 -19.38 -47.94 -7.31
CA ARG E 325 -20.60 -47.29 -7.76
C ARG E 325 -21.38 -46.69 -6.60
N GLU E 326 -21.64 -47.49 -5.56
CA GLU E 326 -22.44 -47.00 -4.44
C GLU E 326 -21.71 -45.93 -3.65
N GLU E 327 -20.39 -46.10 -3.47
CA GLU E 327 -19.62 -45.06 -2.80
C GLU E 327 -19.64 -43.76 -3.59
N VAL E 328 -19.55 -43.86 -4.92
CA VAL E 328 -19.59 -42.65 -5.74
C VAL E 328 -20.97 -42.00 -5.66
N ARG E 329 -22.04 -42.79 -5.62
CA ARG E 329 -23.37 -42.23 -5.44
C ARG E 329 -23.48 -41.50 -4.10
N GLY E 330 -22.95 -42.09 -3.04
CA GLY E 330 -22.97 -41.43 -1.75
C GLY E 330 -22.18 -40.15 -1.75
N ILE E 331 -21.02 -40.15 -2.41
CA ILE E 331 -20.20 -38.94 -2.50
C ILE E 331 -20.94 -37.85 -3.28
N ALA E 332 -21.60 -38.24 -4.37
CA ALA E 332 -22.38 -37.27 -5.14
C ALA E 332 -23.50 -36.67 -4.31
N ASP E 333 -24.18 -37.50 -3.53
CA ASP E 333 -25.23 -36.99 -2.65
C ASP E 333 -24.63 -36.04 -1.61
N LEU E 334 -23.47 -36.39 -1.05
CA LEU E 334 -22.81 -35.51 -0.10
C LEU E 334 -22.50 -34.16 -0.72
N LEU E 335 -22.03 -34.15 -1.96
CA LEU E 335 -21.65 -32.92 -2.63
C LEU E 335 -22.84 -32.11 -3.11
N ARG E 336 -23.98 -32.74 -3.37
CA ARG E 336 -25.10 -32.08 -4.03
C ARG E 336 -26.30 -31.84 -3.14
N GLU E 337 -26.45 -32.58 -2.05
CA GLU E 337 -27.65 -32.51 -1.23
C GLU E 337 -27.44 -31.64 0.00
N GLU E 338 -28.53 -31.07 0.49
CA GLU E 338 -28.50 -30.27 1.71
C GLU E 338 -28.53 -31.14 2.97
N PHE E 339 -28.90 -32.41 2.85
CA PHE E 339 -28.88 -33.32 3.99
C PHE E 339 -28.77 -34.73 3.45
N VAL E 340 -27.76 -35.47 3.90
CA VAL E 340 -27.53 -36.83 3.42
C VAL E 340 -27.73 -37.81 4.57
N PRO E 341 -28.81 -38.57 4.59
CA PRO E 341 -29.00 -39.58 5.64
C PRO E 341 -27.99 -40.71 5.51
N ALA E 342 -27.73 -41.36 6.65
CA ALA E 342 -26.81 -42.49 6.66
C ALA E 342 -27.30 -43.59 5.74
N ASN E 343 -26.35 -44.20 5.01
CA ASN E 343 -26.65 -45.26 4.06
C ASN E 343 -25.54 -46.29 4.13
N PRO E 344 -25.70 -47.37 4.90
CA PRO E 344 -24.63 -48.36 5.00
C PRO E 344 -24.24 -48.98 3.67
N GLN E 345 -25.20 -49.12 2.74
CA GLN E 345 -24.87 -49.69 1.43
C GLN E 345 -23.88 -48.81 0.69
N ARG E 346 -24.04 -47.48 0.80
CA ARG E 346 -23.15 -46.53 0.15
C ARG E 346 -21.98 -46.12 1.02
N GLY E 347 -21.85 -46.70 2.21
CA GLY E 347 -20.75 -46.38 3.10
C GLY E 347 -20.93 -45.14 3.94
N LEU E 348 -22.10 -44.51 3.90
CA LEU E 348 -22.38 -43.32 4.68
C LEU E 348 -22.88 -43.76 6.05
N LEU E 349 -22.04 -43.61 7.07
CA LEU E 349 -22.33 -44.08 8.42
C LEU E 349 -22.92 -43.01 9.31
N PHE E 350 -23.09 -41.78 8.81
CA PHE E 350 -23.61 -40.69 9.60
C PHE E 350 -24.62 -39.90 8.78
N ASP E 351 -25.61 -39.34 9.48
CA ASP E 351 -26.49 -38.34 8.89
C ASP E 351 -25.72 -37.02 8.83
N GLN E 352 -25.57 -36.48 7.62
CA GLN E 352 -24.71 -35.32 7.41
C GLN E 352 -25.52 -34.11 6.96
N PRO E 353 -25.84 -33.18 7.86
CA PRO E 353 -26.39 -31.90 7.43
C PRO E 353 -25.30 -31.03 6.81
N TRP E 354 -25.74 -30.02 6.04
CA TRP E 354 -24.82 -29.12 5.37
C TRP E 354 -25.05 -27.67 5.70
N ALA E 355 -26.01 -27.35 6.57
CA ALA E 355 -26.12 -26.03 7.17
C ALA E 355 -26.19 -24.93 6.10
N GLY E 356 -26.85 -25.23 4.99
CA GLY E 356 -27.04 -24.28 3.93
C GLY E 356 -25.84 -24.11 3.02
N LEU E 357 -24.76 -24.84 3.23
CA LEU E 357 -23.60 -24.75 2.35
C LEU E 357 -24.01 -25.16 0.94
N LYS E 358 -23.51 -24.41 -0.04
CA LYS E 358 -23.91 -24.61 -1.41
C LYS E 358 -23.46 -25.98 -1.92
N PRO E 359 -24.22 -26.60 -2.81
CA PRO E 359 -23.75 -27.82 -3.47
C PRO E 359 -22.75 -27.52 -4.57
N LEU E 360 -21.96 -28.53 -4.91
CA LEU E 360 -20.97 -28.42 -5.96
C LEU E 360 -21.10 -29.58 -6.94
N PHE E 361 -20.41 -29.45 -8.06
CA PHE E 361 -20.57 -30.37 -9.19
C PHE E 361 -19.64 -31.57 -9.04
N PRO E 362 -20.16 -32.79 -8.95
CA PRO E 362 -19.31 -33.96 -9.15
C PRO E 362 -18.78 -33.99 -10.58
N VAL E 363 -17.54 -34.43 -10.74
CA VAL E 363 -16.88 -34.49 -12.04
C VAL E 363 -16.45 -35.93 -12.28
N ALA E 364 -16.90 -36.49 -13.40
CA ALA E 364 -16.50 -37.82 -13.82
C ALA E 364 -15.46 -37.70 -14.93
N SER E 365 -14.26 -38.22 -14.66
CA SER E 365 -13.16 -38.13 -15.61
C SER E 365 -12.30 -39.38 -15.50
N GLY E 366 -11.69 -39.76 -16.63
CA GLY E 366 -10.73 -40.84 -16.64
C GLY E 366 -11.19 -42.06 -17.40
N GLY E 367 -10.70 -42.21 -18.64
CA GLY E 367 -10.99 -43.39 -19.43
C GLY E 367 -12.47 -43.62 -19.67
N ILE E 368 -13.21 -42.57 -19.97
CA ILE E 368 -14.63 -42.66 -20.26
C ILE E 368 -14.88 -42.19 -21.69
N HIS E 369 -15.61 -42.99 -22.45
CA HIS E 369 -16.00 -42.63 -23.81
C HIS E 369 -17.52 -42.71 -23.93
N VAL E 370 -18.03 -42.64 -25.16
CA VAL E 370 -19.47 -42.53 -25.36
C VAL E 370 -20.20 -43.70 -24.72
N TRP E 371 -19.65 -44.90 -24.84
CA TRP E 371 -20.35 -46.08 -24.33
C TRP E 371 -20.59 -46.00 -22.82
N HIS E 372 -19.77 -45.25 -22.10
CA HIS E 372 -19.91 -45.10 -20.65
C HIS E 372 -20.90 -44.02 -20.27
N VAL E 373 -21.44 -43.27 -21.22
CA VAL E 373 -22.33 -42.16 -20.89
C VAL E 373 -23.57 -42.64 -20.15
N PRO E 374 -24.26 -43.72 -20.58
CA PRO E 374 -25.44 -44.17 -19.82
C PRO E 374 -25.13 -44.43 -18.36
N ASP E 375 -24.16 -45.30 -18.09
CA ASP E 375 -23.80 -45.61 -16.72
C ASP E 375 -23.55 -44.34 -15.91
N LEU E 376 -22.74 -43.44 -16.46
CA LEU E 376 -22.46 -42.18 -15.77
C LEU E 376 -23.75 -41.45 -15.42
N VAL E 377 -24.64 -41.31 -16.39
CA VAL E 377 -25.91 -40.63 -16.14
C VAL E 377 -26.71 -41.37 -15.08
N SER E 378 -26.63 -42.70 -15.10
CA SER E 378 -27.27 -43.48 -14.04
C SER E 378 -26.65 -43.17 -12.68
N ILE E 379 -25.32 -43.06 -12.63
CA ILE E 379 -24.65 -42.82 -11.35
C ILE E 379 -24.90 -41.40 -10.88
N TYR E 380 -24.79 -40.43 -11.79
CA TYR E 380 -24.78 -39.02 -11.42
C TYR E 380 -26.04 -38.26 -11.81
N GLY E 381 -26.75 -38.71 -12.84
CA GLY E 381 -27.88 -37.95 -13.33
C GLY E 381 -27.46 -36.79 -14.21
N ASN E 382 -28.08 -35.63 -14.01
CA ASN E 382 -27.78 -34.45 -14.81
C ASN E 382 -26.81 -33.48 -14.15
N ASP E 383 -26.83 -33.38 -12.82
CA ASP E 383 -26.02 -32.40 -12.11
C ASP E 383 -24.62 -32.98 -11.91
N ALA E 384 -23.86 -33.00 -12.99
CA ALA E 384 -22.49 -33.50 -12.96
C ALA E 384 -21.74 -33.04 -14.19
N PHE E 385 -20.42 -33.13 -14.11
CA PHE E 385 -19.52 -32.84 -15.22
C PHE E 385 -18.92 -34.14 -15.73
N PHE E 386 -19.03 -34.37 -17.04
CA PHE E 386 -18.43 -35.52 -17.70
C PHE E 386 -17.24 -35.04 -18.51
N LEU E 387 -16.05 -35.51 -18.15
CA LEU E 387 -14.80 -35.09 -18.78
C LEU E 387 -14.31 -36.18 -19.70
N PHE E 388 -14.13 -35.84 -20.98
CA PHE E 388 -13.63 -36.75 -22.00
C PHE E 388 -12.33 -36.18 -22.55
N GLY E 389 -11.20 -36.60 -21.98
CA GLY E 389 -9.91 -36.19 -22.50
C GLY E 389 -9.49 -37.01 -23.70
N GLY E 390 -9.21 -38.30 -23.48
CA GLY E 390 -8.85 -39.17 -24.59
C GLY E 390 -10.03 -39.51 -25.48
N GLY E 391 -11.24 -39.47 -24.93
CA GLY E 391 -12.43 -39.71 -25.73
C GLY E 391 -12.72 -38.61 -26.73
N THR E 392 -12.20 -37.41 -26.50
CA THR E 392 -12.37 -36.29 -27.43
C THR E 392 -11.26 -36.26 -28.47
N HIS E 393 -10.00 -36.19 -28.02
CA HIS E 393 -8.88 -36.07 -28.93
C HIS E 393 -8.53 -37.37 -29.62
N GLY E 394 -8.94 -38.51 -29.05
CA GLY E 394 -8.70 -39.80 -29.67
C GLY E 394 -9.67 -40.18 -30.76
N HIS E 395 -10.63 -39.31 -31.06
CA HIS E 395 -11.54 -39.57 -32.15
C HIS E 395 -10.77 -39.62 -33.47
N PRO E 396 -11.13 -40.52 -34.39
CA PRO E 396 -10.36 -40.60 -35.65
C PRO E 396 -10.29 -39.30 -36.42
N ARG E 397 -11.36 -38.50 -36.42
CA ARG E 397 -11.42 -37.29 -37.21
C ARG E 397 -10.98 -36.04 -36.45
N GLY E 398 -10.54 -36.19 -35.21
CA GLY E 398 -9.97 -35.09 -34.46
C GLY E 398 -10.79 -34.74 -33.24
N SER E 399 -10.30 -33.73 -32.52
CA SER E 399 -10.92 -33.33 -31.26
C SER E 399 -12.31 -32.74 -31.48
N ARG E 400 -12.51 -32.00 -32.58
CA ARG E 400 -13.82 -31.43 -32.85
C ARG E 400 -14.86 -32.54 -33.03
N ALA E 401 -14.53 -33.56 -33.81
CA ALA E 401 -15.46 -34.66 -34.03
C ALA E 401 -15.72 -35.42 -32.74
N GLY E 402 -14.68 -35.64 -31.93
CA GLY E 402 -14.87 -36.32 -30.66
C GLY E 402 -15.77 -35.53 -29.71
N ALA E 403 -15.57 -34.21 -29.66
CA ALA E 403 -16.42 -33.37 -28.83
C ALA E 403 -17.87 -33.42 -29.32
N ARG E 404 -18.07 -33.37 -30.63
CA ARG E 404 -19.41 -33.48 -31.18
C ARG E 404 -20.06 -34.81 -30.80
N ALA E 405 -19.30 -35.89 -30.92
CA ALA E 405 -19.82 -37.22 -30.58
C ALA E 405 -20.19 -37.30 -29.11
N ASN E 406 -19.31 -36.79 -28.23
CA ASN E 406 -19.59 -36.84 -26.81
C ASN E 406 -20.80 -35.99 -26.46
N ARG E 407 -20.92 -34.81 -27.07
CA ARG E 407 -22.08 -33.97 -26.83
C ARG E 407 -23.36 -34.67 -27.28
N ALA E 408 -23.32 -35.31 -28.45
CA ALA E 408 -24.51 -36.02 -28.94
C ALA E 408 -24.90 -37.15 -28.00
N ALA E 409 -23.92 -37.94 -27.57
CA ALA E 409 -24.21 -39.05 -26.67
C ALA E 409 -24.78 -38.56 -25.35
N VAL E 410 -24.18 -37.51 -24.78
CA VAL E 410 -24.64 -36.98 -23.51
C VAL E 410 -26.06 -36.44 -23.65
N GLU E 411 -26.33 -35.69 -24.73
CA GLU E 411 -27.66 -35.14 -24.93
C GLU E 411 -28.69 -36.25 -25.09
N ALA E 412 -28.38 -37.27 -25.88
CA ALA E 412 -29.33 -38.35 -26.10
C ALA E 412 -29.62 -39.10 -24.80
N VAL E 413 -28.57 -39.41 -24.03
CA VAL E 413 -28.77 -40.16 -22.80
C VAL E 413 -29.53 -39.32 -21.77
N ALA E 414 -29.23 -38.02 -21.71
CA ALA E 414 -29.95 -37.14 -20.79
C ALA E 414 -31.41 -37.03 -21.18
N ALA E 415 -31.71 -36.95 -22.48
CA ALA E 415 -33.09 -36.92 -22.92
C ALA E 415 -33.82 -38.21 -22.55
N ALA E 416 -33.17 -39.35 -22.75
CA ALA E 416 -33.78 -40.62 -22.35
C ALA E 416 -34.02 -40.67 -20.85
N TYR E 417 -33.04 -40.22 -20.06
CA TYR E 417 -33.18 -40.22 -18.61
C TYR E 417 -34.34 -39.33 -18.17
N ARG E 418 -34.47 -38.14 -18.77
CA ARG E 418 -35.57 -37.25 -18.44
C ARG E 418 -36.90 -37.88 -18.80
N GLU E 419 -36.93 -38.75 -19.81
CA GLU E 419 -38.15 -39.41 -20.24
C GLU E 419 -38.51 -40.61 -19.37
N GLY E 420 -37.66 -40.98 -18.41
CA GLY E 420 -37.91 -42.11 -17.55
C GLY E 420 -37.45 -43.45 -18.08
N ARG E 421 -36.79 -43.49 -19.23
CA ARG E 421 -36.32 -44.74 -19.78
C ARG E 421 -35.22 -45.32 -18.91
N ASP E 422 -35.12 -46.65 -18.91
CA ASP E 422 -34.07 -47.36 -18.19
C ASP E 422 -32.79 -47.25 -19.01
N ILE E 423 -32.04 -46.18 -18.76
CA ILE E 423 -30.85 -45.91 -19.56
C ILE E 423 -29.82 -47.01 -19.39
N LEU E 424 -29.78 -47.66 -18.24
CA LEU E 424 -28.80 -48.73 -18.03
C LEU E 424 -29.05 -49.89 -18.99
N ALA E 425 -30.31 -50.23 -19.24
CA ALA E 425 -30.65 -51.34 -20.12
C ALA E 425 -30.74 -50.92 -21.58
N GLU E 426 -31.17 -49.70 -21.86
CA GLU E 426 -31.35 -49.23 -23.23
C GLU E 426 -30.26 -48.28 -23.68
N GLY E 427 -29.10 -48.29 -23.00
CA GLY E 427 -28.05 -47.35 -23.33
C GLY E 427 -27.47 -47.57 -24.70
N ARG E 428 -27.21 -48.84 -25.06
CA ARG E 428 -26.66 -49.13 -26.38
C ARG E 428 -27.64 -48.72 -27.48
N GLN E 429 -28.93 -48.99 -27.28
CA GLN E 429 -29.92 -48.58 -28.26
C GLN E 429 -30.00 -47.06 -28.38
N ILE E 430 -29.94 -46.36 -27.25
CA ILE E 430 -29.99 -44.91 -27.27
C ILE E 430 -28.79 -44.35 -28.03
N LEU E 431 -27.60 -44.90 -27.75
CA LEU E 431 -26.40 -44.43 -28.44
C LEU E 431 -26.47 -44.73 -29.92
N GLN E 432 -26.97 -45.90 -30.30
CA GLN E 432 -27.11 -46.24 -31.71
C GLN E 432 -28.08 -45.29 -32.41
N ASP E 433 -29.22 -45.01 -31.77
CA ASP E 433 -30.19 -44.10 -32.36
C ASP E 433 -29.60 -42.71 -32.52
N ALA E 434 -28.83 -42.24 -31.52
CA ALA E 434 -28.15 -40.96 -31.66
C ALA E 434 -27.15 -40.99 -32.80
N ALA E 435 -26.40 -42.08 -32.92
CA ALA E 435 -25.40 -42.20 -33.98
C ALA E 435 -26.01 -42.28 -35.37
N ARG E 436 -27.27 -42.70 -35.47
CA ARG E 436 -27.92 -42.73 -36.78
C ARG E 436 -27.88 -41.36 -37.45
N THR E 437 -27.87 -40.28 -36.66
CA THR E 437 -27.80 -38.93 -37.19
C THR E 437 -26.50 -38.22 -36.86
N CYS E 438 -25.59 -38.87 -36.14
CA CYS E 438 -24.31 -38.28 -35.75
C CYS E 438 -23.19 -39.23 -36.19
N PRO E 439 -22.63 -39.02 -37.39
CA PRO E 439 -21.54 -39.89 -37.83
C PRO E 439 -20.35 -39.89 -36.90
N GLU E 440 -20.06 -38.75 -36.26
CA GLU E 440 -18.97 -38.72 -35.28
C GLU E 440 -19.24 -39.67 -34.13
N LEU E 441 -20.49 -39.71 -33.65
CA LEU E 441 -20.85 -40.63 -32.58
C LEU E 441 -20.69 -42.08 -33.03
N ARG E 442 -21.09 -42.36 -34.28
CA ARG E 442 -20.93 -43.72 -34.80
C ARG E 442 -19.45 -44.12 -34.84
N GLU E 443 -18.60 -43.22 -35.31
CA GLU E 443 -17.17 -43.51 -35.37
C GLU E 443 -16.60 -43.73 -33.97
N ALA E 444 -16.99 -42.88 -33.02
CA ALA E 444 -16.51 -43.02 -31.66
C ALA E 444 -16.96 -44.35 -31.06
N MET E 445 -18.21 -44.72 -31.28
CA MET E 445 -18.72 -45.99 -30.77
C MET E 445 -17.98 -47.17 -31.39
N GLU E 446 -17.73 -47.11 -32.69
CA GLU E 446 -16.99 -48.19 -33.35
C GLU E 446 -15.58 -48.31 -32.81
N LEU E 447 -14.91 -47.17 -32.60
CA LEU E 447 -13.51 -47.20 -32.16
C LEU E 447 -13.37 -47.82 -30.78
N TRP E 448 -14.26 -47.47 -29.86
CA TRP E 448 -14.15 -47.86 -28.46
C TRP E 448 -15.26 -48.81 -28.04
N GLU E 449 -15.67 -49.70 -28.94
CA GLU E 449 -16.78 -50.61 -28.63
C GLU E 449 -16.43 -51.55 -27.49
N GLY E 450 -15.29 -52.22 -27.59
CA GLY E 450 -14.92 -53.22 -26.60
C GLY E 450 -13.88 -52.75 -25.60
N VAL E 451 -13.66 -51.45 -25.53
CA VAL E 451 -12.66 -50.89 -24.62
C VAL E 451 -13.29 -50.79 -23.23
N THR E 452 -12.80 -51.62 -22.31
CA THR E 452 -13.31 -51.68 -20.96
C THR E 452 -12.14 -51.71 -19.98
N PHE E 453 -12.41 -51.28 -18.75
CA PHE E 453 -11.42 -51.22 -17.69
C PHE E 453 -11.88 -52.07 -16.52
N PHE F 6 -1.70 -40.26 -37.82
CA PHE F 6 -2.22 -40.54 -36.48
C PHE F 6 -3.21 -41.69 -36.57
N VAL F 7 -2.97 -42.74 -35.79
CA VAL F 7 -3.81 -43.92 -35.77
C VAL F 7 -4.63 -43.88 -34.49
N ALA F 8 -5.94 -43.72 -34.64
CA ALA F 8 -6.83 -43.67 -33.49
C ALA F 8 -7.03 -45.07 -32.92
N GLY F 9 -7.11 -45.15 -31.59
CA GLY F 9 -7.34 -46.41 -30.92
C GLY F 9 -6.46 -46.61 -29.70
N VAL F 10 -6.76 -47.63 -28.92
CA VAL F 10 -6.03 -47.94 -27.70
C VAL F 10 -4.82 -48.78 -28.07
N GLN F 11 -3.65 -48.38 -27.58
CA GLN F 11 -2.42 -49.12 -27.78
C GLN F 11 -1.77 -49.38 -26.42
N PRO F 12 -1.00 -50.45 -26.28
CA PRO F 12 -0.32 -50.71 -25.02
C PRO F 12 0.63 -49.58 -24.66
N TYR F 13 0.70 -49.26 -23.37
CA TYR F 13 1.62 -48.22 -22.92
C TYR F 13 3.07 -48.59 -23.20
N ARG F 14 3.42 -49.86 -22.97
CA ARG F 14 4.81 -50.28 -23.13
C ARG F 14 5.32 -50.07 -24.54
N LYS F 15 4.43 -49.97 -25.52
CA LYS F 15 4.87 -49.70 -26.89
C LYS F 15 5.64 -48.38 -26.98
N THR F 16 5.29 -47.41 -26.15
CA THR F 16 5.89 -46.08 -26.20
C THR F 16 6.56 -45.67 -24.91
N TYR F 17 6.00 -46.03 -23.76
CA TYR F 17 6.47 -45.56 -22.48
C TYR F 17 7.31 -46.59 -21.72
N TYR F 18 7.69 -47.69 -22.37
CA TYR F 18 8.63 -48.65 -21.81
C TYR F 18 9.87 -48.67 -22.71
N GLU F 19 10.98 -48.16 -22.18
CA GLU F 19 12.23 -48.04 -22.93
C GLU F 19 13.36 -48.64 -22.09
N PRO F 20 13.46 -49.97 -22.06
CA PRO F 20 14.48 -50.59 -21.20
C PRO F 20 15.90 -50.16 -21.52
N GLY F 21 16.21 -49.87 -22.79
CA GLY F 21 17.53 -49.44 -23.16
C GLY F 21 17.84 -47.99 -22.90
N TYR F 22 16.88 -47.22 -22.39
CA TYR F 22 17.10 -45.82 -22.14
C TYR F 22 18.10 -45.62 -21.00
N GLU F 23 19.05 -44.70 -21.22
CA GLU F 23 20.03 -44.38 -20.20
C GLU F 23 19.65 -43.06 -19.55
N PRO F 24 19.31 -43.02 -18.27
CA PRO F 24 18.88 -41.76 -17.66
C PRO F 24 19.96 -40.69 -17.78
N LYS F 25 19.51 -39.46 -18.05
CA LYS F 25 20.39 -38.31 -18.09
C LYS F 25 20.54 -37.73 -16.68
N GLU F 26 21.68 -37.08 -16.45
CA GLU F 26 21.94 -36.47 -15.16
C GLU F 26 20.89 -35.43 -14.80
N THR F 27 20.22 -34.85 -15.80
CA THR F 27 19.17 -33.87 -15.57
C THR F 27 17.79 -34.49 -15.39
N ASP F 28 17.65 -35.80 -15.65
CA ASP F 28 16.35 -36.43 -15.54
C ASP F 28 15.96 -36.62 -14.07
N LEU F 29 14.66 -36.65 -13.83
CA LEU F 29 14.10 -36.95 -12.53
C LEU F 29 13.67 -38.41 -12.51
N LEU F 30 14.26 -39.19 -11.61
CA LEU F 30 14.04 -40.63 -11.58
C LEU F 30 13.15 -41.01 -10.41
N CYS F 31 12.18 -41.87 -10.67
CA CYS F 31 11.25 -42.37 -9.67
C CYS F 31 11.29 -43.89 -9.63
N ALA F 32 11.34 -44.45 -8.42
CA ALA F 32 11.23 -45.88 -8.22
C ALA F 32 9.85 -46.20 -7.67
N PHE F 33 9.15 -47.11 -8.34
CA PHE F 33 7.78 -47.48 -8.00
C PHE F 33 7.72 -48.97 -7.72
N ARG F 34 7.29 -49.33 -6.51
CA ARG F 34 6.88 -50.70 -6.24
C ARG F 34 5.47 -50.88 -6.78
N ILE F 35 5.32 -51.78 -7.76
CA ILE F 35 4.08 -51.95 -8.50
C ILE F 35 3.55 -53.36 -8.25
N GLU F 36 2.27 -53.44 -7.89
CA GLU F 36 1.53 -54.70 -7.86
C GLU F 36 0.45 -54.59 -8.93
N PRO F 37 0.68 -55.13 -10.13
CA PRO F 37 -0.30 -54.97 -11.20
C PRO F 37 -1.55 -55.81 -10.97
N SER F 38 -2.65 -55.35 -11.56
CA SER F 38 -3.88 -56.10 -11.49
C SER F 38 -3.79 -57.35 -12.35
N PRO F 39 -4.61 -58.36 -12.07
CA PRO F 39 -4.55 -59.60 -12.85
C PRO F 39 -4.73 -59.34 -14.33
N GLY F 40 -3.92 -60.01 -15.15
CA GLY F 40 -3.95 -59.84 -16.59
C GLY F 40 -3.15 -58.67 -17.11
N ILE F 41 -2.55 -57.86 -16.24
CA ILE F 41 -1.74 -56.71 -16.62
C ILE F 41 -0.29 -57.06 -16.37
N PRO F 42 0.55 -57.19 -17.40
CA PRO F 42 1.97 -57.46 -17.15
C PRO F 42 2.64 -56.31 -16.42
N LEU F 43 3.69 -56.65 -15.67
CA LEU F 43 4.40 -55.64 -14.89
C LEU F 43 4.96 -54.54 -15.79
N GLU F 44 5.47 -54.93 -16.96
CA GLU F 44 5.97 -53.93 -17.90
C GLU F 44 4.86 -52.98 -18.34
N GLU F 45 3.68 -53.53 -18.62
CA GLU F 45 2.54 -52.70 -19.00
C GLU F 45 2.14 -51.77 -17.86
N ALA F 46 2.16 -52.27 -16.62
CA ALA F 46 1.81 -51.42 -15.49
C ALA F 46 2.80 -50.28 -15.32
N ALA F 47 4.10 -50.57 -15.42
CA ALA F 47 5.11 -49.53 -15.29
C ALA F 47 4.98 -48.50 -16.41
N ALA F 48 4.74 -48.97 -17.65
CA ALA F 48 4.55 -48.06 -18.76
C ALA F 48 3.31 -47.19 -18.54
N ALA F 49 2.23 -47.77 -18.02
CA ALA F 49 1.04 -46.99 -17.73
C ALA F 49 1.34 -45.92 -16.69
N VAL F 50 2.08 -46.28 -15.65
CA VAL F 50 2.44 -45.31 -14.62
C VAL F 50 3.22 -44.15 -15.25
N ALA F 51 4.24 -44.48 -16.04
CA ALA F 51 5.05 -43.43 -16.67
C ALA F 51 4.20 -42.54 -17.57
N ALA F 52 3.37 -43.17 -18.42
CA ALA F 52 2.57 -42.42 -19.37
C ALA F 52 1.60 -41.48 -18.66
N GLU F 53 0.86 -41.99 -17.69
CA GLU F 53 -0.17 -41.21 -17.03
C GLU F 53 0.41 -40.29 -15.96
N SER F 54 1.70 -40.40 -15.66
CA SER F 54 2.37 -39.40 -14.84
C SER F 54 3.04 -38.31 -15.66
N SER F 55 3.37 -38.57 -16.92
CA SER F 55 4.12 -37.59 -17.72
C SER F 55 3.32 -37.02 -18.88
N THR F 56 2.93 -37.84 -19.86
CA THR F 56 2.30 -37.31 -21.07
C THR F 56 1.11 -38.10 -21.57
N GLY F 57 0.98 -39.39 -21.25
CA GLY F 57 0.05 -40.24 -21.96
C GLY F 57 -1.32 -40.31 -21.32
N THR F 58 -2.29 -40.75 -22.13
CA THR F 58 -3.63 -41.05 -21.65
C THR F 58 -4.04 -42.44 -22.13
N TRP F 59 -5.31 -42.80 -21.93
CA TRP F 59 -5.75 -44.17 -22.17
C TRP F 59 -5.86 -44.52 -23.64
N THR F 60 -5.75 -43.55 -24.55
CA THR F 60 -5.85 -43.82 -25.97
C THR F 60 -5.03 -42.80 -26.73
N GLU F 61 -4.69 -43.17 -27.97
CA GLU F 61 -3.92 -42.28 -28.83
C GLU F 61 -4.70 -41.03 -29.17
N VAL F 62 -4.00 -39.90 -29.26
CA VAL F 62 -4.60 -38.61 -29.54
C VAL F 62 -3.87 -37.96 -30.70
N TRP F 63 -4.62 -37.34 -31.60
CA TRP F 63 -4.03 -36.66 -32.74
C TRP F 63 -3.06 -35.58 -32.31
N SER F 64 -3.32 -34.94 -31.16
CA SER F 64 -2.52 -33.81 -30.72
C SER F 64 -1.07 -34.20 -30.48
N GLN F 65 -0.77 -35.49 -30.33
CA GLN F 65 0.61 -35.94 -30.17
C GLN F 65 1.46 -35.56 -31.38
N GLU F 66 0.84 -35.36 -32.55
CA GLU F 66 1.60 -34.93 -33.73
C GLU F 66 2.08 -33.49 -33.62
N MET F 67 1.59 -32.73 -32.65
CA MET F 67 1.94 -31.33 -32.48
C MET F 67 3.09 -31.12 -31.49
N THR F 68 3.67 -32.20 -30.98
CA THR F 68 4.76 -32.08 -30.03
C THR F 68 5.67 -33.30 -30.16
N ASP F 69 6.90 -33.15 -29.65
CA ASP F 69 7.88 -34.23 -29.64
C ASP F 69 7.62 -35.09 -28.41
N LEU F 70 6.86 -36.16 -28.60
CA LEU F 70 6.51 -37.03 -27.48
C LEU F 70 7.74 -37.69 -26.87
N HIS F 71 8.65 -38.18 -27.72
CA HIS F 71 9.83 -38.87 -27.21
C HIS F 71 10.75 -37.96 -26.42
N ARG F 72 10.70 -36.66 -26.67
CA ARG F 72 11.51 -35.71 -25.91
C ARG F 72 10.94 -35.45 -24.52
N TYR F 73 9.62 -35.51 -24.38
CA TYR F 73 8.95 -35.14 -23.13
C TYR F 73 8.40 -36.32 -22.36
N LYS F 74 8.17 -37.46 -22.99
CA LYS F 74 7.52 -38.58 -22.32
C LYS F 74 8.39 -39.12 -21.19
N GLY F 75 7.73 -39.56 -20.12
CA GLY F 75 8.38 -40.35 -19.10
C GLY F 75 8.36 -41.82 -19.50
N ARG F 76 9.46 -42.51 -19.20
CA ARG F 76 9.62 -43.89 -19.65
C ARG F 76 10.22 -44.73 -18.53
N CYS F 77 9.78 -45.98 -18.46
CA CYS F 77 10.34 -46.96 -17.54
C CYS F 77 11.55 -47.58 -18.21
N TYR F 78 12.74 -47.31 -17.64
CA TYR F 78 14.00 -47.77 -18.21
C TYR F 78 14.58 -48.99 -17.52
N ALA F 79 13.88 -49.55 -16.53
CA ALA F 79 14.39 -50.72 -15.83
C ALA F 79 13.30 -51.26 -14.92
N ILE F 80 13.29 -52.57 -14.75
CA ILE F 80 12.35 -53.25 -13.85
C ILE F 80 13.14 -54.33 -13.12
N ASP F 81 13.40 -54.12 -11.83
CA ASP F 81 14.06 -55.10 -10.98
C ASP F 81 13.02 -55.63 -10.00
N GLY F 82 12.68 -56.91 -10.14
CA GLY F 82 11.60 -57.46 -9.34
C GLY F 82 10.31 -56.72 -9.63
N ASN F 83 9.67 -56.24 -8.57
CA ASN F 83 8.46 -55.44 -8.69
C ASN F 83 8.73 -53.94 -8.68
N THR F 84 10.00 -53.53 -8.67
CA THR F 84 10.37 -52.13 -8.63
C THR F 84 10.72 -51.64 -10.03
N ALA F 85 9.95 -50.68 -10.52
CA ALA F 85 10.14 -50.10 -11.84
C ALA F 85 10.75 -48.71 -11.69
N TYR F 86 11.78 -48.44 -12.49
CA TYR F 86 12.44 -47.14 -12.50
C TYR F 86 11.99 -46.36 -13.72
N ILE F 87 11.50 -45.14 -13.51
CA ILE F 87 10.94 -44.31 -14.56
C ILE F 87 11.70 -42.99 -14.57
N ALA F 88 12.10 -42.56 -15.76
CA ALA F 88 12.82 -41.31 -15.96
C ALA F 88 11.89 -40.28 -16.57
N TYR F 89 11.91 -39.06 -16.00
CA TYR F 89 11.11 -37.96 -16.48
C TYR F 89 12.02 -36.83 -16.91
N PRO F 90 11.83 -36.28 -18.12
CA PRO F 90 12.66 -35.14 -18.53
C PRO F 90 12.51 -33.95 -17.59
N LEU F 91 13.62 -33.23 -17.41
CA LEU F 91 13.63 -32.06 -16.54
C LEU F 91 12.58 -31.03 -16.95
N ASP F 92 12.34 -30.88 -18.25
CA ASP F 92 11.42 -29.87 -18.75
C ASP F 92 9.97 -30.14 -18.37
N LEU F 93 9.66 -31.33 -17.86
CA LEU F 93 8.29 -31.65 -17.50
C LEU F 93 7.84 -30.94 -16.22
N PHE F 94 8.78 -30.45 -15.41
CA PHE F 94 8.48 -29.99 -14.06
C PHE F 94 8.68 -28.48 -13.94
N GLU F 95 7.73 -27.84 -13.29
CA GLU F 95 7.85 -26.41 -13.03
C GLU F 95 8.96 -26.16 -12.01
N GLU F 96 9.74 -25.10 -12.25
CA GLU F 96 10.88 -24.80 -11.40
C GLU F 96 10.41 -24.40 -10.01
N GLY F 97 11.07 -24.97 -9.00
CA GLY F 97 10.79 -24.60 -7.62
C GLY F 97 9.36 -24.85 -7.17
N SER F 98 8.79 -25.98 -7.56
CA SER F 98 7.40 -26.32 -7.21
C SER F 98 7.33 -27.79 -6.86
N ILE F 99 7.30 -28.09 -5.56
CA ILE F 99 7.02 -29.46 -5.12
C ILE F 99 5.60 -29.85 -5.49
N VAL F 100 4.69 -28.87 -5.55
CA VAL F 100 3.31 -29.16 -5.90
C VAL F 100 3.22 -29.77 -7.29
N ASN F 101 3.94 -29.19 -8.25
CA ASN F 101 3.92 -29.74 -9.61
C ASN F 101 4.52 -31.13 -9.64
N VAL F 102 5.60 -31.36 -8.91
CA VAL F 102 6.22 -32.68 -8.87
C VAL F 102 5.22 -33.70 -8.34
N MET F 103 4.51 -33.36 -7.27
CA MET F 103 3.51 -34.28 -6.72
C MET F 103 2.37 -34.51 -7.71
N SER F 104 1.88 -33.44 -8.33
CA SER F 104 0.78 -33.58 -9.27
C SER F 104 1.17 -34.43 -10.47
N SER F 105 2.46 -34.45 -10.82
CA SER F 105 2.92 -35.30 -11.92
C SER F 105 3.15 -36.73 -11.46
N ILE F 106 4.05 -36.93 -10.50
CA ILE F 106 4.48 -38.27 -10.12
C ILE F 106 3.36 -39.01 -9.40
N VAL F 107 2.72 -38.36 -8.43
CA VAL F 107 1.75 -39.03 -7.57
C VAL F 107 0.36 -38.44 -7.80
N GLY F 108 0.13 -37.90 -8.99
CA GLY F 108 -1.15 -37.26 -9.29
C GLY F 108 -2.31 -38.21 -9.42
N ASN F 109 -2.30 -39.06 -10.45
CA ASN F 109 -3.41 -39.95 -10.73
C ASN F 109 -3.02 -41.42 -10.89
N VAL F 110 -1.72 -41.73 -10.99
CA VAL F 110 -1.30 -43.09 -11.30
C VAL F 110 -1.63 -44.07 -10.17
N PHE F 111 -1.83 -43.57 -8.95
CA PHE F 111 -2.09 -44.45 -7.81
C PHE F 111 -3.52 -44.98 -7.79
N GLY F 112 -4.43 -44.37 -8.54
CA GLY F 112 -5.81 -44.80 -8.60
C GLY F 112 -6.17 -45.63 -9.81
N PHE F 113 -5.20 -46.07 -10.60
CA PHE F 113 -5.48 -46.83 -11.81
C PHE F 113 -5.85 -48.27 -11.50
N LYS F 114 -6.90 -48.75 -12.17
CA LYS F 114 -7.30 -50.14 -12.00
C LYS F 114 -6.21 -51.10 -12.48
N ALA F 115 -5.43 -50.68 -13.48
CA ALA F 115 -4.40 -51.55 -14.01
C ALA F 115 -3.39 -51.96 -12.96
N VAL F 116 -3.14 -51.10 -11.98
CA VAL F 116 -2.21 -51.39 -10.89
C VAL F 116 -3.02 -51.64 -9.64
N ARG F 117 -2.88 -52.84 -9.07
CA ARG F 117 -3.55 -53.13 -7.80
C ARG F 117 -2.97 -52.28 -6.68
N ALA F 118 -1.65 -52.11 -6.66
CA ALA F 118 -1.02 -51.27 -5.66
C ALA F 118 0.18 -50.55 -6.27
N LEU F 119 0.48 -49.37 -5.74
CA LEU F 119 1.57 -48.56 -6.24
C LEU F 119 2.17 -47.77 -5.09
N ARG F 120 3.48 -47.89 -4.90
CA ARG F 120 4.19 -47.16 -3.86
C ARG F 120 5.39 -46.46 -4.46
N LEU F 121 5.53 -45.16 -4.19
CA LEU F 121 6.70 -44.40 -4.61
C LEU F 121 7.77 -44.53 -3.54
N LEU F 122 8.83 -45.27 -3.86
CA LEU F 122 9.85 -45.57 -2.86
C LEU F 122 10.89 -44.46 -2.76
N ASP F 123 11.53 -44.14 -3.88
CA ASP F 123 12.61 -43.15 -3.89
C ASP F 123 12.50 -42.30 -5.14
N MET F 124 13.08 -41.11 -5.06
CA MET F 124 13.12 -40.16 -6.16
C MET F 124 14.53 -39.61 -6.30
N ARG F 125 15.00 -39.48 -7.53
CA ARG F 125 16.29 -38.86 -7.84
C ARG F 125 16.01 -37.45 -8.35
N ILE F 126 16.15 -36.46 -7.48
CA ILE F 126 15.99 -35.07 -7.87
C ILE F 126 17.29 -34.61 -8.53
N PRO F 127 17.27 -34.20 -9.79
CA PRO F 127 18.52 -33.74 -10.43
C PRO F 127 19.01 -32.44 -9.84
N THR F 128 20.32 -32.22 -9.96
CA THR F 128 20.92 -31.00 -9.46
C THR F 128 20.31 -29.77 -10.12
N ALA F 129 20.01 -29.86 -11.42
CA ALA F 129 19.45 -28.72 -12.14
C ALA F 129 18.11 -28.32 -11.54
N TYR F 130 17.25 -29.30 -11.24
CA TYR F 130 15.97 -28.99 -10.61
C TYR F 130 16.16 -28.55 -9.16
N LEU F 131 17.14 -29.11 -8.46
CA LEU F 131 17.39 -28.72 -7.08
C LEU F 131 17.79 -27.26 -6.98
N LYS F 132 18.58 -26.77 -7.94
CA LYS F 132 19.03 -25.39 -7.90
C LYS F 132 17.89 -24.40 -7.97
N THR F 133 16.70 -24.84 -8.41
CA THR F 133 15.53 -23.97 -8.48
C THR F 133 14.80 -23.88 -7.15
N PHE F 134 15.27 -24.57 -6.11
CA PHE F 134 14.64 -24.54 -4.80
C PHE F 134 15.52 -23.83 -3.78
N PRO F 135 14.93 -23.22 -2.76
CA PRO F 135 15.73 -22.41 -1.83
C PRO F 135 16.47 -23.22 -0.79
N GLY F 136 15.89 -24.33 -0.35
CA GLY F 136 16.46 -25.11 0.71
C GLY F 136 16.14 -24.52 2.06
N PRO F 137 16.59 -25.18 3.13
CA PRO F 137 16.32 -24.67 4.49
C PRO F 137 16.87 -23.27 4.66
N PRO F 138 16.16 -22.39 5.38
CA PRO F 138 16.66 -21.02 5.54
C PRO F 138 17.75 -20.85 6.58
N THR F 139 17.85 -21.74 7.56
CA THR F 139 18.79 -21.59 8.66
C THR F 139 19.92 -22.61 8.60
N GLY F 140 19.60 -23.90 8.58
CA GLY F 140 20.60 -24.94 8.59
C GLY F 140 20.97 -25.37 10.00
N ILE F 141 21.65 -26.52 10.06
CA ILE F 141 21.99 -27.13 11.35
C ILE F 141 23.00 -26.26 12.10
N ALA F 142 24.07 -25.84 11.42
CA ALA F 142 25.11 -25.08 12.09
C ALA F 142 24.59 -23.73 12.58
N GLN F 143 23.81 -23.03 11.75
CA GLN F 143 23.27 -21.74 12.14
C GLN F 143 22.31 -21.89 13.32
N GLU F 144 21.48 -22.94 13.30
CA GLU F 144 20.57 -23.18 14.41
C GLU F 144 21.34 -23.47 15.70
N ARG F 145 22.39 -24.28 15.62
CA ARG F 145 23.19 -24.54 16.80
C ARG F 145 23.84 -23.27 17.33
N ASP F 146 24.32 -22.41 16.43
CA ASP F 146 24.89 -21.14 16.85
C ASP F 146 23.84 -20.26 17.52
N ARG F 147 22.63 -20.24 16.98
CA ARG F 147 21.56 -19.46 17.60
C ARG F 147 21.23 -19.98 18.99
N LEU F 148 21.16 -21.30 19.15
CA LEU F 148 20.90 -21.92 20.44
C LEU F 148 22.16 -22.12 21.28
N LYS F 149 23.34 -21.98 20.68
CA LYS F 149 24.61 -22.20 21.40
C LYS F 149 24.65 -23.59 22.02
N VAL F 150 24.17 -24.58 21.28
CA VAL F 150 24.20 -25.97 21.69
C VAL F 150 25.03 -26.74 20.67
N TYR F 151 26.07 -27.40 21.14
CA TYR F 151 27.01 -28.11 20.26
C TYR F 151 27.33 -29.48 20.85
N HIS F 152 27.71 -30.40 19.96
CA HIS F 152 28.18 -31.73 20.36
C HIS F 152 27.19 -32.43 21.26
N ARG F 153 25.90 -32.31 20.92
CA ARG F 153 24.84 -32.87 21.72
C ARG F 153 23.52 -32.85 20.96
N PRO F 154 22.73 -33.91 21.00
CA PRO F 154 21.37 -33.82 20.45
C PRO F 154 20.57 -32.74 21.18
N LEU F 155 19.75 -32.02 20.42
CA LEU F 155 18.97 -30.94 20.97
C LEU F 155 17.67 -31.48 21.57
N LEU F 156 17.39 -31.13 22.81
CA LEU F 156 16.24 -31.65 23.53
C LEU F 156 15.02 -30.79 23.27
N GLY F 157 13.85 -31.44 23.32
CA GLY F 157 12.59 -30.75 23.16
C GLY F 157 11.48 -31.61 23.74
N GLY F 158 10.25 -31.11 23.59
CA GLY F 158 9.10 -31.83 24.10
C GLY F 158 7.78 -31.16 23.76
N THR F 159 6.83 -31.95 23.28
CA THR F 159 5.49 -31.46 23.02
C THR F 159 4.75 -31.27 24.34
N ILE F 160 4.11 -30.11 24.49
CA ILE F 160 3.36 -29.83 25.71
C ILE F 160 2.09 -30.68 25.72
N LYS F 161 1.85 -31.35 26.84
CA LYS F 161 0.70 -32.21 26.99
C LYS F 161 -0.15 -31.76 28.17
N PRO F 162 -1.46 -32.06 28.18
CA PRO F 162 -2.23 -32.79 27.16
C PRO F 162 -2.28 -32.05 25.82
N LYS F 163 -2.57 -32.75 24.73
CA LYS F 163 -2.54 -32.13 23.42
C LYS F 163 -3.45 -30.92 23.36
N LEU F 164 -4.64 -31.03 23.95
CA LEU F 164 -5.63 -29.96 23.91
C LEU F 164 -6.30 -29.87 25.27
N GLY F 165 -6.89 -28.70 25.53
CA GLY F 165 -7.60 -28.45 26.76
C GLY F 165 -6.87 -27.55 27.75
N LEU F 166 -5.57 -27.32 27.55
CA LEU F 166 -4.83 -26.41 28.42
C LEU F 166 -5.03 -24.98 27.98
N GLY F 167 -5.26 -24.09 28.94
CA GLY F 167 -5.34 -22.68 28.65
C GLY F 167 -3.97 -22.07 28.47
N PRO F 168 -3.94 -20.85 27.94
CA PRO F 168 -2.64 -20.19 27.71
C PRO F 168 -1.78 -20.09 28.95
N LYS F 169 -2.37 -19.76 30.10
CA LYS F 169 -1.58 -19.60 31.32
C LYS F 169 -0.99 -20.94 31.76
N GLU F 170 -1.81 -21.98 31.82
CA GLU F 170 -1.33 -23.31 32.22
C GLU F 170 -0.36 -23.87 31.19
N PHE F 171 -0.66 -23.67 29.92
CA PHE F 171 0.24 -24.12 28.86
C PHE F 171 1.61 -23.47 29.01
N ALA F 172 1.64 -22.16 29.24
CA ALA F 172 2.92 -21.46 29.42
C ALA F 172 3.61 -21.87 30.71
N ARG F 173 2.84 -22.21 31.75
CA ARG F 173 3.45 -22.70 32.98
C ARG F 173 4.19 -24.02 32.72
N VAL F 174 3.54 -24.93 31.98
CA VAL F 174 4.19 -26.18 31.63
C VAL F 174 5.42 -25.92 30.77
N VAL F 175 5.30 -24.99 29.82
CA VAL F 175 6.44 -24.65 28.96
C VAL F 175 7.61 -24.15 29.80
N TYR F 176 7.33 -23.26 30.74
CA TYR F 176 8.38 -22.71 31.60
C TYR F 176 9.03 -23.80 32.44
N GLU F 177 8.23 -24.70 33.01
CA GLU F 177 8.78 -25.78 33.80
C GLU F 177 9.70 -26.65 32.95
N CYS F 178 9.25 -27.00 31.74
CA CYS F 178 10.06 -27.84 30.87
C CYS F 178 11.37 -27.15 30.49
N LEU F 179 11.28 -25.87 30.11
CA LEU F 179 12.47 -25.16 29.65
C LEU F 179 13.48 -24.96 30.78
N VAL F 180 13.00 -24.58 31.97
CA VAL F 180 13.90 -24.43 33.10
C VAL F 180 14.44 -25.78 33.55
N GLY F 181 13.71 -26.87 33.33
CA GLY F 181 14.18 -28.17 33.73
C GLY F 181 15.35 -28.70 32.92
N GLY F 182 15.51 -28.22 31.68
CA GLY F 182 16.64 -28.62 30.87
C GLY F 182 16.35 -28.76 29.39
N LEU F 183 15.08 -28.73 29.00
CA LEU F 183 14.74 -28.81 27.58
C LEU F 183 15.22 -27.56 26.87
N ASP F 184 15.81 -27.75 25.69
CA ASP F 184 16.26 -26.61 24.90
C ASP F 184 15.07 -25.88 24.27
N THR F 185 14.06 -26.62 23.86
CA THR F 185 12.90 -26.04 23.20
C THR F 185 11.64 -26.79 23.61
N THR F 186 10.51 -26.21 23.29
CA THR F 186 9.21 -26.84 23.44
C THR F 186 8.40 -26.56 22.19
N ASP F 188 4.16 -26.50 20.49
CA ASP F 188 2.73 -26.78 20.48
C ASP F 188 2.48 -28.07 19.72
N ASP F 189 1.43 -28.78 20.11
CA ASP F 189 1.08 -29.99 19.38
C ASP F 189 0.55 -29.63 18.00
N GLU F 190 0.70 -30.57 17.07
CA GLU F 190 0.32 -30.33 15.68
C GLU F 190 -1.13 -29.92 15.55
N ASN F 191 -1.99 -30.39 16.45
CA ASN F 191 -3.42 -30.08 16.40
C ASN F 191 -3.78 -28.86 17.24
N LEU F 192 -2.82 -28.22 17.89
CA LEU F 192 -3.06 -27.03 18.70
C LEU F 192 -2.67 -25.81 17.86
N ASN F 193 -3.68 -25.19 17.24
CA ASN F 193 -3.47 -24.01 16.41
C ASN F 193 -4.18 -22.79 16.98
N SER F 194 -5.51 -22.82 17.03
CA SER F 194 -6.28 -21.77 17.69
C SER F 194 -7.65 -22.32 18.02
N GLN F 195 -7.96 -22.43 19.30
CA GLN F 195 -9.19 -23.07 19.77
C GLN F 195 -9.80 -22.23 20.87
N PRO F 196 -11.09 -22.42 21.17
CA PRO F 196 -11.70 -21.64 22.24
C PRO F 196 -10.97 -21.76 23.57
N PHE F 197 -10.47 -22.94 23.91
CA PHE F 197 -9.78 -23.11 25.18
C PHE F 197 -8.42 -22.42 25.18
N CYS F 198 -7.79 -22.29 24.01
CA CYS F 198 -6.48 -21.65 23.91
C CYS F 198 -6.38 -20.98 22.55
N ARG F 199 -6.66 -19.68 22.50
CA ARG F 199 -6.50 -18.92 21.28
C ARG F 199 -5.03 -18.66 21.01
N TRP F 200 -4.69 -18.52 19.72
CA TRP F 200 -3.29 -18.49 19.33
C TRP F 200 -2.59 -17.24 19.84
N ARG F 201 -3.26 -16.09 19.85
CA ARG F 201 -2.62 -14.86 20.32
C ARG F 201 -2.26 -14.98 21.79
N ASP F 202 -3.21 -15.41 22.62
CA ASP F 202 -2.95 -15.53 24.05
C ASP F 202 -1.87 -16.58 24.30
N ARG F 203 -1.93 -17.70 23.59
CA ARG F 203 -0.91 -18.73 23.77
C ARG F 203 0.47 -18.19 23.39
N TYR F 204 0.57 -17.46 22.29
CA TYR F 204 1.86 -16.91 21.89
C TYR F 204 2.39 -15.97 22.96
N LEU F 205 1.54 -15.07 23.46
CA LEU F 205 2.00 -14.11 24.46
C LEU F 205 2.47 -14.81 25.74
N TYR F 206 1.63 -15.69 26.28
CA TYR F 206 1.98 -16.37 27.52
C TYR F 206 3.23 -17.23 27.34
N VAL F 207 3.31 -17.95 26.21
CA VAL F 207 4.41 -18.86 25.98
C VAL F 207 5.71 -18.09 25.82
N MET F 208 5.69 -16.95 25.12
CA MET F 208 6.90 -16.18 24.97
C MET F 208 7.32 -15.54 26.28
N ASP F 209 6.37 -15.13 27.11
CA ASP F 209 6.73 -14.69 28.46
C ASP F 209 7.44 -15.80 29.23
N ALA F 210 6.89 -17.02 29.16
CA ALA F 210 7.52 -18.15 29.83
C ALA F 210 8.92 -18.43 29.26
N VAL F 211 9.06 -18.35 27.94
CA VAL F 211 10.34 -18.62 27.30
C VAL F 211 11.39 -17.59 27.73
N HIS F 212 10.99 -16.32 27.76
CA HIS F 212 11.91 -15.28 28.20
C HIS F 212 12.31 -15.46 29.66
N ARG F 213 11.34 -15.81 30.51
CA ARG F 213 11.66 -16.06 31.91
C ARG F 213 12.64 -17.22 32.05
N ALA F 214 12.43 -18.30 31.30
CA ALA F 214 13.33 -19.44 31.36
C ALA F 214 14.71 -19.08 30.84
N GLU F 215 14.78 -18.30 29.77
CA GLU F 215 16.07 -17.85 29.26
C GLU F 215 16.81 -17.03 30.30
N GLU F 216 16.11 -16.12 30.98
CA GLU F 216 16.74 -15.30 32.00
C GLU F 216 17.23 -16.15 33.17
N GLU F 217 16.40 -17.10 33.62
CA GLU F 217 16.76 -17.88 34.80
C GLU F 217 17.90 -18.85 34.50
N THR F 218 17.79 -19.60 33.41
CA THR F 218 18.80 -20.60 33.08
C THR F 218 20.05 -19.97 32.48
N GLY F 219 19.91 -18.88 31.73
CA GLY F 219 21.01 -18.28 31.02
C GLY F 219 21.32 -18.92 29.69
N GLU F 220 20.56 -19.93 29.28
CA GLU F 220 20.74 -20.60 28.01
C GLU F 220 19.64 -20.20 27.03
N ALA F 221 19.95 -20.26 25.75
CA ALA F 221 18.96 -19.95 24.73
C ALA F 221 17.82 -20.95 24.80
N LYS F 222 16.59 -20.45 24.79
CA LYS F 222 15.39 -21.26 24.84
C LYS F 222 14.42 -20.79 23.79
N GLY F 223 13.56 -21.70 23.34
CA GLY F 223 12.56 -21.36 22.35
C GLY F 223 11.36 -22.29 22.46
N HIS F 224 10.27 -21.84 21.84
CA HIS F 224 9.06 -22.64 21.74
C HIS F 224 8.61 -22.63 20.29
N TRP F 225 8.34 -23.82 19.75
CA TRP F 225 7.93 -23.95 18.35
C TRP F 225 6.44 -23.64 18.27
N LEU F 226 6.14 -22.34 18.24
CA LEU F 226 4.77 -21.89 18.12
C LEU F 226 4.16 -22.37 16.82
N ASN F 227 2.96 -22.93 16.90
CA ASN F 227 2.29 -23.51 15.75
C ASN F 227 1.51 -22.42 15.03
N VAL F 228 1.93 -22.10 13.80
CA VAL F 228 1.25 -21.11 12.98
C VAL F 228 0.30 -21.75 11.98
N THR F 229 0.14 -23.07 12.02
CA THR F 229 -0.75 -23.74 11.09
C THR F 229 -2.16 -23.18 11.23
N ALA F 230 -2.78 -22.88 10.09
CA ALA F 230 -4.09 -22.27 10.07
C ALA F 230 -4.81 -22.69 8.80
N GLY F 231 -6.10 -22.36 8.73
CA GLY F 231 -6.91 -22.74 7.59
C GLY F 231 -6.67 -21.96 6.33
N ASP F 232 -5.91 -20.87 6.40
CA ASP F 232 -5.58 -20.07 5.23
C ASP F 232 -4.14 -19.59 5.34
N THR F 233 -3.53 -19.34 4.19
CA THR F 233 -2.14 -18.91 4.16
C THR F 233 -1.97 -17.55 4.84
N GLU F 234 -2.92 -16.64 4.63
CA GLU F 234 -2.81 -15.31 5.23
C GLU F 234 -2.83 -15.39 6.74
N GLU F 235 -3.67 -16.25 7.31
CA GLU F 235 -3.69 -16.42 8.76
C GLU F 235 -2.37 -16.99 9.27
N MET F 236 -1.79 -17.94 8.54
CA MET F 236 -0.49 -18.49 8.93
C MET F 236 0.58 -17.41 8.90
N LEU F 237 0.57 -16.56 7.87
CA LEU F 237 1.54 -15.48 7.79
C LEU F 237 1.34 -14.48 8.94
N ARG F 238 0.10 -14.16 9.25
CA ARG F 238 -0.18 -13.25 10.37
C ARG F 238 0.32 -13.84 11.68
N ARG F 239 0.10 -15.14 11.88
CA ARG F 239 0.55 -15.77 13.11
C ARG F 239 2.08 -15.83 13.19
N ALA F 240 2.75 -16.08 12.06
CA ALA F 240 4.20 -16.05 12.06
C ALA F 240 4.72 -14.65 12.35
N GLU F 241 4.08 -13.62 11.78
CA GLU F 241 4.48 -12.26 12.06
C GLU F 241 4.31 -11.92 13.53
N PHE F 242 3.21 -12.35 14.13
CA PHE F 242 3.01 -12.13 15.56
C PHE F 242 4.06 -12.88 16.38
N ALA F 243 4.35 -14.13 16.00
CA ALA F 243 5.38 -14.89 16.70
C ALA F 243 6.71 -14.16 16.68
N LYS F 244 7.06 -13.57 15.54
CA LYS F 244 8.26 -12.73 15.49
C LYS F 244 8.11 -11.51 16.38
N GLU F 245 6.92 -10.90 16.39
CA GLU F 245 6.68 -9.72 17.21
C GLU F 245 6.87 -10.02 18.69
N VAL F 246 6.36 -11.17 19.16
CA VAL F 246 6.46 -11.51 20.58
C VAL F 246 7.83 -12.05 20.94
N GLY F 247 8.77 -12.08 20.01
CA GLY F 247 10.14 -12.45 20.30
C GLY F 247 10.50 -13.89 20.06
N SER F 248 9.64 -14.67 19.43
CA SER F 248 9.95 -16.07 19.16
C SER F 248 10.95 -16.20 18.04
N ARG F 249 11.94 -17.07 18.23
CA ARG F 249 12.88 -17.44 17.19
C ARG F 249 12.46 -18.70 16.45
N TYR F 250 11.33 -19.28 16.81
CA TYR F 250 10.87 -20.53 16.23
C TYR F 250 9.39 -20.44 15.87
N ILE F 251 9.03 -21.10 14.78
CA ILE F 251 7.64 -21.40 14.46
C ILE F 251 7.59 -22.84 13.93
N MET F 252 6.39 -23.42 13.99
CA MET F 252 6.16 -24.75 13.46
C MET F 252 4.90 -24.75 12.62
N VAL F 253 4.87 -25.64 11.63
CA VAL F 253 3.76 -25.73 10.70
C VAL F 253 3.60 -27.19 10.29
N ASP F 254 2.36 -27.61 10.10
CA ASP F 254 2.05 -28.93 9.56
C ASP F 254 2.01 -28.80 8.05
N PHE F 255 3.17 -29.01 7.42
CA PHE F 255 3.32 -28.68 6.01
C PHE F 255 2.44 -29.57 5.13
N LEU F 256 2.26 -30.84 5.49
CA LEU F 256 1.44 -31.72 4.68
C LEU F 256 -0.03 -31.33 4.74
N THR F 257 -0.56 -31.12 5.96
CA THR F 257 -1.95 -30.71 6.08
C THR F 257 -2.16 -29.30 5.58
N ALA F 258 -1.29 -28.37 5.97
CA ALA F 258 -1.38 -27.00 5.46
C ALA F 258 -1.14 -26.95 3.96
N GLY F 259 -0.14 -27.70 3.48
CA GLY F 259 0.17 -27.73 2.07
C GLY F 259 1.55 -27.23 1.74
N PHE F 260 2.09 -27.68 0.60
CA PHE F 260 3.42 -27.27 0.20
C PHE F 260 3.45 -25.86 -0.38
N SER F 261 2.35 -25.42 -1.00
CA SER F 261 2.30 -24.03 -1.49
C SER F 261 2.23 -23.05 -0.33
N ALA F 262 1.31 -23.29 0.62
CA ALA F 262 1.25 -22.46 1.81
C ALA F 262 2.55 -22.55 2.60
N TYR F 263 3.15 -23.74 2.63
CA TYR F 263 4.43 -23.89 3.32
C TYR F 263 5.52 -23.08 2.65
N ALA F 264 5.55 -23.05 1.32
CA ALA F 264 6.55 -22.26 0.62
C ALA F 264 6.38 -20.77 0.92
N THR F 265 5.13 -20.30 0.90
CA THR F 265 4.86 -18.91 1.25
C THR F 265 5.33 -18.61 2.67
N LEU F 266 5.00 -19.51 3.61
CA LEU F 266 5.39 -19.32 5.00
C LEU F 266 6.90 -19.35 5.17
N ARG F 267 7.58 -20.23 4.42
CA ARG F 267 9.03 -20.30 4.50
C ARG F 267 9.68 -19.01 4.00
N ARG F 268 9.18 -18.47 2.89
CA ARG F 268 9.68 -17.19 2.42
C ARG F 268 9.49 -16.11 3.48
N ARG F 269 8.28 -16.05 4.05
CA ARG F 269 8.00 -15.01 5.05
C ARG F 269 8.87 -15.19 6.29
N ALA F 270 9.09 -16.44 6.72
CA ALA F 270 9.87 -16.70 7.92
C ALA F 270 11.35 -16.39 7.69
N GLU F 271 11.88 -16.73 6.52
CA GLU F 271 13.24 -16.32 6.19
C GLU F 271 13.36 -14.81 6.20
N GLU F 272 12.34 -14.11 5.69
CA GLU F 272 12.34 -12.65 5.79
C GLU F 272 12.34 -12.21 7.25
N LEU F 273 11.56 -12.89 8.09
CA LEU F 273 11.41 -12.54 9.49
C LEU F 273 12.54 -13.09 10.37
N GLY F 274 13.39 -13.97 9.83
CA GLY F 274 14.45 -14.55 10.64
C GLY F 274 13.97 -15.65 11.57
N LEU F 275 12.88 -16.33 11.23
CA LEU F 275 12.32 -17.38 12.06
C LEU F 275 12.74 -18.75 11.56
N MET F 276 13.07 -19.63 12.50
CA MET F 276 13.32 -21.02 12.17
C MET F 276 12.01 -21.78 12.15
N ILE F 277 11.84 -22.64 11.14
CA ILE F 277 10.58 -23.33 10.89
C ILE F 277 10.76 -24.80 11.27
N HIS F 278 9.95 -25.28 12.21
CA HIS F 278 9.83 -26.69 12.48
C HIS F 278 8.72 -27.29 11.62
N CYS F 279 9.03 -28.41 10.98
CA CYS F 279 8.11 -29.05 10.05
C CYS F 279 7.54 -30.31 10.71
N HIS F 280 6.24 -30.30 10.95
CA HIS F 280 5.53 -31.46 11.47
C HIS F 280 4.88 -32.20 10.31
N ARG F 281 5.05 -33.52 10.30
CA ARG F 281 4.61 -34.37 9.20
C ARG F 281 3.27 -35.03 9.47
N ALA F 282 2.38 -34.32 10.15
CA ALA F 282 1.04 -34.84 10.40
C ALA F 282 0.36 -35.21 9.10
N MET F 283 -0.33 -36.35 9.11
CA MET F 283 -1.05 -36.94 7.99
C MET F 283 -0.14 -37.71 7.04
N HIS F 284 1.17 -37.79 7.31
CA HIS F 284 2.05 -38.57 6.45
C HIS F 284 1.72 -40.06 6.51
N ALA F 285 1.39 -40.57 7.70
CA ALA F 285 1.20 -42.00 7.88
C ALA F 285 0.00 -42.53 7.09
N VAL F 286 -0.91 -41.65 6.64
CA VAL F 286 -2.01 -42.11 5.81
C VAL F 286 -1.52 -42.62 4.47
N PHE F 287 -0.32 -42.22 4.04
CA PHE F 287 0.23 -42.70 2.78
C PHE F 287 1.70 -43.11 2.84
N THR F 288 2.35 -43.02 3.99
CA THR F 288 3.73 -43.48 4.12
C THR F 288 3.86 -44.79 4.87
N ARG F 289 2.82 -45.25 5.55
CA ARG F 289 2.93 -46.46 6.37
C ARG F 289 2.82 -47.73 5.53
N PRO F 290 1.82 -47.85 4.65
CA PRO F 290 1.66 -49.11 3.92
C PRO F 290 2.89 -49.45 3.10
N LYS F 291 3.25 -50.73 3.12
CA LYS F 291 4.43 -51.21 2.39
C LYS F 291 4.14 -51.47 0.92
N ASP F 292 2.87 -51.48 0.52
CA ASP F 292 2.48 -51.78 -0.86
C ASP F 292 1.89 -50.59 -1.59
N HIS F 293 1.47 -49.54 -0.89
CA HIS F 293 0.80 -48.42 -1.52
C HIS F 293 1.18 -47.12 -0.80
N GLY F 294 1.32 -46.06 -1.58
CA GLY F 294 1.53 -44.73 -1.04
C GLY F 294 2.88 -44.15 -1.46
N ILE F 295 3.44 -43.32 -0.60
CA ILE F 295 4.72 -42.67 -0.82
C ILE F 295 5.59 -42.90 0.39
N HIS F 296 6.79 -43.45 0.17
CA HIS F 296 7.74 -43.60 1.27
C HIS F 296 8.16 -42.24 1.78
N PHE F 297 8.34 -42.13 3.10
CA PHE F 297 8.63 -40.84 3.70
C PHE F 297 9.99 -40.28 3.31
N ARG F 298 10.89 -41.09 2.74
CA ARG F 298 12.15 -40.53 2.27
C ARG F 298 11.91 -39.53 1.15
N VAL F 299 10.95 -39.81 0.28
CA VAL F 299 10.60 -38.88 -0.79
C VAL F 299 10.04 -37.59 -0.20
N VAL F 300 9.18 -37.71 0.81
CA VAL F 300 8.61 -36.52 1.45
C VAL F 300 9.71 -35.72 2.14
N ALA F 301 10.69 -36.41 2.73
CA ALA F 301 11.82 -35.74 3.34
C ALA F 301 12.62 -34.96 2.31
N LYS F 302 12.86 -35.57 1.13
CA LYS F 302 13.54 -34.85 0.06
C LYS F 302 12.75 -33.62 -0.35
N TRP F 303 11.43 -33.78 -0.50
CA TRP F 303 10.58 -32.64 -0.88
C TRP F 303 10.65 -31.53 0.16
N LEU F 304 10.62 -31.89 1.44
CA LEU F 304 10.66 -30.89 2.50
C LEU F 304 12.01 -30.19 2.53
N ARG F 305 13.10 -30.94 2.36
CA ARG F 305 14.41 -30.30 2.30
C ARG F 305 14.50 -29.33 1.13
N MET F 306 13.95 -29.71 -0.02
CA MET F 306 13.89 -28.79 -1.14
C MET F 306 13.06 -27.56 -0.80
N ALA F 307 11.93 -27.76 -0.12
CA ALA F 307 11.02 -26.66 0.20
C ALA F 307 11.56 -25.77 1.32
N GLY F 308 12.54 -26.25 2.07
CA GLY F 308 13.22 -25.41 3.05
C GLY F 308 12.73 -25.49 4.47
N GLY F 309 12.72 -26.68 5.05
CA GLY F 309 12.46 -26.85 6.47
C GLY F 309 13.76 -26.89 7.27
N ASP F 310 13.72 -26.32 8.47
CA ASP F 310 14.87 -26.34 9.36
C ASP F 310 14.93 -27.61 10.19
N HIS F 311 13.78 -28.15 10.58
CA HIS F 311 13.71 -29.48 11.18
C HIS F 311 12.49 -30.19 10.64
N VAL F 312 12.56 -31.52 10.62
CA VAL F 312 11.45 -32.35 10.18
C VAL F 312 11.47 -33.65 10.98
N HIS F 313 10.29 -34.13 11.34
CA HIS F 313 10.16 -35.41 12.02
C HIS F 313 10.55 -36.54 11.08
N THR F 314 11.29 -37.50 11.61
CA THR F 314 11.79 -38.62 10.82
C THR F 314 11.47 -39.99 11.40
N GLY F 315 11.15 -40.08 12.68
CA GLY F 315 10.81 -41.36 13.28
C GLY F 315 11.62 -41.66 14.53
N THR F 316 11.13 -42.60 15.34
CA THR F 316 11.81 -43.03 16.54
C THR F 316 12.27 -44.48 16.49
N VAL F 317 11.65 -45.31 15.66
CA VAL F 317 11.98 -46.72 15.56
C VAL F 317 11.54 -47.44 16.84
N VAL F 318 12.07 -47.00 17.98
CA VAL F 318 11.77 -47.63 19.26
C VAL F 318 10.58 -46.99 19.97
N GLY F 319 9.93 -46.01 19.35
CA GLY F 319 8.83 -45.30 19.96
C GLY F 319 7.49 -45.92 19.66
N LYS F 320 6.43 -45.13 19.89
CA LYS F 320 5.06 -45.58 19.72
C LYS F 320 4.59 -45.55 18.27
N LEU F 321 5.35 -44.93 17.38
CA LEU F 321 4.98 -44.82 15.98
C LEU F 321 5.91 -45.65 15.12
N GLU F 322 5.35 -46.26 14.08
CA GLU F 322 6.09 -47.20 13.25
C GLU F 322 7.25 -46.50 12.55
N GLY F 323 8.38 -47.20 12.46
CA GLY F 323 9.55 -46.68 11.78
C GLY F 323 10.67 -47.70 11.71
N ALA F 324 11.27 -47.86 10.55
CA ALA F 324 12.36 -48.80 10.36
C ALA F 324 13.70 -48.13 10.60
N ARG F 325 14.60 -48.86 11.27
CA ARG F 325 15.88 -48.28 11.66
C ARG F 325 16.70 -47.86 10.46
N GLU F 326 16.89 -48.77 9.50
CA GLU F 326 17.73 -48.45 8.34
C GLU F 326 17.09 -47.38 7.47
N GLU F 327 15.78 -47.43 7.29
CA GLU F 327 15.09 -46.39 6.53
C GLU F 327 15.25 -45.04 7.22
N VAL F 328 15.16 -45.01 8.55
CA VAL F 328 15.32 -43.76 9.27
C VAL F 328 16.74 -43.25 9.14
N ARG F 329 17.73 -44.14 9.17
CA ARG F 329 19.12 -43.72 8.96
C ARG F 329 19.29 -43.11 7.58
N GLY F 330 18.70 -43.75 6.55
CA GLY F 330 18.78 -43.20 5.22
C GLY F 330 18.12 -41.83 5.11
N ILE F 331 16.96 -41.67 5.76
CA ILE F 331 16.27 -40.39 5.74
C ILE F 331 17.11 -39.32 6.44
N ALA F 332 17.74 -39.68 7.56
CA ALA F 332 18.60 -38.73 8.26
C ALA F 332 19.78 -38.31 7.38
N ASP F 333 20.38 -39.28 6.68
CA ASP F 333 21.46 -38.93 5.75
C ASP F 333 20.96 -38.02 4.64
N LEU F 334 19.77 -38.29 4.11
CA LEU F 334 19.19 -37.43 3.08
C LEU F 334 19.02 -36.01 3.60
N LEU F 335 18.55 -35.87 4.84
CA LEU F 335 18.29 -34.55 5.39
C LEU F 335 19.56 -33.82 5.81
N ARG F 336 20.64 -34.54 6.14
CA ARG F 336 21.81 -33.94 6.74
C ARG F 336 23.04 -33.89 5.84
N GLU F 337 23.10 -34.72 4.81
CA GLU F 337 24.31 -34.84 3.99
C GLU F 337 24.17 -34.06 2.70
N GLU F 338 25.31 -33.63 2.16
CA GLU F 338 25.36 -32.94 0.88
C GLU F 338 25.31 -33.90 -0.30
N PHE F 339 25.55 -35.18 -0.07
CA PHE F 339 25.44 -36.18 -1.13
C PHE F 339 25.20 -37.53 -0.48
N VAL F 340 24.12 -38.20 -0.88
CA VAL F 340 23.75 -39.49 -0.29
C VAL F 340 23.86 -40.58 -1.35
N PRO F 341 24.87 -41.45 -1.30
CA PRO F 341 24.94 -42.54 -2.27
C PRO F 341 23.83 -43.56 -2.05
N ALA F 342 23.50 -44.26 -3.13
CA ALA F 342 22.48 -45.29 -3.07
C ALA F 342 22.86 -46.36 -2.05
N ASN F 343 21.86 -46.81 -1.29
CA ASN F 343 22.06 -47.82 -0.24
C ASN F 343 20.85 -48.74 -0.24
N PRO F 344 20.92 -49.89 -0.92
CA PRO F 344 19.75 -50.79 -0.95
C PRO F 344 19.31 -51.25 0.43
N GLN F 345 20.24 -51.40 1.37
CA GLN F 345 19.86 -51.83 2.72
C GLN F 345 18.97 -50.79 3.38
N ARG F 346 19.25 -49.51 3.17
CA ARG F 346 18.46 -48.43 3.73
C ARG F 346 17.33 -47.97 2.83
N GLY F 347 17.15 -48.62 1.68
CA GLY F 347 16.08 -48.27 0.77
C GLY F 347 16.38 -47.13 -0.17
N LEU F 348 17.60 -46.62 -0.17
CA LEU F 348 18.00 -45.52 -1.05
C LEU F 348 18.45 -46.12 -2.38
N LEU F 349 17.62 -45.98 -3.40
CA LEU F 349 17.86 -46.58 -4.71
C LEU F 349 18.55 -45.65 -5.69
N PHE F 350 18.83 -44.41 -5.29
CA PHE F 350 19.47 -43.44 -6.16
C PHE F 350 20.55 -42.70 -5.40
N ASP F 351 21.58 -42.29 -6.14
CA ASP F 351 22.55 -41.33 -5.61
C ASP F 351 21.92 -39.95 -5.67
N GLN F 352 21.82 -39.29 -4.51
CA GLN F 352 21.08 -38.04 -4.39
C GLN F 352 22.01 -36.88 -4.05
N PRO F 353 22.41 -36.06 -5.02
CA PRO F 353 23.09 -34.81 -4.69
C PRO F 353 22.09 -33.79 -4.15
N TRP F 354 22.63 -32.78 -3.46
CA TRP F 354 21.80 -31.74 -2.87
C TRP F 354 22.16 -30.34 -3.32
N ALA F 355 23.14 -30.19 -4.21
CA ALA F 355 23.39 -28.94 -4.91
C ALA F 355 23.57 -27.78 -3.93
N GLY F 356 24.20 -28.05 -2.80
CA GLY F 356 24.47 -27.04 -1.81
C GLY F 356 23.29 -26.67 -0.93
N LEU F 357 22.15 -27.32 -1.09
CA LEU F 357 21.02 -27.05 -0.22
C LEU F 357 21.39 -27.37 1.22
N LYS F 358 20.96 -26.50 2.13
CA LYS F 358 21.35 -26.63 3.52
C LYS F 358 20.77 -27.90 4.13
N PRO F 359 21.47 -28.51 5.08
CA PRO F 359 20.89 -29.63 5.83
C PRO F 359 19.93 -29.14 6.90
N LEU F 360 19.05 -30.04 7.31
CA LEU F 360 18.06 -29.75 8.35
C LEU F 360 18.09 -30.83 9.41
N PHE F 361 17.41 -30.55 10.52
CA PHE F 361 17.49 -31.38 11.71
C PHE F 361 16.45 -32.49 11.66
N PRO F 362 16.85 -33.77 11.67
CA PRO F 362 15.88 -34.83 11.97
C PRO F 362 15.36 -34.69 13.39
N VAL F 363 14.08 -34.99 13.57
CA VAL F 363 13.43 -34.88 14.86
C VAL F 363 12.86 -36.25 15.23
N ALA F 364 13.25 -36.76 16.40
CA ALA F 364 12.73 -38.01 16.92
C ALA F 364 11.71 -37.70 18.00
N SER F 365 10.46 -38.11 17.78
CA SER F 365 9.38 -37.85 18.71
C SER F 365 8.40 -39.01 18.70
N GLY F 366 7.77 -39.23 19.84
CA GLY F 366 6.71 -40.21 19.95
C GLY F 366 7.04 -41.40 20.81
N GLY F 367 6.55 -41.40 22.04
CA GLY F 367 6.72 -42.54 22.93
C GLY F 367 8.17 -42.89 23.19
N ILE F 368 9.02 -41.90 23.42
CA ILE F 368 10.43 -42.11 23.72
C ILE F 368 10.71 -41.55 25.10
N HIS F 369 11.38 -42.35 25.93
CA HIS F 369 11.80 -41.92 27.26
C HIS F 369 13.29 -42.14 27.40
N VAL F 370 13.82 -42.00 28.62
CA VAL F 370 15.26 -42.02 28.82
C VAL F 370 15.88 -43.30 28.28
N TRP F 371 15.22 -44.44 28.49
CA TRP F 371 15.79 -45.72 28.07
C TRP F 371 16.03 -45.79 26.57
N HIS F 372 15.28 -45.01 25.80
CA HIS F 372 15.44 -45.00 24.34
C HIS F 372 16.53 -44.05 23.86
N VAL F 373 17.13 -43.28 24.76
CA VAL F 373 18.14 -42.30 24.35
C VAL F 373 19.33 -42.97 23.66
N PRO F 374 19.91 -44.05 24.17
CA PRO F 374 21.02 -44.69 23.46
C PRO F 374 20.69 -45.02 22.02
N ASP F 375 19.64 -45.81 21.82
CA ASP F 375 19.25 -46.21 20.47
C ASP F 375 19.12 -44.99 19.56
N LEU F 376 18.40 -43.96 20.04
CA LEU F 376 18.24 -42.75 19.24
C LEU F 376 19.59 -42.18 18.85
N VAL F 377 20.50 -42.05 19.81
CA VAL F 377 21.82 -41.50 19.49
C VAL F 377 22.55 -42.41 18.51
N SER F 378 22.34 -43.73 18.64
CA SER F 378 22.90 -44.64 17.65
C SER F 378 22.31 -44.39 16.27
N ILE F 379 21.00 -44.16 16.20
CA ILE F 379 20.35 -43.95 14.90
C ILE F 379 20.73 -42.60 14.32
N TYR F 380 20.72 -41.56 15.14
CA TYR F 380 20.85 -40.19 14.67
C TYR F 380 22.18 -39.53 14.99
N GLY F 381 22.84 -39.95 16.06
CA GLY F 381 24.05 -39.27 16.50
C GLY F 381 23.74 -38.01 17.28
N ASN F 382 24.46 -36.94 16.99
CA ASN F 382 24.29 -35.67 17.70
C ASN F 382 23.42 -34.67 16.95
N ASP F 383 23.44 -34.68 15.62
CA ASP F 383 22.73 -33.69 14.82
C ASP F 383 21.28 -34.15 14.66
N ALA F 384 20.51 -34.00 15.74
CA ALA F 384 19.11 -34.37 15.74
C ALA F 384 18.41 -33.74 16.93
N PHE F 385 17.08 -33.72 16.85
CA PHE F 385 16.23 -33.25 17.93
C PHE F 385 15.50 -34.43 18.54
N PHE F 386 15.60 -34.57 19.86
CA PHE F 386 14.89 -35.59 20.61
C PHE F 386 13.75 -34.93 21.37
N LEU F 387 12.52 -35.32 21.04
CA LEU F 387 11.32 -34.73 21.62
C LEU F 387 10.72 -35.69 22.64
N PHE F 388 10.58 -35.23 23.88
CA PHE F 388 10.00 -36.00 24.97
C PHE F 388 8.75 -35.27 25.46
N GLY F 389 7.60 -35.62 24.93
CA GLY F 389 6.36 -35.05 25.41
C GLY F 389 5.86 -35.72 26.66
N GLY F 390 5.46 -36.99 26.56
CA GLY F 390 5.02 -37.73 27.72
C GLY F 390 6.16 -38.11 28.65
N GLY F 391 7.36 -38.23 28.10
CA GLY F 391 8.53 -38.53 28.93
C GLY F 391 8.94 -37.38 29.83
N THR F 392 8.52 -36.16 29.50
CA THR F 392 8.81 -34.99 30.33
C THR F 392 7.71 -34.76 31.36
N HIS F 393 6.46 -34.61 30.90
CA HIS F 393 5.36 -34.30 31.80
C HIS F 393 4.89 -35.52 32.59
N GLY F 394 5.18 -36.72 32.13
CA GLY F 394 4.83 -37.93 32.83
C GLY F 394 5.75 -38.30 33.97
N HIS F 395 6.79 -37.51 34.19
CA HIS F 395 7.68 -37.77 35.31
C HIS F 395 6.90 -37.64 36.62
N PRO F 396 7.19 -38.49 37.62
CA PRO F 396 6.42 -38.41 38.87
C PRO F 396 6.47 -37.03 39.53
N ARG F 397 7.61 -36.36 39.47
CA ARG F 397 7.80 -35.09 40.16
C ARG F 397 7.47 -33.88 39.30
N GLY F 398 7.01 -34.07 38.08
CA GLY F 398 6.55 -32.99 37.24
C GLY F 398 7.40 -32.81 35.99
N SER F 399 7.01 -31.82 35.19
CA SER F 399 7.66 -31.59 33.92
C SER F 399 9.11 -31.13 34.09
N ARG F 400 9.37 -30.32 35.12
CA ARG F 400 10.74 -29.86 35.35
C ARG F 400 11.67 -31.04 35.62
N ALA F 401 11.24 -31.97 36.49
CA ALA F 401 12.05 -33.13 36.80
C ALA F 401 12.25 -34.01 35.58
N GLY F 402 11.18 -34.20 34.79
CA GLY F 402 11.31 -34.99 33.58
C GLY F 402 12.27 -34.37 32.57
N ALA F 403 12.20 -33.05 32.40
CA ALA F 403 13.13 -32.36 31.52
C ALA F 403 14.56 -32.51 32.01
N ARG F 404 14.77 -32.38 33.32
CA ARG F 404 16.10 -32.57 33.88
C ARG F 404 16.61 -33.99 33.62
N ALA F 405 15.75 -34.99 33.82
CA ALA F 405 16.14 -36.37 33.58
C ALA F 405 16.50 -36.61 32.12
N ASN F 406 15.67 -36.09 31.21
CA ASN F 406 15.94 -36.27 29.80
C ASN F 406 17.23 -35.58 29.38
N ARG F 407 17.46 -34.37 29.90
CA ARG F 407 18.70 -33.67 29.61
C ARG F 407 19.90 -34.45 30.12
N ALA F 408 19.81 -34.99 31.33
CA ALA F 408 20.92 -35.76 31.89
C ALA F 408 21.19 -37.00 31.05
N ALA F 409 20.14 -37.72 30.66
CA ALA F 409 20.31 -38.92 29.86
C ALA F 409 20.94 -38.60 28.51
N VAL F 410 20.43 -37.55 27.85
CA VAL F 410 20.94 -37.17 26.54
C VAL F 410 22.41 -36.76 26.65
N GLU F 411 22.75 -35.96 27.67
CA GLU F 411 24.13 -35.52 27.83
C GLU F 411 25.05 -36.71 28.08
N ALA F 412 24.64 -37.63 28.95
CA ALA F 412 25.48 -38.79 29.26
C ALA F 412 25.69 -39.65 28.03
N VAL F 413 24.63 -39.93 27.29
CA VAL F 413 24.74 -40.78 26.12
C VAL F 413 25.57 -40.10 25.04
N ALA F 414 25.40 -38.79 24.86
CA ALA F 414 26.20 -38.07 23.88
C ALA F 414 27.67 -38.07 24.27
N ALA F 415 27.98 -37.91 25.56
CA ALA F 415 29.36 -37.97 26.00
C ALA F 415 29.95 -39.35 25.74
N ALA F 416 29.19 -40.41 26.01
CA ALA F 416 29.68 -41.76 25.74
C ALA F 416 29.91 -41.96 24.24
N TYR F 417 28.98 -41.48 23.42
CA TYR F 417 29.11 -41.61 21.97
C TYR F 417 30.35 -40.87 21.46
N ARG F 418 30.59 -39.66 21.96
CA ARG F 418 31.78 -38.91 21.57
C ARG F 418 33.05 -39.63 21.99
N GLU F 419 32.99 -40.42 23.06
CA GLU F 419 34.15 -41.16 23.55
C GLU F 419 34.38 -42.46 22.79
N GLY F 420 33.50 -42.81 21.86
CA GLY F 420 33.64 -44.03 21.09
C GLY F 420 33.05 -45.27 21.73
N ARG F 421 32.39 -45.15 22.87
CA ARG F 421 31.80 -46.30 23.52
C ARG F 421 30.64 -46.85 22.70
N ASP F 422 30.43 -48.16 22.80
CA ASP F 422 29.30 -48.82 22.14
C ASP F 422 28.05 -48.52 22.94
N ILE F 423 27.40 -47.40 22.59
CA ILE F 423 26.25 -46.96 23.37
C ILE F 423 25.11 -47.95 23.29
N LEU F 424 25.01 -48.70 22.19
CA LEU F 424 23.93 -49.67 22.07
C LEU F 424 24.07 -50.77 23.12
N ALA F 425 25.29 -51.21 23.39
CA ALA F 425 25.51 -52.27 24.36
C ALA F 425 25.66 -51.75 25.79
N GLU F 426 26.20 -50.55 25.97
CA GLU F 426 26.44 -49.99 27.30
C GLU F 426 25.44 -48.90 27.66
N GLY F 427 24.29 -48.87 26.98
CA GLY F 427 23.33 -47.80 27.23
C GLY F 427 22.73 -47.86 28.62
N ARG F 428 22.36 -49.05 29.06
CA ARG F 428 21.78 -49.19 30.40
C ARG F 428 22.80 -48.79 31.47
N GLN F 429 24.06 -49.20 31.30
CA GLN F 429 25.09 -48.80 32.25
C GLN F 429 25.32 -47.30 32.24
N ILE F 430 25.32 -46.69 31.06
CA ILE F 430 25.50 -45.24 30.97
C ILE F 430 24.37 -44.53 31.67
N LEU F 431 23.13 -44.96 31.43
CA LEU F 431 21.98 -44.34 32.07
C LEU F 431 22.02 -44.52 33.58
N GLN F 432 22.42 -45.71 34.05
CA GLN F 432 22.52 -45.93 35.49
C GLN F 432 23.58 -45.03 36.11
N ASP F 433 24.74 -44.92 35.46
CA ASP F 433 25.80 -44.05 35.98
C ASP F 433 25.34 -42.60 36.02
N ALA F 434 24.63 -42.15 34.99
CA ALA F 434 24.08 -40.80 35.00
C ALA F 434 23.07 -40.63 36.15
N ALA F 435 22.22 -41.64 36.35
CA ALA F 435 21.21 -41.58 37.40
C ALA F 435 21.82 -41.60 38.79
N ARG F 436 23.04 -42.13 38.95
CA ARG F 436 23.69 -42.12 40.25
C ARG F 436 23.78 -40.70 40.82
N THR F 437 23.88 -39.70 39.94
CA THR F 437 23.95 -38.30 40.36
C THR F 437 22.71 -37.50 39.96
N CYS F 438 21.74 -38.11 39.29
CA CYS F 438 20.52 -37.45 38.85
C CYS F 438 19.32 -38.23 39.36
N PRO F 439 18.79 -37.87 40.53
CA PRO F 439 17.61 -38.60 41.04
C PRO F 439 16.43 -38.55 40.10
N GLU F 440 16.25 -37.45 39.38
CA GLU F 440 15.17 -37.38 38.39
C GLU F 440 15.34 -38.46 37.32
N LEU F 441 16.58 -38.65 36.85
CA LEU F 441 16.84 -39.69 35.86
C LEU F 441 16.55 -41.08 36.44
N ARG F 442 16.92 -41.30 37.70
CA ARG F 442 16.63 -42.57 38.34
C ARG F 442 15.12 -42.83 38.40
N GLU F 443 14.35 -41.81 38.79
CA GLU F 443 12.90 -41.97 38.86
C GLU F 443 12.31 -42.23 37.48
N ALA F 444 12.78 -41.50 36.47
CA ALA F 444 12.28 -41.72 35.11
C ALA F 444 12.60 -43.12 34.63
N MET F 445 13.82 -43.60 34.90
CA MET F 445 14.20 -44.94 34.49
C MET F 445 13.34 -45.99 35.19
N GLU F 446 13.10 -45.81 36.49
CA GLU F 446 12.27 -46.75 37.22
C GLU F 446 10.85 -46.78 36.68
N LEU F 447 10.29 -45.60 36.39
CA LEU F 447 8.90 -45.53 35.94
C LEU F 447 8.69 -46.24 34.61
N TRP F 448 9.61 -46.05 33.67
CA TRP F 448 9.46 -46.55 32.30
C TRP F 448 10.48 -47.63 31.97
N GLU F 449 10.80 -48.49 32.94
CA GLU F 449 11.81 -49.51 32.72
C GLU F 449 11.37 -50.51 31.66
N GLY F 450 10.17 -51.06 31.80
CA GLY F 450 9.70 -52.09 30.90
C GLY F 450 8.71 -51.61 29.86
N VAL F 451 8.61 -50.30 29.68
CA VAL F 451 7.67 -49.72 28.72
C VAL F 451 8.30 -49.80 27.33
N THR F 452 7.73 -50.65 26.48
CA THR F 452 8.23 -50.87 25.13
C THR F 452 7.06 -50.86 24.16
N PHE F 453 7.37 -50.55 22.90
CA PHE F 453 6.38 -50.49 21.84
C PHE F 453 6.75 -51.48 20.74
N PHE G 6 -51.49 -19.13 -6.19
CA PHE G 6 -51.28 -17.97 -5.33
C PHE G 6 -52.58 -17.18 -5.23
N VAL G 7 -53.05 -16.98 -4.01
CA VAL G 7 -54.29 -16.25 -3.75
C VAL G 7 -53.92 -14.87 -3.24
N ALA G 8 -54.23 -13.84 -4.04
CA ALA G 8 -53.94 -12.48 -3.66
C ALA G 8 -54.92 -12.00 -2.60
N GLY G 9 -54.41 -11.21 -1.66
CA GLY G 9 -55.25 -10.66 -0.61
C GLY G 9 -54.62 -10.72 0.76
N VAL G 10 -55.23 -10.04 1.72
CA VAL G 10 -54.73 -10.00 3.09
C VAL G 10 -55.26 -11.21 3.84
N GLN G 11 -54.36 -11.92 4.51
CA GLN G 11 -54.71 -13.06 5.34
C GLN G 11 -54.14 -12.87 6.73
N PRO G 12 -54.77 -13.45 7.75
CA PRO G 12 -54.22 -13.32 9.10
C PRO G 12 -52.82 -13.93 9.19
N TYR G 13 -51.96 -13.29 9.97
CA TYR G 13 -50.61 -13.81 10.16
C TYR G 13 -50.64 -15.17 10.82
N ARG G 14 -51.50 -15.35 11.83
CA ARG G 14 -51.53 -16.60 12.58
C ARG G 14 -51.82 -17.80 11.70
N LYS G 15 -52.43 -17.59 10.53
CA LYS G 15 -52.69 -18.71 9.63
C LYS G 15 -51.41 -19.40 9.22
N THR G 16 -50.31 -18.65 9.12
CA THR G 16 -49.03 -19.18 8.65
C THR G 16 -47.91 -19.05 9.66
N TYR G 17 -47.88 -17.95 10.42
CA TYR G 17 -46.75 -17.64 11.30
C TYR G 17 -47.05 -17.94 12.76
N TYR G 18 -48.16 -18.61 13.06
CA TYR G 18 -48.45 -19.10 14.40
C TYR G 18 -48.51 -20.62 14.35
N GLU G 19 -47.52 -21.27 14.97
CA GLU G 19 -47.38 -22.72 14.94
C GLU G 19 -47.20 -23.22 16.38
N PRO G 20 -48.28 -23.29 17.15
CA PRO G 20 -48.13 -23.67 18.57
C PRO G 20 -47.49 -25.03 18.77
N GLY G 21 -47.73 -25.98 17.86
CA GLY G 21 -47.15 -27.29 17.97
C GLY G 21 -45.72 -27.42 17.52
N TYR G 22 -45.12 -26.33 17.04
CA TYR G 22 -43.74 -26.38 16.56
C TYR G 22 -42.78 -26.60 17.73
N GLU G 23 -41.83 -27.51 17.53
CA GLU G 23 -40.81 -27.78 18.52
C GLU G 23 -39.52 -27.11 18.10
N PRO G 24 -39.02 -26.13 18.84
CA PRO G 24 -37.79 -25.43 18.41
C PRO G 24 -36.63 -26.40 18.25
N LYS G 25 -35.85 -26.17 17.21
CA LYS G 25 -34.63 -26.93 16.97
C LYS G 25 -33.47 -26.30 17.73
N GLU G 26 -32.48 -27.14 18.07
CA GLU G 26 -31.32 -26.64 18.78
C GLU G 26 -30.58 -25.58 17.99
N THR G 27 -30.73 -25.55 16.67
CA THR G 27 -30.10 -24.55 15.82
C THR G 27 -30.95 -23.29 15.65
N ASP G 28 -32.20 -23.31 16.10
CA ASP G 28 -33.07 -22.16 15.92
C ASP G 28 -32.69 -21.04 16.88
N LEU G 29 -32.99 -19.81 16.46
CA LEU G 29 -32.81 -18.63 17.29
C LEU G 29 -34.17 -18.26 17.88
N LEU G 30 -34.26 -18.26 19.21
CA LEU G 30 -35.53 -18.07 19.90
C LEU G 30 -35.58 -16.69 20.51
N CYS G 31 -36.72 -16.01 20.34
CA CYS G 31 -36.95 -14.68 20.89
C CYS G 31 -38.20 -14.70 21.74
N ALA G 32 -38.12 -14.08 22.92
CA ALA G 32 -39.28 -13.88 23.78
C ALA G 32 -39.71 -12.42 23.70
N PHE G 33 -40.98 -12.20 23.39
CA PHE G 33 -41.53 -10.86 23.21
C PHE G 33 -42.69 -10.65 24.17
N ARG G 34 -42.59 -9.64 25.01
CA ARG G 34 -43.74 -9.15 25.74
C ARG G 34 -44.54 -8.26 24.81
N ILE G 35 -45.78 -8.66 24.53
CA ILE G 35 -46.62 -8.03 23.52
C ILE G 35 -47.85 -7.45 24.20
N GLU G 36 -48.13 -6.18 23.92
CA GLU G 36 -49.39 -5.54 24.26
C GLU G 36 -50.09 -5.23 22.95
N PRO G 37 -51.01 -6.07 22.49
CA PRO G 37 -51.65 -5.83 21.19
C PRO G 37 -52.61 -4.65 21.24
N SER G 38 -52.81 -4.05 20.07
CA SER G 38 -53.77 -2.98 19.94
C SER G 38 -55.19 -3.53 20.04
N PRO G 39 -56.15 -2.68 20.40
CA PRO G 39 -57.53 -3.17 20.54
C PRO G 39 -58.03 -3.81 19.25
N GLY G 40 -58.72 -4.94 19.40
CA GLY G 40 -59.23 -5.69 18.28
C GLY G 40 -58.24 -6.65 17.65
N ILE G 41 -57.00 -6.67 18.11
CA ILE G 41 -55.96 -7.55 17.60
C ILE G 41 -55.72 -8.65 18.65
N PRO G 42 -56.05 -9.91 18.37
CA PRO G 42 -55.76 -10.97 19.33
C PRO G 42 -54.26 -11.13 19.55
N LEU G 43 -53.91 -11.60 20.75
CA LEU G 43 -52.51 -11.78 21.09
C LEU G 43 -51.82 -12.73 20.13
N GLU G 44 -52.50 -13.80 19.73
CA GLU G 44 -51.94 -14.73 18.76
C GLU G 44 -51.66 -14.03 17.44
N GLU G 45 -52.60 -13.20 16.99
CA GLU G 45 -52.39 -12.46 15.75
C GLU G 45 -51.21 -11.50 15.88
N ALA G 46 -51.07 -10.83 17.03
CA ALA G 46 -49.95 -9.93 17.23
C ALA G 46 -48.62 -10.67 17.20
N ALA G 47 -48.53 -11.82 17.88
CA ALA G 47 -47.30 -12.59 17.88
C ALA G 47 -46.98 -13.09 16.48
N ALA G 48 -47.99 -13.56 15.74
CA ALA G 48 -47.76 -14.00 14.38
C ALA G 48 -47.30 -12.86 13.50
N ALA G 49 -47.87 -11.67 13.68
CA ALA G 49 -47.42 -10.51 12.93
C ALA G 49 -45.97 -10.19 13.23
N VAL G 50 -45.58 -10.25 14.51
CA VAL G 50 -44.19 -9.99 14.87
C VAL G 50 -43.28 -10.98 14.19
N ALA G 51 -43.61 -12.27 14.26
CA ALA G 51 -42.78 -13.29 13.63
C ALA G 51 -42.68 -13.07 12.13
N ALA G 52 -43.81 -12.83 11.47
CA ALA G 52 -43.84 -12.68 10.03
C ALA G 52 -43.01 -11.49 9.58
N GLU G 53 -43.23 -10.34 10.21
CA GLU G 53 -42.57 -9.11 9.79
C GLU G 53 -41.14 -9.00 10.32
N SER G 54 -40.72 -9.93 11.19
CA SER G 54 -39.32 -10.04 11.54
C SER G 54 -38.57 -11.06 10.69
N SER G 55 -39.26 -12.02 10.09
CA SER G 55 -38.57 -13.08 9.35
C SER G 55 -38.84 -13.05 7.84
N THR G 56 -40.08 -13.24 7.41
CA THR G 56 -40.35 -13.37 5.98
C THR G 56 -41.60 -12.66 5.49
N GLY G 57 -42.58 -12.38 6.35
CA GLY G 57 -43.89 -11.97 5.87
C GLY G 57 -44.06 -10.47 5.73
N THR G 58 -45.07 -10.11 4.95
CA THR G 58 -45.50 -8.73 4.83
C THR G 58 -47.00 -8.64 5.04
N TRP G 59 -47.58 -7.46 4.79
CA TRP G 59 -48.98 -7.22 5.15
C TRP G 59 -49.97 -7.94 4.23
N THR G 60 -49.52 -8.51 3.13
CA THR G 60 -50.41 -9.21 2.21
C THR G 60 -49.66 -10.31 1.50
N GLU G 61 -50.42 -11.27 0.98
CA GLU G 61 -49.82 -12.38 0.26
C GLU G 61 -49.15 -11.91 -1.02
N VAL G 62 -48.03 -12.55 -1.36
CA VAL G 62 -47.24 -12.19 -2.52
C VAL G 62 -46.99 -13.45 -3.36
N TRP G 63 -47.09 -13.30 -4.68
CA TRP G 63 -46.85 -14.42 -5.57
C TRP G 63 -45.46 -15.00 -5.39
N SER G 64 -44.48 -14.16 -5.05
CA SER G 64 -43.10 -14.59 -4.96
C SER G 64 -42.90 -15.68 -3.91
N GLN G 65 -43.85 -15.83 -2.98
CA GLN G 65 -43.75 -16.91 -2.00
C GLN G 65 -43.72 -18.28 -2.66
N GLU G 66 -44.24 -18.40 -3.88
CA GLU G 66 -44.20 -19.67 -4.60
C GLU G 66 -42.79 -20.02 -5.07
N MET G 67 -41.86 -19.07 -5.01
CA MET G 67 -40.49 -19.29 -5.48
C MET G 67 -39.55 -19.71 -4.36
N THR G 68 -40.05 -19.92 -3.15
CA THR G 68 -39.21 -20.33 -2.03
C THR G 68 -40.04 -21.15 -1.06
N ASP G 69 -39.33 -21.91 -0.21
CA ASP G 69 -39.96 -22.72 0.83
C ASP G 69 -40.21 -21.83 2.03
N LEU G 70 -41.43 -21.31 2.12
CA LEU G 70 -41.76 -20.40 3.22
C LEU G 70 -41.69 -21.11 4.56
N HIS G 71 -42.22 -22.32 4.65
CA HIS G 71 -42.25 -23.04 5.91
C HIS G 71 -40.85 -23.38 6.41
N ARG G 72 -39.86 -23.47 5.52
CA ARG G 72 -38.49 -23.74 5.94
C ARG G 72 -37.82 -22.51 6.52
N TYR G 73 -38.18 -21.31 6.04
CA TYR G 73 -37.52 -20.08 6.42
C TYR G 73 -38.33 -19.20 7.35
N LYS G 74 -39.65 -19.35 7.40
CA LYS G 74 -40.48 -18.44 8.17
C LYS G 74 -40.17 -18.55 9.66
N GLY G 75 -40.26 -17.41 10.35
CA GLY G 75 -40.29 -17.41 11.80
C GLY G 75 -41.71 -17.61 12.29
N ARG G 76 -41.85 -18.37 13.37
CA ARG G 76 -43.16 -18.75 13.87
C ARG G 76 -43.21 -18.65 15.38
N CYS G 77 -44.36 -18.23 15.89
CA CYS G 77 -44.62 -18.20 17.32
C CYS G 77 -45.08 -19.59 17.75
N TYR G 78 -44.27 -20.26 18.55
CA TYR G 78 -44.54 -21.64 18.96
C TYR G 78 -45.10 -21.75 20.38
N ALA G 79 -45.34 -20.63 21.05
CA ALA G 79 -45.87 -20.67 22.40
C ALA G 79 -46.23 -19.25 22.84
N ILE G 80 -47.26 -19.15 23.66
CA ILE G 80 -47.70 -17.88 24.23
C ILE G 80 -48.07 -18.15 25.69
N ASP G 81 -47.24 -17.66 26.60
CA ASP G 81 -47.50 -17.75 28.03
C ASP G 81 -47.81 -16.35 28.53
N GLY G 82 -49.05 -16.14 28.95
CA GLY G 82 -49.48 -14.80 29.32
C GLY G 82 -49.35 -13.87 28.13
N ASN G 83 -48.66 -12.76 28.33
CA ASN G 83 -48.38 -11.80 27.26
C ASN G 83 -47.04 -12.03 26.59
N THR G 84 -46.32 -13.09 26.96
CA THR G 84 -45.00 -13.38 26.42
C THR G 84 -45.12 -14.43 25.33
N ALA G 85 -44.74 -14.05 24.12
CA ALA G 85 -44.78 -14.93 22.95
C ALA G 85 -43.36 -15.37 22.60
N TYR G 86 -43.19 -16.66 22.36
CA TYR G 86 -41.90 -17.22 21.97
C TYR G 86 -41.93 -17.51 20.47
N ILE G 87 -40.94 -16.98 19.76
CA ILE G 87 -40.86 -17.09 18.31
C ILE G 87 -39.54 -17.73 17.95
N ALA G 88 -39.59 -18.71 17.05
CA ALA G 88 -38.41 -19.43 16.59
C ALA G 88 -38.08 -18.97 15.18
N TYR G 89 -36.80 -18.69 14.94
CA TYR G 89 -36.31 -18.26 13.64
C TYR G 89 -35.27 -19.27 13.15
N PRO G 90 -35.39 -19.77 11.92
CA PRO G 90 -34.38 -20.70 11.40
C PRO G 90 -33.00 -20.05 11.37
N LEU G 91 -31.99 -20.89 11.61
CA LEU G 91 -30.61 -20.42 11.62
C LEU G 91 -30.22 -19.76 10.30
N ASP G 92 -30.75 -20.26 9.18
CA ASP G 92 -30.37 -19.77 7.87
C ASP G 92 -30.86 -18.35 7.61
N LEU G 93 -31.73 -17.81 8.46
CA LEU G 93 -32.24 -16.45 8.26
C LEU G 93 -31.19 -15.39 8.59
N PHE G 94 -30.15 -15.74 9.33
CA PHE G 94 -29.24 -14.76 9.91
C PHE G 94 -27.85 -14.86 9.28
N GLU G 95 -27.28 -13.71 8.95
CA GLU G 95 -25.92 -13.65 8.45
C GLU G 95 -24.94 -14.05 9.54
N GLU G 96 -23.93 -14.82 9.16
CA GLU G 96 -22.96 -15.31 10.13
C GLU G 96 -22.13 -14.18 10.69
N GLY G 97 -21.98 -14.16 12.02
CA GLY G 97 -21.13 -13.18 12.68
C GLY G 97 -21.55 -11.74 12.47
N SER G 98 -22.86 -11.48 12.52
CA SER G 98 -23.38 -10.12 12.32
C SER G 98 -24.50 -9.87 13.33
N ILE G 99 -24.18 -9.14 14.39
CA ILE G 99 -25.21 -8.66 15.29
C ILE G 99 -26.12 -7.67 14.58
N VAL G 100 -25.58 -6.94 13.60
CA VAL G 100 -26.38 -5.96 12.87
C VAL G 100 -27.55 -6.65 12.18
N ASN G 101 -27.28 -7.78 11.52
CA ASN G 101 -28.35 -8.51 10.83
C ASN G 101 -29.38 -9.02 11.83
N VAL G 102 -28.93 -9.54 12.97
CA VAL G 102 -29.85 -10.02 13.99
C VAL G 102 -30.77 -8.90 14.45
N MET G 103 -30.21 -7.72 14.69
CA MET G 103 -31.02 -6.59 15.11
C MET G 103 -31.99 -6.17 14.01
N SER G 104 -31.51 -6.10 12.77
CA SER G 104 -32.37 -5.69 11.66
C SER G 104 -33.51 -6.66 11.45
N SER G 105 -33.31 -7.94 11.81
CA SER G 105 -34.38 -8.92 11.70
C SER G 105 -35.33 -8.85 12.89
N ILE G 106 -34.80 -9.10 14.08
CA ILE G 106 -35.64 -9.25 15.26
C ILE G 106 -36.28 -7.92 15.65
N VAL G 107 -35.47 -6.85 15.70
CA VAL G 107 -35.94 -5.58 16.22
C VAL G 107 -35.95 -4.53 15.11
N GLY G 108 -36.08 -4.98 13.86
CA GLY G 108 -36.04 -4.08 12.73
C GLY G 108 -37.24 -3.16 12.61
N ASN G 109 -38.42 -3.74 12.34
CA ASN G 109 -39.63 -2.96 12.10
C ASN G 109 -40.82 -3.38 12.94
N VAL G 110 -40.76 -4.52 13.63
CA VAL G 110 -41.92 -5.03 14.34
C VAL G 110 -42.33 -4.15 15.50
N PHE G 111 -41.44 -3.31 16.02
CA PHE G 111 -41.75 -2.48 17.17
C PHE G 111 -42.59 -1.26 16.82
N GLY G 112 -42.68 -0.91 15.53
CA GLY G 112 -43.47 0.21 15.09
C GLY G 112 -44.82 -0.15 14.49
N PHE G 113 -45.27 -1.39 14.64
CA PHE G 113 -46.52 -1.81 14.03
C PHE G 113 -47.70 -1.34 14.85
N LYS G 114 -48.72 -0.81 14.16
CA LYS G 114 -49.94 -0.39 14.84
C LYS G 114 -50.66 -1.56 15.50
N ALA G 115 -50.52 -2.76 14.92
CA ALA G 115 -51.20 -3.93 15.48
C ALA G 115 -50.79 -4.19 16.92
N VAL G 116 -49.54 -3.87 17.28
CA VAL G 116 -49.02 -4.06 18.63
C VAL G 116 -48.91 -2.68 19.28
N ARG G 117 -49.65 -2.49 20.38
CA ARG G 117 -49.52 -1.25 21.13
C ARG G 117 -48.12 -1.12 21.73
N ALA G 118 -47.58 -2.22 22.26
CA ALA G 118 -46.24 -2.20 22.83
C ALA G 118 -45.56 -3.55 22.56
N LEU G 119 -44.24 -3.50 22.45
CA LEU G 119 -43.46 -4.69 22.16
C LEU G 119 -42.11 -4.57 22.83
N ARG G 120 -41.74 -5.57 23.64
CA ARG G 120 -40.45 -5.60 24.31
C ARG G 120 -39.77 -6.94 24.07
N LEU G 121 -38.52 -6.91 23.62
CA LEU G 121 -37.73 -8.11 23.46
C LEU G 121 -37.05 -8.43 24.78
N LEU G 122 -37.51 -9.48 25.45
CA LEU G 122 -37.03 -9.80 26.79
C LEU G 122 -35.74 -10.63 26.74
N ASP G 123 -35.77 -11.77 26.07
CA ASP G 123 -34.64 -12.68 26.04
C ASP G 123 -34.51 -13.28 24.65
N MET G 124 -33.29 -13.71 24.34
CA MET G 124 -32.97 -14.35 23.07
C MET G 124 -32.15 -15.60 23.32
N ARG G 125 -32.46 -16.66 22.59
CA ARG G 125 -31.71 -17.91 22.64
C ARG G 125 -30.83 -17.96 21.40
N ILE G 126 -29.55 -17.61 21.56
CA ILE G 126 -28.60 -17.69 20.46
C ILE G 126 -28.12 -19.13 20.36
N PRO G 127 -28.34 -19.81 19.23
CA PRO G 127 -27.89 -21.19 19.11
C PRO G 127 -26.37 -21.28 19.05
N THR G 128 -25.87 -22.45 19.47
CA THR G 128 -24.43 -22.68 19.44
C THR G 128 -23.87 -22.53 18.04
N ALA G 129 -24.61 -22.99 17.02
CA ALA G 129 -24.13 -22.90 15.66
C ALA G 129 -23.91 -21.45 15.23
N TYR G 130 -24.85 -20.57 15.58
CA TYR G 130 -24.67 -19.16 15.27
C TYR G 130 -23.61 -18.52 16.15
N LEU G 131 -23.48 -18.97 17.40
CA LEU G 131 -22.46 -18.43 18.29
C LEU G 131 -21.07 -18.72 17.77
N LYS G 132 -20.86 -19.90 17.18
CA LYS G 132 -19.53 -20.26 16.69
C LYS G 132 -19.06 -19.34 15.58
N THR G 133 -19.97 -18.58 14.96
CA THR G 133 -19.61 -17.63 13.92
C THR G 133 -19.14 -16.30 14.47
N PHE G 134 -19.13 -16.12 15.80
CA PHE G 134 -18.71 -14.88 16.42
C PHE G 134 -17.40 -15.08 17.17
N PRO G 135 -16.59 -14.02 17.30
CA PRO G 135 -15.25 -14.18 17.89
C PRO G 135 -15.26 -14.24 19.40
N GLY G 136 -16.17 -13.51 20.04
CA GLY G 136 -16.20 -13.41 21.48
C GLY G 136 -15.18 -12.40 21.97
N PRO G 137 -15.13 -12.20 23.29
CA PRO G 137 -14.18 -11.24 23.85
C PRO G 137 -12.75 -11.61 23.48
N PRO G 138 -11.90 -10.62 23.21
CA PRO G 138 -10.52 -10.94 22.81
C PRO G 138 -9.60 -11.29 23.96
N THR G 139 -9.88 -10.85 25.18
CA THR G 139 -8.99 -11.05 26.32
C THR G 139 -9.55 -12.03 27.34
N GLY G 140 -10.74 -11.77 27.87
CA GLY G 140 -11.34 -12.59 28.89
C GLY G 140 -10.96 -12.14 30.29
N ILE G 141 -11.71 -12.68 31.26
CA ILE G 141 -11.55 -12.26 32.66
C ILE G 141 -10.19 -12.70 33.18
N ALA G 142 -9.83 -13.96 32.97
CA ALA G 142 -8.57 -14.48 33.52
C ALA G 142 -7.37 -13.77 32.91
N GLN G 143 -7.37 -13.58 31.59
CA GLN G 143 -6.26 -12.90 30.94
C GLN G 143 -6.15 -11.46 31.40
N GLU G 144 -7.28 -10.78 31.57
CA GLU G 144 -7.25 -9.41 32.07
C GLU G 144 -6.70 -9.35 33.48
N ARG G 145 -7.11 -10.27 34.35
CA ARG G 145 -6.57 -10.31 35.70
C ARG G 145 -5.07 -10.56 35.69
N ASP G 146 -4.61 -11.45 34.81
CA ASP G 146 -3.18 -11.70 34.71
C ASP G 146 -2.44 -10.46 34.24
N ARG G 147 -3.01 -9.73 33.28
CA ARG G 147 -2.39 -8.50 32.81
C ARG G 147 -2.31 -7.46 33.92
N LEU G 148 -3.37 -7.32 34.71
CA LEU G 148 -3.39 -6.40 35.83
C LEU G 148 -2.82 -7.00 37.11
N LYS G 149 -2.63 -8.32 37.16
CA LYS G 149 -2.12 -8.99 38.36
C LYS G 149 -3.01 -8.70 39.57
N VAL G 150 -4.33 -8.69 39.35
CA VAL G 150 -5.32 -8.49 40.40
C VAL G 150 -6.18 -9.74 40.46
N TYR G 151 -6.23 -10.37 41.63
CA TYR G 151 -6.94 -11.62 41.81
C TYR G 151 -7.75 -11.58 43.11
N HIS G 152 -8.81 -12.37 43.15
CA HIS G 152 -9.62 -12.56 44.35
C HIS G 152 -10.10 -11.22 44.91
N ARG G 153 -10.52 -10.34 44.00
CA ARG G 153 -10.95 -9.01 44.39
C ARG G 153 -11.65 -8.32 43.22
N PRO G 154 -12.77 -7.63 43.45
CA PRO G 154 -13.33 -6.79 42.39
C PRO G 154 -12.33 -5.71 41.96
N LEU G 155 -12.29 -5.45 40.67
CA LEU G 155 -11.34 -4.49 40.12
C LEU G 155 -11.92 -3.08 40.23
N LEU G 156 -11.14 -2.17 40.81
CA LEU G 156 -11.60 -0.81 41.06
C LEU G 156 -11.34 0.08 39.85
N GLY G 157 -12.20 1.08 39.69
CA GLY G 157 -12.05 2.05 38.64
C GLY G 157 -12.85 3.30 38.99
N GLY G 158 -12.85 4.25 38.06
CA GLY G 158 -13.56 5.49 38.27
C GLY G 158 -13.54 6.41 37.07
N THR G 159 -14.69 6.94 36.71
CA THR G 159 -14.77 7.93 35.64
C THR G 159 -14.25 9.27 36.14
N ILE G 160 -13.38 9.88 35.34
CA ILE G 160 -12.82 11.19 35.70
C ILE G 160 -13.89 12.25 35.58
N LYS G 161 -14.04 13.07 36.63
CA LYS G 161 -15.03 14.12 36.66
C LYS G 161 -14.36 15.47 36.86
N PRO G 162 -14.99 16.57 36.42
CA PRO G 162 -16.29 16.66 35.73
C PRO G 162 -16.28 15.98 34.37
N LYS G 163 -17.44 15.63 33.84
CA LYS G 163 -17.50 14.89 32.58
C LYS G 163 -16.75 15.62 31.48
N LEU G 164 -16.93 16.94 31.41
CA LEU G 164 -16.34 17.75 30.35
C LEU G 164 -15.83 19.05 30.97
N GLY G 165 -14.90 19.69 30.26
CA GLY G 165 -14.34 20.95 30.68
C GLY G 165 -12.93 20.87 31.22
N LEU G 166 -12.45 19.68 31.57
CA LEU G 166 -11.09 19.53 32.05
C LEU G 166 -10.12 19.45 30.87
N GLY G 167 -9.02 20.18 30.97
CA GLY G 167 -7.97 20.09 29.98
C GLY G 167 -7.14 18.84 30.16
N PRO G 168 -6.32 18.52 29.15
CA PRO G 168 -5.51 17.30 29.24
C PRO G 168 -4.61 17.26 30.46
N LYS G 169 -3.99 18.38 30.82
CA LYS G 169 -3.09 18.38 31.97
C LYS G 169 -3.85 18.12 33.26
N GLU G 170 -4.94 18.84 33.48
CA GLU G 170 -5.74 18.67 34.69
C GLU G 170 -6.40 17.29 34.71
N PHE G 171 -6.89 16.84 33.56
CA PHE G 171 -7.47 15.52 33.46
C PHE G 171 -6.47 14.44 33.85
N ALA G 172 -5.24 14.54 33.34
CA ALA G 172 -4.21 13.57 33.68
C ALA G 172 -3.77 13.69 35.13
N ARG G 173 -3.82 14.90 35.69
CA ARG G 173 -3.51 15.06 37.11
C ARG G 173 -4.53 14.31 37.97
N VAL G 174 -5.82 14.45 37.64
CA VAL G 174 -6.85 13.71 38.35
C VAL G 174 -6.65 12.21 38.17
N VAL G 175 -6.32 11.79 36.94
CA VAL G 175 -6.08 10.38 36.67
C VAL G 175 -4.94 9.85 37.54
N TYR G 176 -3.85 10.59 37.61
CA TYR G 176 -2.70 10.17 38.40
C TYR G 176 -3.06 10.08 39.88
N GLU G 177 -3.80 11.07 40.39
CA GLU G 177 -4.20 11.03 41.79
C GLU G 177 -5.06 9.81 42.07
N CYS G 178 -6.02 9.52 41.20
CA CYS G 178 -6.88 8.36 41.40
C CYS G 178 -6.09 7.07 41.36
N LEU G 179 -5.20 6.93 40.37
CA LEU G 179 -4.46 5.69 40.21
C LEU G 179 -3.50 5.45 41.37
N VAL G 180 -2.78 6.50 41.79
CA VAL G 180 -1.89 6.37 42.93
C VAL G 180 -2.67 6.15 44.23
N GLY G 181 -3.91 6.64 44.30
CA GLY G 181 -4.70 6.46 45.51
C GLY G 181 -5.16 5.05 45.74
N GLY G 182 -5.27 4.24 44.68
CA GLY G 182 -5.65 2.85 44.84
C GLY G 182 -6.51 2.29 43.74
N LEU G 183 -7.02 3.14 42.86
CA LEU G 183 -7.82 2.66 41.74
C LEU G 183 -6.95 1.87 40.78
N ASP G 184 -7.46 0.72 40.32
CA ASP G 184 -6.72 -0.08 39.36
C ASP G 184 -6.72 0.57 37.98
N THR G 185 -7.83 1.20 37.61
CA THR G 185 -7.97 1.81 36.30
C THR G 185 -8.78 3.10 36.42
N THR G 186 -8.75 3.87 35.34
CA THR G 186 -9.60 5.04 35.20
C THR G 186 -10.16 5.03 33.78
N ASP G 188 -12.10 7.68 30.59
CA ASP G 188 -12.75 8.87 30.08
C ASP G 188 -14.26 8.67 30.10
N ASP G 189 -14.98 9.76 30.29
CA ASP G 189 -16.43 9.66 30.24
C ASP G 189 -16.91 9.35 28.82
N GLU G 190 -18.08 8.72 28.74
CA GLU G 190 -18.59 8.28 27.44
C GLU G 190 -18.74 9.43 26.47
N ASN G 191 -18.98 10.64 26.96
CA ASN G 191 -19.14 11.80 26.10
C ASN G 191 -17.85 12.58 25.88
N LEU G 192 -16.73 12.11 26.46
CA LEU G 192 -15.43 12.75 26.28
C LEU G 192 -14.67 11.98 25.21
N ASN G 193 -14.71 12.48 23.97
CA ASN G 193 -14.02 11.86 22.85
C ASN G 193 -12.94 12.76 22.29
N SER G 194 -13.31 13.90 21.73
CA SER G 194 -12.37 14.91 21.28
C SER G 194 -13.08 16.24 21.16
N GLN G 195 -12.69 17.19 22.00
CA GLN G 195 -13.38 18.47 22.11
C GLN G 195 -12.35 19.58 22.17
N PRO G 196 -12.75 20.83 21.89
CA PRO G 196 -11.79 21.93 21.95
C PRO G 196 -11.08 22.04 23.29
N PHE G 197 -11.80 21.81 24.39
CA PHE G 197 -11.18 21.91 25.70
C PHE G 197 -10.20 20.77 25.96
N CYS G 198 -10.42 19.60 25.34
CA CYS G 198 -9.55 18.46 25.54
C CYS G 198 -9.56 17.63 24.27
N ARG G 199 -8.56 17.85 23.41
CA ARG G 199 -8.42 17.04 22.20
C ARG G 199 -7.89 15.66 22.55
N TRP G 200 -8.25 14.68 21.72
CA TRP G 200 -7.99 13.29 22.07
C TRP G 200 -6.51 12.97 22.09
N ARG G 201 -5.72 13.55 21.17
CA ARG G 201 -4.29 13.27 21.15
C ARG G 201 -3.61 13.76 22.42
N ASP G 202 -3.88 15.02 22.81
CA ASP G 202 -3.29 15.57 24.01
C ASP G 202 -3.74 14.81 25.25
N ARG G 203 -5.03 14.47 25.32
CA ARG G 203 -5.53 13.70 26.45
C ARG G 203 -4.84 12.35 26.53
N TYR G 204 -4.68 11.67 25.40
CA TYR G 204 -4.02 10.37 25.41
C TYR G 204 -2.59 10.49 25.92
N LEU G 205 -1.85 11.48 25.41
CA LEU G 205 -0.46 11.65 25.82
C LEU G 205 -0.35 11.94 27.32
N TYR G 206 -1.09 12.95 27.78
CA TYR G 206 -1.01 13.32 29.19
C TYR G 206 -1.46 12.18 30.10
N VAL G 207 -2.56 11.50 29.72
CA VAL G 207 -3.10 10.44 30.54
C VAL G 207 -2.15 9.26 30.62
N MET G 208 -1.51 8.92 29.50
CA MET G 208 -0.57 7.80 29.54
C MET G 208 0.69 8.16 30.32
N ASP G 209 1.13 9.42 30.27
CA ASP G 209 2.21 9.85 31.15
C ASP G 209 1.81 9.67 32.62
N ALA G 210 0.60 10.09 32.96
CA ALA G 210 0.12 9.93 34.33
C ALA G 210 0.03 8.46 34.71
N VAL G 211 -0.44 7.61 33.80
CA VAL G 211 -0.59 6.19 34.09
C VAL G 211 0.77 5.55 34.32
N HIS G 212 1.75 5.89 33.48
CA HIS G 212 3.10 5.36 33.66
C HIS G 212 3.70 5.82 34.98
N ARG G 213 3.51 7.10 35.33
CA ARG G 213 4.02 7.59 36.60
C ARG G 213 3.38 6.84 37.77
N ALA G 214 2.07 6.61 37.70
CA ALA G 214 1.39 5.89 38.77
C ALA G 214 1.86 4.45 38.85
N GLU G 215 2.07 3.80 37.71
CA GLU G 215 2.60 2.44 37.70
C GLU G 215 3.97 2.39 38.34
N GLU G 216 4.84 3.35 38.02
CA GLU G 216 6.17 3.38 38.60
C GLU G 216 6.11 3.60 40.11
N GLU G 217 5.27 4.55 40.55
CA GLU G 217 5.24 4.88 41.97
C GLU G 217 4.63 3.77 42.80
N THR G 218 3.47 3.26 42.37
CA THR G 218 2.77 2.24 43.14
C THR G 218 3.39 0.85 42.95
N GLY G 219 3.93 0.57 41.78
CA GLY G 219 4.44 -0.74 41.46
C GLY G 219 3.39 -1.73 40.99
N GLU G 220 2.14 -1.31 40.89
CA GLU G 220 1.05 -2.16 40.43
C GLU G 220 0.65 -1.76 39.02
N ALA G 221 0.11 -2.72 38.28
CA ALA G 221 -0.38 -2.44 36.94
C ALA G 221 -1.53 -1.45 36.99
N LYS G 222 -1.45 -0.42 36.16
CA LYS G 222 -2.46 0.62 36.07
C LYS G 222 -2.82 0.86 34.61
N GLY G 223 -4.04 1.33 34.39
CA GLY G 223 -4.49 1.63 33.05
C GLY G 223 -5.57 2.69 33.06
N HIS G 224 -5.78 3.28 31.89
CA HIS G 224 -6.85 4.23 31.68
C HIS G 224 -7.63 3.82 30.44
N TRP G 225 -8.95 3.76 30.57
CA TRP G 225 -9.81 3.35 29.46
C TRP G 225 -10.00 4.55 28.54
N LEU G 226 -9.00 4.79 27.69
CA LEU G 226 -9.07 5.88 26.74
C LEU G 226 -10.24 5.68 25.78
N ASN G 227 -11.03 6.73 25.59
CA ASN G 227 -12.22 6.65 24.77
C ASN G 227 -11.85 6.93 23.32
N VAL G 228 -12.00 5.91 22.48
CA VAL G 228 -11.73 6.03 21.05
C VAL G 228 -13.00 6.27 20.25
N THR G 229 -14.14 6.44 20.91
CA THR G 229 -15.38 6.68 20.19
C THR G 229 -15.25 7.94 19.34
N ALA G 230 -15.68 7.84 18.08
CA ALA G 230 -15.55 8.93 17.14
C ALA G 230 -16.69 8.83 16.13
N GLY G 231 -16.81 9.88 15.31
CA GLY G 231 -17.89 9.95 14.33
C GLY G 231 -17.72 9.05 13.13
N ASP G 232 -16.54 8.46 12.95
CA ASP G 232 -16.30 7.54 11.85
C ASP G 232 -15.41 6.40 12.33
N THR G 233 -15.56 5.25 11.67
CA THR G 233 -14.79 4.07 12.06
C THR G 233 -13.30 4.30 11.89
N GLU G 234 -12.89 4.98 10.82
CA GLU G 234 -11.47 5.22 10.59
C GLU G 234 -10.86 6.05 11.70
N GLU G 235 -11.58 7.07 12.17
CA GLU G 235 -11.08 7.87 13.28
C GLU G 235 -10.96 7.04 14.55
N MET G 236 -11.92 6.16 14.80
CA MET G 236 -11.83 5.28 15.98
C MET G 236 -10.62 4.37 15.87
N LEU G 237 -10.36 3.82 14.69
CA LEU G 237 -9.19 2.97 14.50
C LEU G 237 -7.90 3.75 14.69
N ARG G 238 -7.84 4.97 14.17
CA ARG G 238 -6.65 5.80 14.35
C ARG G 238 -6.43 6.10 15.83
N ARG G 239 -7.50 6.39 16.56
CA ARG G 239 -7.36 6.69 17.99
C ARG G 239 -6.94 5.45 18.77
N ALA G 240 -7.45 4.27 18.41
CA ALA G 240 -7.00 3.04 19.06
C ALA G 240 -5.54 2.77 18.77
N GLU G 241 -5.11 3.00 17.52
CA GLU G 241 -3.71 2.81 17.17
C GLU G 241 -2.82 3.76 17.96
N PHE G 242 -3.24 5.02 18.11
CA PHE G 242 -2.46 5.95 18.92
C PHE G 242 -2.43 5.52 20.38
N ALA G 243 -3.57 5.07 20.91
CA ALA G 243 -3.62 4.58 22.28
C ALA G 243 -2.60 3.46 22.49
N LYS G 244 -2.53 2.53 21.53
CA LYS G 244 -1.49 1.50 21.60
C LYS G 244 -0.10 2.12 21.51
N GLU G 245 0.07 3.11 20.65
CA GLU G 245 1.37 3.77 20.49
C GLU G 245 1.83 4.41 21.79
N VAL G 246 0.93 5.10 22.49
CA VAL G 246 1.30 5.78 23.74
C VAL G 246 1.40 4.84 24.91
N GLY G 247 1.23 3.53 24.70
CA GLY G 247 1.45 2.54 25.74
C GLY G 247 0.22 2.11 26.50
N SER G 248 -0.98 2.50 26.06
CA SER G 248 -2.18 2.10 26.77
C SER G 248 -2.50 0.63 26.50
N ARG G 249 -2.86 -0.08 27.55
CA ARG G 249 -3.37 -1.44 27.44
C ARG G 249 -4.89 -1.49 27.39
N TYR G 250 -5.56 -0.35 27.44
CA TYR G 250 -7.01 -0.27 27.48
C TYR G 250 -7.51 0.77 26.49
N ILE G 251 -8.68 0.48 25.91
CA ILE G 251 -9.47 1.46 25.20
C ILE G 251 -10.93 1.23 25.56
N MET G 252 -11.75 2.27 25.37
CA MET G 252 -13.18 2.16 25.59
C MET G 252 -13.92 2.77 24.41
N VAL G 253 -15.12 2.25 24.17
CA VAL G 253 -15.94 2.68 23.05
C VAL G 253 -17.39 2.58 23.47
N ASP G 254 -18.20 3.53 22.97
CA ASP G 254 -19.64 3.51 23.15
C ASP G 254 -20.22 2.71 22.00
N PHE G 255 -20.35 1.39 22.19
CA PHE G 255 -20.66 0.50 21.09
C PHE G 255 -22.06 0.75 20.53
N LEU G 256 -23.02 1.11 21.39
CA LEU G 256 -24.37 1.35 20.90
C LEU G 256 -24.43 2.62 20.06
N THR G 257 -23.87 3.71 20.55
CA THR G 257 -23.86 4.97 19.79
C THR G 257 -22.95 4.86 18.57
N ALA G 258 -21.74 4.34 18.77
CA ALA G 258 -20.84 4.14 17.64
C ALA G 258 -21.40 3.12 16.67
N GLY G 259 -21.96 2.03 17.18
CA GLY G 259 -22.53 1.00 16.33
C GLY G 259 -21.85 -0.34 16.47
N PHE G 260 -22.59 -1.41 16.15
CA PHE G 260 -22.03 -2.75 16.26
C PHE G 260 -21.08 -3.08 15.11
N SER G 261 -21.29 -2.51 13.92
CA SER G 261 -20.37 -2.73 12.82
C SER G 261 -19.03 -2.03 13.09
N ALA G 262 -19.08 -0.75 13.46
CA ALA G 262 -17.86 -0.05 13.84
C ALA G 262 -17.22 -0.71 15.04
N TYR G 263 -18.04 -1.20 15.98
CA TYR G 263 -17.49 -1.89 17.13
C TYR G 263 -16.77 -3.18 16.73
N ALA G 264 -17.34 -3.93 15.78
CA ALA G 264 -16.69 -5.15 15.32
C ALA G 264 -15.35 -4.83 14.67
N THR G 265 -15.33 -3.80 13.83
CA THR G 265 -14.07 -3.38 13.21
C THR G 265 -13.04 -3.00 14.29
N LEU G 266 -13.48 -2.22 15.27
CA LEU G 266 -12.58 -1.79 16.34
C LEU G 266 -12.10 -2.97 17.17
N ARG G 267 -12.97 -3.94 17.41
CA ARG G 267 -12.58 -5.12 18.18
C ARG G 267 -11.53 -5.94 17.45
N ARG G 268 -11.71 -6.11 16.14
CA ARG G 268 -10.69 -6.79 15.35
C ARG G 268 -9.36 -6.06 15.44
N ARG G 269 -9.40 -4.73 15.25
CA ARG G 269 -8.16 -3.95 15.28
C ARG G 269 -7.51 -4.01 16.66
N ALA G 270 -8.31 -3.96 17.73
CA ALA G 270 -7.77 -3.97 19.08
C ALA G 270 -7.17 -5.32 19.44
N GLU G 271 -7.84 -6.41 19.03
CA GLU G 271 -7.24 -7.73 19.20
C GLU G 271 -5.91 -7.83 18.46
N GLU G 272 -5.85 -7.25 17.25
CA GLU G 272 -4.58 -7.19 16.55
C GLU G 272 -3.55 -6.39 17.34
N LEU G 273 -3.97 -5.29 17.94
CA LEU G 273 -3.10 -4.40 18.70
C LEU G 273 -2.84 -4.86 20.13
N GLY G 274 -3.57 -5.87 20.60
CA GLY G 274 -3.41 -6.31 21.97
C GLY G 274 -4.05 -5.42 22.99
N LEU G 275 -5.10 -4.69 22.62
CA LEU G 275 -5.78 -3.76 23.50
C LEU G 275 -7.04 -4.39 24.08
N MET G 276 -7.27 -4.15 25.36
CA MET G 276 -8.52 -4.54 26.00
C MET G 276 -9.56 -3.44 25.77
N ILE G 277 -10.78 -3.86 25.44
CA ILE G 277 -11.84 -2.93 25.06
C ILE G 277 -12.86 -2.89 26.18
N HIS G 278 -13.08 -1.69 26.73
CA HIS G 278 -14.20 -1.44 27.63
C HIS G 278 -15.41 -0.99 26.82
N CYS G 279 -16.56 -1.58 27.10
CA CYS G 279 -17.78 -1.32 26.36
C CYS G 279 -18.71 -0.49 27.23
N HIS G 280 -18.98 0.74 26.80
CA HIS G 280 -19.93 1.61 27.46
C HIS G 280 -21.26 1.53 26.73
N ARG G 281 -22.34 1.38 27.50
CA ARG G 281 -23.68 1.15 26.97
C ARG G 281 -24.49 2.42 26.90
N ALA G 282 -23.85 3.54 26.59
CA ALA G 282 -24.56 4.80 26.44
C ALA G 282 -25.66 4.67 25.39
N MET G 283 -26.82 5.24 25.69
CA MET G 283 -28.03 5.24 24.88
C MET G 283 -28.84 3.96 25.04
N HIS G 284 -28.41 3.01 25.87
CA HIS G 284 -29.21 1.80 26.07
C HIS G 284 -30.53 2.12 26.76
N ALA G 285 -30.52 3.03 27.73
CA ALA G 285 -31.72 3.29 28.52
C ALA G 285 -32.85 3.88 27.70
N VAL G 286 -32.58 4.38 26.49
CA VAL G 286 -33.65 4.87 25.65
C VAL G 286 -34.55 3.72 25.18
N PHE G 287 -34.05 2.48 25.22
CA PHE G 287 -34.86 1.34 24.83
C PHE G 287 -34.76 0.14 25.77
N THR G 288 -33.98 0.21 26.85
CA THR G 288 -33.90 -0.88 27.82
C THR G 288 -34.65 -0.57 29.11
N ARG G 289 -35.02 0.67 29.35
CA ARG G 289 -35.65 1.02 30.62
C ARG G 289 -37.13 0.65 30.65
N PRO G 290 -37.92 1.02 29.63
CA PRO G 290 -39.36 0.76 29.71
C PRO G 290 -39.66 -0.73 29.88
N LYS G 291 -40.63 -1.02 30.75
CA LYS G 291 -41.02 -2.39 31.02
C LYS G 291 -41.98 -2.95 29.97
N ASP G 292 -42.55 -2.11 29.12
CA ASP G 292 -43.51 -2.54 28.13
C ASP G 292 -43.01 -2.44 26.69
N HIS G 293 -41.94 -1.70 26.45
CA HIS G 293 -41.45 -1.49 25.09
C HIS G 293 -39.94 -1.42 25.08
N GLY G 294 -39.33 -1.95 24.02
CA GLY G 294 -37.90 -1.83 23.80
C GLY G 294 -37.22 -3.19 23.81
N ILE G 295 -35.96 -3.19 24.25
CA ILE G 295 -35.14 -4.39 24.32
C ILE G 295 -34.55 -4.47 25.71
N HIS G 296 -34.76 -5.58 26.39
CA HIS G 296 -34.13 -5.78 27.69
C HIS G 296 -32.62 -5.86 27.53
N PHE G 297 -31.89 -5.30 28.49
CA PHE G 297 -30.44 -5.21 28.36
C PHE G 297 -29.75 -6.57 28.41
N ARG G 298 -30.42 -7.62 28.86
CA ARG G 298 -29.79 -8.95 28.81
C ARG G 298 -29.51 -9.35 27.37
N VAL G 299 -30.43 -9.02 26.46
CA VAL G 299 -30.22 -9.30 25.04
C VAL G 299 -29.03 -8.52 24.51
N VAL G 300 -28.93 -7.24 24.90
CA VAL G 300 -27.80 -6.42 24.46
C VAL G 300 -26.49 -6.97 25.03
N ALA G 301 -26.53 -7.47 26.26
CA ALA G 301 -25.36 -8.08 26.86
C ALA G 301 -24.93 -9.32 26.09
N LYS G 302 -25.90 -10.15 25.69
CA LYS G 302 -25.58 -11.31 24.86
C LYS G 302 -24.95 -10.86 23.54
N TRP G 303 -25.52 -9.84 22.91
CA TRP G 303 -24.99 -9.34 21.65
C TRP G 303 -23.56 -8.84 21.82
N LEU G 304 -23.30 -8.11 22.91
CA LEU G 304 -21.97 -7.57 23.15
C LEU G 304 -20.97 -8.68 23.42
N ARG G 305 -21.36 -9.70 24.20
CA ARG G 305 -20.47 -10.83 24.42
C ARG G 305 -20.15 -11.54 23.12
N MET G 306 -21.14 -11.70 22.25
CA MET G 306 -20.88 -12.26 20.94
C MET G 306 -19.93 -11.38 20.14
N ALA G 307 -20.13 -10.06 20.20
CA ALA G 307 -19.31 -9.13 19.43
C ALA G 307 -17.91 -8.97 19.99
N GLY G 308 -17.68 -9.38 21.24
CA GLY G 308 -16.35 -9.42 21.80
C GLY G 308 -15.91 -8.23 22.63
N GLY G 309 -16.67 -7.91 23.67
CA GLY G 309 -16.24 -6.93 24.64
C GLY G 309 -15.56 -7.58 25.84
N ASP G 310 -14.55 -6.88 26.36
CA ASP G 310 -13.82 -7.37 27.54
C ASP G 310 -14.51 -6.97 28.83
N HIS G 311 -15.14 -5.80 28.86
CA HIS G 311 -16.01 -5.40 29.96
C HIS G 311 -17.22 -4.67 29.40
N VAL G 312 -18.32 -4.76 30.13
CA VAL G 312 -19.54 -4.05 29.75
C VAL G 312 -20.28 -3.63 31.02
N HIS G 313 -20.87 -2.44 30.98
CA HIS G 313 -21.68 -1.97 32.08
C HIS G 313 -22.94 -2.81 32.20
N THR G 314 -23.32 -3.14 33.43
CA THR G 314 -24.47 -4.00 33.69
C THR G 314 -25.45 -3.41 34.69
N GLY G 315 -25.06 -2.43 35.50
CA GLY G 315 -25.96 -1.83 36.45
C GLY G 315 -25.43 -1.83 37.86
N THR G 316 -26.00 -0.97 38.71
CA THR G 316 -25.63 -0.89 40.12
C THR G 316 -26.75 -1.30 41.07
N VAL G 317 -28.01 -1.24 40.62
CA VAL G 317 -29.16 -1.57 41.45
C VAL G 317 -29.32 -0.51 42.55
N VAL G 318 -28.28 -0.33 43.36
CA VAL G 318 -28.33 0.62 44.48
C VAL G 318 -27.82 2.01 44.09
N GLY G 319 -27.45 2.21 42.83
CA GLY G 319 -26.89 3.47 42.38
C GLY G 319 -27.94 4.43 41.87
N LYS G 320 -27.47 5.44 41.14
CA LYS G 320 -28.33 6.50 40.63
C LYS G 320 -29.08 6.10 39.36
N LEU G 321 -28.74 4.98 38.74
CA LEU G 321 -29.38 4.53 37.52
C LEU G 321 -30.20 3.29 37.78
N GLU G 322 -31.35 3.19 37.11
CA GLU G 322 -32.30 2.12 37.36
C GLU G 322 -31.68 0.76 37.03
N GLY G 323 -31.98 -0.24 37.86
CA GLY G 323 -31.51 -1.59 37.64
C GLY G 323 -32.08 -2.56 38.65
N ALA G 324 -32.56 -3.71 38.18
CA ALA G 324 -33.13 -4.72 39.05
C ALA G 324 -32.06 -5.71 39.48
N ARG G 325 -32.12 -6.11 40.76
CA ARG G 325 -31.08 -6.96 41.32
C ARG G 325 -31.02 -8.31 40.62
N GLU G 326 -32.17 -8.99 40.50
CA GLU G 326 -32.18 -10.32 39.90
C GLU G 326 -31.84 -10.27 38.42
N GLU G 327 -32.35 -9.25 37.72
CA GLU G 327 -32.00 -9.09 36.31
C GLU G 327 -30.51 -8.85 36.14
N VAL G 328 -29.91 -8.05 37.03
CA VAL G 328 -28.48 -7.79 36.96
C VAL G 328 -27.70 -9.06 37.24
N ARG G 329 -28.16 -9.87 38.21
CA ARG G 329 -27.49 -11.15 38.46
C ARG G 329 -27.55 -12.05 37.23
N GLY G 330 -28.71 -12.12 36.58
CA GLY G 330 -28.82 -12.90 35.36
C GLY G 330 -27.91 -12.41 34.26
N ILE G 331 -27.81 -11.08 34.11
CA ILE G 331 -26.93 -10.51 33.10
C ILE G 331 -25.48 -10.84 33.41
N ALA G 332 -25.10 -10.76 34.68
CA ALA G 332 -23.74 -11.10 35.07
C ALA G 332 -23.43 -12.56 34.77
N ASP G 333 -24.38 -13.45 35.06
CA ASP G 333 -24.19 -14.86 34.72
C ASP G 333 -24.06 -15.05 33.22
N LEU G 334 -24.88 -14.34 32.44
CA LEU G 334 -24.77 -14.41 30.98
C LEU G 334 -23.39 -13.99 30.51
N LEU G 335 -22.85 -12.91 31.09
CA LEU G 335 -21.57 -12.40 30.67
C LEU G 335 -20.39 -13.24 31.16
N ARG G 336 -20.54 -13.96 32.26
CA ARG G 336 -19.42 -14.62 32.93
C ARG G 336 -19.43 -16.14 32.82
N GLU G 337 -20.57 -16.76 32.57
CA GLU G 337 -20.69 -18.21 32.60
C GLU G 337 -20.65 -18.81 31.20
N GLU G 338 -20.19 -20.06 31.12
CA GLU G 338 -20.17 -20.78 29.86
C GLU G 338 -21.52 -21.38 29.50
N PHE G 339 -22.44 -21.47 30.47
CA PHE G 339 -23.79 -21.94 30.19
C PHE G 339 -24.71 -21.39 31.27
N VAL G 340 -25.77 -20.70 30.84
CA VAL G 340 -26.70 -20.07 31.78
C VAL G 340 -28.06 -20.74 31.65
N PRO G 341 -28.49 -21.55 32.61
CA PRO G 341 -29.82 -22.14 32.54
C PRO G 341 -30.91 -21.10 32.72
N ALA G 342 -32.09 -21.41 32.19
CA ALA G 342 -33.22 -20.51 32.31
C ALA G 342 -33.57 -20.28 33.77
N ASN G 343 -33.89 -19.02 34.10
CA ASN G 343 -34.22 -18.62 35.46
C ASN G 343 -35.35 -17.60 35.40
N PRO G 344 -36.61 -18.03 35.57
CA PRO G 344 -37.71 -17.07 35.48
C PRO G 344 -37.62 -15.95 36.51
N GLN G 345 -37.07 -16.22 37.68
CA GLN G 345 -36.93 -15.17 38.69
C GLN G 345 -36.02 -14.06 38.19
N ARG G 346 -34.94 -14.41 37.50
CA ARG G 346 -34.00 -13.44 36.96
C ARG G 346 -34.35 -12.99 35.55
N GLY G 347 -35.47 -13.45 35.00
CA GLY G 347 -35.89 -13.05 33.67
C GLY G 347 -35.25 -13.82 32.54
N LEU G 348 -34.47 -14.84 32.83
CA LEU G 348 -33.82 -15.65 31.80
C LEU G 348 -34.79 -16.76 31.39
N LEU G 349 -35.37 -16.61 30.19
CA LEU G 349 -36.39 -17.53 29.70
C LEU G 349 -35.83 -18.64 28.82
N PHE G 350 -34.53 -18.66 28.59
CA PHE G 350 -33.91 -19.67 27.73
C PHE G 350 -32.62 -20.17 28.38
N ASP G 351 -32.31 -21.43 28.12
CA ASP G 351 -31.00 -21.96 28.42
C ASP G 351 -30.02 -21.47 27.35
N GLN G 352 -28.98 -20.76 27.78
CA GLN G 352 -28.08 -20.07 26.86
C GLN G 352 -26.68 -20.65 26.92
N PRO G 353 -26.31 -21.52 25.97
CA PRO G 353 -24.90 -21.90 25.85
C PRO G 353 -24.08 -20.78 25.24
N TRP G 354 -22.77 -20.85 25.44
CA TRP G 354 -21.87 -19.83 24.92
C TRP G 354 -20.77 -20.39 24.02
N ALA G 355 -20.76 -21.69 23.76
CA ALA G 355 -19.93 -22.28 22.71
C ALA G 355 -18.47 -21.90 22.87
N GLY G 356 -18.02 -21.82 24.12
CA GLY G 356 -16.63 -21.50 24.39
C GLY G 356 -16.27 -20.04 24.29
N LEU G 357 -17.22 -19.17 23.99
CA LEU G 357 -16.93 -17.74 23.94
C LEU G 357 -16.45 -17.26 25.31
N LYS G 358 -15.43 -16.41 25.29
CA LYS G 358 -14.81 -15.98 26.53
C LYS G 358 -15.79 -15.16 27.37
N PRO G 359 -15.67 -15.23 28.70
CA PRO G 359 -16.45 -14.34 29.54
C PRO G 359 -15.84 -12.94 29.60
N LEU G 360 -16.67 -11.98 29.98
CA LEU G 360 -16.25 -10.60 30.10
C LEU G 360 -16.68 -10.04 31.45
N PHE G 361 -16.14 -8.87 31.78
CA PHE G 361 -16.29 -8.29 33.10
C PHE G 361 -17.56 -7.45 33.18
N PRO G 362 -18.51 -7.77 34.05
CA PRO G 362 -19.56 -6.80 34.37
C PRO G 362 -18.95 -5.59 35.07
N VAL G 363 -19.50 -4.42 34.77
CA VAL G 363 -19.02 -3.16 35.33
C VAL G 363 -20.18 -2.49 36.06
N ALA G 364 -19.98 -2.18 37.34
CA ALA G 364 -20.96 -1.46 38.14
C ALA G 364 -20.51 -0.01 38.26
N SER G 365 -21.32 0.90 37.75
CA SER G 365 -20.99 2.33 37.78
C SER G 365 -22.26 3.14 37.94
N GLY G 366 -22.12 4.29 38.58
CA GLY G 366 -23.21 5.24 38.67
C GLY G 366 -23.74 5.43 40.09
N GLY G 367 -23.32 6.52 40.73
CA GLY G 367 -23.84 6.84 42.05
C GLY G 367 -23.61 5.78 43.10
N ILE G 368 -22.41 5.19 43.11
CA ILE G 368 -22.05 4.18 44.09
C ILE G 368 -20.87 4.69 44.90
N HIS G 369 -20.99 4.58 46.22
CA HIS G 369 -19.91 4.95 47.13
C HIS G 369 -19.60 3.77 48.03
N VAL G 370 -18.79 4.00 49.07
CA VAL G 370 -18.29 2.89 49.89
C VAL G 370 -19.45 2.08 50.47
N TRP G 371 -20.51 2.75 50.93
CA TRP G 371 -21.61 2.03 51.57
C TRP G 371 -22.26 1.03 50.65
N HIS G 372 -22.18 1.23 49.34
CA HIS G 372 -22.77 0.31 48.37
C HIS G 372 -21.87 -0.87 48.04
N VAL G 373 -20.63 -0.89 48.55
CA VAL G 373 -19.70 -1.95 48.18
C VAL G 373 -20.22 -3.32 48.59
N PRO G 374 -20.75 -3.54 49.81
CA PRO G 374 -21.28 -4.86 50.16
C PRO G 374 -22.30 -5.36 49.16
N ASP G 375 -23.37 -4.59 48.95
CA ASP G 375 -24.41 -4.99 48.02
C ASP G 375 -23.82 -5.38 46.67
N LEU G 376 -22.96 -4.52 46.13
CA LEU G 376 -22.33 -4.82 44.84
C LEU G 376 -21.64 -6.17 44.88
N VAL G 377 -20.83 -6.41 45.92
CA VAL G 377 -20.12 -7.69 46.01
C VAL G 377 -21.13 -8.83 46.13
N SER G 378 -22.24 -8.59 46.82
CA SER G 378 -23.30 -9.60 46.86
C SER G 378 -23.86 -9.85 45.48
N ILE G 379 -24.08 -8.79 44.70
CA ILE G 379 -24.67 -8.95 43.38
C ILE G 379 -23.69 -9.59 42.42
N TYR G 380 -22.43 -9.13 42.44
CA TYR G 380 -21.45 -9.49 41.43
C TYR G 380 -20.36 -10.43 41.93
N GLY G 381 -20.05 -10.42 43.21
CA GLY G 381 -18.94 -11.18 43.72
C GLY G 381 -17.61 -10.50 43.46
N ASN G 382 -16.61 -11.27 43.02
CA ASN G 382 -15.27 -10.73 42.76
C ASN G 382 -15.02 -10.42 41.30
N ASP G 383 -15.61 -11.16 40.37
CA ASP G 383 -15.35 -10.99 38.94
C ASP G 383 -16.22 -9.85 38.41
N ALA G 384 -15.83 -8.63 38.75
CA ALA G 384 -16.55 -7.46 38.31
C ALA G 384 -15.69 -6.22 38.49
N PHE G 385 -16.08 -5.15 37.80
CA PHE G 385 -15.45 -3.85 37.92
C PHE G 385 -16.41 -2.90 38.66
N PHE G 386 -15.89 -2.26 39.70
CA PHE G 386 -16.63 -1.27 40.46
C PHE G 386 -16.07 0.11 40.13
N LEU G 387 -16.90 0.97 39.53
CA LEU G 387 -16.48 2.28 39.07
C LEU G 387 -17.01 3.34 40.03
N PHE G 388 -16.11 4.13 40.60
CA PHE G 388 -16.45 5.22 41.53
C PHE G 388 -15.96 6.52 40.92
N GLY G 389 -16.84 7.20 40.18
CA GLY G 389 -16.50 8.50 39.65
C GLY G 389 -16.65 9.61 40.67
N GLY G 390 -17.89 9.88 41.08
CA GLY G 390 -18.11 10.89 42.10
C GLY G 390 -17.70 10.44 43.48
N GLY G 391 -17.70 9.12 43.72
CA GLY G 391 -17.24 8.60 45.00
C GLY G 391 -15.75 8.75 45.22
N THR G 392 -14.98 8.92 44.14
CA THR G 392 -13.54 9.13 44.24
C THR G 392 -13.21 10.61 44.35
N HIS G 393 -13.64 11.41 43.37
CA HIS G 393 -13.30 12.83 43.33
C HIS G 393 -14.10 13.64 44.32
N GLY G 394 -15.26 13.15 44.77
CA GLY G 394 -16.06 13.84 45.75
C GLY G 394 -15.60 13.67 47.18
N HIS G 395 -14.53 12.92 47.40
CA HIS G 395 -14.00 12.79 48.74
C HIS G 395 -13.53 14.15 49.25
N PRO G 396 -13.72 14.46 50.54
CA PRO G 396 -13.30 15.78 51.03
C PRO G 396 -11.84 16.09 50.79
N ARG G 397 -10.96 15.10 50.91
CA ARG G 397 -9.52 15.33 50.82
C ARG G 397 -8.97 15.13 49.41
N GLY G 398 -9.82 14.85 48.43
CA GLY G 398 -9.42 14.78 47.04
C GLY G 398 -9.58 13.39 46.45
N SER G 399 -9.21 13.28 45.17
CA SER G 399 -9.39 12.04 44.45
C SER G 399 -8.51 10.92 44.99
N ARG G 400 -7.28 11.26 45.42
CA ARG G 400 -6.40 10.24 45.97
C ARG G 400 -7.01 9.61 47.22
N ALA G 401 -7.52 10.44 48.13
CA ALA G 401 -8.13 9.93 49.34
C ALA G 401 -9.37 9.10 49.03
N GLY G 402 -10.19 9.56 48.08
CA GLY G 402 -11.36 8.79 47.69
C GLY G 402 -11.02 7.44 47.09
N ALA G 403 -9.99 7.41 46.25
CA ALA G 403 -9.54 6.15 45.68
C ALA G 403 -9.02 5.22 46.77
N ARG G 404 -8.26 5.75 47.72
CA ARG G 404 -7.79 4.94 48.84
C ARG G 404 -8.96 4.37 49.64
N ALA G 405 -9.96 5.20 49.92
CA ALA G 405 -11.13 4.75 50.67
C ALA G 405 -11.88 3.65 49.92
N ASN G 406 -12.09 3.85 48.62
CA ASN G 406 -12.81 2.85 47.83
C ASN G 406 -12.02 1.55 47.77
N ARG G 407 -10.70 1.64 47.59
CA ARG G 407 -9.88 0.43 47.58
C ARG G 407 -9.97 -0.30 48.92
N ALA G 408 -9.91 0.44 50.02
CA ALA G 408 -9.99 -0.19 51.34
C ALA G 408 -11.34 -0.88 51.53
N ALA G 409 -12.42 -0.20 51.16
CA ALA G 409 -13.75 -0.78 51.31
C ALA G 409 -13.90 -2.04 50.46
N VAL G 410 -13.45 -1.97 49.21
CA VAL G 410 -13.56 -3.11 48.31
C VAL G 410 -12.75 -4.28 48.84
N GLU G 411 -11.52 -4.02 49.29
CA GLU G 411 -10.67 -5.08 49.81
C GLU G 411 -11.30 -5.73 51.05
N ALA G 412 -11.80 -4.91 51.97
CA ALA G 412 -12.40 -5.44 53.19
C ALA G 412 -13.62 -6.29 52.87
N VAL G 413 -14.50 -5.80 51.99
CA VAL G 413 -15.72 -6.53 51.67
C VAL G 413 -15.38 -7.81 50.92
N ALA G 414 -14.39 -7.77 50.02
CA ALA G 414 -13.99 -8.98 49.31
C ALA G 414 -13.39 -10.00 50.27
N ALA G 415 -12.60 -9.54 51.24
CA ALA G 415 -12.05 -10.47 52.23
C ALA G 415 -13.16 -11.11 53.05
N ALA G 416 -14.15 -10.32 53.46
CA ALA G 416 -15.27 -10.89 54.20
C ALA G 416 -16.05 -11.88 53.35
N TYR G 417 -16.28 -11.56 52.08
CA TYR G 417 -17.00 -12.47 51.18
C TYR G 417 -16.25 -13.77 51.00
N ARG G 418 -14.93 -13.70 50.82
CA ARG G 418 -14.12 -14.90 50.69
C ARG G 418 -14.18 -15.75 51.96
N GLU G 419 -14.37 -15.11 53.11
CA GLU G 419 -14.46 -15.81 54.38
C GLU G 419 -15.82 -16.43 54.64
N GLY G 420 -16.80 -16.19 53.76
CA GLY G 420 -18.13 -16.73 53.93
C GLY G 420 -19.07 -15.90 54.78
N ARG G 421 -18.64 -14.72 55.22
CA ARG G 421 -19.50 -13.86 56.02
C ARG G 421 -20.67 -13.35 55.20
N ASP G 422 -21.79 -13.10 55.87
CA ASP G 422 -22.98 -12.53 55.23
C ASP G 422 -22.72 -11.03 55.05
N ILE G 423 -22.12 -10.68 53.92
CA ILE G 423 -21.73 -9.30 53.70
C ILE G 423 -22.94 -8.38 53.66
N LEU G 424 -24.10 -8.89 53.22
CA LEU G 424 -25.28 -8.06 53.16
C LEU G 424 -25.71 -7.60 54.54
N ALA G 425 -25.59 -8.48 55.55
CA ALA G 425 -26.00 -8.15 56.91
C ALA G 425 -24.88 -7.47 57.71
N GLU G 426 -23.62 -7.83 57.45
CA GLU G 426 -22.49 -7.31 58.21
C GLU G 426 -21.70 -6.27 57.42
N GLY G 427 -22.30 -5.69 56.38
CA GLY G 427 -21.56 -4.75 55.55
C GLY G 427 -21.17 -3.49 56.29
N ARG G 428 -22.09 -2.93 57.08
CA ARG G 428 -21.77 -1.72 57.83
C ARG G 428 -20.66 -1.99 58.84
N GLN G 429 -20.72 -3.14 59.51
CA GLN G 429 -19.66 -3.48 60.47
C GLN G 429 -18.32 -3.68 59.76
N ILE G 430 -18.34 -4.33 58.60
CA ILE G 430 -17.10 -4.54 57.85
C ILE G 430 -16.50 -3.20 57.44
N LEU G 431 -17.34 -2.29 56.93
CA LEU G 431 -16.86 -0.98 56.52
C LEU G 431 -16.32 -0.19 57.71
N GLN G 432 -17.01 -0.26 58.86
CA GLN G 432 -16.52 0.43 60.05
C GLN G 432 -15.17 -0.12 60.50
N ASP G 433 -15.03 -1.45 60.51
CA ASP G 433 -13.76 -2.05 60.90
C ASP G 433 -12.65 -1.65 59.95
N ALA G 434 -12.94 -1.61 58.65
CA ALA G 434 -11.95 -1.14 57.69
C ALA G 434 -11.59 0.32 57.95
N ALA G 435 -12.59 1.15 58.24
CA ALA G 435 -12.36 2.57 58.49
C ALA G 435 -11.59 2.82 59.77
N ARG G 436 -11.61 1.88 60.72
CA ARG G 436 -10.84 2.04 61.95
C ARG G 436 -9.36 2.27 61.63
N THR G 437 -8.87 1.72 60.52
CA THR G 437 -7.49 1.89 60.10
C THR G 437 -7.34 2.70 58.83
N CYS G 438 -8.44 3.15 58.23
CA CYS G 438 -8.41 3.94 57.00
C CYS G 438 -9.20 5.22 57.23
N PRO G 439 -8.53 6.30 57.62
CA PRO G 439 -9.26 7.56 57.83
C PRO G 439 -9.99 8.05 56.59
N GLU G 440 -9.43 7.80 55.41
CA GLU G 440 -10.13 8.17 54.18
C GLU G 440 -11.46 7.45 54.06
N LEU G 441 -11.48 6.16 54.40
CA LEU G 441 -12.73 5.40 54.38
C LEU G 441 -13.72 5.96 55.39
N ARG G 442 -13.24 6.34 56.57
CA ARG G 442 -14.13 6.92 57.57
C ARG G 442 -14.75 8.21 57.05
N GLU G 443 -13.93 9.08 56.44
CA GLU G 443 -14.46 10.33 55.91
C GLU G 443 -15.46 10.08 54.80
N ALA G 444 -15.16 9.14 53.90
CA ALA G 444 -16.10 8.82 52.82
C ALA G 444 -17.41 8.29 53.37
N MET G 445 -17.34 7.41 54.38
CA MET G 445 -18.55 6.87 54.98
C MET G 445 -19.36 7.97 55.64
N GLU G 446 -18.70 8.87 56.36
CA GLU G 446 -19.42 9.98 57.00
C GLU G 446 -20.09 10.87 55.97
N LEU G 447 -19.38 11.18 54.88
CA LEU G 447 -19.93 12.11 53.89
C LEU G 447 -21.19 11.56 53.23
N TRP G 448 -21.18 10.28 52.88
CA TRP G 448 -22.25 9.66 52.09
C TRP G 448 -23.03 8.62 52.91
N GLU G 449 -23.22 8.88 54.21
CA GLU G 449 -23.89 7.91 55.06
C GLU G 449 -25.34 7.70 54.63
N GLY G 450 -26.09 8.79 54.46
CA GLY G 450 -27.50 8.69 54.17
C GLY G 450 -27.85 8.96 52.71
N VAL G 451 -26.84 8.94 51.84
CA VAL G 451 -27.05 9.21 50.42
C VAL G 451 -27.57 7.93 49.77
N THR G 452 -28.83 7.94 49.36
CA THR G 452 -29.47 6.79 48.74
C THR G 452 -30.23 7.24 47.51
N PHE G 453 -30.45 6.29 46.60
CA PHE G 453 -31.15 6.55 45.35
C PHE G 453 -32.37 5.64 45.26
N PHE H 6 -13.73 24.08 47.84
CA PHE H 6 -14.54 22.97 47.35
C PHE H 6 -15.25 22.33 48.55
N VAL H 7 -16.57 22.25 48.47
CA VAL H 7 -17.39 21.69 49.53
C VAL H 7 -17.85 20.31 49.08
N ALA H 8 -17.36 19.29 49.76
CA ALA H 8 -17.74 17.91 49.43
C ALA H 8 -19.16 17.62 49.90
N GLY H 9 -19.88 16.84 49.10
CA GLY H 9 -21.22 16.45 49.45
C GLY H 9 -22.19 16.55 48.29
N VAL H 10 -23.39 15.99 48.48
CA VAL H 10 -24.42 15.99 47.46
C VAL H 10 -25.19 17.30 47.53
N GLN H 11 -25.34 17.96 46.39
CA GLN H 11 -26.12 19.19 46.29
C GLN H 11 -27.16 19.03 45.19
N PRO H 12 -28.29 19.73 45.30
CA PRO H 12 -29.29 19.65 44.23
C PRO H 12 -28.73 20.11 42.90
N TYR H 13 -29.15 19.43 41.83
CA TYR H 13 -28.70 19.80 40.49
C TYR H 13 -29.17 21.21 40.14
N ARG H 14 -30.42 21.55 40.48
CA ARG H 14 -30.98 22.84 40.11
C ARG H 14 -30.17 24.01 40.66
N LYS H 15 -29.40 23.78 41.72
CA LYS H 15 -28.57 24.86 42.26
C LYS H 15 -27.58 25.38 41.23
N THR H 16 -27.12 24.51 40.32
CA THR H 16 -26.11 24.87 39.34
C THR H 16 -26.58 24.69 37.91
N TYR H 17 -27.36 23.65 37.62
CA TYR H 17 -27.72 23.28 36.27
C TYR H 17 -29.14 23.70 35.90
N TYR H 18 -29.80 24.51 36.71
CA TYR H 18 -31.08 25.12 36.38
C TYR H 18 -30.90 26.62 36.36
N GLU H 19 -30.98 27.21 35.15
CA GLU H 19 -30.74 28.64 34.94
C GLU H 19 -31.91 29.20 34.14
N PRO H 20 -33.05 29.44 34.77
CA PRO H 20 -34.23 29.90 34.03
C PRO H 20 -33.99 31.20 33.27
N GLY H 21 -33.17 32.09 33.80
CA GLY H 21 -32.90 33.35 33.14
C GLY H 21 -31.89 33.28 32.02
N TYR H 22 -31.32 32.11 31.76
CA TYR H 22 -30.31 31.98 30.72
C TYR H 22 -30.94 32.17 29.34
N GLU H 23 -30.28 32.96 28.50
CA GLU H 23 -30.72 33.20 27.15
C GLU H 23 -29.87 32.37 26.20
N PRO H 24 -30.44 31.38 25.50
CA PRO H 24 -29.61 30.54 24.63
C PRO H 24 -28.88 31.35 23.58
N LYS H 25 -27.63 30.98 23.32
CA LYS H 25 -26.84 31.58 22.27
C LYS H 25 -27.11 30.89 20.95
N GLU H 26 -26.92 31.63 19.85
CA GLU H 26 -27.13 31.07 18.53
C GLU H 26 -26.22 29.87 18.27
N THR H 27 -25.10 29.78 18.97
CA THR H 27 -24.18 28.66 18.82
C THR H 27 -24.51 27.50 19.75
N ASP H 28 -25.43 27.68 20.69
CA ASP H 28 -25.75 26.61 21.63
C ASP H 28 -26.58 25.52 20.96
N LEU H 29 -26.46 24.31 21.50
CA LEU H 29 -27.26 23.17 21.06
C LEU H 29 -28.39 22.99 22.06
N LEU H 30 -29.63 23.09 21.58
CA LEU H 30 -30.80 23.09 22.45
C LEU H 30 -31.53 21.76 22.33
N CYS H 31 -31.91 21.20 23.49
CA CYS H 31 -32.65 19.95 23.55
C CYS H 31 -33.94 20.15 24.33
N ALA H 32 -35.03 19.61 23.80
CA ALA H 32 -36.30 19.59 24.49
C ALA H 32 -36.57 18.19 25.01
N PHE H 33 -36.84 18.08 26.31
CA PHE H 33 -37.04 16.80 26.97
C PHE H 33 -38.41 16.79 27.63
N ARG H 34 -39.24 15.83 27.25
CA ARG H 34 -40.44 15.51 28.01
C ARG H 34 -40.02 14.65 29.20
N ILE H 35 -40.22 15.17 30.41
CA ILE H 35 -39.74 14.55 31.63
C ILE H 35 -40.92 14.15 32.50
N GLU H 36 -40.91 12.90 32.96
CA GLU H 36 -41.82 12.43 33.99
C GLU H 36 -40.96 12.10 35.21
N PRO H 37 -40.84 13.01 36.17
CA PRO H 37 -39.95 12.76 37.31
C PRO H 37 -40.51 11.69 38.24
N SER H 38 -39.60 11.04 38.96
CA SER H 38 -39.99 10.06 39.96
C SER H 38 -40.62 10.76 41.16
N PRO H 39 -41.44 10.06 41.94
CA PRO H 39 -42.08 10.69 43.09
C PRO H 39 -41.05 11.29 44.04
N GLY H 40 -41.36 12.50 44.52
CA GLY H 40 -40.47 13.22 45.41
C GLY H 40 -39.40 14.04 44.71
N ILE H 41 -39.30 13.96 43.39
CA ILE H 41 -38.31 14.68 42.61
C ILE H 41 -39.03 15.81 41.88
N PRO H 42 -38.78 17.08 42.21
CA PRO H 42 -39.43 18.16 41.46
C PRO H 42 -39.00 18.17 40.01
N LEU H 43 -39.87 18.69 39.15
CA LEU H 43 -39.59 18.73 37.72
C LEU H 43 -38.32 19.55 37.44
N GLU H 44 -38.15 20.66 38.16
CA GLU H 44 -36.93 21.46 37.99
C GLU H 44 -35.70 20.64 38.35
N GLU H 45 -35.76 19.88 39.44
CA GLU H 45 -34.64 19.03 39.82
C GLU H 45 -34.36 17.97 38.77
N ALA H 46 -35.42 17.38 38.20
CA ALA H 46 -35.23 16.37 37.16
C ALA H 46 -34.57 16.96 35.93
N ALA H 47 -35.03 18.13 35.49
CA ALA H 47 -34.44 18.77 34.32
C ALA H 47 -32.98 19.14 34.58
N ALA H 48 -32.69 19.66 35.78
CA ALA H 48 -31.32 19.99 36.12
C ALA H 48 -30.45 18.73 36.15
N ALA H 49 -30.97 17.63 36.67
CA ALA H 49 -30.23 16.38 36.66
C ALA H 49 -29.93 15.93 35.24
N VAL H 50 -30.92 16.03 34.35
CA VAL H 50 -30.71 15.66 32.96
C VAL H 50 -29.59 16.50 32.35
N ALA H 51 -29.67 17.82 32.54
CA ALA H 51 -28.65 18.70 31.97
C ALA H 51 -27.27 18.37 32.54
N ALA H 52 -27.18 18.20 33.86
CA ALA H 52 -25.90 17.97 34.50
C ALA H 52 -25.28 16.66 34.02
N GLU H 53 -26.06 15.58 34.04
CA GLU H 53 -25.52 14.27 33.69
C GLU H 53 -25.43 14.05 32.19
N SER H 54 -25.95 14.98 31.38
CA SER H 54 -25.66 14.96 29.96
C SER H 54 -24.48 15.84 29.57
N SER H 55 -24.11 16.83 30.39
CA SER H 55 -23.06 17.75 30.01
C SER H 55 -21.81 17.65 30.88
N THR H 56 -21.91 17.94 32.17
CA THR H 56 -20.71 18.00 33.02
C THR H 56 -20.87 17.40 34.40
N GLY H 57 -22.08 17.28 34.94
CA GLY H 57 -22.24 16.98 36.34
C GLY H 57 -22.33 15.51 36.66
N THR H 58 -22.08 15.20 37.93
CA THR H 58 -22.31 13.86 38.47
C THR H 58 -23.13 13.96 39.75
N TRP H 59 -23.27 12.84 40.46
CA TRP H 59 -24.19 12.76 41.59
C TRP H 59 -23.70 13.52 42.81
N THR H 60 -22.44 13.97 42.84
CA THR H 60 -21.92 14.68 43.98
C THR H 60 -20.85 15.66 43.52
N GLU H 61 -20.59 16.66 44.37
CA GLU H 61 -19.57 17.65 44.06
C GLU H 61 -18.20 17.02 44.02
N VAL H 62 -17.36 17.52 43.12
CA VAL H 62 -16.02 17.00 42.90
C VAL H 62 -15.02 18.16 42.96
N TRP H 63 -13.89 17.93 43.61
CA TRP H 63 -12.86 18.96 43.70
C TRP H 63 -12.38 19.39 42.32
N SER H 64 -12.39 18.47 41.35
CA SER H 64 -11.85 18.77 40.03
C SER H 64 -12.59 19.90 39.34
N GLN H 65 -13.81 20.22 39.79
CA GLN H 65 -14.53 21.34 39.21
C GLN H 65 -13.79 22.65 39.37
N GLU H 66 -12.88 22.75 40.36
CA GLU H 66 -12.08 23.95 40.53
C GLU H 66 -11.04 24.11 39.43
N MET H 67 -10.80 23.08 38.63
CA MET H 67 -9.80 23.11 37.58
C MET H 67 -10.37 23.51 36.22
N THR H 68 -11.64 23.85 36.15
CA THR H 68 -12.27 24.24 34.90
C THR H 68 -13.40 25.22 35.17
N ASP H 69 -13.79 25.95 34.12
CA ASP H 69 -14.91 26.89 34.20
C ASP H 69 -16.19 26.12 33.97
N LEU H 70 -16.83 25.73 35.07
CA LEU H 70 -18.06 24.94 34.97
C LEU H 70 -19.17 25.72 34.29
N HIS H 71 -19.34 26.99 34.66
CA HIS H 71 -20.42 27.80 34.10
C HIS H 71 -20.26 28.02 32.60
N ARG H 72 -19.03 27.94 32.08
CA ARG H 72 -18.82 28.09 30.65
C ARG H 72 -19.19 26.83 29.87
N TYR H 73 -19.04 25.65 30.49
CA TYR H 73 -19.23 24.39 29.81
C TYR H 73 -20.50 23.65 30.21
N LYS H 74 -21.07 23.96 31.36
CA LYS H 74 -22.21 23.20 31.85
C LYS H 74 -23.41 23.37 30.95
N GLY H 75 -24.20 22.30 30.81
CA GLY H 75 -25.52 22.39 30.22
C GLY H 75 -26.53 22.78 31.29
N ARG H 76 -27.49 23.62 30.91
CA ARG H 76 -28.44 24.16 31.86
C ARG H 76 -29.84 24.17 31.26
N CYS H 77 -30.82 23.92 32.12
CA CYS H 77 -32.23 24.01 31.76
C CYS H 77 -32.66 25.47 31.90
N TYR H 78 -32.97 26.11 30.77
CA TYR H 78 -33.31 27.53 30.75
C TYR H 78 -34.81 27.79 30.65
N ALA H 79 -35.63 26.75 30.66
CA ALA H 79 -37.07 26.94 30.57
C ALA H 79 -37.77 25.60 30.81
N ILE H 80 -38.95 25.67 31.40
CA ILE H 80 -39.78 24.50 31.64
C ILE H 80 -41.22 24.88 31.34
N ASP H 81 -41.76 24.39 30.24
CA ASP H 81 -43.14 24.60 29.85
C ASP H 81 -43.88 23.27 30.02
N GLY H 82 -44.80 23.22 30.98
CA GLY H 82 -45.45 21.97 31.30
C GLY H 82 -44.41 20.96 31.75
N ASN H 83 -44.42 19.79 31.12
CA ASN H 83 -43.45 18.74 31.39
C ASN H 83 -42.26 18.78 30.44
N THR H 84 -42.19 19.78 29.56
CA THR H 84 -41.12 19.88 28.58
C THR H 84 -40.07 20.87 29.07
N ALA H 85 -38.86 20.37 29.27
CA ALA H 85 -37.72 21.17 29.74
C ALA H 85 -36.78 21.43 28.58
N TYR H 86 -36.36 22.67 28.44
CA TYR H 86 -35.41 23.07 27.40
C TYR H 86 -34.04 23.25 28.03
N ILE H 87 -33.04 22.58 27.48
CA ILE H 87 -31.68 22.57 28.01
C ILE H 87 -30.73 23.05 26.93
N ALA H 88 -29.85 23.97 27.28
CA ALA H 88 -28.86 24.52 26.37
C ALA H 88 -27.49 23.93 26.69
N TYR H 89 -26.78 23.50 25.65
CA TYR H 89 -25.45 22.94 25.78
C TYR H 89 -24.47 23.80 24.99
N PRO H 90 -23.35 24.22 25.59
CA PRO H 90 -22.37 24.99 24.82
C PRO H 90 -21.83 24.22 23.64
N LEU H 91 -21.55 24.95 22.56
CA LEU H 91 -21.03 24.33 21.34
C LEU H 91 -19.74 23.56 21.60
N ASP H 92 -18.90 24.04 22.51
CA ASP H 92 -17.61 23.42 22.76
C ASP H 92 -17.73 22.04 23.41
N LEU H 93 -18.91 21.66 23.87
CA LEU H 93 -19.08 20.35 24.50
C LEU H 93 -19.06 19.21 23.50
N PHE H 94 -19.26 19.49 22.21
CA PHE H 94 -19.51 18.46 21.22
C PHE H 94 -18.36 18.37 20.22
N GLU H 95 -17.95 17.14 19.93
CA GLU H 95 -16.94 16.91 18.91
C GLU H 95 -17.48 17.26 17.53
N GLU H 96 -16.64 17.90 16.73
CA GLU H 96 -17.05 18.36 15.41
C GLU H 96 -17.34 17.17 14.50
N GLY H 97 -18.47 17.24 13.80
CA GLY H 97 -18.82 16.22 12.82
C GLY H 97 -18.96 14.82 13.40
N SER H 98 -19.58 14.69 14.57
CA SER H 98 -19.75 13.40 15.22
C SER H 98 -21.15 13.34 15.82
N ILE H 99 -22.07 12.64 15.13
CA ILE H 99 -23.36 12.34 15.71
C ILE H 99 -23.20 11.41 16.90
N VAL H 100 -22.17 10.56 16.89
CA VAL H 100 -21.94 9.63 17.99
C VAL H 100 -21.72 10.39 19.29
N ASN H 101 -20.89 11.44 19.25
CA ASN H 101 -20.65 12.22 20.45
C ASN H 101 -21.91 12.92 20.93
N VAL H 102 -22.71 13.45 20.00
CA VAL H 102 -23.95 14.10 20.37
C VAL H 102 -24.87 13.12 21.07
N MET H 103 -24.99 11.90 20.54
CA MET H 103 -25.83 10.90 21.19
C MET H 103 -25.28 10.51 22.56
N SER H 104 -23.96 10.30 22.65
CA SER H 104 -23.36 9.91 23.91
C SER H 104 -23.54 10.99 24.98
N SER H 105 -23.64 12.26 24.56
CA SER H 105 -23.88 13.34 25.51
C SER H 105 -25.35 13.46 25.87
N ILE H 106 -26.19 13.73 24.87
CA ILE H 106 -27.59 14.04 25.12
C ILE H 106 -28.35 12.81 25.61
N VAL H 107 -28.17 11.68 24.94
CA VAL H 107 -28.97 10.49 25.24
C VAL H 107 -28.07 9.38 25.78
N GLY H 108 -26.96 9.75 26.41
CA GLY H 108 -26.02 8.79 26.90
C GLY H 108 -26.50 7.99 28.11
N ASN H 109 -26.68 8.67 29.24
CA ASN H 109 -27.05 8.00 30.49
C ASN H 109 -28.26 8.62 31.18
N VAL H 110 -28.74 9.78 30.75
CA VAL H 110 -29.81 10.47 31.47
C VAL H 110 -31.13 9.71 31.41
N PHE H 111 -31.30 8.82 30.44
CA PHE H 111 -32.56 8.11 30.29
C PHE H 111 -32.72 6.96 31.29
N GLY H 112 -31.64 6.53 31.93
CA GLY H 112 -31.68 5.47 32.92
C GLY H 112 -31.66 5.93 34.36
N PHE H 113 -31.85 7.23 34.62
CA PHE H 113 -31.77 7.74 35.98
C PHE H 113 -33.07 7.45 36.74
N LYS H 114 -32.91 6.99 37.98
CA LYS H 114 -34.07 6.74 38.83
C LYS H 114 -34.84 8.03 39.11
N ALA H 115 -34.14 9.16 39.16
CA ALA H 115 -34.81 10.43 39.45
C ALA H 115 -35.91 10.74 38.44
N VAL H 116 -35.73 10.32 37.20
CA VAL H 116 -36.73 10.54 36.15
C VAL H 116 -37.42 9.21 35.87
N ARG H 117 -38.74 9.17 36.08
CA ARG H 117 -39.49 7.98 35.73
C ARG H 117 -39.48 7.75 34.22
N ALA H 118 -39.61 8.81 33.43
CA ALA H 118 -39.57 8.69 31.98
C ALA H 118 -38.91 9.93 31.40
N LEU H 119 -38.26 9.74 30.25
CA LEU H 119 -37.55 10.82 29.58
C LEU H 119 -37.61 10.60 28.08
N ARG H 120 -38.08 11.60 27.35
CA ARG H 120 -38.15 11.53 25.90
C ARG H 120 -37.51 12.78 25.30
N LEU H 121 -36.60 12.58 24.35
CA LEU H 121 -35.98 13.69 23.61
C LEU H 121 -36.87 14.02 22.43
N LEU H 122 -37.55 15.16 22.48
CA LEU H 122 -38.53 15.51 21.46
C LEU H 122 -37.87 16.18 20.26
N ASP H 123 -37.15 17.28 20.50
CA ASP H 123 -36.55 18.06 19.43
C ASP H 123 -35.18 18.55 19.85
N MET H 124 -34.35 18.83 18.85
CA MET H 124 -33.01 19.34 19.06
C MET H 124 -32.76 20.51 18.12
N ARG H 125 -32.11 21.55 18.65
CA ARG H 125 -31.71 22.71 17.85
C ARG H 125 -30.21 22.59 17.58
N ILE H 126 -29.88 22.10 16.38
CA ILE H 126 -28.48 22.00 15.98
C ILE H 126 -28.03 23.38 15.50
N PRO H 127 -27.03 24.00 16.12
CA PRO H 127 -26.59 25.33 15.67
C PRO H 127 -25.89 25.25 14.32
N THR H 128 -25.94 26.38 13.60
CA THR H 128 -25.29 26.44 12.30
C THR H 128 -23.81 26.15 12.40
N ALA H 129 -23.15 26.62 13.46
CA ALA H 129 -21.72 26.38 13.61
C ALA H 129 -21.41 24.89 13.70
N TYR H 130 -22.21 24.14 14.45
CA TYR H 130 -22.00 22.70 14.53
C TYR H 130 -22.43 22.02 13.23
N LEU H 131 -23.46 22.54 12.56
CA LEU H 131 -23.89 21.95 11.30
C LEU H 131 -22.81 22.04 10.24
N LYS H 132 -22.07 23.15 10.21
CA LYS H 132 -21.04 23.33 9.20
C LYS H 132 -19.94 22.29 9.31
N THR H 133 -19.83 21.60 10.44
CA THR H 133 -18.84 20.56 10.62
C THR H 133 -19.29 19.22 10.06
N PHE H 134 -20.50 19.13 9.50
CA PHE H 134 -21.02 17.89 8.94
C PHE H 134 -21.13 18.00 7.42
N PRO H 135 -21.03 16.88 6.71
CA PRO H 135 -20.99 16.93 5.24
C PRO H 135 -22.36 17.10 4.61
N GLY H 136 -23.38 16.51 5.21
CA GLY H 136 -24.71 16.51 4.64
C GLY H 136 -24.85 15.44 3.58
N PRO H 137 -26.03 15.31 2.99
CA PRO H 137 -26.24 14.31 1.95
C PRO H 137 -25.29 14.49 0.80
N PRO H 138 -24.79 13.40 0.20
CA PRO H 138 -23.82 13.54 -0.90
C PRO H 138 -24.44 13.88 -2.24
N THR H 139 -25.71 13.55 -2.46
CA THR H 139 -26.34 13.72 -3.77
C THR H 139 -27.39 14.82 -3.75
N GLY H 140 -28.39 14.72 -2.88
CA GLY H 140 -29.48 15.68 -2.84
C GLY H 140 -30.63 15.29 -3.73
N ILE H 141 -31.77 15.96 -3.50
CA ILE H 141 -33.00 15.63 -4.21
C ILE H 141 -32.87 15.95 -5.69
N ALA H 142 -32.39 17.15 -6.02
CA ALA H 142 -32.32 17.57 -7.42
C ALA H 142 -31.34 16.70 -8.20
N GLN H 143 -30.17 16.41 -7.62
CA GLN H 143 -29.20 15.58 -8.31
C GLN H 143 -29.72 14.17 -8.51
N GLU H 144 -30.42 13.62 -7.51
CA GLU H 144 -30.99 12.30 -7.66
C GLU H 144 -32.05 12.27 -8.75
N ARG H 145 -32.91 13.30 -8.80
CA ARG H 145 -33.91 13.37 -9.86
C ARG H 145 -33.24 13.45 -11.22
N ASP H 146 -32.17 14.23 -11.34
CA ASP H 146 -31.45 14.32 -12.61
C ASP H 146 -30.85 12.97 -12.99
N ARG H 147 -30.30 12.24 -12.01
CA ARG H 147 -29.75 10.92 -12.30
C ARG H 147 -30.83 9.96 -12.77
N LEU H 148 -31.99 10.00 -12.13
CA LEU H 148 -33.11 9.16 -12.53
C LEU H 148 -33.98 9.77 -13.62
N LYS H 149 -33.80 11.07 -13.91
CA LYS H 149 -34.60 11.76 -14.91
C LYS H 149 -36.09 11.65 -14.60
N VAL H 150 -36.44 11.76 -13.32
CA VAL H 150 -37.82 11.75 -12.86
C VAL H 150 -38.10 13.08 -12.19
N TYR H 151 -39.12 13.79 -12.68
CA TYR H 151 -39.45 15.11 -12.20
C TYR H 151 -40.95 15.25 -12.01
N HIS H 152 -41.34 16.16 -11.12
CA HIS H 152 -42.75 16.50 -10.92
C HIS H 152 -43.59 15.27 -10.62
N ARG H 153 -43.05 14.38 -9.81
CA ARG H 153 -43.71 13.12 -9.49
C ARG H 153 -43.02 12.44 -8.32
N PRO H 154 -43.75 11.89 -7.35
CA PRO H 154 -43.11 11.04 -6.34
C PRO H 154 -42.44 9.85 -6.99
N LEU H 155 -41.28 9.48 -6.47
CA LEU H 155 -40.49 8.40 -7.02
C LEU H 155 -40.98 7.07 -6.45
N LEU H 156 -41.27 6.13 -7.33
CA LEU H 156 -41.83 4.84 -6.94
C LEU H 156 -40.73 3.85 -6.60
N GLY H 157 -41.06 2.94 -5.68
CA GLY H 157 -40.14 1.88 -5.30
C GLY H 157 -40.92 0.76 -4.65
N GLY H 158 -40.18 -0.25 -4.19
CA GLY H 158 -40.79 -1.39 -3.55
C GLY H 158 -39.79 -2.38 -3.00
N THR H 159 -40.01 -2.82 -1.77
CA THR H 159 -39.18 -3.86 -1.17
C THR H 159 -39.55 -5.21 -1.77
N ILE H 160 -38.54 -5.97 -2.18
CA ILE H 160 -38.76 -7.29 -2.75
C ILE H 160 -39.23 -8.24 -1.65
N LYS H 161 -40.31 -8.96 -1.91
CA LYS H 161 -40.87 -9.90 -0.95
C LYS H 161 -40.92 -11.31 -1.55
N PRO H 162 -40.89 -12.35 -0.72
CA PRO H 162 -40.82 -12.34 0.76
C PRO H 162 -39.51 -11.77 1.27
N LYS H 163 -39.47 -11.33 2.52
CA LYS H 163 -38.28 -10.67 3.05
C LYS H 163 -37.06 -11.56 2.89
N LEU H 164 -37.20 -12.85 3.18
CA LEU H 164 -36.10 -13.78 3.14
C LEU H 164 -36.58 -15.09 2.52
N GLY H 165 -35.61 -15.87 2.02
CA GLY H 165 -35.89 -17.15 1.43
C GLY H 165 -35.79 -17.19 -0.08
N LEU H 166 -35.77 -16.03 -0.75
CA LEU H 166 -35.63 -16.00 -2.19
C LEU H 166 -34.16 -16.11 -2.57
N GLY H 167 -33.87 -16.94 -3.57
CA GLY H 167 -32.53 -17.02 -4.10
C GLY H 167 -32.22 -15.85 -5.02
N PRO H 168 -30.93 -15.70 -5.34
CA PRO H 168 -30.54 -14.58 -6.21
C PRO H 168 -31.27 -14.54 -7.53
N LYS H 169 -31.46 -15.69 -8.17
CA LYS H 169 -32.13 -15.71 -9.48
C LYS H 169 -33.58 -15.30 -9.35
N GLU H 170 -34.31 -15.88 -8.40
CA GLU H 170 -35.72 -15.53 -8.20
C GLU H 170 -35.87 -14.10 -7.71
N PHE H 171 -34.97 -13.68 -6.81
CA PHE H 171 -34.98 -12.31 -6.33
C PHE H 171 -34.81 -11.33 -7.49
N ALA H 172 -33.85 -11.59 -8.37
CA ALA H 172 -33.62 -10.71 -9.51
C ALA H 172 -34.77 -10.78 -10.50
N ARG H 173 -35.43 -11.93 -10.63
CA ARG H 173 -36.60 -12.03 -11.48
C ARG H 173 -37.71 -11.13 -10.98
N VAL H 174 -37.96 -11.15 -9.67
CA VAL H 174 -38.96 -10.25 -9.09
C VAL H 174 -38.55 -8.79 -9.30
N VAL H 175 -37.25 -8.50 -9.11
CA VAL H 175 -36.76 -7.14 -9.30
C VAL H 175 -37.02 -6.68 -10.73
N TYR H 176 -36.71 -7.53 -11.70
CA TYR H 176 -36.91 -7.18 -13.11
C TYR H 176 -38.39 -6.95 -13.40
N GLU H 177 -39.25 -7.83 -12.89
CA GLU H 177 -40.69 -7.65 -13.12
C GLU H 177 -41.17 -6.32 -12.55
N CYS H 178 -40.75 -5.99 -11.33
CA CYS H 178 -41.17 -4.74 -10.71
C CYS H 178 -40.65 -3.54 -11.50
N LEU H 179 -39.38 -3.56 -11.89
CA LEU H 179 -38.80 -2.42 -12.58
C LEU H 179 -39.43 -2.22 -13.95
N VAL H 180 -39.62 -3.30 -14.71
CA VAL H 180 -40.27 -3.19 -16.01
C VAL H 180 -41.73 -2.79 -15.87
N GLY H 181 -42.37 -3.16 -14.74
CA GLY H 181 -43.77 -2.82 -14.56
C GLY H 181 -44.02 -1.34 -14.33
N GLY H 182 -43.02 -0.60 -13.84
CA GLY H 182 -43.18 0.83 -13.66
C GLY H 182 -42.47 1.41 -12.46
N LEU H 183 -41.97 0.55 -11.56
CA LEU H 183 -41.25 1.04 -10.39
C LEU H 183 -39.93 1.67 -10.84
N ASP H 184 -39.61 2.83 -10.26
CA ASP H 184 -38.35 3.48 -10.58
C ASP H 184 -37.18 2.75 -9.94
N THR H 185 -37.37 2.20 -8.75
CA THR H 185 -36.30 1.53 -8.02
C THR H 185 -36.89 0.35 -7.26
N THR H 186 -35.99 -0.49 -6.77
CA THR H 186 -36.33 -1.58 -5.86
C THR H 186 -35.28 -1.60 -4.75
N ASP H 188 -33.50 -4.23 -1.48
CA ASP H 188 -33.42 -5.37 -0.59
C ASP H 188 -34.04 -5.01 0.75
N ASP H 189 -34.62 -6.01 1.40
CA ASP H 189 -35.18 -5.76 2.73
C ASP H 189 -34.05 -5.50 3.73
N GLU H 190 -34.39 -4.75 4.79
CA GLU H 190 -33.40 -4.34 5.76
C GLU H 190 -32.69 -5.54 6.39
N ASN H 191 -33.36 -6.68 6.48
CA ASN H 191 -32.78 -7.88 7.07
C ASN H 191 -32.12 -8.79 6.04
N LEU H 192 -32.14 -8.42 4.76
CA LEU H 192 -31.50 -9.21 3.70
C LEU H 192 -30.14 -8.58 3.42
N ASN H 193 -29.09 -9.16 4.01
CA ASN H 193 -27.73 -8.69 3.81
C ASN H 193 -26.86 -9.74 3.14
N SER H 194 -26.63 -10.88 3.79
CA SER H 194 -25.95 -12.00 3.19
C SER H 194 -26.28 -13.26 3.98
N GLN H 195 -26.97 -14.19 3.34
CA GLN H 195 -27.49 -15.37 4.00
C GLN H 195 -27.24 -16.58 3.12
N PRO H 196 -27.28 -17.79 3.70
CA PRO H 196 -27.05 -18.99 2.88
C PRO H 196 -27.98 -19.09 1.68
N PHE H 197 -29.25 -18.70 1.84
CA PHE H 197 -30.19 -18.78 0.73
C PHE H 197 -29.89 -17.74 -0.34
N CYS H 198 -29.31 -16.60 0.04
CA CYS H 198 -29.00 -15.54 -0.92
C CYS H 198 -27.77 -14.80 -0.42
N ARG H 199 -26.60 -15.18 -0.95
CA ARG H 199 -25.36 -14.48 -0.62
C ARG H 199 -25.31 -13.14 -1.34
N TRP H 200 -24.61 -12.19 -0.72
CA TRP H 200 -24.67 -10.81 -1.21
C TRP H 200 -24.04 -10.65 -2.59
N ARG H 201 -22.95 -11.36 -2.86
CA ARG H 201 -22.30 -11.25 -4.17
C ARG H 201 -23.24 -11.72 -5.28
N ASP H 202 -23.82 -12.92 -5.11
CA ASP H 202 -24.71 -13.44 -6.12
C ASP H 202 -25.94 -12.56 -6.28
N ARG H 203 -26.50 -12.08 -5.17
CA ARG H 203 -27.64 -11.19 -5.25
C ARG H 203 -27.29 -9.92 -6.01
N TYR H 204 -26.13 -9.33 -5.72
CA TYR H 204 -25.73 -8.11 -6.41
C TYR H 204 -25.62 -8.36 -7.90
N LEU H 205 -24.96 -9.45 -8.29
CA LEU H 205 -24.76 -9.73 -9.71
C LEU H 205 -26.10 -9.94 -10.42
N TYR H 206 -26.94 -10.82 -9.89
CA TYR H 206 -28.22 -11.11 -10.52
C TYR H 206 -29.10 -9.86 -10.57
N VAL H 207 -29.14 -9.10 -9.47
CA VAL H 207 -30.00 -7.94 -9.40
C VAL H 207 -29.55 -6.87 -10.38
N MET H 208 -28.24 -6.67 -10.50
CA MET H 208 -27.76 -5.66 -11.45
C MET H 208 -27.99 -6.10 -12.89
N ASP H 209 -27.89 -7.39 -13.18
CA ASP H 209 -28.29 -7.88 -14.50
C ASP H 209 -29.75 -7.56 -14.77
N ALA H 210 -30.62 -7.82 -13.78
CA ALA H 210 -32.04 -7.51 -13.93
C ALA H 210 -32.26 -6.01 -14.13
N VAL H 211 -31.55 -5.19 -13.36
CA VAL H 211 -31.72 -3.74 -13.46
C VAL H 211 -31.29 -3.23 -14.83
N HIS H 212 -30.17 -3.74 -15.34
CA HIS H 212 -29.72 -3.34 -16.66
C HIS H 212 -30.70 -3.78 -17.74
N ARG H 213 -31.24 -5.00 -17.62
CA ARG H 213 -32.23 -5.45 -18.59
C ARG H 213 -33.46 -4.57 -18.55
N ALA H 214 -33.93 -4.20 -17.36
CA ALA H 214 -35.10 -3.35 -17.24
C ALA H 214 -34.82 -1.95 -17.80
N GLU H 215 -33.63 -1.42 -17.55
CA GLU H 215 -33.26 -0.12 -18.12
C GLU H 215 -33.26 -0.18 -19.63
N GLU H 216 -32.71 -1.24 -20.21
CA GLU H 216 -32.69 -1.37 -21.66
C GLU H 216 -34.10 -1.49 -22.23
N GLU H 217 -34.95 -2.30 -21.60
CA GLU H 217 -36.28 -2.55 -22.14
C GLU H 217 -37.17 -1.31 -22.01
N THR H 218 -37.21 -0.72 -20.82
CA THR H 218 -38.08 0.43 -20.58
C THR H 218 -37.51 1.71 -21.16
N GLY H 219 -36.19 1.85 -21.18
CA GLY H 219 -35.56 3.09 -21.59
C GLY H 219 -35.46 4.14 -20.52
N GLU H 220 -35.94 3.86 -19.30
CA GLU H 220 -35.88 4.78 -18.20
C GLU H 220 -34.82 4.33 -17.20
N ALA H 221 -34.27 5.31 -16.47
CA ALA H 221 -33.28 4.98 -15.45
C ALA H 221 -33.91 4.12 -14.37
N LYS H 222 -33.24 3.03 -14.01
CA LYS H 222 -33.69 2.12 -12.98
C LYS H 222 -32.56 1.82 -12.03
N GLY H 223 -32.91 1.46 -10.81
CA GLY H 223 -31.91 1.13 -9.81
C GLY H 223 -32.48 0.18 -8.77
N HIS H 224 -31.57 -0.46 -8.04
CA HIS H 224 -31.93 -1.30 -6.91
C HIS H 224 -31.09 -0.90 -5.72
N TRP H 225 -31.74 -0.68 -4.58
CA TRP H 225 -31.05 -0.26 -3.37
C TRP H 225 -30.43 -1.49 -2.72
N LEU H 226 -29.28 -1.88 -3.25
CA LEU H 226 -28.55 -3.03 -2.71
C LEU H 226 -28.16 -2.76 -1.26
N ASN H 227 -28.41 -3.74 -0.40
CA ASN H 227 -28.16 -3.60 1.03
C ASN H 227 -26.72 -4.01 1.32
N VAL H 228 -25.91 -3.03 1.75
CA VAL H 228 -24.53 -3.27 2.11
C VAL H 228 -24.35 -3.44 3.61
N THR H 229 -25.43 -3.44 4.37
CA THR H 229 -25.33 -3.59 5.82
C THR H 229 -24.64 -4.91 6.15
N ALA H 230 -23.68 -4.84 7.05
CA ALA H 230 -22.89 -6.01 7.41
C ALA H 230 -22.43 -5.87 8.86
N GLY H 231 -21.87 -6.94 9.39
CA GLY H 231 -21.44 -6.96 10.78
C GLY H 231 -20.18 -6.18 11.07
N ASP H 232 -19.46 -5.72 10.05
CA ASP H 232 -18.26 -4.91 10.22
C ASP H 232 -18.22 -3.85 9.15
N THR H 233 -17.54 -2.73 9.47
CA THR H 233 -17.47 -1.61 8.54
C THR H 233 -16.72 -2.01 7.27
N GLU H 234 -15.65 -2.81 7.41
CA GLU H 234 -14.88 -3.20 6.24
C GLU H 234 -15.73 -4.02 5.27
N GLU H 235 -16.55 -4.93 5.79
CA GLU H 235 -17.43 -5.71 4.93
C GLU H 235 -18.43 -4.80 4.22
N MET H 236 -18.98 -3.81 4.93
CA MET H 236 -19.90 -2.88 4.29
C MET H 236 -19.21 -2.10 3.18
N LEU H 237 -17.98 -1.66 3.41
CA LEU H 237 -17.23 -0.95 2.37
C LEU H 237 -16.95 -1.85 1.18
N ARG H 238 -16.59 -3.11 1.43
CA ARG H 238 -16.35 -4.04 0.34
C ARG H 238 -17.62 -4.27 -0.47
N ARG H 239 -18.75 -4.39 0.21
CA ARG H 239 -20.02 -4.60 -0.50
C ARG H 239 -20.42 -3.37 -1.30
N ALA H 240 -20.19 -2.17 -0.76
CA ALA H 240 -20.46 -0.96 -1.52
C ALA H 240 -19.55 -0.86 -2.75
N GLU H 241 -18.27 -1.22 -2.59
CA GLU H 241 -17.35 -1.20 -3.72
C GLU H 241 -17.80 -2.18 -4.79
N PHE H 242 -18.24 -3.38 -4.39
CA PHE H 242 -18.75 -4.33 -5.37
C PHE H 242 -20.02 -3.81 -6.04
N ALA H 243 -20.92 -3.20 -5.27
CA ALA H 243 -22.13 -2.62 -5.85
C ALA H 243 -21.77 -1.60 -6.92
N LYS H 244 -20.78 -0.76 -6.66
CA LYS H 244 -20.30 0.16 -7.68
C LYS H 244 -19.72 -0.61 -8.87
N GLU H 245 -18.97 -1.68 -8.58
CA GLU H 245 -18.36 -2.47 -9.65
C GLU H 245 -19.41 -3.08 -10.57
N VAL H 246 -20.49 -3.61 -10.00
CA VAL H 246 -21.53 -4.24 -10.81
C VAL H 246 -22.45 -3.23 -11.48
N GLY H 247 -22.19 -1.94 -11.31
CA GLY H 247 -22.93 -0.91 -12.01
C GLY H 247 -24.08 -0.30 -11.26
N SER H 248 -24.23 -0.59 -9.97
CA SER H 248 -25.32 -0.01 -9.20
C SER H 248 -25.05 1.46 -8.90
N ARG H 249 -26.08 2.28 -9.07
CA ARG H 249 -26.05 3.67 -8.66
C ARG H 249 -26.62 3.88 -7.26
N TYR H 250 -27.08 2.81 -6.61
CA TYR H 250 -27.72 2.91 -5.31
C TYR H 250 -27.14 1.86 -4.36
N ILE H 251 -27.07 2.23 -3.08
CA ILE H 251 -26.85 1.29 -2.00
C ILE H 251 -27.77 1.70 -0.85
N MET H 252 -28.05 0.75 0.04
CA MET H 252 -28.82 1.01 1.23
C MET H 252 -28.13 0.41 2.45
N VAL H 253 -28.35 1.04 3.59
CA VAL H 253 -27.73 0.63 4.84
C VAL H 253 -28.69 0.90 5.98
N ASP H 254 -28.69 0.01 6.97
CA ASP H 254 -29.45 0.21 8.20
C ASP H 254 -28.55 0.99 9.15
N PHE H 255 -28.65 2.32 9.10
CA PHE H 255 -27.68 3.17 9.78
C PHE H 255 -27.78 3.02 11.30
N LEU H 256 -28.98 2.83 11.83
CA LEU H 256 -29.14 2.69 13.28
C LEU H 256 -28.53 1.39 13.77
N THR H 257 -28.87 0.27 13.13
CA THR H 257 -28.32 -1.01 13.54
C THR H 257 -26.83 -1.09 13.22
N ALA H 258 -26.43 -0.69 12.00
CA ALA H 258 -25.03 -0.67 11.65
C ALA H 258 -24.26 0.34 12.50
N GLY H 259 -24.85 1.52 12.71
CA GLY H 259 -24.22 2.55 13.52
C GLY H 259 -23.91 3.82 12.76
N PHE H 260 -23.81 4.93 13.48
CA PHE H 260 -23.54 6.21 12.84
C PHE H 260 -22.07 6.36 12.45
N SER H 261 -21.15 5.72 13.18
CA SER H 261 -19.74 5.77 12.79
C SER H 261 -19.50 4.96 11.52
N ALA H 262 -20.00 3.73 11.49
CA ALA H 262 -19.91 2.92 10.28
C ALA H 262 -20.66 3.59 9.15
N TYR H 263 -21.79 4.23 9.46
CA TYR H 263 -22.54 4.93 8.42
C TYR H 263 -21.74 6.10 7.86
N ALA H 264 -21.04 6.84 8.72
CA ALA H 264 -20.23 7.95 8.24
C ALA H 264 -19.10 7.45 7.34
N THR H 265 -18.45 6.37 7.74
CA THR H 265 -17.42 5.78 6.88
C THR H 265 -18.00 5.36 5.54
N LEU H 266 -19.16 4.70 5.56
CA LEU H 266 -19.80 4.25 4.34
C LEU H 266 -20.22 5.42 3.46
N ARG H 267 -20.71 6.50 4.09
CA ARG H 267 -21.11 7.67 3.33
C ARG H 267 -19.92 8.32 2.64
N ARG H 268 -18.79 8.44 3.34
CA ARG H 268 -17.58 8.95 2.70
C ARG H 268 -17.20 8.07 1.51
N ARG H 269 -17.18 6.76 1.71
CA ARG H 269 -16.78 5.86 0.63
C ARG H 269 -17.75 5.92 -0.54
N ALA H 270 -19.04 6.04 -0.26
CA ALA H 270 -20.04 6.08 -1.32
C ALA H 270 -19.98 7.39 -2.10
N GLU H 271 -19.76 8.51 -1.41
CA GLU H 271 -19.54 9.76 -2.11
C GLU H 271 -18.31 9.67 -3.00
N GLU H 272 -17.25 9.02 -2.51
CA GLU H 272 -16.09 8.77 -3.36
C GLU H 272 -16.47 7.92 -4.57
N LEU H 273 -17.31 6.91 -4.37
CA LEU H 273 -17.71 5.99 -5.42
C LEU H 273 -18.85 6.52 -6.27
N GLY H 274 -19.48 7.63 -5.89
CA GLY H 274 -20.61 8.14 -6.65
C GLY H 274 -21.89 7.39 -6.44
N LEU H 275 -22.06 6.75 -5.28
CA LEU H 275 -23.24 5.96 -4.98
C LEU H 275 -24.22 6.76 -4.13
N MET H 276 -25.50 6.64 -4.45
CA MET H 276 -26.55 7.19 -3.60
C MET H 276 -26.89 6.21 -2.50
N ILE H 277 -27.06 6.72 -1.28
CA ILE H 277 -27.25 5.90 -0.09
C ILE H 277 -28.70 6.03 0.36
N HIS H 278 -29.41 4.90 0.41
CA HIS H 278 -30.70 4.84 1.04
C HIS H 278 -30.52 4.46 2.51
N CYS H 279 -31.19 5.19 3.39
CA CYS H 279 -31.06 5.01 4.83
C CYS H 279 -32.32 4.34 5.36
N HIS H 280 -32.17 3.13 5.87
CA HIS H 280 -33.26 2.40 6.51
C HIS H 280 -33.15 2.59 8.02
N ARG H 281 -34.27 2.90 8.65
CA ARG H 281 -34.32 3.24 10.06
C ARG H 281 -34.72 2.05 10.93
N ALA H 282 -34.30 0.86 10.55
CA ALA H 282 -34.58 -0.33 11.35
C ALA H 282 -34.08 -0.16 12.77
N MET H 283 -34.90 -0.57 13.73
CA MET H 283 -34.65 -0.50 15.17
C MET H 283 -35.00 0.87 15.75
N HIS H 284 -35.49 1.82 14.94
CA HIS H 284 -35.86 3.11 15.48
C HIS H 284 -37.07 2.99 16.42
N ALA H 285 -38.04 2.14 16.06
CA ALA H 285 -39.28 2.07 16.83
C ALA H 285 -39.07 1.56 18.24
N VAL H 286 -37.91 0.94 18.53
CA VAL H 286 -37.65 0.52 19.91
C VAL H 286 -37.48 1.72 20.82
N PHE H 287 -37.18 2.91 20.28
CA PHE H 287 -37.03 4.10 21.10
C PHE H 287 -37.71 5.34 20.52
N THR H 288 -38.37 5.26 19.37
CA THR H 288 -39.11 6.39 18.82
C THR H 288 -40.62 6.26 18.97
N ARG H 289 -41.13 5.08 19.29
CA ARG H 289 -42.57 4.88 19.35
C ARG H 289 -43.17 5.41 20.64
N PRO H 290 -42.62 5.06 21.81
CA PRO H 290 -43.26 5.48 23.06
C PRO H 290 -43.37 6.99 23.15
N LYS H 291 -44.53 7.44 23.65
CA LYS H 291 -44.79 8.87 23.79
C LYS H 291 -44.19 9.46 25.06
N ASP H 292 -43.73 8.62 25.99
CA ASP H 292 -43.19 9.08 27.26
C ASP H 292 -41.70 8.84 27.42
N HIS H 293 -41.11 7.98 26.60
CA HIS H 293 -39.71 7.62 26.75
C HIS H 293 -39.08 7.39 25.39
N GLY H 294 -37.80 7.78 25.25
CA GLY H 294 -37.03 7.50 24.07
C GLY H 294 -36.61 8.78 23.34
N ILE H 295 -36.49 8.67 22.03
CA ILE H 295 -36.08 9.77 21.17
C ILE H 295 -37.09 9.88 20.04
N HIS H 296 -37.67 11.06 19.87
CA HIS H 296 -38.56 11.27 18.74
C HIS H 296 -37.78 11.19 17.44
N PHE H 297 -38.41 10.61 16.41
CA PHE H 297 -37.71 10.36 15.16
C PHE H 297 -37.32 11.64 14.42
N ARG H 298 -37.89 12.79 14.77
CA ARG H 298 -37.44 14.02 14.12
C ARG H 298 -35.98 14.31 14.46
N VAL H 299 -35.57 14.00 15.70
CA VAL H 299 -34.18 14.17 16.08
C VAL H 299 -33.28 13.23 15.28
N VAL H 300 -33.73 11.97 15.12
CA VAL H 300 -32.96 11.01 14.33
C VAL H 300 -32.87 11.46 12.89
N ALA H 301 -33.95 12.04 12.36
CA ALA H 301 -33.93 12.56 11.00
C ALA H 301 -32.93 13.70 10.86
N LYS H 302 -32.88 14.60 11.85
CA LYS H 302 -31.87 15.65 11.83
C LYS H 302 -30.47 15.06 11.84
N TRP H 303 -30.24 14.06 12.70
CA TRP H 303 -28.94 13.43 12.79
C TRP H 303 -28.56 12.78 11.46
N LEU H 304 -29.51 12.11 10.82
CA LEU H 304 -29.23 11.45 9.54
C LEU H 304 -28.94 12.46 8.44
N ARG H 305 -29.70 13.56 8.41
CA ARG H 305 -29.42 14.60 7.42
C ARG H 305 -28.03 15.18 7.63
N MET H 306 -27.64 15.39 8.89
CA MET H 306 -26.27 15.83 9.18
C MET H 306 -25.25 14.80 8.71
N ALA H 307 -25.54 13.52 8.95
CA ALA H 307 -24.60 12.46 8.60
C ALA H 307 -24.54 12.19 7.11
N GLY H 308 -25.54 12.66 6.35
CA GLY H 308 -25.48 12.59 4.91
C GLY H 308 -26.17 11.42 4.25
N GLY H 309 -27.47 11.25 4.51
CA GLY H 309 -28.28 10.29 3.79
C GLY H 309 -29.00 10.95 2.62
N ASP H 310 -29.14 10.19 1.53
CA ASP H 310 -29.84 10.67 0.35
C ASP H 310 -31.34 10.44 0.44
N HIS H 311 -31.75 9.34 1.08
CA HIS H 311 -33.15 9.12 1.43
C HIS H 311 -33.22 8.48 2.80
N VAL H 312 -34.33 8.73 3.49
CA VAL H 312 -34.57 8.14 4.80
C VAL H 312 -36.05 7.89 4.97
N HIS H 313 -36.39 6.77 5.60
CA HIS H 313 -37.78 6.47 5.89
C HIS H 313 -38.31 7.44 6.93
N THR H 314 -39.56 7.89 6.72
CA THR H 314 -40.17 8.88 7.59
C THR H 314 -41.54 8.46 8.11
N GLY H 315 -42.22 7.51 7.47
CA GLY H 315 -43.52 7.07 7.93
C GLY H 315 -44.58 7.11 6.85
N THR H 316 -45.67 6.38 7.06
CA THR H 316 -46.80 6.35 6.15
C THR H 316 -48.07 6.94 6.73
N VAL H 317 -48.20 6.99 8.06
CA VAL H 317 -49.40 7.49 8.71
C VAL H 317 -50.55 6.53 8.47
N VAL H 318 -50.89 6.30 7.20
CA VAL H 318 -52.01 5.44 6.84
C VAL H 318 -51.59 3.99 6.63
N GLY H 319 -50.32 3.65 6.85
CA GLY H 319 -49.83 2.32 6.62
C GLY H 319 -49.89 1.43 7.86
N LYS H 320 -49.15 0.33 7.81
CA LYS H 320 -49.15 -0.66 8.88
C LYS H 320 -48.28 -0.27 10.06
N LEU H 321 -47.46 0.77 9.93
CA LEU H 321 -46.56 1.20 11.00
C LEU H 321 -47.01 2.55 11.55
N GLU H 322 -46.87 2.71 12.86
CA GLU H 322 -47.38 3.89 13.53
C GLU H 322 -46.68 5.15 13.02
N GLY H 323 -47.45 6.22 12.88
CA GLY H 323 -46.91 7.50 12.45
C GLY H 323 -47.96 8.60 12.47
N ALA H 324 -47.61 9.75 13.03
CA ALA H 324 -48.53 10.88 13.11
C ALA H 324 -48.38 11.78 11.89
N ARG H 325 -49.51 12.26 11.38
CA ARG H 325 -49.50 13.04 10.15
C ARG H 325 -48.70 14.32 10.30
N GLU H 326 -49.00 15.11 11.33
CA GLU H 326 -48.31 16.39 11.50
C GLU H 326 -46.84 16.20 11.83
N GLU H 327 -46.52 15.20 12.65
CA GLU H 327 -45.12 14.91 12.95
C GLU H 327 -44.38 14.50 11.68
N VAL H 328 -45.02 13.70 10.83
CA VAL H 328 -44.39 13.29 9.57
C VAL H 328 -44.18 14.48 8.66
N ARG H 329 -45.16 15.40 8.62
CA ARG H 329 -44.98 16.61 7.82
C ARG H 329 -43.80 17.43 8.33
N GLY H 330 -43.68 17.58 9.65
CA GLY H 330 -42.55 18.29 10.21
C GLY H 330 -41.22 17.62 9.89
N ILE H 331 -41.19 16.29 9.96
CA ILE H 331 -39.96 15.57 9.63
C ILE H 331 -39.61 15.76 8.16
N ALA H 332 -40.61 15.72 7.28
CA ALA H 332 -40.36 15.94 5.86
C ALA H 332 -39.81 17.33 5.61
N ASP H 333 -40.37 18.34 6.29
CA ASP H 333 -39.83 19.69 6.17
C ASP H 333 -38.40 19.77 6.67
N LEU H 334 -38.11 19.09 7.79
CA LEU H 334 -36.74 19.05 8.30
C LEU H 334 -35.79 18.46 7.28
N LEU H 335 -36.21 17.38 6.62
CA LEU H 335 -35.35 16.69 5.66
C LEU H 335 -35.22 17.43 4.34
N ARG H 336 -36.20 18.25 3.97
CA ARG H 336 -36.26 18.83 2.63
C ARG H 336 -36.01 20.32 2.58
N GLU H 337 -36.18 21.05 3.68
CA GLU H 337 -36.11 22.50 3.67
C GLU H 337 -34.77 22.99 4.18
N GLU H 338 -34.38 24.18 3.72
CA GLU H 338 -33.15 24.81 4.18
C GLU H 338 -33.33 25.53 5.51
N PHE H 339 -34.56 25.77 5.93
CA PHE H 339 -34.83 26.38 7.24
C PHE H 339 -36.24 25.99 7.65
N VAL H 340 -36.37 25.39 8.83
CA VAL H 340 -37.66 24.93 9.32
C VAL H 340 -38.04 25.73 10.57
N PRO H 341 -39.00 26.65 10.48
CA PRO H 341 -39.43 27.37 11.68
C PRO H 341 -40.15 26.46 12.66
N ALA H 342 -40.11 26.86 13.92
CA ALA H 342 -40.80 26.10 14.96
C ALA H 342 -42.29 26.00 14.66
N ASN H 343 -42.86 24.82 14.91
CA ASN H 343 -44.27 24.55 14.65
C ASN H 343 -44.79 23.65 15.78
N PRO H 344 -45.41 24.22 16.81
CA PRO H 344 -45.89 23.38 17.91
C PRO H 344 -46.90 22.32 17.47
N GLN H 345 -47.71 22.61 16.45
CA GLN H 345 -48.67 21.63 15.97
C GLN H 345 -47.97 20.39 15.44
N ARG H 346 -46.85 20.58 14.74
CA ARG H 346 -46.07 19.49 14.18
C ARG H 346 -45.00 18.98 15.12
N GLY H 347 -44.91 19.52 16.33
CA GLY H 347 -43.93 19.07 17.30
C GLY H 347 -42.56 19.69 17.16
N LEU H 348 -42.39 20.65 16.25
CA LEU H 348 -41.11 21.31 16.06
C LEU H 348 -41.02 22.48 17.02
N LEU H 349 -40.19 22.33 18.05
CA LEU H 349 -40.08 23.31 19.13
C LEU H 349 -38.94 24.28 18.92
N PHE H 350 -38.17 24.15 17.83
CA PHE H 350 -37.05 25.03 17.57
C PHE H 350 -37.04 25.43 16.10
N ASP H 351 -36.54 26.63 15.84
CA ASP H 351 -36.21 27.04 14.49
C ASP H 351 -34.90 26.37 14.09
N GLN H 352 -34.92 25.58 13.03
CA GLN H 352 -33.79 24.74 12.64
C GLN H 352 -33.21 25.19 11.31
N PRO H 353 -32.10 25.93 11.31
CA PRO H 353 -31.36 26.16 10.07
C PRO H 353 -30.59 24.91 9.67
N TRP H 354 -30.22 24.86 8.39
CA TRP H 354 -29.49 23.72 7.86
C TRP H 354 -28.17 24.10 7.21
N ALA H 355 -27.79 25.37 7.23
CA ALA H 355 -26.43 25.80 6.88
C ALA H 355 -26.01 25.27 5.52
N GLY H 356 -26.95 25.22 4.59
CA GLY H 356 -26.67 24.78 3.23
C GLY H 356 -26.58 23.28 3.06
N LEU H 357 -26.79 22.50 4.10
CA LEU H 357 -26.78 21.05 3.96
C LEU H 357 -27.87 20.62 2.98
N LYS H 358 -27.52 19.67 2.13
CA LYS H 358 -28.43 19.26 1.07
C LYS H 358 -29.68 18.60 1.65
N PRO H 359 -30.82 18.75 0.98
CA PRO H 359 -32.01 18.00 1.39
C PRO H 359 -31.96 16.57 0.91
N LEU H 360 -32.74 15.72 1.57
CA LEU H 360 -32.82 14.31 1.22
C LEU H 360 -34.28 13.89 1.08
N PHE H 361 -34.47 12.69 0.55
CA PHE H 361 -35.79 12.22 0.16
C PHE H 361 -36.48 11.52 1.33
N PRO H 362 -37.63 12.01 1.80
CA PRO H 362 -38.45 11.18 2.68
C PRO H 362 -38.97 9.96 1.93
N VAL H 363 -39.05 8.84 2.62
CA VAL H 363 -39.49 7.57 2.03
C VAL H 363 -40.70 7.09 2.82
N ALA H 364 -41.79 6.84 2.12
CA ALA H 364 -43.00 6.29 2.71
C ALA H 364 -43.09 4.81 2.35
N SER H 365 -43.05 3.94 3.37
CA SER H 365 -43.09 2.51 3.15
C SER H 365 -43.85 1.85 4.29
N GLY H 366 -44.49 0.72 3.98
CA GLY H 366 -45.14 -0.08 4.98
C GLY H 366 -46.65 -0.12 4.87
N GLY H 367 -47.18 -1.20 4.31
CA GLY H 367 -48.62 -1.38 4.24
C GLY H 367 -49.35 -0.28 3.50
N ILE H 368 -48.81 0.18 2.39
CA ILE H 368 -49.43 1.21 1.58
C ILE H 368 -49.73 0.63 0.20
N HIS H 369 -50.97 0.84 -0.25
CA HIS H 369 -51.37 0.42 -1.59
C HIS H 369 -51.94 1.62 -2.33
N VAL H 370 -52.57 1.39 -3.48
CA VAL H 370 -52.98 2.48 -4.36
C VAL H 370 -53.90 3.44 -3.61
N TRP H 371 -54.82 2.92 -2.81
CA TRP H 371 -55.79 3.79 -2.14
C TRP H 371 -55.12 4.80 -1.22
N HIS H 372 -53.92 4.51 -0.73
CA HIS H 372 -53.19 5.41 0.15
C HIS H 372 -52.39 6.46 -0.61
N VAL H 373 -52.34 6.38 -1.93
CA VAL H 373 -51.51 7.32 -2.69
C VAL H 373 -51.95 8.77 -2.49
N PRO H 374 -53.24 9.10 -2.54
CA PRO H 374 -53.64 10.51 -2.30
C PRO H 374 -53.11 11.05 -0.99
N ASP H 375 -53.45 10.38 0.12
CA ASP H 375 -53.00 10.83 1.43
C ASP H 375 -51.49 11.05 1.44
N LEU H 376 -50.74 10.08 0.94
CA LEU H 376 -49.29 10.21 0.89
C LEU H 376 -48.88 11.49 0.16
N VAL H 377 -49.46 11.71 -1.03
CA VAL H 377 -49.12 12.91 -1.79
C VAL H 377 -49.52 14.15 -1.02
N SER H 378 -50.63 14.08 -0.28
CA SER H 378 -51.00 15.20 0.59
C SER H 378 -49.96 15.42 1.66
N ILE H 379 -49.46 14.33 2.27
CA ILE H 379 -48.50 14.46 3.35
C ILE H 379 -47.15 14.93 2.81
N TYR H 380 -46.69 14.35 1.71
CA TYR H 380 -45.33 14.53 1.22
C TYR H 380 -45.24 15.38 -0.04
N GLY H 381 -46.27 15.41 -0.86
CA GLY H 381 -46.18 16.10 -2.14
C GLY H 381 -45.47 15.25 -3.18
N ASN H 382 -44.57 15.88 -3.95
CA ASN H 382 -43.85 15.19 -5.00
C ASN H 382 -42.45 14.76 -4.60
N ASP H 383 -41.78 15.48 -3.72
CA ASP H 383 -40.40 15.19 -3.36
C ASP H 383 -40.40 14.13 -2.26
N ALA H 384 -40.67 12.89 -2.67
CA ALA H 384 -40.69 11.77 -1.75
C ALA H 384 -40.64 10.47 -2.52
N PHE H 385 -40.30 9.41 -1.80
CA PHE H 385 -40.28 8.05 -2.33
C PHE H 385 -41.43 7.27 -1.72
N PHE H 386 -42.24 6.64 -2.58
CA PHE H 386 -43.33 5.79 -2.15
C PHE H 386 -42.94 4.35 -2.44
N LEU H 387 -42.84 3.54 -1.38
CA LEU H 387 -42.40 2.16 -1.47
C LEU H 387 -43.60 1.23 -1.32
N PHE H 388 -43.82 0.39 -2.33
CA PHE H 388 -44.91 -0.58 -2.33
C PHE H 388 -44.29 -1.98 -2.43
N GLY H 389 -44.06 -2.61 -1.28
CA GLY H 389 -43.58 -3.98 -1.27
C GLY H 389 -44.69 -4.98 -1.49
N GLY H 390 -45.60 -5.09 -0.53
CA GLY H 390 -46.72 -5.99 -0.68
C GLY H 390 -47.75 -5.50 -1.67
N GLY H 391 -47.82 -4.18 -1.87
CA GLY H 391 -48.73 -3.62 -2.86
C GLY H 391 -48.33 -3.92 -4.28
N THR H 392 -47.06 -4.24 -4.51
CA THR H 392 -46.57 -4.60 -5.84
C THR H 392 -46.68 -6.10 -6.09
N HIS H 393 -46.06 -6.91 -5.23
CA HIS H 393 -46.04 -8.35 -5.42
C HIS H 393 -47.36 -9.01 -5.06
N GLY H 394 -48.18 -8.36 -4.24
CA GLY H 394 -49.47 -8.89 -3.88
C GLY H 394 -50.56 -8.68 -4.90
N HIS H 395 -50.24 -8.04 -6.02
CA HIS H 395 -51.21 -7.87 -7.08
C HIS H 395 -51.63 -9.24 -7.62
N PRO H 396 -52.89 -9.44 -7.97
CA PRO H 396 -53.31 -10.77 -8.47
C PRO H 396 -52.53 -11.25 -9.68
N ARG H 397 -52.16 -10.35 -10.58
CA ARG H 397 -51.51 -10.73 -11.83
C ARG H 397 -49.99 -10.69 -11.74
N GLY H 398 -49.42 -10.38 -10.58
CA GLY H 398 -47.99 -10.46 -10.36
C GLY H 398 -47.38 -9.09 -10.06
N SER H 399 -46.06 -9.12 -9.86
CA SER H 399 -45.35 -7.91 -9.47
C SER H 399 -45.35 -6.87 -10.59
N ARG H 400 -45.27 -7.29 -11.85
CA ARG H 400 -45.30 -6.35 -12.95
C ARG H 400 -46.60 -5.57 -12.97
N ALA H 401 -47.72 -6.28 -12.83
CA ALA H 401 -49.03 -5.62 -12.83
C ALA H 401 -49.17 -4.68 -11.63
N GLY H 402 -48.70 -5.12 -10.46
CA GLY H 402 -48.76 -4.26 -9.29
C GLY H 402 -47.93 -3.00 -9.45
N ALA H 403 -46.72 -3.14 -10.02
CA ALA H 403 -45.89 -1.97 -10.27
C ALA H 403 -46.57 -1.03 -11.25
N ARG H 404 -47.18 -1.58 -12.31
CA ARG H 404 -47.90 -0.75 -13.27
C ARG H 404 -49.04 0.00 -12.59
N ALA H 405 -49.80 -0.70 -11.74
CA ALA H 405 -50.91 -0.08 -11.04
C ALA H 405 -50.43 1.03 -10.12
N ASN H 406 -49.36 0.78 -9.36
CA ASN H 406 -48.85 1.79 -8.46
C ASN H 406 -48.32 3.00 -9.22
N ARG H 407 -47.63 2.76 -10.34
CA ARG H 407 -47.15 3.87 -11.15
C ARG H 407 -48.32 4.69 -11.68
N ALA H 408 -49.37 4.02 -12.16
CA ALA H 408 -50.52 4.74 -12.68
C ALA H 408 -51.18 5.58 -11.59
N ALA H 409 -51.36 5.01 -10.41
CA ALA H 409 -51.99 5.73 -9.32
C ALA H 409 -51.15 6.93 -8.91
N VAL H 410 -49.84 6.74 -8.78
CA VAL H 410 -48.95 7.82 -8.38
C VAL H 410 -48.98 8.93 -9.42
N GLU H 411 -48.89 8.57 -10.71
CA GLU H 411 -48.91 9.58 -11.76
C GLU H 411 -50.22 10.36 -11.76
N ALA H 412 -51.34 9.66 -11.64
CA ALA H 412 -52.64 10.34 -11.65
C ALA H 412 -52.77 11.29 -10.47
N VAL H 413 -52.39 10.84 -9.27
CA VAL H 413 -52.53 11.67 -8.09
C VAL H 413 -51.58 12.85 -8.16
N ALA H 414 -50.36 12.65 -8.67
CA ALA H 414 -49.42 13.75 -8.81
C ALA H 414 -49.93 14.77 -9.83
N ALA H 415 -50.52 14.30 -10.93
CA ALA H 415 -51.09 15.22 -11.90
C ALA H 415 -52.23 16.03 -11.29
N ALA H 416 -53.09 15.38 -10.52
CA ALA H 416 -54.17 16.11 -9.85
C ALA H 416 -53.62 17.13 -8.86
N TYR H 417 -52.59 16.74 -8.09
CA TYR H 417 -51.99 17.66 -7.12
C TYR H 417 -51.37 18.87 -7.81
N ARG H 418 -50.67 18.64 -8.94
CA ARG H 418 -50.09 19.74 -9.69
C ARG H 418 -51.17 20.67 -10.23
N GLU H 419 -52.36 20.14 -10.49
CA GLU H 419 -53.48 20.94 -11.01
C GLU H 419 -54.21 21.70 -9.92
N GLY H 420 -53.85 21.50 -8.66
CA GLY H 420 -54.48 22.20 -7.55
C GLY H 420 -55.73 21.53 -7.01
N ARG H 421 -56.07 20.34 -7.50
CA ARG H 421 -57.25 19.64 -7.01
C ARG H 421 -57.04 19.20 -5.56
N ASP H 422 -58.14 19.12 -4.82
CA ASP H 422 -58.11 18.64 -3.44
C ASP H 422 -58.01 17.12 -3.50
N ILE H 423 -56.78 16.62 -3.53
CA ILE H 423 -56.57 15.19 -3.70
C ILE H 423 -57.12 14.41 -2.52
N LEU H 424 -57.14 15.01 -1.34
CA LEU H 424 -57.68 14.30 -0.17
C LEU H 424 -59.16 13.99 -0.35
N ALA H 425 -59.92 14.91 -0.92
CA ALA H 425 -61.35 14.72 -1.12
C ALA H 425 -61.68 13.99 -2.41
N GLU H 426 -60.89 14.20 -3.47
CA GLU H 426 -61.15 13.61 -4.78
C GLU H 426 -60.22 12.44 -5.09
N GLY H 427 -59.60 11.84 -4.07
CA GLY H 427 -58.64 10.78 -4.32
C GLY H 427 -59.28 9.54 -4.90
N ARG H 428 -60.43 9.14 -4.37
CA ARG H 428 -61.12 7.96 -4.89
C ARG H 428 -61.54 8.18 -6.33
N GLN H 429 -62.05 9.36 -6.66
CA GLN H 429 -62.44 9.66 -8.03
C GLN H 429 -61.22 9.66 -8.95
N ILE H 430 -60.11 10.23 -8.49
CA ILE H 430 -58.89 10.25 -9.30
C ILE H 430 -58.42 8.84 -9.58
N LEU H 431 -58.41 7.99 -8.54
CA LEU H 431 -57.98 6.61 -8.73
C LEU H 431 -58.91 5.86 -9.65
N GLN H 432 -60.23 6.07 -9.53
CA GLN H 432 -61.17 5.41 -10.43
C GLN H 432 -60.96 5.85 -11.87
N ASP H 433 -60.77 7.15 -12.09
CA ASP H 433 -60.54 7.64 -13.44
C ASP H 433 -59.26 7.06 -14.03
N ALA H 434 -58.20 6.97 -13.20
CA ALA H 434 -56.97 6.33 -13.66
C ALA H 434 -57.21 4.85 -14.00
N ALA H 435 -57.99 4.16 -13.16
CA ALA H 435 -58.27 2.75 -13.37
C ALA H 435 -59.13 2.51 -14.60
N ARG H 436 -59.89 3.50 -15.05
CA ARG H 436 -60.69 3.34 -16.25
C ARG H 436 -59.82 2.93 -17.44
N THR H 437 -58.56 3.35 -17.45
CA THR H 437 -57.63 3.02 -18.52
C THR H 437 -56.49 2.10 -18.05
N CYS H 438 -56.46 1.73 -16.77
CA CYS H 438 -55.43 0.87 -16.22
C CYS H 438 -56.09 -0.30 -15.52
N PRO H 439 -56.29 -1.43 -16.22
CA PRO H 439 -56.91 -2.59 -15.56
C PRO H 439 -56.15 -3.08 -14.34
N GLU H 440 -54.82 -2.97 -14.36
CA GLU H 440 -54.04 -3.35 -13.19
C GLU H 440 -54.41 -2.48 -11.98
N LEU H 441 -54.58 -1.18 -12.20
CA LEU H 441 -55.00 -0.31 -11.12
C LEU H 441 -56.38 -0.68 -10.61
N ARG H 442 -57.29 -1.03 -11.52
CA ARG H 442 -58.63 -1.45 -11.10
C ARG H 442 -58.56 -2.69 -10.23
N GLU H 443 -57.76 -3.69 -10.65
CA GLU H 443 -57.61 -4.91 -9.86
C GLU H 443 -57.00 -4.62 -8.50
N ALA H 444 -55.97 -3.78 -8.46
CA ALA H 444 -55.35 -3.44 -7.18
C ALA H 444 -56.34 -2.73 -6.26
N MET H 445 -57.13 -1.80 -6.81
CA MET H 445 -58.11 -1.10 -6.01
C MET H 445 -59.17 -2.06 -5.47
N GLU H 446 -59.63 -2.98 -6.31
CA GLU H 446 -60.63 -3.95 -5.87
C GLU H 446 -60.07 -4.84 -4.76
N LEU H 447 -58.83 -5.29 -4.91
CA LEU H 447 -58.25 -6.22 -3.94
C LEU H 447 -58.12 -5.58 -2.56
N TRP H 448 -57.66 -4.34 -2.50
CA TRP H 448 -57.34 -3.67 -1.25
C TRP H 448 -58.28 -2.49 -0.97
N GLU H 449 -59.56 -2.66 -1.32
CA GLU H 449 -60.51 -1.55 -1.14
C GLU H 449 -60.70 -1.23 0.34
N GLY H 450 -60.98 -2.23 1.15
CA GLY H 450 -61.28 -2.00 2.55
C GLY H 450 -60.14 -2.33 3.49
N VAL H 451 -58.93 -2.48 2.95
CA VAL H 451 -57.76 -2.81 3.77
C VAL H 451 -57.25 -1.54 4.41
N THR H 452 -57.40 -1.44 5.73
CA THR H 452 -56.99 -0.28 6.49
C THR H 452 -56.24 -0.72 7.74
N PHE H 453 -55.41 0.18 8.25
CA PHE H 453 -54.59 -0.08 9.43
C PHE H 453 -54.93 0.94 10.51
#